data_5FV9
#
_entry.id   5FV9
#
_cell.length_a   116.493
_cell.length_b   121.748
_cell.length_c   250.155
_cell.angle_alpha   90.00
_cell.angle_beta   90.00
_cell.angle_gamma   90.00
#
_symmetry.space_group_name_H-M   'P 21 21 21'
#
loop_
_entity.id
_entity.type
_entity.pdbx_description
1 polymer GALNAC-T2
2 non-polymer "URIDINE-5'-DIPHOSPHATE"
3 non-polymer 'MANGANESE (II) ION'
4 non-polymer 1,2-ETHANEDIOL
5 non-polymer GLYCEROL
6 non-polymer '[(2R,3S,4R,5R)-5-(2,4-dioxo-3,4-dihydropyrimidin-1(2H)-yl)-3,4-dihydroxytetrahydrofuran-2-yl]methyl hydrogen (S)-{3-[(2R,3R,4R,5R,6R)-3,4,5-trihydroxy-6-(hydroxymethyl)tetrahydro-2H-pyran-2-yl]propyl}phosphonate'
7 water water
#
_entity_poly.entity_id   1
_entity_poly.type   'polypeptide(L)'
_entity_poly.pdbx_seq_one_letter_code
;MRRRSRMLLCFAFLWVLGIAYYMYSGGGSALAGGAGGGAGRKEDWNEIDPIKKKDLHHSNGEEKAQSMETLPPGKVRWPD
FNQEAYVGGTMVRSGQDPYARNKFNQVESDKLRMDRAIPDTRHDQCQRKQWRVDLPATSVVITFHNEARSALLRTVVSVL
KKSPPHLIKEIILVDDYSNDPEDGALLGKIEKVRVLRNDRREGLMRSRVRGADAAQAKVLTFLDSHCECNEHWLEPLLER
VAEDRTRVVSPIIDVINMDNFQYVGASADLKGGFDWNLVFKWDYMTPEQRRSRQGNPVAPIKTPMIAGGLFVMDKFYFEE
LGKYDMMMDVWGGENLEISFRVWQCGGSLEIIPCSRVGHVFRKQHPYTFPGGSGTVFARNTRRAAEVWMDEYKNFYYAAV
PSARNVPYGNIQSRLELRKKLSCKPFKWYLENVYPELRVPDHQDIAFGALQQGTNCLDTLGHFADGVVGVYECHNAGGNQ
EWALTKEKSVKHMDLCLTVVDRAPGSLIKLQGCREDDSRQKWEQIEGNSKLRHVGSNLCLDSRTAKSGGLSVEVCGPALS
QQWKFTLNLQQ
;
_entity_poly.pdbx_strand_id   A,B,C,D,E,F
#
loop_
_chem_comp.id
_chem_comp.type
_chem_comp.name
_chem_comp.formula
EDO non-polymer 1,2-ETHANEDIOL 'C2 H6 O2'
GOL non-polymer GLYCEROL 'C3 H8 O3'
MN non-polymer 'MANGANESE (II) ION' 'Mn 2'
UDP RNA linking URIDINE-5'-DIPHOSPHATE 'C9 H14 N2 O12 P2'
Y6W non-polymer '[(2R,3S,4R,5R)-5-(2,4-dioxo-3,4-dihydropyrimidin-1(2H)-yl)-3,4-dihydroxytetrahydrofuran-2-yl]methyl hydrogen (S)-{3-[(2R,3R,4R,5R,6R)-3,4,5-trihydroxy-6-(hydroxymethyl)tetrahydro-2H-pyran-2-yl]propyl}phosphonate' 'C18 H29 N2 O13 P'
#
# COMPACT_ATOMS: atom_id res chain seq x y z
N LYS A 75 -28.85 25.20 -65.28
CA LYS A 75 -27.58 24.52 -64.86
C LYS A 75 -26.35 24.99 -65.68
N VAL A 76 -25.40 25.57 -64.96
CA VAL A 76 -24.19 26.21 -65.48
C VAL A 76 -22.98 25.29 -65.38
N ARG A 77 -22.15 25.21 -66.42
CA ARG A 77 -20.86 24.50 -66.34
C ARG A 77 -19.94 25.25 -65.34
N TRP A 78 -19.08 24.55 -64.59
CA TRP A 78 -18.43 25.29 -63.46
C TRP A 78 -17.64 26.56 -63.91
N PRO A 79 -16.86 26.49 -65.03
CA PRO A 79 -16.08 27.66 -65.39
C PRO A 79 -16.96 28.90 -65.61
N ASP A 80 -18.25 28.73 -65.90
CA ASP A 80 -19.14 29.86 -66.20
C ASP A 80 -19.84 30.34 -65.00
N PHE A 81 -19.62 29.70 -63.85
CA PHE A 81 -20.25 30.17 -62.64
C PHE A 81 -19.66 31.47 -62.22
N ASN A 82 -20.49 32.34 -61.67
CA ASN A 82 -20.07 33.70 -61.30
C ASN A 82 -19.66 33.86 -59.87
N GLN A 83 -18.37 33.76 -59.66
CA GLN A 83 -17.87 33.68 -58.29
C GLN A 83 -18.10 34.99 -57.57
N GLU A 84 -17.72 36.06 -58.25
CA GLU A 84 -17.86 37.40 -57.64
C GLU A 84 -19.33 37.64 -57.28
N ALA A 85 -20.26 37.25 -58.14
CA ALA A 85 -21.68 37.51 -57.80
C ALA A 85 -22.14 36.63 -56.62
N TYR A 86 -21.56 35.41 -56.46
CA TYR A 86 -21.93 34.54 -55.31
C TYR A 86 -21.35 34.99 -54.00
N VAL A 87 -20.05 35.26 -54.02
CA VAL A 87 -19.31 35.50 -52.81
C VAL A 87 -19.55 36.93 -52.37
N GLY A 88 -19.89 37.79 -53.34
CA GLY A 88 -20.21 39.18 -53.01
C GLY A 88 -21.34 39.17 -51.99
N GLY A 89 -21.34 40.19 -51.15
CA GLY A 89 -22.42 40.33 -50.18
C GLY A 89 -22.07 39.71 -48.84
N THR A 90 -21.35 38.58 -48.88
CA THR A 90 -20.90 37.88 -47.67
C THR A 90 -19.45 38.28 -47.20
N MET A 91 -18.80 39.25 -47.83
CA MET A 91 -17.41 39.58 -47.49
C MET A 91 -17.27 40.19 -46.09
N VAL A 92 -16.09 40.02 -45.48
CA VAL A 92 -15.76 40.58 -44.16
C VAL A 92 -15.85 42.10 -44.29
N ARG A 93 -16.54 42.78 -43.41
CA ARG A 93 -16.74 44.21 -43.68
C ARG A 93 -15.51 44.98 -43.28
N SER A 94 -15.23 46.03 -44.06
CA SER A 94 -14.28 47.09 -43.72
C SER A 94 -13.98 47.24 -42.22
N GLY A 95 -12.71 47.02 -41.85
CA GLY A 95 -12.25 47.24 -40.48
C GLY A 95 -12.37 46.06 -39.56
N GLN A 96 -13.08 45.00 -39.98
CA GLN A 96 -13.48 43.96 -39.03
C GLN A 96 -12.56 42.72 -39.00
N ASP A 97 -12.75 41.90 -37.97
CA ASP A 97 -11.97 40.73 -37.74
C ASP A 97 -12.24 39.61 -38.78
N PRO A 98 -11.28 39.38 -39.67
CA PRO A 98 -11.46 38.40 -40.77
C PRO A 98 -11.64 36.97 -40.30
N TYR A 99 -11.32 36.69 -39.06
CA TYR A 99 -11.49 35.40 -38.45
C TYR A 99 -12.80 35.15 -37.73
N ALA A 100 -13.59 36.19 -37.50
CA ALA A 100 -14.69 36.07 -36.57
C ALA A 100 -15.67 34.93 -36.98
N ARG A 101 -16.16 34.95 -38.20
CA ARG A 101 -17.25 34.05 -38.57
C ARG A 101 -16.79 32.60 -38.69
N ASN A 102 -15.59 32.37 -39.21
CA ASN A 102 -15.19 31.00 -39.59
C ASN A 102 -14.05 30.42 -38.83
N LYS A 103 -13.31 31.25 -38.11
CA LYS A 103 -12.08 30.84 -37.48
C LYS A 103 -11.02 30.38 -38.49
N PHE A 104 -11.10 30.95 -39.68
CA PHE A 104 -10.00 31.04 -40.60
C PHE A 104 -10.13 32.36 -41.27
N ASN A 105 -9.11 32.75 -41.99
CA ASN A 105 -9.10 34.07 -42.56
C ASN A 105 -9.92 34.21 -43.81
N GLN A 106 -11.12 34.77 -43.66
CA GLN A 106 -12.03 34.79 -44.77
C GLN A 106 -11.55 35.74 -45.81
N VAL A 107 -10.81 36.78 -45.43
CA VAL A 107 -10.35 37.74 -46.43
C VAL A 107 -9.38 37.00 -47.37
N GLU A 108 -8.48 36.25 -46.82
CA GLU A 108 -7.58 35.50 -47.68
C GLU A 108 -8.32 34.43 -48.51
N SER A 109 -9.35 33.79 -47.97
CA SER A 109 -10.11 32.79 -48.75
C SER A 109 -10.85 33.45 -49.90
N ASP A 110 -11.44 34.59 -49.58
CA ASP A 110 -12.16 35.34 -50.61
C ASP A 110 -11.27 35.89 -51.76
N LYS A 111 -10.00 36.20 -51.52
CA LYS A 111 -9.12 36.65 -52.66
C LYS A 111 -8.90 35.56 -53.70
N LEU A 112 -9.12 34.31 -53.36
CA LEU A 112 -8.67 33.24 -54.27
C LEU A 112 -9.65 32.98 -55.42
N ARG A 113 -9.13 32.60 -56.57
CA ARG A 113 -9.96 32.08 -57.63
C ARG A 113 -10.55 30.75 -57.20
N MET A 114 -11.77 30.50 -57.65
CA MET A 114 -12.49 29.29 -57.34
C MET A 114 -11.81 28.05 -57.83
N ASP A 115 -10.96 28.22 -58.84
CA ASP A 115 -10.22 27.19 -59.43
C ASP A 115 -8.74 27.55 -59.42
N ARG A 116 -8.29 28.15 -58.33
CA ARG A 116 -6.90 28.52 -58.17
C ARG A 116 -5.95 27.34 -58.37
N ALA A 117 -4.83 27.63 -59.00
CA ALA A 117 -3.73 26.69 -59.11
C ALA A 117 -3.22 26.34 -57.72
N ILE A 118 -2.98 25.03 -57.50
CA ILE A 118 -2.32 24.57 -56.30
C ILE A 118 -1.16 23.70 -56.69
N PRO A 119 -0.16 23.58 -55.81
CA PRO A 119 0.96 22.73 -56.23
C PRO A 119 0.61 21.22 -56.25
N ASP A 120 1.37 20.50 -57.06
CA ASP A 120 1.19 19.06 -57.17
C ASP A 120 2.04 18.39 -56.08
N THR A 121 1.40 18.01 -55.00
CA THR A 121 2.13 17.48 -53.85
C THR A 121 2.34 15.97 -53.92
N ARG A 122 1.87 15.33 -54.99
CA ARG A 122 1.92 13.88 -55.10
C ARG A 122 3.36 13.39 -55.36
N HIS A 123 3.66 12.18 -54.90
CA HIS A 123 4.92 11.52 -55.26
C HIS A 123 5.09 11.48 -56.77
N ASP A 124 6.32 11.66 -57.20
CA ASP A 124 6.73 11.50 -58.61
C ASP A 124 6.17 10.31 -59.35
N GLN A 125 6.12 9.17 -58.69
CA GLN A 125 5.60 7.96 -59.33
C GLN A 125 4.14 8.07 -59.70
N CYS A 126 3.40 8.92 -58.97
CA CYS A 126 1.97 9.10 -59.24
C CYS A 126 1.74 9.79 -60.54
N GLN A 127 2.64 10.73 -60.84
CA GLN A 127 2.46 11.64 -61.95
C GLN A 127 2.62 10.86 -63.26
N ARG A 128 3.41 9.81 -63.23
CA ARG A 128 3.62 9.05 -64.45
C ARG A 128 2.55 8.00 -64.66
N LYS A 129 1.95 7.50 -63.58
CA LYS A 129 0.90 6.45 -63.68
C LYS A 129 -0.27 6.86 -64.55
N GLN A 130 -0.84 5.89 -65.26
CA GLN A 130 -1.99 6.14 -66.17
C GLN A 130 -3.20 5.45 -65.51
N TRP A 131 -4.11 6.27 -65.02
CA TRP A 131 -5.19 5.79 -64.11
C TRP A 131 -6.27 5.11 -64.85
N ARG A 132 -6.83 4.05 -64.33
CA ARG A 132 -8.02 3.47 -64.95
C ARG A 132 -9.07 4.56 -64.88
N VAL A 133 -9.90 4.67 -65.90
CA VAL A 133 -11.20 5.38 -65.72
C VAL A 133 -12.42 4.50 -65.98
N ASP A 134 -12.17 3.20 -66.26
CA ASP A 134 -13.25 2.16 -66.25
C ASP A 134 -13.66 1.70 -64.82
N LEU A 135 -14.14 2.69 -64.08
CA LEU A 135 -14.40 2.61 -62.65
C LEU A 135 -15.83 3.07 -62.36
N PRO A 136 -16.40 2.67 -61.21
CA PRO A 136 -17.72 3.08 -60.82
C PRO A 136 -17.69 4.56 -60.57
N ALA A 137 -18.73 5.22 -61.00
CA ALA A 137 -18.91 6.62 -60.71
C ALA A 137 -19.24 6.82 -59.23
N THR A 138 -19.04 8.04 -58.74
CA THR A 138 -19.29 8.32 -57.35
C THR A 138 -20.27 9.41 -57.16
N SER A 139 -20.98 9.32 -56.04
CA SER A 139 -21.76 10.45 -55.50
C SER A 139 -20.97 11.12 -54.40
N VAL A 140 -20.61 12.40 -54.58
CA VAL A 140 -19.81 13.10 -53.64
C VAL A 140 -20.74 13.80 -52.67
N VAL A 141 -20.59 13.57 -51.37
CA VAL A 141 -21.48 14.16 -50.37
C VAL A 141 -20.70 15.15 -49.61
N ILE A 142 -21.15 16.39 -49.63
CA ILE A 142 -20.47 17.46 -48.89
C ILE A 142 -21.50 18.11 -47.98
N THR A 143 -21.25 18.06 -46.68
CA THR A 143 -22.16 18.72 -45.72
C THR A 143 -21.55 19.98 -45.11
N PHE A 144 -22.39 20.92 -44.78
CA PHE A 144 -21.91 22.13 -44.22
C PHE A 144 -22.96 22.85 -43.35
N HIS A 145 -22.42 23.65 -42.46
CA HIS A 145 -23.21 24.55 -41.64
C HIS A 145 -22.51 25.92 -41.60
N ASN A 146 -23.04 26.91 -42.29
CA ASN A 146 -22.44 28.25 -42.28
C ASN A 146 -20.98 28.21 -42.68
N GLU A 147 -20.73 27.55 -43.82
CA GLU A 147 -19.39 27.55 -44.42
C GLU A 147 -19.20 28.88 -45.15
N ALA A 148 -17.97 29.36 -45.24
CA ALA A 148 -17.70 30.57 -46.06
C ALA A 148 -18.02 30.24 -47.51
N ARG A 149 -18.66 31.14 -48.19
CA ARG A 149 -19.07 30.85 -49.54
C ARG A 149 -17.84 30.54 -50.45
N SER A 150 -16.75 31.28 -50.26
CA SER A 150 -15.60 31.11 -51.17
C SER A 150 -15.02 29.74 -50.98
N ALA A 151 -14.94 29.28 -49.75
CA ALA A 151 -14.43 27.92 -49.44
C ALA A 151 -15.33 26.78 -49.96
N LEU A 152 -16.64 26.95 -49.77
CA LEU A 152 -17.62 26.00 -50.24
C LEU A 152 -17.54 25.89 -51.77
N LEU A 153 -17.57 27.04 -52.47
CA LEU A 153 -17.44 27.03 -53.90
C LEU A 153 -16.15 26.38 -54.32
N ARG A 154 -15.03 26.69 -53.64
CA ARG A 154 -13.78 26.10 -54.09
C ARG A 154 -13.79 24.60 -54.02
N THR A 155 -14.38 24.11 -52.94
CA THR A 155 -14.54 22.69 -52.71
C THR A 155 -15.23 22.04 -53.91
N VAL A 156 -16.39 22.58 -54.26
CA VAL A 156 -17.18 22.04 -55.35
C VAL A 156 -16.44 22.15 -56.66
N VAL A 157 -15.85 23.30 -56.96
CA VAL A 157 -15.18 23.38 -58.21
C VAL A 157 -13.96 22.48 -58.34
N SER A 158 -13.22 22.31 -57.26
CA SER A 158 -12.12 21.41 -57.30
C SER A 158 -12.57 19.98 -57.67
N VAL A 159 -13.67 19.51 -57.12
CA VAL A 159 -14.23 18.22 -57.52
C VAL A 159 -14.54 18.18 -59.02
N LEU A 160 -15.24 19.21 -59.48
CA LEU A 160 -15.63 19.21 -60.89
C LEU A 160 -14.45 19.34 -61.81
N LYS A 161 -13.50 20.19 -61.45
CA LYS A 161 -12.36 20.43 -62.32
C LYS A 161 -11.42 19.27 -62.34
N LYS A 162 -11.21 18.59 -61.22
CA LYS A 162 -10.10 17.63 -61.12
C LYS A 162 -10.48 16.17 -61.32
N SER A 163 -11.77 15.85 -61.45
CA SER A 163 -12.29 14.46 -61.57
C SER A 163 -12.75 14.22 -63.00
N PRO A 164 -12.44 13.05 -63.57
CA PRO A 164 -13.06 12.78 -64.89
C PRO A 164 -14.58 12.85 -64.80
N PRO A 165 -15.25 13.61 -65.70
CA PRO A 165 -16.63 13.94 -65.53
C PRO A 165 -17.50 12.73 -65.41
N HIS A 166 -17.17 11.69 -66.15
CA HIS A 166 -17.99 10.51 -66.14
C HIS A 166 -17.88 9.74 -64.86
N LEU A 167 -16.89 10.02 -64.02
CA LEU A 167 -16.86 9.44 -62.68
C LEU A 167 -17.57 10.27 -61.62
N ILE A 168 -18.08 11.48 -61.93
CA ILE A 168 -18.89 12.19 -60.93
C ILE A 168 -20.33 12.03 -61.32
N LYS A 169 -21.09 11.20 -60.59
CA LYS A 169 -22.51 11.07 -60.87
C LYS A 169 -23.20 12.33 -60.44
N GLU A 170 -22.86 12.83 -59.23
CA GLU A 170 -23.51 14.00 -58.67
C GLU A 170 -22.68 14.49 -57.56
N ILE A 171 -22.87 15.73 -57.23
CA ILE A 171 -22.36 16.30 -56.01
C ILE A 171 -23.56 16.67 -55.14
N ILE A 172 -23.72 16.04 -53.94
CA ILE A 172 -24.86 16.28 -53.07
C ILE A 172 -24.40 17.20 -51.93
N LEU A 173 -24.91 18.40 -51.89
CA LEU A 173 -24.60 19.36 -50.88
C LEU A 173 -25.67 19.21 -49.83
N VAL A 174 -25.32 18.81 -48.61
CA VAL A 174 -26.28 18.82 -47.51
C VAL A 174 -26.09 20.03 -46.63
N ASP A 175 -26.97 21.00 -46.79
CA ASP A 175 -26.94 22.28 -46.04
C ASP A 175 -27.57 21.99 -44.71
N ASP A 176 -26.76 21.87 -43.69
CA ASP A 176 -27.25 21.47 -42.42
C ASP A 176 -27.78 22.70 -41.66
N TYR A 177 -28.90 23.22 -42.12
CA TYR A 177 -29.58 24.35 -41.47
C TYR A 177 -28.68 25.60 -41.30
N SER A 178 -28.07 25.99 -42.44
CA SER A 178 -27.32 27.23 -42.52
C SER A 178 -28.30 28.39 -42.34
N ASN A 179 -27.78 29.40 -41.70
CA ASN A 179 -28.53 30.65 -41.56
C ASN A 179 -29.08 31.16 -42.81
N ASP A 180 -28.27 31.23 -43.85
CA ASP A 180 -28.81 31.65 -45.12
C ASP A 180 -28.82 30.44 -46.07
N PRO A 181 -30.05 30.02 -46.52
CA PRO A 181 -30.24 28.94 -47.42
C PRO A 181 -29.67 29.19 -48.79
N GLU A 182 -29.45 30.45 -49.16
CA GLU A 182 -28.88 30.76 -50.44
C GLU A 182 -27.42 30.30 -50.62
N ASP A 183 -26.70 30.15 -49.55
CA ASP A 183 -25.32 29.64 -49.55
C ASP A 183 -25.30 28.36 -50.42
N GLY A 184 -26.22 27.46 -50.11
CA GLY A 184 -26.36 26.19 -50.83
C GLY A 184 -27.14 26.35 -52.09
N ALA A 185 -28.29 27.03 -51.97
CA ALA A 185 -29.19 27.03 -53.08
C ALA A 185 -28.58 27.61 -54.34
N LEU A 186 -27.82 28.69 -54.22
CA LEU A 186 -27.24 29.29 -55.40
C LEU A 186 -26.27 28.34 -56.13
N LEU A 187 -25.65 27.41 -55.40
CA LEU A 187 -24.70 26.45 -56.04
C LEU A 187 -25.42 25.39 -56.79
N GLY A 188 -26.71 25.22 -56.46
CA GLY A 188 -27.58 24.30 -57.16
C GLY A 188 -27.69 24.60 -58.64
N LYS A 189 -27.26 25.78 -59.10
CA LYS A 189 -27.28 26.07 -60.52
C LYS A 189 -26.15 25.36 -61.24
N ILE A 190 -25.16 24.88 -60.49
CA ILE A 190 -24.00 24.27 -61.16
C ILE A 190 -24.30 22.86 -61.60
N GLU A 191 -23.73 22.51 -62.77
CA GLU A 191 -23.72 21.15 -63.30
C GLU A 191 -23.37 20.15 -62.17
N LYS A 192 -24.17 19.12 -62.08
CA LYS A 192 -23.99 18.01 -61.15
C LYS A 192 -24.37 18.27 -59.71
N VAL A 193 -24.61 19.49 -59.35
CA VAL A 193 -24.86 19.81 -57.97
C VAL A 193 -26.31 19.63 -57.59
N ARG A 194 -26.56 18.89 -56.53
CA ARG A 194 -27.92 18.81 -55.98
C ARG A 194 -27.88 19.30 -54.58
N VAL A 195 -28.80 20.19 -54.20
CA VAL A 195 -28.88 20.61 -52.81
C VAL A 195 -30.02 20.06 -51.96
N LEU A 196 -29.65 19.56 -50.78
CA LEU A 196 -30.61 19.06 -49.84
C LEU A 196 -30.47 19.91 -48.60
N ARG A 197 -31.57 20.56 -48.13
CA ARG A 197 -31.50 21.40 -46.97
C ARG A 197 -32.16 20.80 -45.77
N ASN A 198 -31.45 20.67 -44.66
CA ASN A 198 -32.08 20.17 -43.45
C ASN A 198 -32.89 21.36 -42.83
N ASP A 199 -34.13 21.11 -42.41
CA ASP A 199 -34.93 22.17 -41.77
C ASP A 199 -34.60 22.32 -40.31
N ARG A 200 -33.68 21.50 -39.80
CA ARG A 200 -33.10 21.78 -38.50
C ARG A 200 -31.70 21.26 -38.50
N ARG A 201 -30.95 21.66 -37.49
CA ARG A 201 -29.56 21.26 -37.39
C ARG A 201 -29.44 19.81 -36.98
N GLU A 202 -28.70 19.02 -37.74
CA GLU A 202 -28.61 17.59 -37.46
C GLU A 202 -27.22 17.15 -37.09
N GLY A 203 -26.22 17.95 -37.41
CA GLY A 203 -24.87 17.48 -37.24
C GLY A 203 -24.35 16.69 -38.45
N LEU A 204 -23.06 16.50 -38.48
CA LEU A 204 -22.39 16.01 -39.65
C LEU A 204 -22.78 14.58 -39.99
N MET A 205 -22.77 13.73 -38.97
CA MET A 205 -23.01 12.31 -39.12
C MET A 205 -24.41 12.06 -39.74
N ARG A 206 -25.41 12.70 -39.19
CA ARG A 206 -26.78 12.56 -39.70
C ARG A 206 -26.94 13.21 -41.06
N SER A 207 -26.25 14.34 -41.29
CA SER A 207 -26.28 14.96 -42.60
C SER A 207 -25.60 14.05 -43.63
N ARG A 208 -24.47 13.43 -43.28
CA ARG A 208 -23.84 12.52 -44.20
C ARG A 208 -24.73 11.32 -44.48
N VAL A 209 -25.52 10.87 -43.51
CA VAL A 209 -26.40 9.71 -43.69
C VAL A 209 -27.53 10.10 -44.66
N ARG A 210 -28.09 11.32 -44.52
CA ARG A 210 -29.04 11.84 -45.49
C ARG A 210 -28.46 11.88 -46.92
N GLY A 211 -27.25 12.41 -47.05
CA GLY A 211 -26.61 12.47 -48.33
C GLY A 211 -26.40 11.08 -48.93
N ALA A 212 -25.89 10.20 -48.12
CA ALA A 212 -25.69 8.83 -48.57
C ALA A 212 -27.03 8.09 -49.00
N ASP A 213 -28.10 8.33 -48.27
CA ASP A 213 -29.35 7.76 -48.63
C ASP A 213 -29.95 8.37 -49.92
N ALA A 214 -29.58 9.60 -50.28
CA ALA A 214 -29.99 10.18 -51.54
C ALA A 214 -29.10 9.77 -52.68
N ALA A 215 -27.96 9.17 -52.40
CA ALA A 215 -26.97 8.96 -53.47
C ALA A 215 -27.41 7.92 -54.47
N GLN A 216 -27.30 8.24 -55.75
CA GLN A 216 -27.60 7.32 -56.87
C GLN A 216 -26.42 6.39 -57.25
N ALA A 217 -25.19 6.76 -56.94
CA ALA A 217 -24.05 6.00 -57.44
C ALA A 217 -23.74 4.82 -56.60
N LYS A 218 -22.84 3.99 -57.10
CA LYS A 218 -22.44 2.77 -56.38
C LYS A 218 -21.44 3.07 -55.26
N VAL A 219 -20.75 4.20 -55.38
CA VAL A 219 -19.69 4.52 -54.49
C VAL A 219 -19.90 5.90 -53.89
N LEU A 220 -19.72 5.98 -52.56
CA LEU A 220 -19.85 7.24 -51.83
C LEU A 220 -18.48 7.89 -51.66
N THR A 221 -18.40 9.21 -51.92
CA THR A 221 -17.23 10.00 -51.53
C THR A 221 -17.64 11.10 -50.57
N PHE A 222 -17.10 11.11 -49.35
CA PHE A 222 -17.38 12.17 -48.38
C PHE A 222 -16.23 13.17 -48.32
N LEU A 223 -16.52 14.47 -48.55
CA LEU A 223 -15.54 15.56 -48.33
C LEU A 223 -16.13 16.58 -47.40
N ASP A 224 -15.28 17.35 -46.71
CA ASP A 224 -15.72 18.48 -45.89
C ASP A 224 -15.98 19.61 -46.84
N SER A 225 -16.54 20.69 -46.32
CA SER A 225 -16.81 21.85 -47.11
C SER A 225 -15.71 22.86 -47.33
N HIS A 226 -14.49 22.57 -46.91
CA HIS A 226 -13.37 23.49 -47.07
C HIS A 226 -12.21 22.64 -47.49
N CYS A 227 -12.39 21.94 -48.59
CA CYS A 227 -11.34 21.09 -49.17
C CYS A 227 -10.96 21.55 -50.56
N GLU A 228 -9.79 21.09 -51.04
CA GLU A 228 -9.39 21.35 -52.43
C GLU A 228 -8.71 20.12 -52.97
N CYS A 229 -9.39 19.43 -53.88
CA CYS A 229 -8.87 18.26 -54.55
C CYS A 229 -7.70 18.54 -55.45
N ASN A 230 -6.74 17.61 -55.50
CA ASN A 230 -5.54 17.81 -56.33
C ASN A 230 -5.64 16.99 -57.60
N GLU A 231 -4.59 17.01 -58.41
CA GLU A 231 -4.58 16.29 -59.69
C GLU A 231 -4.84 14.78 -59.52
N HIS A 232 -5.76 14.23 -60.28
CA HIS A 232 -6.04 12.77 -60.27
C HIS A 232 -6.19 12.18 -58.90
N TRP A 233 -6.95 12.90 -58.07
CA TRP A 233 -7.23 12.49 -56.68
C TRP A 233 -8.19 11.37 -56.64
N LEU A 234 -9.07 11.26 -57.63
CA LEU A 234 -10.18 10.34 -57.49
C LEU A 234 -9.88 8.95 -57.98
N GLU A 235 -9.26 8.86 -59.13
CA GLU A 235 -9.04 7.48 -59.71
C GLU A 235 -8.37 6.55 -58.72
N PRO A 236 -7.35 7.03 -58.00
CA PRO A 236 -6.66 6.07 -57.11
C PRO A 236 -7.50 5.59 -55.98
N LEU A 237 -8.49 6.36 -55.58
CA LEU A 237 -9.38 5.89 -54.53
C LEU A 237 -10.41 4.94 -55.08
N LEU A 238 -11.00 5.29 -56.21
CA LEU A 238 -12.05 4.43 -56.73
C LEU A 238 -11.51 3.05 -57.15
N GLU A 239 -10.26 3.02 -57.67
CA GLU A 239 -9.64 1.76 -58.09
C GLU A 239 -9.66 0.80 -56.90
N ARG A 240 -9.38 1.28 -55.70
CA ARG A 240 -9.30 0.38 -54.57
C ARG A 240 -10.64 -0.24 -54.26
N VAL A 241 -11.70 0.61 -54.23
CA VAL A 241 -12.91 0.07 -53.73
C VAL A 241 -13.64 -0.66 -54.85
N ALA A 242 -13.38 -0.31 -56.11
CA ALA A 242 -13.80 -1.12 -57.27
C ALA A 242 -13.25 -2.55 -57.20
N GLU A 243 -12.04 -2.70 -56.72
CA GLU A 243 -11.44 -3.97 -56.69
C GLU A 243 -11.90 -4.77 -55.49
N ASP A 244 -12.07 -4.13 -54.36
CA ASP A 244 -12.54 -4.80 -53.18
C ASP A 244 -13.46 -3.90 -52.40
N ARG A 245 -14.76 -4.21 -52.38
CA ARG A 245 -15.76 -3.35 -51.78
C ARG A 245 -15.69 -3.13 -50.28
N THR A 246 -14.87 -3.92 -49.60
CA THR A 246 -14.67 -3.81 -48.15
C THR A 246 -13.55 -2.86 -47.72
N ARG A 247 -12.86 -2.27 -48.67
CA ARG A 247 -11.84 -1.22 -48.39
C ARG A 247 -12.51 0.21 -48.30
N VAL A 248 -12.22 0.92 -47.22
CA VAL A 248 -12.68 2.25 -47.00
C VAL A 248 -11.39 3.02 -47.10
N VAL A 249 -11.35 3.89 -48.08
CA VAL A 249 -10.09 4.52 -48.43
C VAL A 249 -10.11 6.08 -48.33
N SER A 250 -8.98 6.64 -48.02
CA SER A 250 -8.79 8.09 -47.80
C SER A 250 -7.65 8.62 -48.58
N PRO A 251 -7.72 9.92 -48.97
CA PRO A 251 -6.53 10.52 -49.55
C PRO A 251 -5.58 10.85 -48.45
N ILE A 252 -4.33 11.12 -48.81
CA ILE A 252 -3.48 11.95 -47.98
C ILE A 252 -4.09 13.37 -47.95
N ILE A 253 -4.30 13.87 -46.73
CA ILE A 253 -4.94 15.16 -46.52
C ILE A 253 -3.90 16.28 -46.43
N ASP A 254 -3.80 17.07 -47.48
CA ASP A 254 -2.85 18.16 -47.42
C ASP A 254 -3.43 19.25 -46.55
N VAL A 255 -2.58 20.21 -46.16
CA VAL A 255 -2.92 21.25 -45.26
C VAL A 255 -3.18 22.54 -46.03
N ILE A 256 -4.32 23.15 -45.77
CA ILE A 256 -4.58 24.47 -46.26
C ILE A 256 -4.56 25.39 -45.05
N ASN A 257 -3.58 26.29 -45.05
CA ASN A 257 -3.26 27.08 -43.87
C ASN A 257 -4.42 28.05 -43.60
N MET A 258 -4.93 28.04 -42.37
CA MET A 258 -6.09 28.90 -41.92
C MET A 258 -5.85 30.41 -41.94
N ASP A 259 -4.57 30.82 -41.91
CA ASP A 259 -4.18 32.28 -41.90
C ASP A 259 -4.01 32.84 -43.28
N ASN A 260 -3.32 32.11 -44.14
CA ASN A 260 -2.92 32.62 -45.43
C ASN A 260 -3.44 31.79 -46.62
N PHE A 261 -4.07 30.63 -46.30
CA PHE A 261 -4.73 29.81 -47.31
C PHE A 261 -3.75 29.22 -48.29
N GLN A 262 -2.47 29.22 -47.94
CA GLN A 262 -1.51 28.49 -48.73
C GLN A 262 -1.76 26.95 -48.61
N TYR A 263 -1.52 26.25 -49.71
CA TYR A 263 -1.77 24.85 -49.84
C TYR A 263 -0.44 24.17 -49.63
N VAL A 264 -0.36 23.32 -48.61
CA VAL A 264 0.87 22.73 -48.14
C VAL A 264 0.82 21.21 -48.19
N GLY A 265 1.81 20.63 -48.85
CA GLY A 265 1.95 19.18 -48.92
C GLY A 265 2.17 18.53 -47.58
N ALA A 266 1.31 17.56 -47.25
CA ALA A 266 1.50 16.76 -46.07
C ALA A 266 2.51 15.63 -46.21
N SER A 267 2.89 15.07 -45.09
CA SER A 267 3.75 13.87 -45.14
C SER A 267 2.97 12.70 -45.62
N ALA A 268 3.55 11.88 -46.47
CA ALA A 268 2.97 10.56 -46.81
C ALA A 268 3.43 9.43 -45.86
N ASP A 269 4.23 9.72 -44.84
CA ASP A 269 4.79 8.68 -43.94
C ASP A 269 3.97 8.44 -42.67
N LEU A 270 2.72 8.93 -42.63
CA LEU A 270 1.88 8.90 -41.43
C LEU A 270 0.78 7.80 -41.49
N LYS A 271 0.33 7.38 -40.31
CA LYS A 271 -0.74 6.43 -40.09
C LYS A 271 -1.57 7.16 -39.05
N GLY A 272 -2.88 7.04 -39.10
CA GLY A 272 -3.75 7.57 -38.08
C GLY A 272 -3.71 6.65 -36.87
N GLY A 273 -4.04 7.19 -35.72
CA GLY A 273 -4.06 6.41 -34.49
C GLY A 273 -4.65 7.27 -33.40
N PHE A 274 -4.45 6.83 -32.17
CA PHE A 274 -5.05 7.49 -30.99
C PHE A 274 -4.26 7.06 -29.75
N ASP A 275 -4.29 7.86 -28.68
CA ASP A 275 -3.93 7.37 -27.35
C ASP A 275 -5.17 6.92 -26.59
N TRP A 276 -4.99 6.37 -25.38
CA TRP A 276 -6.15 5.86 -24.64
C TRP A 276 -7.18 6.92 -24.23
N ASN A 277 -6.82 8.19 -24.29
CA ASN A 277 -7.85 9.21 -24.19
C ASN A 277 -8.75 9.20 -25.42
N LEU A 278 -8.49 8.27 -26.34
CA LEU A 278 -9.14 8.21 -27.64
C LEU A 278 -9.21 9.52 -28.42
N VAL A 279 -8.25 10.41 -28.30
CA VAL A 279 -8.14 11.46 -29.30
C VAL A 279 -7.13 11.16 -30.45
N PHE A 280 -7.63 11.46 -31.65
CA PHE A 280 -7.05 11.01 -32.89
C PHE A 280 -5.72 11.66 -32.99
N LYS A 281 -4.70 10.93 -33.41
CA LYS A 281 -3.47 11.61 -33.74
C LYS A 281 -2.78 10.92 -34.92
N TRP A 282 -1.89 11.65 -35.57
CA TRP A 282 -1.10 11.16 -36.66
C TRP A 282 0.23 10.67 -36.08
N ASP A 283 0.79 9.60 -36.62
CA ASP A 283 2.04 9.00 -36.11
C ASP A 283 2.88 8.67 -37.40
N TYR A 284 4.20 8.89 -37.42
CA TYR A 284 5.00 8.29 -38.50
C TYR A 284 4.91 6.78 -38.38
N MET A 285 4.96 6.08 -39.50
CA MET A 285 5.06 4.60 -39.48
C MET A 285 6.37 4.22 -38.80
N THR A 286 6.57 2.93 -38.55
CA THR A 286 7.80 2.55 -37.90
C THR A 286 8.92 2.49 -38.94
N PRO A 287 10.17 2.58 -38.48
CA PRO A 287 11.25 2.42 -39.44
C PRO A 287 11.09 1.16 -40.27
N GLU A 288 10.66 0.08 -39.64
CA GLU A 288 10.50 -1.16 -40.35
C GLU A 288 9.37 -1.09 -41.40
N GLN A 289 8.25 -0.46 -41.05
CA GLN A 289 7.17 -0.28 -42.09
C GLN A 289 7.73 0.53 -43.25
N ARG A 290 8.50 1.54 -42.93
CA ARG A 290 9.04 2.38 -43.96
C ARG A 290 10.01 1.62 -44.82
N ARG A 291 10.91 0.86 -44.18
N ARG A 291 10.92 0.85 -44.20
CA ARG A 291 11.86 0.02 -44.92
CA ARG A 291 11.89 0.09 -45.00
C ARG A 291 11.14 -0.84 -45.91
C ARG A 291 11.16 -0.86 -45.92
N SER A 292 10.07 -1.47 -45.44
CA SER A 292 9.34 -2.44 -46.23
C SER A 292 8.60 -1.90 -47.45
N ARG A 293 8.43 -0.59 -47.52
CA ARG A 293 7.67 0.05 -48.58
C ARG A 293 8.59 0.61 -49.63
N GLN A 294 9.92 0.45 -49.45
CA GLN A 294 10.90 1.19 -50.26
C GLN A 294 10.82 0.68 -51.70
N GLY A 295 10.28 -0.51 -51.89
CA GLY A 295 10.07 -1.07 -53.23
C GLY A 295 8.88 -0.46 -53.99
N ASN A 296 7.95 0.14 -53.27
CA ASN A 296 6.79 0.76 -53.92
C ASN A 296 6.29 1.73 -52.95
N PRO A 297 6.87 2.90 -53.00
CA PRO A 297 6.55 3.84 -51.99
C PRO A 297 5.17 4.52 -52.14
N VAL A 298 4.40 4.26 -53.18
CA VAL A 298 3.05 4.80 -53.25
C VAL A 298 2.01 3.71 -53.12
N ALA A 299 2.42 2.60 -52.49
CA ALA A 299 1.49 1.53 -52.19
C ALA A 299 0.51 2.01 -51.15
N PRO A 300 -0.71 1.43 -51.15
CA PRO A 300 -1.67 1.79 -50.11
C PRO A 300 -1.07 1.65 -48.73
N ILE A 301 -1.56 2.45 -47.80
CA ILE A 301 -1.18 2.34 -46.41
C ILE A 301 -2.32 1.92 -45.57
N LYS A 302 -2.23 0.78 -44.88
CA LYS A 302 -3.27 0.37 -43.97
C LYS A 302 -3.16 1.22 -42.73
N THR A 303 -4.28 1.68 -42.21
CA THR A 303 -4.28 2.61 -41.10
C THR A 303 -5.34 2.16 -40.11
N PRO A 304 -5.00 2.16 -38.83
CA PRO A 304 -5.88 1.75 -37.74
C PRO A 304 -7.07 2.64 -37.56
N MET A 305 -6.88 3.86 -38.03
CA MET A 305 -7.88 4.89 -37.97
C MET A 305 -7.76 5.92 -39.11
N ILE A 306 -8.91 6.38 -39.59
CA ILE A 306 -8.93 7.48 -40.56
C ILE A 306 -9.24 8.80 -39.86
N ALA A 307 -8.74 9.93 -40.43
CA ALA A 307 -9.12 11.30 -39.92
C ALA A 307 -10.66 11.45 -39.81
N GLY A 308 -11.36 11.01 -40.84
CA GLY A 308 -12.82 10.99 -40.76
C GLY A 308 -13.44 11.97 -41.74
N GLY A 309 -12.76 13.09 -42.02
CA GLY A 309 -13.36 14.07 -42.91
C GLY A 309 -13.51 13.52 -44.34
N LEU A 310 -12.58 12.71 -44.75
CA LEU A 310 -12.46 12.53 -46.15
C LEU A 310 -12.24 11.07 -46.44
N PHE A 311 -13.23 10.44 -47.03
CA PHE A 311 -13.08 9.00 -47.37
C PHE A 311 -14.07 8.54 -48.39
N VAL A 312 -13.77 7.39 -49.00
CA VAL A 312 -14.53 6.87 -50.11
C VAL A 312 -14.91 5.46 -49.67
N MET A 313 -16.16 5.10 -49.92
CA MET A 313 -16.69 3.85 -49.43
C MET A 313 -17.81 3.36 -50.38
N ASP A 314 -17.79 2.07 -50.67
CA ASP A 314 -18.81 1.46 -51.45
C ASP A 314 -20.18 1.71 -50.78
N LYS A 315 -21.13 2.19 -51.54
CA LYS A 315 -22.37 2.64 -50.90
C LYS A 315 -23.12 1.48 -50.21
N PHE A 316 -23.14 0.33 -50.90
CA PHE A 316 -23.87 -0.85 -50.33
C PHE A 316 -23.15 -1.36 -49.09
N TYR A 317 -21.83 -1.22 -49.06
CA TYR A 317 -21.07 -1.64 -47.89
C TYR A 317 -21.28 -0.68 -46.75
N PHE A 318 -21.23 0.59 -47.03
CA PHE A 318 -21.65 1.58 -46.00
C PHE A 318 -23.00 1.24 -45.32
N GLU A 319 -23.97 0.88 -46.15
CA GLU A 319 -25.35 0.54 -45.64
C GLU A 319 -25.31 -0.76 -44.84
N GLU A 320 -24.71 -1.78 -45.40
CA GLU A 320 -24.68 -3.09 -44.78
C GLU A 320 -23.94 -3.05 -43.47
N LEU A 321 -22.91 -2.22 -43.40
CA LEU A 321 -22.17 -2.17 -42.18
C LEU A 321 -22.84 -1.32 -41.14
N GLY A 322 -23.93 -0.64 -41.44
CA GLY A 322 -24.59 0.18 -40.40
C GLY A 322 -24.39 1.70 -40.51
N LYS A 323 -24.05 2.18 -41.70
CA LYS A 323 -24.00 3.59 -41.94
C LYS A 323 -23.11 4.32 -40.91
N TYR A 324 -23.67 5.31 -40.21
CA TYR A 324 -23.09 5.90 -39.00
C TYR A 324 -24.14 5.67 -37.94
N ASP A 325 -23.75 5.81 -36.68
CA ASP A 325 -24.63 5.59 -35.55
C ASP A 325 -25.45 6.87 -35.44
N MET A 326 -26.76 6.73 -35.61
CA MET A 326 -27.61 7.93 -35.78
C MET A 326 -27.87 8.77 -34.49
N MET A 327 -27.48 8.27 -33.33
CA MET A 327 -27.52 9.00 -32.03
C MET A 327 -26.31 9.92 -31.74
N MET A 328 -25.37 9.89 -32.62
CA MET A 328 -24.22 10.73 -32.49
C MET A 328 -24.60 12.19 -32.80
N ASP A 329 -24.07 13.13 -32.01
CA ASP A 329 -24.63 14.48 -31.92
C ASP A 329 -23.87 15.64 -32.64
N VAL A 330 -22.64 15.44 -33.06
CA VAL A 330 -21.82 16.52 -33.69
C VAL A 330 -21.01 17.27 -32.67
N TRP A 331 -20.84 16.64 -31.53
CA TRP A 331 -19.62 16.81 -30.78
C TRP A 331 -18.85 15.46 -30.90
N GLY A 332 -18.67 14.89 -32.11
CA GLY A 332 -18.22 13.43 -32.26
C GLY A 332 -16.84 13.18 -32.84
N GLY A 333 -16.38 11.93 -33.02
CA GLY A 333 -16.87 10.71 -32.40
C GLY A 333 -17.04 9.50 -33.34
N GLU A 334 -17.45 9.78 -34.56
CA GLU A 334 -17.85 8.78 -35.62
C GLU A 334 -16.73 8.09 -36.30
N ASN A 335 -15.63 8.85 -36.35
CA ASN A 335 -14.42 8.59 -37.08
C ASN A 335 -13.72 7.50 -36.27
N LEU A 336 -13.81 7.67 -34.95
CA LEU A 336 -13.58 6.62 -33.98
C LEU A 336 -14.43 5.37 -34.28
N GLU A 337 -15.75 5.56 -34.26
CA GLU A 337 -16.70 4.46 -34.28
C GLU A 337 -16.66 3.73 -35.61
N ILE A 338 -16.65 4.47 -36.69
CA ILE A 338 -16.64 3.76 -37.95
C ILE A 338 -15.29 3.04 -38.14
N SER A 339 -14.19 3.59 -37.64
CA SER A 339 -12.88 2.96 -37.90
C SER A 339 -12.79 1.59 -37.19
N PHE A 340 -13.21 1.56 -35.95
CA PHE A 340 -13.29 0.30 -35.23
C PHE A 340 -14.22 -0.70 -35.88
N ARG A 341 -15.41 -0.26 -36.25
CA ARG A 341 -16.45 -1.15 -36.82
C ARG A 341 -15.93 -1.74 -38.13
N VAL A 342 -15.36 -0.90 -38.99
CA VAL A 342 -14.85 -1.42 -40.28
C VAL A 342 -13.82 -2.53 -40.05
N TRP A 343 -12.83 -2.26 -39.21
CA TRP A 343 -11.79 -3.23 -38.96
C TRP A 343 -12.33 -4.51 -38.28
N GLN A 344 -13.17 -4.31 -37.26
CA GLN A 344 -13.57 -5.43 -36.47
C GLN A 344 -14.58 -6.22 -37.23
N CYS A 345 -15.33 -5.61 -38.14
CA CYS A 345 -16.29 -6.38 -38.88
C CYS A 345 -15.83 -6.84 -40.24
N GLY A 346 -14.53 -6.87 -40.47
CA GLY A 346 -14.00 -7.50 -41.72
C GLY A 346 -13.54 -6.65 -42.91
N GLY A 347 -13.62 -5.31 -42.83
CA GLY A 347 -13.13 -4.52 -43.94
C GLY A 347 -11.77 -3.94 -43.61
N SER A 348 -11.31 -2.94 -44.34
CA SER A 348 -10.02 -2.34 -43.97
C SER A 348 -10.10 -0.83 -44.24
N LEU A 349 -9.14 -0.10 -43.66
CA LEU A 349 -8.94 1.34 -43.85
C LEU A 349 -7.59 1.51 -44.48
N GLU A 350 -7.51 2.30 -45.54
CA GLU A 350 -6.29 2.59 -46.29
C GLU A 350 -6.12 4.12 -46.47
N ILE A 351 -4.88 4.61 -46.48
CA ILE A 351 -4.52 5.95 -46.99
C ILE A 351 -3.80 5.65 -48.25
N ILE A 352 -4.20 6.34 -49.31
CA ILE A 352 -3.78 6.08 -50.69
C ILE A 352 -2.88 7.26 -51.14
N PRO A 353 -1.54 7.07 -51.12
CA PRO A 353 -0.62 8.17 -51.32
C PRO A 353 -0.81 8.96 -52.61
N CYS A 354 -1.19 8.31 -53.68
CA CYS A 354 -1.38 9.10 -54.92
C CYS A 354 -2.60 10.06 -54.94
N SER A 355 -3.49 9.92 -53.97
CA SER A 355 -4.67 10.82 -53.87
C SER A 355 -4.35 11.86 -52.79
N ARG A 356 -4.40 13.11 -53.18
CA ARG A 356 -4.10 14.28 -52.33
C ARG A 356 -5.31 15.23 -52.35
N VAL A 357 -5.79 15.59 -51.17
CA VAL A 357 -6.83 16.56 -51.05
C VAL A 357 -6.46 17.46 -49.89
N GLY A 358 -6.45 18.75 -50.14
CA GLY A 358 -6.20 19.68 -49.05
C GLY A 358 -7.44 20.03 -48.28
N HIS A 359 -7.18 20.41 -47.04
CA HIS A 359 -8.21 20.64 -46.05
C HIS A 359 -7.78 21.78 -45.19
N VAL A 360 -8.65 22.77 -45.04
CA VAL A 360 -8.36 23.88 -44.15
C VAL A 360 -8.32 23.36 -42.69
N PHE A 361 -7.20 23.48 -42.03
CA PHE A 361 -7.12 23.04 -40.63
C PHE A 361 -7.25 24.24 -39.68
N ARG A 362 -8.23 24.20 -38.83
CA ARG A 362 -8.46 25.24 -37.84
C ARG A 362 -8.09 24.73 -36.45
N LYS A 363 -7.80 25.65 -35.55
CA LYS A 363 -7.66 25.32 -34.13
C LYS A 363 -9.00 25.33 -33.45
N VAL A 376 -19.55 16.54 -22.72
CA VAL A 376 -19.54 17.14 -24.05
C VAL A 376 -18.27 16.73 -24.78
N PHE A 377 -18.43 16.31 -26.03
CA PHE A 377 -17.45 15.48 -26.78
C PHE A 377 -17.58 14.06 -26.26
N ALA A 378 -17.47 13.93 -24.94
CA ALA A 378 -17.51 12.65 -24.27
C ALA A 378 -18.70 11.76 -24.68
N ARG A 379 -19.79 12.37 -25.16
CA ARG A 379 -20.95 11.54 -25.59
C ARG A 379 -20.63 10.56 -26.74
N ASN A 380 -20.22 11.08 -27.88
CA ASN A 380 -19.99 10.22 -29.06
C ASN A 380 -18.84 9.28 -28.76
N THR A 381 -17.83 9.75 -28.03
CA THR A 381 -16.72 8.92 -27.70
C THR A 381 -17.10 7.71 -26.88
N ARG A 382 -17.97 7.89 -25.89
CA ARG A 382 -18.39 6.73 -25.08
C ARG A 382 -19.25 5.79 -25.90
N ARG A 383 -20.06 6.39 -26.79
CA ARG A 383 -20.92 5.60 -27.69
C ARG A 383 -20.01 4.63 -28.46
N ALA A 384 -18.90 5.16 -28.99
CA ALA A 384 -17.89 4.29 -29.60
C ALA A 384 -17.35 3.29 -28.61
N ALA A 385 -16.81 3.75 -27.48
CA ALA A 385 -16.10 2.84 -26.57
C ALA A 385 -16.99 1.75 -26.00
N GLU A 386 -18.21 2.10 -25.68
CA GLU A 386 -19.09 1.15 -24.99
C GLU A 386 -19.51 0.01 -25.90
N VAL A 387 -19.56 0.26 -27.22
CA VAL A 387 -19.98 -0.80 -28.14
C VAL A 387 -18.84 -1.64 -28.60
N TRP A 388 -17.66 -1.05 -28.83
CA TRP A 388 -16.63 -1.74 -29.60
C TRP A 388 -15.42 -2.20 -28.79
N MET A 389 -15.14 -1.55 -27.67
CA MET A 389 -13.80 -1.69 -27.06
C MET A 389 -13.68 -2.82 -26.04
N ASP A 390 -14.80 -3.50 -25.82
CA ASP A 390 -14.90 -4.54 -24.81
C ASP A 390 -14.36 -4.00 -23.48
N GLU A 391 -13.49 -4.77 -22.81
CA GLU A 391 -12.90 -4.34 -21.53
C GLU A 391 -11.93 -3.17 -21.67
N TYR A 392 -11.40 -2.95 -22.87
CA TYR A 392 -10.34 -1.97 -23.01
C TYR A 392 -10.84 -0.56 -22.83
N LYS A 393 -12.16 -0.38 -22.76
CA LYS A 393 -12.77 0.94 -22.50
C LYS A 393 -12.33 1.53 -21.17
N ASN A 394 -12.00 0.66 -20.24
CA ASN A 394 -11.49 1.10 -18.92
C ASN A 394 -10.15 1.77 -18.99
N PHE A 395 -9.41 1.53 -20.07
CA PHE A 395 -8.20 2.34 -20.27
C PHE A 395 -8.61 3.72 -20.76
N TYR A 396 -9.70 3.85 -21.53
CA TYR A 396 -10.22 5.20 -21.85
C TYR A 396 -10.60 5.98 -20.58
N TYR A 397 -11.33 5.32 -19.69
CA TYR A 397 -11.82 5.99 -18.46
C TYR A 397 -10.67 6.28 -17.47
N ALA A 398 -9.71 5.37 -17.39
CA ALA A 398 -8.47 5.61 -16.66
C ALA A 398 -7.68 6.82 -17.20
N ALA A 399 -7.90 7.20 -18.45
CA ALA A 399 -7.27 8.44 -18.95
C ALA A 399 -8.21 9.60 -18.82
N VAL A 400 -9.50 9.32 -18.74
CA VAL A 400 -10.48 10.37 -18.78
C VAL A 400 -11.59 9.96 -17.81
N PRO A 401 -11.30 9.98 -16.49
CA PRO A 401 -12.30 9.51 -15.54
C PRO A 401 -13.52 10.40 -15.51
N SER A 402 -13.39 11.69 -15.82
CA SER A 402 -14.56 12.56 -15.90
C SER A 402 -15.59 12.07 -16.90
N ALA A 403 -15.17 11.27 -17.87
CA ALA A 403 -16.08 10.75 -18.90
C ALA A 403 -17.12 9.78 -18.39
N ARG A 404 -16.80 9.07 -17.31
CA ARG A 404 -17.74 8.13 -16.71
C ARG A 404 -19.02 8.79 -16.15
N ASN A 405 -19.01 10.12 -16.01
CA ASN A 405 -20.20 10.89 -15.67
C ASN A 405 -21.04 11.28 -16.89
N VAL A 406 -20.45 11.31 -18.07
CA VAL A 406 -21.21 11.77 -19.22
C VAL A 406 -22.19 10.71 -19.65
N PRO A 407 -23.49 11.06 -19.79
CA PRO A 407 -24.48 10.08 -20.21
C PRO A 407 -24.38 9.90 -21.72
N TYR A 408 -24.67 8.71 -22.21
CA TYR A 408 -24.47 8.50 -23.66
C TYR A 408 -25.66 7.93 -24.48
N GLY A 409 -26.84 7.87 -23.87
CA GLY A 409 -28.03 7.39 -24.55
C GLY A 409 -28.04 5.88 -24.63
N ASN A 410 -28.95 5.37 -25.44
CA ASN A 410 -29.09 3.94 -25.60
C ASN A 410 -28.21 3.44 -26.76
N ILE A 411 -27.73 2.21 -26.65
CA ILE A 411 -26.76 1.66 -27.59
C ILE A 411 -27.15 0.25 -27.99
N GLN A 412 -28.42 -0.09 -27.87
CA GLN A 412 -28.85 -1.43 -28.13
C GLN A 412 -28.77 -1.79 -29.59
N SER A 413 -29.19 -0.87 -30.46
CA SER A 413 -29.30 -1.22 -31.85
C SER A 413 -27.88 -1.36 -32.44
N ARG A 414 -26.96 -0.56 -31.91
CA ARG A 414 -25.49 -0.68 -32.19
C ARG A 414 -24.86 -2.02 -31.70
N LEU A 415 -25.23 -2.46 -30.50
CA LEU A 415 -24.78 -3.79 -30.01
C LEU A 415 -25.36 -4.94 -30.83
N GLU A 416 -26.60 -4.77 -31.24
CA GLU A 416 -27.23 -5.73 -32.11
C GLU A 416 -26.56 -5.80 -33.48
N LEU A 417 -26.23 -4.65 -34.06
CA LEU A 417 -25.50 -4.62 -35.35
C LEU A 417 -24.25 -5.48 -35.22
N ARG A 418 -23.46 -5.16 -34.19
CA ARG A 418 -22.22 -5.87 -33.91
C ARG A 418 -22.40 -7.35 -33.87
N LYS A 419 -23.37 -7.77 -33.06
CA LYS A 419 -23.75 -9.19 -32.96
C LYS A 419 -24.01 -9.74 -34.32
N LYS A 420 -24.94 -9.09 -35.02
CA LYS A 420 -25.37 -9.54 -36.36
C LYS A 420 -24.26 -9.68 -37.41
N LEU A 421 -23.33 -8.72 -37.44
CA LEU A 421 -22.21 -8.79 -38.42
C LEU A 421 -21.12 -9.81 -38.04
N SER A 422 -21.20 -10.37 -36.84
CA SER A 422 -20.12 -11.24 -36.36
C SER A 422 -18.74 -10.54 -36.30
N CYS A 423 -18.64 -9.43 -35.60
CA CYS A 423 -17.40 -8.68 -35.56
C CYS A 423 -16.45 -9.33 -34.62
N LYS A 424 -15.16 -9.11 -34.85
CA LYS A 424 -14.09 -9.60 -33.96
C LYS A 424 -13.95 -8.75 -32.73
N PRO A 425 -13.35 -9.30 -31.68
CA PRO A 425 -13.22 -8.50 -30.46
C PRO A 425 -12.16 -7.41 -30.52
N PHE A 426 -12.17 -6.49 -29.55
CA PHE A 426 -11.22 -5.39 -29.56
C PHE A 426 -9.79 -5.90 -29.48
N LYS A 427 -9.64 -6.99 -28.77
CA LYS A 427 -8.33 -7.55 -28.53
C LYS A 427 -7.68 -7.88 -29.84
N TRP A 428 -8.50 -8.46 -30.70
CA TRP A 428 -8.05 -8.78 -32.04
C TRP A 428 -7.65 -7.52 -32.80
N TYR A 429 -8.39 -6.43 -32.59
CA TYR A 429 -8.09 -5.16 -33.25
C TYR A 429 -6.72 -4.67 -32.81
N LEU A 430 -6.51 -4.66 -31.51
CA LEU A 430 -5.23 -4.24 -30.98
C LEU A 430 -4.09 -5.10 -31.45
N GLU A 431 -4.28 -6.41 -31.58
CA GLU A 431 -3.14 -7.22 -32.00
C GLU A 431 -2.84 -7.21 -33.45
N ASN A 432 -3.88 -7.16 -34.26
CA ASN A 432 -3.73 -7.29 -35.69
C ASN A 432 -3.81 -5.97 -36.44
N VAL A 433 -4.50 -4.96 -35.90
CA VAL A 433 -4.56 -3.66 -36.61
C VAL A 433 -3.65 -2.61 -36.01
N TYR A 434 -3.60 -2.50 -34.69
CA TYR A 434 -2.87 -1.41 -34.08
C TYR A 434 -1.95 -1.95 -33.00
N PRO A 435 -1.02 -2.86 -33.40
CA PRO A 435 -0.14 -3.41 -32.34
C PRO A 435 0.73 -2.34 -31.77
N GLU A 436 0.86 -1.21 -32.46
CA GLU A 436 1.78 -0.21 -31.97
C GLU A 436 1.24 0.63 -30.82
N LEU A 437 -0.06 0.52 -30.51
CA LEU A 437 -0.65 1.15 -29.31
C LEU A 437 -0.23 0.34 -28.11
N ARG A 438 0.47 1.02 -27.24
CA ARG A 438 1.07 0.38 -26.11
C ARG A 438 -0.02 0.12 -25.08
N VAL A 439 -0.20 -1.12 -24.69
CA VAL A 439 -1.29 -1.45 -23.76
C VAL A 439 -0.83 -1.89 -22.36
N PRO A 440 -1.44 -1.32 -21.30
CA PRO A 440 -1.08 -1.70 -19.94
C PRO A 440 -1.27 -3.16 -19.79
N ASP A 441 -0.35 -3.77 -19.07
CA ASP A 441 -0.65 -5.07 -18.49
C ASP A 441 -1.91 -5.02 -17.66
N HIS A 442 -2.63 -6.14 -17.59
CA HIS A 442 -3.93 -6.21 -16.94
C HIS A 442 -3.89 -5.89 -15.46
N GLN A 443 -2.73 -6.09 -14.82
CA GLN A 443 -2.53 -5.86 -13.37
C GLN A 443 -1.80 -4.54 -13.05
N ASP A 444 -1.41 -3.77 -14.07
CA ASP A 444 -0.72 -2.50 -13.80
C ASP A 444 -1.62 -1.63 -12.97
N ILE A 445 -1.03 -0.80 -12.12
CA ILE A 445 -1.78 0.15 -11.28
C ILE A 445 -1.92 1.49 -11.99
N ALA A 446 -0.84 1.91 -12.64
CA ALA A 446 -0.82 3.12 -13.40
C ALA A 446 0.09 2.98 -14.58
N PHE A 447 -0.15 3.80 -15.60
CA PHE A 447 0.50 3.58 -16.87
C PHE A 447 0.70 4.87 -17.59
N GLY A 448 1.80 4.94 -18.34
CA GLY A 448 1.96 5.97 -19.38
C GLY A 448 3.12 6.85 -19.13
N ALA A 449 2.90 8.14 -19.19
CA ALA A 449 3.99 9.06 -18.90
C ALA A 449 3.91 9.36 -17.43
N LEU A 450 5.02 9.77 -16.83
CA LEU A 450 4.97 10.31 -15.46
C LEU A 450 5.29 11.81 -15.46
N GLN A 451 4.24 12.58 -15.23
CA GLN A 451 4.27 14.00 -15.52
C GLN A 451 4.44 14.86 -14.32
N GLN A 452 5.21 15.93 -14.54
CA GLN A 452 5.35 17.02 -13.61
C GLN A 452 5.36 18.34 -14.40
N GLY A 453 4.30 19.15 -14.21
CA GLY A 453 4.11 20.36 -15.03
C GLY A 453 4.04 19.96 -16.48
N THR A 454 4.91 20.50 -17.32
CA THR A 454 5.03 20.02 -18.71
C THR A 454 6.23 19.09 -18.91
N ASN A 455 6.84 18.65 -17.81
CA ASN A 455 7.89 17.65 -17.87
C ASN A 455 7.44 16.23 -17.59
N CYS A 456 8.24 15.27 -18.07
CA CYS A 456 7.91 13.81 -18.01
C CYS A 456 9.16 13.06 -17.61
N LEU A 457 9.08 12.27 -16.54
CA LEU A 457 10.16 11.30 -16.20
C LEU A 457 10.76 10.67 -17.45
N ASP A 458 12.07 10.73 -17.61
CA ASP A 458 12.79 10.25 -18.80
C ASP A 458 14.04 9.44 -18.41
N THR A 459 14.34 8.36 -19.15
CA THR A 459 15.52 7.55 -18.83
C THR A 459 16.78 8.22 -19.28
N LEU A 460 16.61 9.30 -20.08
CA LEU A 460 17.70 10.02 -20.66
C LEU A 460 18.57 9.10 -21.57
N GLY A 461 17.97 8.11 -22.14
CA GLY A 461 18.76 7.03 -22.84
C GLY A 461 19.71 6.17 -21.99
N HIS A 462 19.46 6.13 -20.68
CA HIS A 462 20.35 5.41 -19.80
C HIS A 462 19.86 3.94 -19.65
N PHE A 463 20.79 3.10 -19.19
CA PHE A 463 20.51 1.69 -18.94
C PHE A 463 20.82 1.41 -17.48
N ALA A 464 21.17 0.16 -17.16
CA ALA A 464 21.42 -0.20 -15.80
C ALA A 464 22.51 0.60 -15.16
N ASP A 465 22.30 0.92 -13.89
CA ASP A 465 23.22 1.69 -13.10
C ASP A 465 23.15 3.16 -13.50
N GLY A 466 22.17 3.56 -14.28
CA GLY A 466 22.14 4.97 -14.71
C GLY A 466 21.10 5.80 -13.99
N VAL A 467 21.36 7.11 -13.92
CA VAL A 467 20.42 8.03 -13.31
C VAL A 467 19.30 8.31 -14.26
N VAL A 468 18.32 9.05 -13.76
CA VAL A 468 17.08 9.21 -14.47
C VAL A 468 16.76 10.73 -14.31
N GLY A 469 15.91 11.29 -15.17
CA GLY A 469 15.67 12.74 -15.15
C GLY A 469 14.35 13.10 -15.78
N VAL A 470 14.32 14.31 -16.33
CA VAL A 470 13.13 14.76 -17.04
C VAL A 470 13.44 15.52 -18.31
N TYR A 471 12.49 15.45 -19.21
CA TYR A 471 12.44 16.27 -20.41
C TYR A 471 10.97 16.64 -20.58
N GLU A 472 10.74 17.47 -21.58
CA GLU A 472 9.41 17.86 -21.92
C GLU A 472 8.64 16.70 -22.51
N CYS A 473 7.39 16.56 -22.09
CA CYS A 473 6.52 15.50 -22.60
C CYS A 473 6.34 15.54 -24.10
N HIS A 474 6.63 14.42 -24.74
CA HIS A 474 6.54 14.29 -26.18
C HIS A 474 5.40 13.34 -26.60
N ASN A 475 4.61 12.90 -25.63
CA ASN A 475 3.38 12.07 -25.85
C ASN A 475 3.60 11.01 -26.92
N ALA A 476 4.71 10.29 -26.77
CA ALA A 476 5.30 9.42 -27.80
C ALA A 476 6.12 8.26 -27.19
N GLY A 477 5.70 7.81 -26.00
CA GLY A 477 6.59 7.23 -24.99
C GLY A 477 7.66 6.20 -25.32
N GLY A 478 8.84 6.66 -25.74
CA GLY A 478 10.05 5.79 -25.79
C GLY A 478 10.68 5.90 -24.42
N ASN A 479 11.77 6.64 -24.27
CA ASN A 479 12.30 6.91 -22.96
C ASN A 479 11.33 7.55 -21.95
N GLN A 480 10.11 7.82 -22.38
CA GLN A 480 9.09 8.36 -21.48
C GLN A 480 7.96 7.41 -21.16
N GLU A 481 8.04 6.13 -21.55
CA GLU A 481 7.02 5.21 -21.04
C GLU A 481 7.43 4.43 -19.78
N TRP A 482 6.47 4.43 -18.87
CA TRP A 482 6.58 3.86 -17.54
C TRP A 482 5.26 3.20 -17.20
N ALA A 483 5.33 2.38 -16.16
CA ALA A 483 4.18 1.75 -15.53
C ALA A 483 4.46 1.53 -14.05
N LEU A 484 3.40 1.58 -13.28
CA LEU A 484 3.46 1.26 -11.90
C LEU A 484 2.85 -0.11 -11.81
N THR A 485 3.69 -1.11 -11.54
CA THR A 485 3.26 -2.51 -11.64
C THR A 485 2.54 -3.07 -10.46
N LYS A 486 1.91 -4.24 -10.67
CA LYS A 486 1.26 -4.99 -9.59
C LYS A 486 2.24 -5.13 -8.43
N GLU A 487 3.53 -5.22 -8.74
CA GLU A 487 4.57 -5.43 -7.71
C GLU A 487 5.08 -4.11 -7.09
N LYS A 488 4.39 -3.01 -7.39
CA LYS A 488 4.73 -1.67 -6.92
C LYS A 488 6.07 -1.14 -7.45
N SER A 489 6.49 -1.57 -8.62
CA SER A 489 7.69 -1.03 -9.21
C SER A 489 7.31 -0.02 -10.27
N VAL A 490 8.24 0.89 -10.57
CA VAL A 490 8.06 1.92 -11.61
C VAL A 490 9.01 1.56 -12.71
N LYS A 491 8.47 1.01 -13.78
CA LYS A 491 9.36 0.36 -14.73
C LYS A 491 9.33 0.85 -16.15
N HIS A 492 10.49 0.78 -16.77
CA HIS A 492 10.59 0.96 -18.19
C HIS A 492 11.35 -0.21 -18.76
N MET A 493 10.75 -0.85 -19.79
CA MET A 493 11.20 -2.10 -20.34
C MET A 493 11.32 -3.05 -19.17
N ASP A 494 12.54 -3.53 -18.88
CA ASP A 494 12.81 -4.41 -17.75
C ASP A 494 13.68 -3.71 -16.69
N LEU A 495 13.68 -2.38 -16.69
CA LEU A 495 14.41 -1.59 -15.70
C LEU A 495 13.46 -0.84 -14.76
N CYS A 496 13.89 -0.65 -13.54
CA CYS A 496 13.02 -0.20 -12.45
C CYS A 496 13.78 0.87 -11.66
N LEU A 497 13.02 1.87 -11.19
CA LEU A 497 13.58 2.94 -10.40
C LEU A 497 13.94 2.35 -9.09
N THR A 498 15.21 2.44 -8.77
CA THR A 498 15.76 1.81 -7.53
C THR A 498 16.35 2.82 -6.56
N VAL A 499 15.91 2.76 -5.29
CA VAL A 499 16.45 3.57 -4.22
C VAL A 499 17.65 2.82 -3.71
N VAL A 500 18.81 3.32 -4.09
CA VAL A 500 20.05 2.63 -4.00
C VAL A 500 20.71 3.15 -2.73
N ASP A 501 20.23 4.30 -2.25
CA ASP A 501 20.66 4.84 -0.98
C ASP A 501 19.52 5.76 -0.48
N ARG A 502 19.17 5.59 0.81
CA ARG A 502 18.01 6.26 1.44
C ARG A 502 18.32 7.66 1.96
N ALA A 503 19.57 8.09 1.87
CA ALA A 503 19.94 9.37 2.40
C ALA A 503 19.26 10.44 1.53
N PRO A 504 18.58 11.40 2.17
CA PRO A 504 17.92 12.38 1.36
C PRO A 504 18.89 13.03 0.44
N GLY A 505 18.45 13.25 -0.79
CA GLY A 505 19.21 13.96 -1.78
C GLY A 505 19.90 12.95 -2.68
N SER A 506 19.76 11.66 -2.37
CA SER A 506 20.42 10.62 -3.12
C SER A 506 19.88 10.43 -4.51
N LEU A 507 20.73 10.24 -5.50
CA LEU A 507 20.24 9.90 -6.84
C LEU A 507 19.67 8.49 -6.84
N ILE A 508 18.53 8.28 -7.50
CA ILE A 508 18.06 6.97 -7.80
C ILE A 508 18.65 6.44 -9.12
N LYS A 509 18.57 5.14 -9.29
CA LYS A 509 19.26 4.47 -10.39
C LYS A 509 18.35 3.47 -10.99
N LEU A 510 18.53 3.26 -12.28
CA LEU A 510 17.83 2.21 -12.97
C LEU A 510 18.50 0.91 -12.58
N GLN A 511 17.73 -0.14 -12.42
CA GLN A 511 18.39 -1.45 -12.33
C GLN A 511 17.40 -2.45 -12.78
N GLY A 512 17.87 -3.62 -13.24
CA GLY A 512 16.95 -4.72 -13.63
C GLY A 512 15.85 -4.90 -12.63
N CYS A 513 14.62 -5.08 -13.05
CA CYS A 513 13.52 -5.19 -12.07
C CYS A 513 13.51 -6.52 -11.39
N ARG A 514 13.35 -6.51 -10.07
CA ARG A 514 13.29 -7.76 -9.32
C ARG A 514 12.19 -7.68 -8.26
N GLU A 515 11.19 -8.56 -8.34
CA GLU A 515 9.98 -8.46 -7.49
C GLU A 515 10.31 -8.42 -6.01
N ASP A 516 11.34 -9.14 -5.59
CA ASP A 516 11.63 -9.22 -4.18
C ASP A 516 12.46 -8.03 -3.68
N ASP A 517 12.83 -7.08 -4.55
CA ASP A 517 13.69 -6.00 -4.14
C ASP A 517 12.88 -4.85 -3.55
N SER A 518 12.97 -4.68 -2.24
CA SER A 518 12.18 -3.67 -1.59
C SER A 518 12.63 -2.25 -1.97
N ARG A 519 13.85 -2.12 -2.52
CA ARG A 519 14.37 -0.83 -2.93
C ARG A 519 13.64 -0.29 -4.19
N GLN A 520 12.80 -1.12 -4.77
CA GLN A 520 12.12 -0.82 -6.02
C GLN A 520 10.66 -0.57 -5.79
N LYS A 521 10.25 -0.37 -4.53
CA LYS A 521 8.83 -0.28 -4.23
C LYS A 521 8.42 1.18 -4.01
N TRP A 522 7.32 1.52 -4.67
CA TRP A 522 6.80 2.88 -4.71
C TRP A 522 5.31 2.87 -4.52
N GLU A 523 4.79 3.96 -3.97
CA GLU A 523 3.38 4.06 -3.81
C GLU A 523 2.85 5.50 -4.10
N GLN A 524 1.67 5.53 -4.69
CA GLN A 524 1.00 6.77 -5.03
C GLN A 524 0.44 7.38 -3.75
N ILE A 525 0.64 8.69 -3.56
CA ILE A 525 0.00 9.35 -2.43
C ILE A 525 -0.68 10.66 -2.77
N GLU A 526 -1.41 11.14 -1.77
CA GLU A 526 -2.03 12.41 -1.83
C GLU A 526 -2.86 12.56 -3.11
N GLY A 527 -3.81 11.64 -3.33
CA GLY A 527 -4.68 11.73 -4.51
C GLY A 527 -3.91 11.42 -5.79
N ASN A 528 -3.03 10.42 -5.69
CA ASN A 528 -2.27 10.04 -6.85
C ASN A 528 -1.51 11.19 -7.44
N SER A 529 -0.97 12.06 -6.55
CA SER A 529 -0.26 13.28 -6.96
C SER A 529 1.25 13.28 -6.66
N LYS A 530 1.71 12.26 -5.93
CA LYS A 530 3.09 12.12 -5.58
C LYS A 530 3.44 10.63 -5.57
N LEU A 531 4.72 10.35 -5.44
CA LEU A 531 5.22 8.95 -5.37
C LEU A 531 6.18 8.77 -4.25
N ARG A 532 5.80 8.02 -3.26
CA ARG A 532 6.66 7.80 -2.11
C ARG A 532 7.26 6.37 -2.14
N HIS A 533 8.47 6.26 -1.63
CA HIS A 533 9.16 5.01 -1.55
C HIS A 533 8.58 4.25 -0.40
N VAL A 534 8.09 3.05 -0.67
CA VAL A 534 7.36 2.28 0.30
C VAL A 534 8.25 2.00 1.52
N GLY A 535 7.68 2.10 2.72
CA GLY A 535 8.43 1.81 3.96
C GLY A 535 9.26 3.02 4.38
N SER A 536 9.00 4.18 3.78
CA SER A 536 9.89 5.33 4.00
C SER A 536 9.18 6.63 4.03
N ASN A 537 9.99 7.64 4.34
CA ASN A 537 9.56 9.02 4.38
C ASN A 537 9.95 9.79 3.09
N LEU A 538 10.27 9.04 2.05
CA LEU A 538 10.99 9.59 0.92
C LEU A 538 10.07 9.63 -0.26
N CYS A 539 10.18 10.68 -1.06
CA CYS A 539 9.35 10.88 -2.24
C CYS A 539 10.24 11.18 -3.43
N LEU A 540 9.81 10.77 -4.62
CA LEU A 540 10.55 11.11 -5.83
C LEU A 540 10.60 12.62 -5.95
N ASP A 541 11.78 13.17 -6.26
CA ASP A 541 11.97 14.61 -6.32
C ASP A 541 12.84 15.05 -7.48
N SER A 542 12.43 16.09 -8.19
CA SER A 542 13.18 16.60 -9.32
C SER A 542 14.07 17.80 -9.02
N ARG A 543 14.21 18.18 -7.75
CA ARG A 543 14.98 19.37 -7.47
C ARG A 543 16.41 19.11 -7.81
N THR A 544 16.79 17.83 -7.88
CA THR A 544 18.16 17.45 -8.21
C THR A 544 18.42 17.23 -9.70
N ALA A 545 17.44 17.47 -10.57
CA ALA A 545 17.60 17.20 -12.01
C ALA A 545 18.79 17.91 -12.65
N LYS A 546 19.07 19.10 -12.17
CA LYS A 546 20.12 19.91 -12.69
C LYS A 546 21.37 19.66 -11.94
N SER A 547 21.38 18.75 -10.96
CA SER A 547 22.65 18.41 -10.36
C SER A 547 22.89 16.90 -10.27
N GLY A 548 22.51 16.16 -11.30
CA GLY A 548 22.85 14.73 -11.38
C GLY A 548 21.73 13.85 -11.84
N GLY A 549 20.52 14.17 -11.39
CA GLY A 549 19.36 13.36 -11.73
C GLY A 549 18.26 13.42 -10.68
N LEU A 550 17.21 12.61 -10.89
CA LEU A 550 16.12 12.56 -9.92
C LEU A 550 16.63 11.89 -8.67
N SER A 551 16.12 12.35 -7.56
CA SER A 551 16.55 11.93 -6.25
C SER A 551 15.34 11.53 -5.45
N VAL A 552 15.66 10.98 -4.27
CA VAL A 552 14.77 10.66 -3.17
C VAL A 552 14.99 11.83 -2.17
N GLU A 553 13.92 12.38 -1.59
N GLU A 553 13.92 12.36 -1.58
CA GLU A 553 13.98 13.56 -0.68
CA GLU A 553 14.02 13.49 -0.64
C GLU A 553 12.85 13.40 0.32
C GLU A 553 12.89 13.33 0.36
N VAL A 554 13.01 13.97 1.52
CA VAL A 554 11.98 13.89 2.55
C VAL A 554 10.65 14.41 2.01
N CYS A 555 9.55 13.67 2.20
CA CYS A 555 8.27 14.07 1.60
C CYS A 555 7.87 15.39 2.23
N GLY A 556 7.39 16.29 1.39
CA GLY A 556 7.13 17.64 1.78
C GLY A 556 6.41 18.36 0.65
N PRO A 557 5.71 19.44 1.00
CA PRO A 557 4.88 20.08 -0.01
C PRO A 557 5.61 20.99 -1.01
N ALA A 558 6.35 20.41 -1.97
CA ALA A 558 7.06 21.15 -3.03
C ALA A 558 6.64 20.71 -4.44
N LEU A 559 6.64 21.63 -5.40
CA LEU A 559 6.26 21.32 -6.79
C LEU A 559 7.12 20.18 -7.37
N SER A 560 8.39 20.10 -6.97
CA SER A 560 9.31 19.08 -7.48
C SER A 560 9.05 17.64 -6.99
N GLN A 561 8.08 17.46 -6.10
CA GLN A 561 7.60 16.15 -5.71
C GLN A 561 6.23 15.79 -6.28
N GLN A 562 5.71 16.56 -7.24
CA GLN A 562 4.43 16.25 -7.86
C GLN A 562 4.64 15.37 -9.09
N TRP A 563 3.94 14.25 -9.15
CA TRP A 563 4.08 13.30 -10.25
C TRP A 563 2.77 12.64 -10.48
N LYS A 564 2.33 12.59 -11.74
CA LYS A 564 1.08 11.91 -12.00
C LYS A 564 1.17 11.12 -13.28
N PHE A 565 0.66 9.90 -13.20
CA PHE A 565 0.63 9.02 -14.31
C PHE A 565 -0.53 9.38 -15.22
N THR A 566 -0.34 9.28 -16.54
CA THR A 566 -1.43 9.61 -17.44
C THR A 566 -2.60 8.64 -17.38
N LEU A 567 -2.39 7.35 -17.10
CA LEU A 567 -3.54 6.50 -16.73
C LEU A 567 -3.37 6.06 -15.30
N ASN A 568 -4.46 6.10 -14.54
CA ASN A 568 -4.48 5.52 -13.20
C ASN A 568 -5.62 4.56 -13.10
N LEU A 569 -5.31 3.30 -12.83
CA LEU A 569 -6.30 2.24 -12.69
C LEU A 569 -6.68 2.08 -11.22
N LYS B 75 50.82 -27.13 -6.97
CA LYS B 75 49.68 -26.28 -7.42
C LYS B 75 48.54 -26.40 -6.39
N VAL B 76 47.80 -25.31 -6.22
CA VAL B 76 47.04 -25.05 -5.03
C VAL B 76 45.57 -24.86 -5.40
N ARG B 77 44.69 -25.44 -4.59
CA ARG B 77 43.27 -25.25 -4.77
C ARG B 77 43.05 -23.80 -4.49
N TRP B 78 42.17 -23.16 -5.27
CA TRP B 78 41.93 -21.72 -5.16
C TRP B 78 41.58 -21.23 -3.76
N PRO B 79 40.76 -21.99 -3.02
CA PRO B 79 40.44 -21.61 -1.63
C PRO B 79 41.64 -21.67 -0.69
N ASP B 80 42.65 -22.49 -1.03
CA ASP B 80 43.88 -22.50 -0.26
C ASP B 80 44.82 -21.38 -0.71
N PHE B 81 44.40 -20.53 -1.65
CA PHE B 81 45.32 -19.48 -2.17
C PHE B 81 45.36 -18.31 -1.25
N ASN B 82 46.54 -17.74 -1.03
CA ASN B 82 46.65 -16.63 -0.09
C ASN B 82 46.39 -15.26 -0.69
N GLN B 83 45.14 -14.88 -0.61
CA GLN B 83 44.69 -13.70 -1.25
C GLN B 83 45.26 -12.41 -0.60
N GLU B 84 45.40 -12.39 0.74
CA GLU B 84 45.89 -11.17 1.44
C GLU B 84 47.35 -10.94 1.03
N ALA B 85 48.13 -12.01 1.00
CA ALA B 85 49.51 -11.91 0.51
C ALA B 85 49.61 -11.42 -0.91
N TYR B 86 48.74 -11.91 -1.81
CA TYR B 86 48.90 -11.60 -3.23
C TYR B 86 48.61 -10.15 -3.46
N VAL B 87 47.49 -9.71 -2.92
CA VAL B 87 46.99 -8.38 -3.16
C VAL B 87 47.85 -7.30 -2.47
N GLY B 88 48.56 -7.67 -1.40
CA GLY B 88 49.48 -6.74 -0.74
C GLY B 88 50.76 -6.60 -1.53
N GLY B 89 51.43 -5.46 -1.37
CA GLY B 89 52.67 -5.22 -2.11
C GLY B 89 52.44 -4.60 -3.47
N THR B 90 51.16 -4.51 -3.88
CA THR B 90 50.73 -3.66 -4.99
C THR B 90 49.33 -3.05 -4.67
N MET B 91 49.31 -2.14 -3.68
CA MET B 91 48.06 -1.68 -3.04
C MET B 91 48.05 -0.15 -2.84
N VAL B 92 46.88 0.48 -2.97
CA VAL B 92 46.77 1.97 -2.95
C VAL B 92 47.34 2.54 -1.64
N ARG B 93 48.27 3.50 -1.75
CA ARG B 93 49.12 3.89 -0.62
C ARG B 93 48.74 5.19 0.12
N SER B 94 47.95 5.04 1.19
CA SER B 94 47.76 6.08 2.21
C SER B 94 47.18 7.39 1.67
N GLY B 95 46.13 7.30 0.86
CA GLY B 95 45.50 8.49 0.26
C GLY B 95 46.05 8.87 -1.11
N GLN B 96 46.78 7.97 -1.76
CA GLN B 96 47.06 8.10 -3.19
C GLN B 96 45.76 7.79 -3.91
N ASP B 97 45.55 8.45 -5.03
CA ASP B 97 44.31 8.33 -5.80
C ASP B 97 44.03 6.86 -6.21
N PRO B 98 43.01 6.22 -5.62
CA PRO B 98 42.69 4.83 -6.00
C PRO B 98 42.42 4.64 -7.50
N TYR B 99 41.88 5.68 -8.12
CA TYR B 99 41.48 5.67 -9.53
C TYR B 99 42.62 5.86 -10.49
N ALA B 100 43.74 6.44 -10.04
CA ALA B 100 44.82 6.82 -10.96
C ALA B 100 45.42 5.56 -11.59
N ARG B 101 45.36 4.46 -10.86
CA ARG B 101 46.04 3.23 -11.27
C ARG B 101 45.37 2.50 -12.45
N ASN B 102 44.03 2.49 -12.51
CA ASN B 102 43.31 1.89 -13.64
C ASN B 102 41.86 2.35 -13.86
N LYS B 103 41.59 3.61 -13.55
CA LYS B 103 40.29 4.23 -13.80
C LYS B 103 39.12 3.53 -13.07
N PHE B 104 39.41 2.77 -12.02
CA PHE B 104 38.37 2.34 -11.10
C PHE B 104 38.89 2.36 -9.65
N ASN B 105 37.97 2.36 -8.71
CA ASN B 105 38.36 2.59 -7.32
C ASN B 105 39.14 1.39 -6.77
N GLN B 106 40.46 1.43 -6.85
CA GLN B 106 41.23 0.27 -6.35
C GLN B 106 41.05 -0.06 -4.84
N VAL B 107 40.86 0.95 -4.02
CA VAL B 107 40.66 0.69 -2.61
C VAL B 107 39.39 -0.15 -2.42
N GLU B 108 38.34 0.17 -3.15
CA GLU B 108 37.10 -0.63 -3.06
C GLU B 108 37.28 -2.06 -3.62
N SER B 109 38.03 -2.21 -4.71
CA SER B 109 38.32 -3.54 -5.27
C SER B 109 39.08 -4.38 -4.32
N ASP B 110 40.13 -3.82 -3.76
CA ASP B 110 40.92 -4.51 -2.77
C ASP B 110 40.13 -4.97 -1.49
N LYS B 111 39.06 -4.28 -1.12
CA LYS B 111 38.32 -4.68 0.10
C LYS B 111 37.61 -6.03 -0.06
N LEU B 112 37.18 -6.28 -1.29
CA LEU B 112 36.41 -7.45 -1.61
C LEU B 112 37.20 -8.72 -1.42
N ARG B 113 36.52 -9.75 -0.93
CA ARG B 113 37.04 -11.08 -0.94
C ARG B 113 37.09 -11.64 -2.38
N MET B 114 38.03 -12.55 -2.64
CA MET B 114 38.25 -13.09 -3.97
C MET B 114 37.08 -13.85 -4.54
N ASP B 115 36.28 -14.44 -3.66
CA ASP B 115 35.04 -15.09 -4.04
C ASP B 115 33.81 -14.43 -3.40
N ARG B 116 33.79 -13.10 -3.38
CA ARG B 116 32.70 -12.35 -2.76
C ARG B 116 31.39 -12.70 -3.43
N ALA B 117 30.34 -12.69 -2.63
CA ALA B 117 29.02 -13.08 -3.05
C ALA B 117 28.43 -11.99 -3.93
N ILE B 118 27.61 -12.37 -4.91
CA ILE B 118 27.06 -11.36 -5.83
C ILE B 118 25.64 -11.80 -6.03
N PRO B 119 24.74 -10.87 -6.30
CA PRO B 119 23.37 -11.30 -6.51
C PRO B 119 23.23 -12.05 -7.81
N ASP B 120 22.27 -12.96 -7.84
CA ASP B 120 21.90 -13.74 -8.98
C ASP B 120 20.92 -12.89 -9.82
N THR B 121 21.36 -12.36 -10.95
CA THR B 121 20.64 -11.38 -11.72
C THR B 121 19.90 -12.07 -12.83
N ARG B 122 19.96 -13.41 -12.90
CA ARG B 122 19.25 -14.12 -13.93
C ARG B 122 17.70 -14.04 -13.83
N HIS B 123 17.04 -14.15 -14.96
CA HIS B 123 15.62 -14.40 -15.04
C HIS B 123 15.26 -15.67 -14.29
N ASP B 124 14.06 -15.70 -13.74
CA ASP B 124 13.72 -16.79 -12.85
C ASP B 124 13.47 -18.08 -13.57
N GLN B 125 13.16 -18.02 -14.85
CA GLN B 125 13.17 -19.23 -15.69
C GLN B 125 14.57 -19.87 -15.74
N CYS B 126 15.62 -19.09 -15.63
CA CYS B 126 16.94 -19.69 -15.67
C CYS B 126 17.22 -20.74 -14.53
N GLN B 127 16.54 -20.57 -13.39
CA GLN B 127 16.83 -21.32 -12.14
C GLN B 127 16.61 -22.79 -12.31
N ARG B 128 15.78 -23.16 -13.26
CA ARG B 128 15.29 -24.53 -13.22
C ARG B 128 15.99 -25.41 -14.24
N LYS B 129 16.80 -24.81 -15.11
CA LYS B 129 17.41 -25.55 -16.20
C LYS B 129 18.38 -26.59 -15.68
N GLN B 130 18.39 -27.70 -16.42
CA GLN B 130 19.27 -28.84 -16.23
C GLN B 130 20.31 -28.76 -17.33
N TRP B 131 21.55 -29.20 -17.08
CA TRP B 131 22.58 -29.10 -18.12
C TRP B 131 23.30 -30.46 -18.35
N ARG B 132 23.32 -30.91 -19.59
CA ARG B 132 24.07 -32.11 -20.01
C ARG B 132 25.48 -32.23 -19.43
N VAL B 133 25.86 -33.44 -19.00
CA VAL B 133 27.17 -33.62 -18.35
C VAL B 133 28.27 -33.58 -19.41
N ASP B 134 27.87 -33.87 -20.65
CA ASP B 134 28.81 -34.07 -21.76
C ASP B 134 28.89 -32.86 -22.69
N LEU B 135 28.43 -31.70 -22.23
CA LEU B 135 28.89 -30.45 -22.85
C LEU B 135 30.39 -30.45 -22.98
N PRO B 136 30.89 -29.82 -24.03
CA PRO B 136 32.32 -29.77 -24.26
C PRO B 136 33.03 -28.82 -23.30
N ALA B 137 34.19 -29.21 -22.81
CA ALA B 137 35.05 -28.38 -21.99
C ALA B 137 35.67 -27.19 -22.75
N THR B 138 36.04 -26.18 -21.98
CA THR B 138 36.53 -24.97 -22.54
C THR B 138 37.82 -24.60 -21.91
N SER B 139 38.63 -23.99 -22.75
CA SER B 139 39.81 -23.23 -22.35
C SER B 139 39.50 -21.77 -22.20
N VAL B 140 39.67 -21.24 -20.99
CA VAL B 140 39.28 -19.86 -20.78
C VAL B 140 40.51 -18.99 -20.99
N VAL B 141 40.42 -17.94 -21.81
CA VAL B 141 41.57 -17.10 -22.05
C VAL B 141 41.30 -15.64 -21.51
N ILE B 142 42.19 -15.16 -20.69
CA ILE B 142 42.08 -13.86 -20.07
C ILE B 142 43.43 -13.24 -20.31
N THR B 143 43.39 -12.04 -20.84
CA THR B 143 44.52 -11.29 -21.32
C THR B 143 44.51 -10.02 -20.44
N PHE B 144 45.68 -9.51 -20.08
CA PHE B 144 45.70 -8.29 -19.28
C PHE B 144 47.01 -7.51 -19.39
N HIS B 145 46.94 -6.20 -19.18
CA HIS B 145 48.12 -5.34 -19.06
C HIS B 145 47.99 -4.48 -17.83
N ASN B 146 48.77 -4.76 -16.79
CA ASN B 146 48.70 -3.97 -15.56
C ASN B 146 47.31 -3.87 -14.97
N GLU B 147 46.73 -5.03 -14.73
CA GLU B 147 45.40 -5.13 -14.18
C GLU B 147 45.59 -5.15 -12.69
N ALA B 148 44.60 -4.68 -11.95
CA ALA B 148 44.72 -4.71 -10.51
C ALA B 148 44.63 -6.14 -9.97
N ARG B 149 45.51 -6.47 -9.07
CA ARG B 149 45.58 -7.82 -8.57
C ARG B 149 44.26 -8.30 -7.97
N SER B 150 43.52 -7.44 -7.27
CA SER B 150 42.33 -7.94 -6.61
C SER B 150 41.29 -8.33 -7.70
N ALA B 151 41.24 -7.53 -8.76
CA ALA B 151 40.32 -7.74 -9.87
C ALA B 151 40.68 -8.97 -10.73
N LEU B 152 41.96 -9.16 -10.96
CA LEU B 152 42.43 -10.21 -11.81
C LEU B 152 42.18 -11.52 -11.08
N LEU B 153 42.47 -11.56 -9.79
CA LEU B 153 42.27 -12.75 -9.00
C LEU B 153 40.79 -13.07 -8.88
N ARG B 154 39.98 -12.05 -8.66
CA ARG B 154 38.57 -12.26 -8.54
C ARG B 154 37.99 -12.80 -9.88
N THR B 155 38.55 -12.36 -10.99
CA THR B 155 38.10 -12.96 -12.28
C THR B 155 38.37 -14.45 -12.36
N VAL B 156 39.59 -14.81 -11.97
CA VAL B 156 40.01 -16.20 -12.05
C VAL B 156 39.24 -17.00 -11.09
N VAL B 157 39.12 -16.50 -9.85
CA VAL B 157 38.38 -17.32 -8.90
C VAL B 157 36.92 -17.43 -9.28
N SER B 158 36.33 -16.39 -9.87
CA SER B 158 34.97 -16.52 -10.28
C SER B 158 34.77 -17.60 -11.32
N VAL B 159 35.66 -17.68 -12.25
CA VAL B 159 35.61 -18.79 -13.20
C VAL B 159 35.67 -20.16 -12.51
N LEU B 160 36.61 -20.31 -11.58
CA LEU B 160 36.79 -21.60 -10.96
C LEU B 160 35.66 -21.91 -10.05
N LYS B 161 35.08 -20.91 -9.42
CA LYS B 161 34.09 -21.21 -8.42
C LYS B 161 32.73 -21.40 -9.05
N LYS B 162 32.39 -20.62 -10.07
CA LYS B 162 31.05 -20.71 -10.65
C LYS B 162 30.88 -21.69 -11.85
N SER B 163 31.96 -22.31 -12.29
CA SER B 163 31.91 -23.23 -13.44
C SER B 163 32.10 -24.68 -12.94
N PRO B 164 31.33 -25.61 -13.47
CA PRO B 164 31.56 -27.01 -13.08
C PRO B 164 32.97 -27.41 -13.44
N PRO B 165 33.73 -27.96 -12.50
CA PRO B 165 35.15 -28.27 -12.75
C PRO B 165 35.44 -29.01 -14.04
N HIS B 166 34.62 -30.00 -14.39
CA HIS B 166 34.88 -30.80 -15.59
C HIS B 166 34.77 -29.96 -16.89
N LEU B 167 34.17 -28.78 -16.80
CA LEU B 167 34.03 -27.95 -17.99
C LEU B 167 35.12 -26.95 -18.12
N ILE B 168 35.97 -26.82 -17.10
CA ILE B 168 37.09 -25.94 -17.23
C ILE B 168 38.33 -26.81 -17.51
N LYS B 169 38.74 -26.88 -18.77
CA LYS B 169 39.98 -27.64 -19.12
C LYS B 169 41.10 -26.89 -18.52
N GLU B 170 41.08 -25.58 -18.68
CA GLU B 170 42.19 -24.74 -18.18
C GLU B 170 41.83 -23.24 -18.23
N ILE B 171 42.63 -22.43 -17.55
CA ILE B 171 42.55 -20.97 -17.65
C ILE B 171 43.88 -20.42 -18.09
N ILE B 172 43.93 -19.85 -19.29
CA ILE B 172 45.15 -19.30 -19.84
C ILE B 172 45.14 -17.81 -19.67
N LEU B 173 46.06 -17.35 -18.87
CA LEU B 173 46.36 -15.98 -18.63
C LEU B 173 47.50 -15.55 -19.52
N VAL B 174 47.22 -14.52 -20.34
CA VAL B 174 48.24 -13.86 -21.18
C VAL B 174 48.61 -12.51 -20.64
N ASP B 175 49.76 -12.49 -19.99
CA ASP B 175 50.26 -11.26 -19.39
C ASP B 175 50.84 -10.44 -20.50
N ASP B 176 50.13 -9.41 -20.91
CA ASP B 176 50.60 -8.62 -22.02
C ASP B 176 51.63 -7.61 -21.51
N TYR B 177 52.81 -8.10 -21.11
CA TYR B 177 53.90 -7.17 -20.77
C TYR B 177 53.49 -6.19 -19.65
N SER B 178 52.82 -6.73 -18.65
CA SER B 178 52.60 -6.05 -17.38
C SER B 178 53.95 -5.66 -16.79
N ASN B 179 53.99 -4.55 -16.08
CA ASN B 179 55.28 -4.12 -15.56
C ASN B 179 55.76 -5.00 -14.44
N ASP B 180 54.87 -5.49 -13.60
CA ASP B 180 55.29 -6.47 -12.62
C ASP B 180 54.88 -7.87 -13.06
N PRO B 181 55.83 -8.66 -13.59
CA PRO B 181 55.45 -9.99 -14.05
C PRO B 181 54.87 -10.93 -12.98
N GLU B 182 55.08 -10.59 -11.70
CA GLU B 182 54.53 -11.37 -10.62
C GLU B 182 53.03 -11.32 -10.55
N ASP B 183 52.43 -10.27 -11.09
CA ASP B 183 50.98 -10.17 -11.15
C ASP B 183 50.39 -11.47 -11.67
N GLY B 184 50.95 -11.95 -12.78
CA GLY B 184 50.51 -13.17 -13.40
C GLY B 184 51.19 -14.38 -12.84
N ALA B 185 52.49 -14.25 -12.59
CA ALA B 185 53.29 -15.41 -12.22
C ALA B 185 52.79 -16.04 -10.93
N LEU B 186 52.45 -15.23 -9.96
CA LEU B 186 51.92 -15.79 -8.71
C LEU B 186 50.59 -16.58 -8.89
N LEU B 187 49.74 -16.21 -9.87
CA LEU B 187 48.48 -16.92 -10.09
C LEU B 187 48.71 -18.26 -10.73
N GLY B 188 49.90 -18.40 -11.32
CA GLY B 188 50.33 -19.68 -11.91
C GLY B 188 50.39 -20.89 -11.00
N LYS B 189 50.42 -20.64 -9.70
CA LYS B 189 50.33 -21.69 -8.72
C LYS B 189 48.95 -22.32 -8.59
N ILE B 190 47.90 -21.59 -8.95
CA ILE B 190 46.54 -22.07 -8.75
C ILE B 190 46.21 -23.19 -9.76
N GLU B 191 45.54 -24.22 -9.26
CA GLU B 191 44.92 -25.26 -10.07
C GLU B 191 44.35 -24.70 -11.39
N LYS B 192 44.70 -25.38 -12.48
CA LYS B 192 44.22 -25.09 -13.85
C LYS B 192 44.75 -23.80 -14.50
N VAL B 193 45.53 -23.01 -13.79
CA VAL B 193 45.94 -21.72 -14.33
C VAL B 193 47.30 -21.87 -15.08
N ARG B 194 47.34 -21.47 -16.36
CA ARG B 194 48.53 -21.51 -17.17
C ARG B 194 48.88 -20.11 -17.50
N VAL B 195 50.09 -19.67 -17.14
CA VAL B 195 50.50 -18.31 -17.48
C VAL B 195 51.52 -18.15 -18.58
N LEU B 196 51.23 -17.21 -19.50
CA LEU B 196 52.02 -16.87 -20.64
C LEU B 196 52.32 -15.44 -20.48
N ARG B 197 53.52 -15.09 -20.87
CA ARG B 197 53.96 -13.75 -20.76
C ARG B 197 54.50 -13.31 -22.11
N ASN B 198 54.07 -12.12 -22.54
CA ASN B 198 54.49 -11.50 -23.79
C ASN B 198 55.69 -10.70 -23.44
N ASP B 199 56.74 -10.88 -24.25
CA ASP B 199 57.98 -10.13 -24.10
C ASP B 199 57.89 -8.67 -24.58
N ARG B 200 56.87 -8.29 -25.35
CA ARG B 200 56.59 -6.83 -25.53
C ARG B 200 55.10 -6.51 -25.53
N ARG B 201 54.73 -5.25 -25.42
CA ARG B 201 53.32 -4.93 -25.46
C ARG B 201 52.78 -5.39 -26.81
N GLU B 202 51.79 -6.28 -26.83
CA GLU B 202 51.22 -6.79 -28.09
C GLU B 202 49.76 -6.36 -28.38
N GLY B 203 49.05 -5.93 -27.35
CA GLY B 203 47.62 -5.72 -27.46
C GLY B 203 46.80 -6.97 -27.23
N LEU B 204 45.55 -6.68 -26.89
CA LEU B 204 44.53 -7.63 -26.56
C LEU B 204 44.31 -8.66 -27.64
N MET B 205 44.08 -8.22 -28.90
CA MET B 205 43.80 -9.18 -30.00
C MET B 205 44.98 -10.17 -30.30
N ARG B 206 46.19 -9.65 -30.35
CA ARG B 206 47.35 -10.47 -30.57
C ARG B 206 47.53 -11.44 -29.42
N SER B 207 47.34 -10.95 -28.21
CA SER B 207 47.51 -11.75 -27.04
C SER B 207 46.48 -12.85 -26.98
N ARG B 208 45.27 -12.52 -27.42
CA ARG B 208 44.20 -13.51 -27.48
C ARG B 208 44.52 -14.62 -28.48
N VAL B 209 45.11 -14.25 -29.60
CA VAL B 209 45.49 -15.27 -30.55
C VAL B 209 46.57 -16.15 -29.91
N ARG B 210 47.47 -15.57 -29.15
CA ARG B 210 48.54 -16.42 -28.54
C ARG B 210 47.92 -17.34 -27.48
N GLY B 211 46.90 -16.84 -26.73
CA GLY B 211 46.30 -17.66 -25.73
C GLY B 211 45.54 -18.78 -26.39
N ALA B 212 44.78 -18.45 -27.43
CA ALA B 212 44.01 -19.47 -28.14
C ALA B 212 44.86 -20.54 -28.74
N ASP B 213 46.08 -20.15 -29.17
CA ASP B 213 47.04 -21.07 -29.76
C ASP B 213 47.45 -22.15 -28.76
N ALA B 214 47.38 -21.84 -27.46
CA ALA B 214 47.89 -22.79 -26.47
C ALA B 214 46.75 -23.66 -25.96
N ALA B 215 45.53 -23.38 -26.40
CA ALA B 215 44.39 -24.01 -25.80
C ALA B 215 44.35 -25.45 -26.14
N GLN B 216 43.97 -26.25 -25.18
CA GLN B 216 43.82 -27.66 -25.38
C GLN B 216 42.36 -28.06 -25.62
N ALA B 217 41.38 -27.26 -25.23
CA ALA B 217 39.98 -27.67 -25.36
C ALA B 217 39.39 -27.41 -26.74
N LYS B 218 38.22 -27.92 -27.02
CA LYS B 218 37.62 -27.73 -28.35
C LYS B 218 36.93 -26.32 -28.46
N VAL B 219 36.69 -25.66 -27.35
CA VAL B 219 35.90 -24.40 -27.22
C VAL B 219 36.68 -23.38 -26.45
N LEU B 220 36.74 -22.17 -27.00
CA LEU B 220 37.47 -21.08 -26.39
C LEU B 220 36.46 -20.18 -25.63
N THR B 221 36.81 -19.70 -24.46
CA THR B 221 36.02 -18.70 -23.75
C THR B 221 36.97 -17.55 -23.49
N PHE B 222 36.66 -16.36 -24.01
CA PHE B 222 37.39 -15.14 -23.70
C PHE B 222 36.65 -14.29 -22.70
N LEU B 223 37.40 -13.81 -21.70
CA LEU B 223 36.97 -12.86 -20.68
C LEU B 223 38.01 -11.77 -20.52
N ASP B 224 37.60 -10.58 -19.99
CA ASP B 224 38.45 -9.43 -19.68
C ASP B 224 38.97 -9.73 -18.34
N SER B 225 39.93 -8.95 -17.88
CA SER B 225 40.58 -9.28 -16.59
C SER B 225 39.87 -8.61 -15.39
N HIS B 226 38.68 -8.07 -15.62
CA HIS B 226 37.94 -7.43 -14.52
C HIS B 226 36.49 -7.83 -14.62
N CYS B 227 36.23 -9.14 -14.45
CA CYS B 227 34.89 -9.70 -14.62
C CYS B 227 34.56 -10.55 -13.42
N GLU B 228 33.27 -10.84 -13.21
CA GLU B 228 32.87 -11.75 -12.13
C GLU B 228 31.72 -12.57 -12.65
N CYS B 229 32.01 -13.82 -12.92
CA CYS B 229 31.01 -14.74 -13.43
C CYS B 229 29.89 -15.02 -12.41
N ASN B 230 28.67 -15.19 -12.89
CA ASN B 230 27.53 -15.47 -12.03
C ASN B 230 27.16 -16.96 -12.07
N GLU B 231 26.11 -17.32 -11.36
CA GLU B 231 25.62 -18.69 -11.29
C GLU B 231 25.25 -19.31 -12.62
N HIS B 232 25.77 -20.52 -12.83
CA HIS B 232 25.64 -21.24 -14.10
C HIS B 232 25.77 -20.39 -15.36
N TRP B 233 26.81 -19.58 -15.38
CA TRP B 233 27.03 -18.67 -16.47
C TRP B 233 27.53 -19.45 -17.71
N LEU B 234 28.19 -20.59 -17.48
CA LEU B 234 28.96 -21.17 -18.61
C LEU B 234 28.13 -22.15 -19.44
N GLU B 235 27.35 -23.00 -18.76
CA GLU B 235 26.61 -24.05 -19.46
C GLU B 235 25.75 -23.46 -20.57
N PRO B 236 25.04 -22.33 -20.30
CA PRO B 236 24.17 -21.86 -21.39
C PRO B 236 24.96 -21.51 -22.65
N LEU B 237 26.16 -21.01 -22.48
CA LEU B 237 27.01 -20.60 -23.59
C LEU B 237 27.52 -21.82 -24.33
N LEU B 238 28.02 -22.81 -23.58
CA LEU B 238 28.52 -24.04 -24.21
C LEU B 238 27.44 -24.82 -24.96
N GLU B 239 26.24 -24.90 -24.39
CA GLU B 239 25.17 -25.60 -25.03
C GLU B 239 24.86 -25.02 -26.46
N ARG B 240 24.96 -23.70 -26.62
CA ARG B 240 24.75 -23.09 -27.94
C ARG B 240 25.80 -23.50 -28.96
N VAL B 241 27.06 -23.44 -28.55
CA VAL B 241 28.08 -23.71 -29.50
C VAL B 241 28.20 -25.22 -29.71
N ALA B 242 27.85 -26.03 -28.71
CA ALA B 242 27.91 -27.49 -28.96
C ALA B 242 26.94 -27.86 -30.03
N GLU B 243 25.81 -27.17 -30.08
CA GLU B 243 24.75 -27.51 -31.00
C GLU B 243 25.05 -27.03 -32.42
N ASP B 244 25.65 -25.84 -32.52
CA ASP B 244 26.02 -25.32 -33.81
C ASP B 244 27.24 -24.49 -33.63
N ARG B 245 28.31 -25.00 -34.17
CA ARG B 245 29.63 -24.47 -33.94
C ARG B 245 29.91 -23.12 -34.65
N THR B 246 29.00 -22.61 -35.50
CA THR B 246 29.18 -21.30 -36.16
C THR B 246 28.53 -20.17 -35.32
N ARG B 247 28.02 -20.48 -34.14
CA ARG B 247 27.46 -19.47 -33.23
C ARG B 247 28.54 -18.93 -32.33
N VAL B 248 28.67 -17.60 -32.25
CA VAL B 248 29.64 -16.91 -31.35
C VAL B 248 28.79 -16.23 -30.30
N VAL B 249 28.86 -16.68 -29.04
CA VAL B 249 27.81 -16.34 -28.05
C VAL B 249 28.43 -15.58 -26.88
N SER B 250 27.62 -14.70 -26.27
CA SER B 250 28.02 -13.79 -25.19
C SER B 250 27.03 -13.83 -24.08
N PRO B 251 27.47 -13.64 -22.83
CA PRO B 251 26.49 -13.46 -21.79
C PRO B 251 25.92 -12.05 -21.83
N ILE B 252 24.83 -11.88 -21.10
CA ILE B 252 24.44 -10.52 -20.63
C ILE B 252 25.55 -10.09 -19.70
N ILE B 253 26.07 -8.91 -19.98
CA ILE B 253 27.11 -8.31 -19.22
C ILE B 253 26.51 -7.34 -18.15
N ASP B 254 26.50 -7.82 -16.92
CA ASP B 254 26.12 -7.05 -15.74
C ASP B 254 27.18 -5.97 -15.44
N VAL B 255 26.72 -4.94 -14.71
CA VAL B 255 27.56 -3.82 -14.42
C VAL B 255 28.13 -3.95 -13.03
N ILE B 256 29.42 -3.68 -12.89
CA ILE B 256 30.09 -3.67 -11.61
C ILE B 256 30.57 -2.26 -11.50
N ASN B 257 29.99 -1.50 -10.58
CA ASN B 257 30.24 -0.04 -10.57
C ASN B 257 31.68 0.29 -10.29
N MET B 258 32.27 1.18 -11.07
CA MET B 258 33.71 1.49 -10.96
C MET B 258 34.13 2.23 -9.69
N ASP B 259 33.17 2.86 -8.99
CA ASP B 259 33.42 3.53 -7.70
C ASP B 259 33.12 2.66 -6.48
N ASN B 260 31.95 2.02 -6.44
CA ASN B 260 31.57 1.23 -5.25
C ASN B 260 31.61 -0.32 -5.43
N PHE B 261 31.70 -0.79 -6.66
CA PHE B 261 31.93 -2.22 -6.94
C PHE B 261 30.70 -3.02 -6.64
N GLN B 262 29.59 -2.33 -6.47
CA GLN B 262 28.37 -3.03 -6.40
C GLN B 262 28.12 -3.70 -7.74
N TYR B 263 27.57 -4.89 -7.66
CA TYR B 263 27.27 -5.64 -8.83
C TYR B 263 25.79 -5.38 -9.20
N VAL B 264 25.53 -4.92 -10.42
CA VAL B 264 24.22 -4.46 -10.77
C VAL B 264 23.74 -5.16 -11.97
N GLY B 265 22.53 -5.68 -11.91
CA GLY B 265 21.90 -6.43 -12.99
C GLY B 265 21.60 -5.57 -14.18
N ALA B 266 22.16 -5.96 -15.34
CA ALA B 266 21.91 -5.26 -16.59
C ALA B 266 20.57 -5.57 -17.21
N SER B 267 20.14 -4.70 -18.12
CA SER B 267 18.95 -5.02 -18.86
C SER B 267 19.26 -6.20 -19.77
N ALA B 268 18.20 -6.97 -20.03
CA ALA B 268 18.14 -8.08 -20.92
C ALA B 268 17.40 -7.77 -22.22
N ASP B 269 17.03 -6.52 -22.45
CA ASP B 269 16.30 -6.15 -23.64
C ASP B 269 17.21 -5.51 -24.66
N LEU B 270 18.53 -5.66 -24.53
CA LEU B 270 19.43 -4.93 -25.40
C LEU B 270 20.00 -5.76 -26.56
N LYS B 271 20.37 -5.07 -27.63
CA LYS B 271 21.20 -5.65 -28.68
C LYS B 271 22.39 -4.71 -28.81
N GLY B 272 23.51 -5.25 -29.29
CA GLY B 272 24.73 -4.52 -29.60
C GLY B 272 24.55 -3.85 -30.96
N GLY B 273 25.18 -2.71 -31.14
CA GLY B 273 25.12 -2.00 -32.39
C GLY B 273 26.16 -0.92 -32.45
N PHE B 274 25.98 0.00 -33.39
CA PHE B 274 26.89 1.09 -33.61
C PHE B 274 26.27 2.20 -34.48
N ASP B 275 26.96 3.30 -34.48
CA ASP B 275 26.70 4.41 -35.34
C ASP B 275 27.76 4.46 -36.40
N TRP B 276 27.60 5.39 -37.34
CA TRP B 276 28.51 5.42 -38.47
C TRP B 276 29.91 5.81 -38.15
N ASN B 277 30.11 6.43 -36.98
CA ASN B 277 31.45 6.64 -36.48
C ASN B 277 32.10 5.36 -35.94
N LEU B 278 31.39 4.25 -36.06
CA LEU B 278 31.86 2.94 -35.59
C LEU B 278 32.12 2.79 -34.09
N VAL B 279 31.46 3.60 -33.26
CA VAL B 279 31.51 3.42 -31.79
C VAL B 279 30.34 2.50 -31.33
N PHE B 280 30.71 1.50 -30.56
CA PHE B 280 29.80 0.49 -30.14
C PHE B 280 28.74 1.12 -29.22
N LYS B 281 27.48 0.72 -29.33
CA LYS B 281 26.50 1.15 -28.32
C LYS B 281 25.49 0.08 -28.12
N TRP B 282 24.79 0.09 -26.99
CA TRP B 282 23.66 -0.77 -26.79
C TRP B 282 22.40 -0.03 -27.28
N ASP B 283 21.41 -0.76 -27.80
CA ASP B 283 20.16 -0.15 -28.30
C ASP B 283 19.12 -1.11 -27.72
N TYR B 284 18.02 -0.62 -27.19
CA TYR B 284 16.91 -1.54 -26.87
C TYR B 284 16.41 -2.20 -28.11
N MET B 285 15.93 -3.42 -27.95
CA MET B 285 15.13 -4.08 -28.94
C MET B 285 13.86 -3.28 -29.25
N THR B 286 13.32 -3.49 -30.44
CA THR B 286 12.13 -2.78 -30.85
C THR B 286 10.90 -3.36 -30.16
N PRO B 287 9.79 -2.59 -30.18
CA PRO B 287 8.57 -3.08 -29.58
C PRO B 287 8.17 -4.37 -30.20
N GLU B 288 8.37 -4.50 -31.52
CA GLU B 288 7.99 -5.75 -32.20
C GLU B 288 8.89 -6.93 -31.78
N GLN B 289 10.19 -6.68 -31.73
CA GLN B 289 11.13 -7.77 -31.32
C GLN B 289 10.74 -8.23 -29.92
N ARG B 290 10.58 -7.28 -29.03
CA ARG B 290 10.13 -7.54 -27.66
C ARG B 290 8.85 -8.33 -27.65
N ARG B 291 7.88 -7.84 -28.43
CA ARG B 291 6.60 -8.58 -28.54
C ARG B 291 6.85 -10.03 -28.93
N SER B 292 7.71 -10.22 -29.94
CA SER B 292 7.93 -11.58 -30.46
C SER B 292 8.58 -12.54 -29.45
N ARG B 293 9.20 -12.03 -28.40
CA ARG B 293 9.91 -12.93 -27.46
C ARG B 293 9.10 -13.25 -26.18
N GLN B 294 7.94 -12.61 -26.05
CA GLN B 294 7.16 -12.66 -24.82
C GLN B 294 6.91 -14.14 -24.46
N GLY B 295 6.71 -14.99 -25.46
CA GLY B 295 6.56 -16.44 -25.22
C GLY B 295 7.74 -17.14 -24.54
N ASN B 296 8.97 -16.66 -24.81
CA ASN B 296 10.21 -17.28 -24.26
C ASN B 296 11.28 -16.18 -24.08
N PRO B 297 11.18 -15.44 -22.99
CA PRO B 297 12.02 -14.31 -22.72
C PRO B 297 13.47 -14.66 -22.46
N VAL B 298 13.82 -15.93 -22.32
CA VAL B 298 15.24 -16.30 -22.22
C VAL B 298 15.83 -17.00 -23.47
N ALA B 299 15.10 -16.94 -24.57
CA ALA B 299 15.64 -17.29 -25.86
C ALA B 299 16.93 -16.49 -26.20
N PRO B 300 17.83 -17.10 -26.99
CA PRO B 300 18.96 -16.43 -27.53
C PRO B 300 18.52 -15.14 -28.24
N ILE B 301 19.36 -14.12 -28.17
CA ILE B 301 19.09 -12.85 -28.85
C ILE B 301 20.19 -12.65 -29.89
N LYS B 302 19.81 -12.66 -31.19
CA LYS B 302 20.75 -12.36 -32.26
C LYS B 302 21.16 -10.92 -32.17
N THR B 303 22.43 -10.67 -32.38
CA THR B 303 22.95 -9.36 -32.19
C THR B 303 23.91 -9.02 -33.33
N PRO B 304 23.75 -7.80 -33.91
CA PRO B 304 24.62 -7.31 -34.98
C PRO B 304 26.09 -7.21 -34.59
N MET B 305 26.32 -6.98 -33.31
CA MET B 305 27.66 -6.81 -32.79
C MET B 305 27.75 -7.27 -31.34
N ILE B 306 28.90 -7.86 -30.96
CA ILE B 306 29.17 -8.19 -29.54
C ILE B 306 29.96 -7.08 -28.89
N ALA B 307 29.81 -6.85 -27.60
CA ALA B 307 30.69 -5.91 -26.90
C ALA B 307 32.13 -6.22 -27.15
N GLY B 308 32.45 -7.51 -27.17
CA GLY B 308 33.79 -7.92 -27.66
C GLY B 308 34.72 -8.51 -26.61
N GLY B 309 34.55 -8.08 -25.39
CA GLY B 309 35.32 -8.57 -24.29
C GLY B 309 34.98 -9.97 -23.81
N LEU B 310 33.72 -10.38 -23.94
CA LEU B 310 33.31 -11.66 -23.39
C LEU B 310 32.52 -12.48 -24.37
N PHE B 311 33.06 -13.64 -24.77
CA PHE B 311 32.34 -14.52 -25.65
C PHE B 311 32.95 -15.91 -25.70
N VAL B 312 32.20 -16.81 -26.28
CA VAL B 312 32.57 -18.21 -26.38
C VAL B 312 32.46 -18.54 -27.83
N MET B 313 33.44 -19.31 -28.26
CA MET B 313 33.54 -19.65 -29.67
C MET B 313 34.23 -21.00 -29.85
N ASP B 314 33.68 -21.81 -30.71
CA ASP B 314 34.29 -23.08 -31.07
C ASP B 314 35.74 -22.81 -31.50
N LYS B 315 36.72 -23.56 -31.00
CA LYS B 315 38.13 -23.25 -31.22
C LYS B 315 38.50 -23.39 -32.68
N PHE B 316 37.99 -24.46 -33.31
CA PHE B 316 38.29 -24.70 -34.73
C PHE B 316 37.62 -23.64 -35.59
N TYR B 317 36.42 -23.21 -35.21
CA TYR B 317 35.73 -22.15 -35.95
C TYR B 317 36.52 -20.87 -35.85
N PHE B 318 36.98 -20.58 -34.64
CA PHE B 318 37.80 -19.37 -34.42
C PHE B 318 38.97 -19.34 -35.40
N GLU B 319 39.65 -20.48 -35.51
CA GLU B 319 40.81 -20.65 -36.38
C GLU B 319 40.46 -20.55 -37.82
N GLU B 320 39.49 -21.33 -38.29
CA GLU B 320 39.04 -21.31 -39.70
C GLU B 320 38.59 -19.98 -40.23
N LEU B 321 37.94 -19.20 -39.36
CA LEU B 321 37.40 -17.95 -39.75
C LEU B 321 38.44 -16.91 -39.76
N GLY B 322 39.62 -17.16 -39.22
CA GLY B 322 40.69 -16.14 -39.29
C GLY B 322 41.06 -15.51 -37.99
N LYS B 323 40.71 -16.15 -36.87
CA LYS B 323 41.25 -15.76 -35.57
C LYS B 323 40.88 -14.31 -35.24
N TYR B 324 41.88 -13.49 -34.99
CA TYR B 324 41.76 -12.07 -35.10
C TYR B 324 42.78 -11.58 -36.13
N ASP B 325 42.61 -10.33 -36.56
CA ASP B 325 43.54 -9.68 -37.47
C ASP B 325 44.83 -9.38 -36.71
N MET B 326 45.91 -10.10 -37.02
CA MET B 326 47.14 -10.01 -36.22
C MET B 326 47.84 -8.66 -36.33
N MET B 327 47.40 -7.82 -37.27
CA MET B 327 47.97 -6.47 -37.39
C MET B 327 47.25 -5.42 -36.57
N MET B 328 46.16 -5.80 -35.90
CA MET B 328 45.52 -4.87 -34.97
C MET B 328 46.49 -4.55 -33.85
N ASP B 329 46.49 -3.30 -33.41
CA ASP B 329 47.43 -2.81 -32.43
C ASP B 329 46.72 -2.70 -31.08
N VAL B 330 47.38 -2.09 -30.11
CA VAL B 330 46.87 -2.08 -28.78
C VAL B 330 45.56 -1.30 -28.59
N TRP B 331 45.13 -0.42 -29.51
CA TRP B 331 43.99 0.50 -29.22
C TRP B 331 42.61 0.02 -29.73
N GLY B 332 41.82 -0.66 -28.88
CA GLY B 332 40.48 -1.30 -29.19
C GLY B 332 40.03 -1.46 -30.64
N GLY B 333 38.76 -1.33 -30.93
CA GLY B 333 37.75 -2.02 -30.26
C GLY B 333 37.78 -3.40 -30.93
N GLU B 334 37.85 -4.42 -30.09
CA GLU B 334 37.85 -5.80 -30.53
C GLU B 334 36.47 -6.32 -30.95
N ASN B 335 35.45 -5.55 -30.68
CA ASN B 335 34.10 -5.83 -31.15
C ASN B 335 33.92 -5.87 -32.66
N LEU B 336 34.67 -5.04 -33.33
CA LEU B 336 34.28 -4.53 -34.65
C LEU B 336 34.56 -5.52 -35.79
N GLU B 337 35.85 -5.82 -36.02
CA GLU B 337 36.25 -6.68 -37.13
C GLU B 337 35.63 -8.06 -36.99
N ILE B 338 35.56 -8.56 -35.76
CA ILE B 338 35.12 -9.99 -35.60
C ILE B 338 33.65 -10.10 -35.81
N SER B 339 32.89 -9.06 -35.42
CA SER B 339 31.47 -9.10 -35.54
C SER B 339 31.07 -9.06 -37.00
N PHE B 340 31.69 -8.18 -37.77
CA PHE B 340 31.34 -8.11 -39.23
C PHE B 340 31.72 -9.44 -39.94
N ARG B 341 32.96 -9.88 -39.68
CA ARG B 341 33.43 -11.13 -40.29
C ARG B 341 32.54 -12.30 -39.98
N VAL B 342 32.19 -12.49 -38.69
CA VAL B 342 31.37 -13.64 -38.31
C VAL B 342 30.05 -13.62 -39.06
N TRP B 343 29.34 -12.49 -39.01
CA TRP B 343 28.09 -12.40 -39.76
C TRP B 343 28.29 -12.55 -41.28
N GLN B 344 29.21 -11.81 -41.86
CA GLN B 344 29.32 -11.84 -43.30
C GLN B 344 29.84 -13.17 -43.84
N CYS B 345 30.58 -13.89 -43.02
CA CYS B 345 31.17 -15.10 -43.47
C CYS B 345 30.35 -16.33 -43.06
N GLY B 346 29.17 -16.12 -42.53
CA GLY B 346 28.23 -17.22 -42.39
C GLY B 346 27.88 -17.69 -40.99
N GLY B 347 28.56 -17.14 -39.98
CA GLY B 347 28.22 -17.47 -38.61
C GLY B 347 27.15 -16.60 -38.07
N SER B 348 26.97 -16.66 -36.76
CA SER B 348 26.05 -15.75 -36.10
C SER B 348 26.55 -15.33 -34.74
N LEU B 349 25.99 -14.25 -34.24
CA LEU B 349 26.38 -13.67 -32.96
C LEU B 349 25.15 -13.64 -32.05
N GLU B 350 25.31 -14.00 -30.77
CA GLU B 350 24.16 -14.15 -29.91
C GLU B 350 24.50 -13.60 -28.55
N ILE B 351 23.48 -13.11 -27.85
CA ILE B 351 23.54 -12.83 -26.43
C ILE B 351 22.62 -13.82 -25.78
N ILE B 352 23.07 -14.40 -24.66
CA ILE B 352 22.41 -15.53 -24.07
C ILE B 352 21.90 -15.10 -22.68
N PRO B 353 20.59 -14.83 -22.54
CA PRO B 353 20.09 -14.23 -21.28
C PRO B 353 20.40 -14.98 -20.00
N CYS B 354 20.33 -16.31 -20.04
CA CYS B 354 20.63 -17.08 -18.85
C CYS B 354 22.07 -17.08 -18.41
N SER B 355 22.95 -16.47 -19.22
CA SER B 355 24.34 -16.34 -18.87
C SER B 355 24.60 -14.90 -18.46
N ARG B 356 25.09 -14.73 -17.24
CA ARG B 356 25.41 -13.49 -16.70
C ARG B 356 26.78 -13.43 -16.20
N VAL B 357 27.50 -12.40 -16.60
CA VAL B 357 28.81 -12.13 -16.08
C VAL B 357 28.93 -10.62 -15.83
N GLY B 358 29.44 -10.23 -14.66
CA GLY B 358 29.65 -8.84 -14.34
C GLY B 358 30.92 -8.36 -14.96
N HIS B 359 30.94 -7.08 -15.27
CA HIS B 359 32.12 -6.44 -15.82
C HIS B 359 32.25 -5.01 -15.24
N VAL B 360 33.45 -4.64 -14.82
CA VAL B 360 33.72 -3.29 -14.30
C VAL B 360 33.67 -2.30 -15.44
N PHE B 361 32.63 -1.51 -15.60
CA PHE B 361 32.69 -0.51 -16.72
C PHE B 361 33.31 0.73 -16.19
N ARG B 362 34.04 1.47 -17.01
CA ARG B 362 34.52 2.78 -16.54
C ARG B 362 34.64 3.86 -17.61
N LYS B 363 34.97 5.08 -17.16
CA LYS B 363 34.93 6.26 -18.01
C LYS B 363 36.25 6.48 -18.71
N THR B 375 43.52 10.15 -34.60
CA THR B 375 43.96 9.49 -33.37
C THR B 375 44.52 8.06 -33.61
N VAL B 376 45.16 7.48 -32.59
CA VAL B 376 45.14 6.00 -32.46
C VAL B 376 43.69 5.65 -32.16
N PHE B 377 43.32 4.40 -32.34
CA PHE B 377 41.90 4.01 -32.43
C PHE B 377 41.54 3.97 -33.90
N ALA B 378 41.91 5.02 -34.62
CA ALA B 378 41.53 5.07 -36.02
C ALA B 378 42.18 3.93 -36.74
N ARG B 379 43.42 3.60 -36.39
CA ARG B 379 44.09 2.55 -37.15
C ARG B 379 43.29 1.19 -37.22
N ASN B 380 43.00 0.61 -36.06
CA ASN B 380 42.25 -0.64 -36.04
C ASN B 380 40.87 -0.48 -36.77
N THR B 381 40.22 0.66 -36.58
CA THR B 381 38.88 0.84 -37.16
C THR B 381 38.92 0.85 -38.68
N ARG B 382 39.93 1.54 -39.22
CA ARG B 382 40.23 1.50 -40.67
C ARG B 382 40.50 0.09 -41.16
N ARG B 383 41.28 -0.67 -40.39
CA ARG B 383 41.57 -2.03 -40.81
C ARG B 383 40.33 -2.86 -40.97
N ALA B 384 39.37 -2.68 -40.05
CA ALA B 384 38.03 -3.26 -40.22
C ALA B 384 37.24 -2.64 -41.37
N ALA B 385 37.23 -1.33 -41.44
CA ALA B 385 36.33 -0.68 -42.44
C ALA B 385 36.78 -1.03 -43.86
N GLU B 386 38.08 -1.03 -44.11
CA GLU B 386 38.64 -1.23 -45.45
C GLU B 386 38.57 -2.68 -45.90
N VAL B 387 38.41 -3.60 -44.95
CA VAL B 387 38.31 -4.99 -45.34
C VAL B 387 36.88 -5.42 -45.52
N TRP B 388 35.99 -4.97 -44.64
CA TRP B 388 34.64 -5.55 -44.50
C TRP B 388 33.49 -4.70 -45.04
N MET B 389 33.65 -3.38 -45.07
CA MET B 389 32.50 -2.49 -45.26
C MET B 389 32.19 -2.14 -46.72
N ASP B 390 33.01 -2.59 -47.65
CA ASP B 390 32.83 -2.18 -49.05
C ASP B 390 32.69 -0.62 -49.14
N GLU B 391 31.74 -0.10 -49.94
CA GLU B 391 31.58 1.36 -50.14
C GLU B 391 31.16 2.06 -48.86
N TYR B 392 30.55 1.31 -47.93
CA TYR B 392 29.93 1.91 -46.74
C TYR B 392 30.97 2.48 -45.79
N LYS B 393 32.21 2.10 -46.00
CA LYS B 393 33.30 2.75 -45.29
C LYS B 393 33.30 4.27 -45.46
N ASN B 394 32.79 4.73 -46.60
CA ASN B 394 32.64 6.19 -46.83
C ASN B 394 31.71 6.92 -45.85
N PHE B 395 30.75 6.22 -45.26
CA PHE B 395 29.96 6.77 -44.18
C PHE B 395 30.74 6.90 -42.90
N TYR B 396 31.56 5.89 -42.58
CA TYR B 396 32.49 6.05 -41.47
C TYR B 396 33.36 7.32 -41.64
N TYR B 397 34.01 7.46 -42.79
CA TYR B 397 34.86 8.64 -43.07
C TYR B 397 34.10 9.98 -43.12
N ALA B 398 32.79 9.92 -43.38
CA ALA B 398 31.93 11.13 -43.39
C ALA B 398 31.63 11.57 -41.99
N ALA B 399 31.62 10.60 -41.06
CA ALA B 399 31.46 10.85 -39.65
C ALA B 399 32.81 11.16 -39.00
N VAL B 400 33.89 10.59 -39.51
CA VAL B 400 35.17 10.82 -38.86
C VAL B 400 36.16 11.10 -39.96
N PRO B 401 36.18 12.35 -40.48
CA PRO B 401 36.99 12.63 -41.67
C PRO B 401 38.44 12.62 -41.33
N SER B 402 38.76 13.00 -40.09
CA SER B 402 40.14 12.89 -39.60
C SER B 402 40.74 11.46 -39.77
N ALA B 403 39.88 10.44 -39.81
CA ALA B 403 40.40 9.08 -39.98
C ALA B 403 41.07 8.82 -41.34
N ARG B 404 40.78 9.66 -42.35
CA ARG B 404 41.22 9.42 -43.74
C ARG B 404 42.72 9.54 -43.89
N ASN B 405 43.34 10.21 -42.91
CA ASN B 405 44.77 10.45 -42.87
C ASN B 405 45.60 9.47 -42.02
N VAL B 406 44.99 8.39 -41.49
CA VAL B 406 45.72 7.55 -40.54
C VAL B 406 46.19 6.30 -41.24
N PRO B 407 47.52 6.11 -41.30
CA PRO B 407 47.98 4.90 -41.93
C PRO B 407 47.43 3.70 -41.16
N TYR B 408 47.08 2.67 -41.92
CA TYR B 408 46.52 1.52 -41.34
C TYR B 408 47.22 0.24 -41.75
N GLY B 409 48.33 0.34 -42.48
CA GLY B 409 49.22 -0.81 -42.74
C GLY B 409 48.65 -1.66 -43.86
N ASN B 410 49.26 -2.81 -44.11
CA ASN B 410 48.85 -3.75 -45.15
C ASN B 410 47.67 -4.65 -44.78
N ILE B 411 46.70 -4.83 -45.70
CA ILE B 411 45.44 -5.58 -45.42
C ILE B 411 45.22 -6.74 -46.38
N GLN B 412 46.25 -7.15 -47.10
CA GLN B 412 46.06 -8.15 -48.15
C GLN B 412 45.65 -9.50 -47.67
N SER B 413 46.35 -10.09 -46.71
CA SER B 413 45.90 -11.39 -46.22
C SER B 413 44.49 -11.34 -45.66
N ARG B 414 44.10 -10.20 -45.09
CA ARG B 414 42.69 -10.10 -44.63
C ARG B 414 41.74 -10.13 -45.81
N LEU B 415 42.12 -9.45 -46.91
CA LEU B 415 41.30 -9.43 -48.11
C LEU B 415 41.26 -10.80 -48.75
N GLU B 416 42.39 -11.49 -48.77
CA GLU B 416 42.48 -12.89 -49.26
C GLU B 416 41.59 -13.84 -48.43
N LEU B 417 41.60 -13.64 -47.12
CA LEU B 417 40.74 -14.41 -46.20
C LEU B 417 39.26 -14.24 -46.57
N ARG B 418 38.86 -12.99 -46.78
CA ARG B 418 37.49 -12.68 -47.11
C ARG B 418 37.00 -13.38 -48.38
N LYS B 419 37.78 -13.25 -49.44
CA LYS B 419 37.50 -14.00 -50.67
C LYS B 419 37.55 -15.51 -50.45
N LYS B 420 38.54 -15.97 -49.70
CA LYS B 420 38.70 -17.39 -49.43
C LYS B 420 37.48 -17.98 -48.70
N LEU B 421 36.86 -17.19 -47.86
CA LEU B 421 35.70 -17.68 -47.12
C LEU B 421 34.39 -17.48 -47.91
N SER B 422 34.41 -16.78 -49.04
CA SER B 422 33.14 -16.48 -49.74
C SER B 422 32.15 -15.68 -48.85
N CYS B 423 32.65 -14.64 -48.24
CA CYS B 423 31.83 -13.81 -47.35
C CYS B 423 30.89 -12.98 -48.20
N LYS B 424 29.78 -12.57 -47.60
CA LYS B 424 28.81 -11.69 -48.23
C LYS B 424 29.18 -10.23 -48.04
N PRO B 425 28.64 -9.33 -48.90
CA PRO B 425 29.04 -7.97 -48.82
C PRO B 425 28.38 -7.24 -47.66
N PHE B 426 28.92 -6.05 -47.36
CA PHE B 426 28.40 -5.28 -46.26
C PHE B 426 26.94 -4.90 -46.45
N LYS B 427 26.52 -4.64 -47.66
CA LYS B 427 25.11 -4.41 -47.96
C LYS B 427 24.18 -5.49 -47.41
N TRP B 428 24.59 -6.75 -47.56
CA TRP B 428 23.85 -7.88 -47.04
C TRP B 428 23.76 -7.85 -45.51
N TYR B 429 24.86 -7.53 -44.88
CA TYR B 429 24.90 -7.34 -43.42
C TYR B 429 23.91 -6.29 -43.03
N LEU B 430 23.95 -5.15 -43.73
CA LEU B 430 23.07 -4.08 -43.36
C LEU B 430 21.62 -4.53 -43.46
N GLU B 431 21.27 -5.19 -44.56
CA GLU B 431 19.88 -5.54 -44.83
C GLU B 431 19.40 -6.70 -43.99
N ASN B 432 20.27 -7.70 -43.78
CA ASN B 432 19.81 -8.90 -43.09
C ASN B 432 20.10 -8.94 -41.58
N VAL B 433 21.18 -8.30 -41.17
CA VAL B 433 21.61 -8.37 -39.80
C VAL B 433 21.28 -7.09 -39.01
N TYR B 434 21.51 -5.91 -39.59
CA TYR B 434 21.39 -4.63 -38.86
C TYR B 434 20.57 -3.60 -39.67
N PRO B 435 19.34 -3.97 -40.02
CA PRO B 435 18.53 -3.08 -40.82
C PRO B 435 18.08 -1.87 -40.03
N GLU B 436 18.28 -1.89 -38.71
CA GLU B 436 17.89 -0.74 -37.90
C GLU B 436 18.86 0.41 -38.01
N LEU B 437 20.07 0.17 -38.51
CA LEU B 437 21.02 1.24 -38.67
C LEU B 437 20.58 2.13 -39.88
N ARG B 438 20.32 3.38 -39.59
CA ARG B 438 19.82 4.31 -40.64
C ARG B 438 20.93 4.67 -41.61
N VAL B 439 20.73 4.30 -42.86
CA VAL B 439 21.72 4.51 -43.92
C VAL B 439 21.37 5.74 -44.84
N PRO B 440 22.35 6.61 -45.11
CA PRO B 440 22.07 7.80 -45.96
C PRO B 440 21.83 7.30 -47.35
N ASP B 441 20.90 7.91 -48.07
CA ASP B 441 20.80 7.68 -49.48
C ASP B 441 22.19 7.90 -50.06
N HIS B 442 22.53 7.16 -51.11
CA HIS B 442 23.88 7.24 -51.67
C HIS B 442 24.12 8.63 -52.29
N GLN B 443 23.07 9.38 -52.63
CA GLN B 443 23.20 10.74 -53.17
C GLN B 443 23.15 11.88 -52.13
N ASP B 444 22.68 11.59 -50.92
CA ASP B 444 22.75 12.56 -49.85
C ASP B 444 24.12 13.20 -49.75
N ILE B 445 24.12 14.51 -49.62
CA ILE B 445 25.28 15.32 -49.42
C ILE B 445 25.73 15.33 -47.99
N ALA B 446 24.79 15.21 -47.09
CA ALA B 446 25.07 15.23 -45.66
C ALA B 446 23.91 14.61 -44.96
N PHE B 447 24.11 14.18 -43.73
CA PHE B 447 23.18 13.27 -43.08
C PHE B 447 23.43 13.22 -41.60
N GLY B 448 22.37 12.99 -40.85
CA GLY B 448 22.48 12.63 -39.45
C GLY B 448 21.75 13.64 -38.65
N ALA B 449 22.38 14.14 -37.62
CA ALA B 449 21.80 15.16 -36.84
C ALA B 449 22.43 16.45 -37.34
N LEU B 450 21.73 17.55 -37.12
CA LEU B 450 22.19 18.87 -37.49
C LEU B 450 22.38 19.66 -36.22
N GLN B 451 23.63 19.89 -35.87
CA GLN B 451 24.01 20.22 -34.52
C GLN B 451 24.51 21.66 -34.34
N GLN B 452 24.23 22.23 -33.19
CA GLN B 452 24.65 23.56 -32.79
C GLN B 452 24.88 23.51 -31.29
N GLY B 453 26.14 23.55 -30.91
CA GLY B 453 26.52 23.39 -29.50
C GLY B 453 26.12 22.02 -29.09
N THR B 454 25.40 21.88 -27.99
CA THR B 454 24.93 20.58 -27.56
C THR B 454 23.49 20.32 -28.04
N ASN B 455 22.92 21.27 -28.78
CA ASN B 455 21.59 21.14 -29.38
C ASN B 455 21.54 20.67 -30.83
N CYS B 456 20.36 20.22 -31.22
CA CYS B 456 20.17 19.52 -32.46
C CYS B 456 18.87 20.00 -33.09
N LEU B 457 18.89 20.24 -34.39
CA LEU B 457 17.68 20.61 -35.14
C LEU B 457 16.58 19.56 -34.88
N ASP B 458 15.38 20.02 -34.50
CA ASP B 458 14.37 19.12 -34.02
C ASP B 458 12.97 19.48 -34.56
N THR B 459 12.25 18.48 -35.09
CA THR B 459 10.86 18.76 -35.57
C THR B 459 9.87 19.12 -34.45
N LEU B 460 10.29 18.90 -33.21
CA LEU B 460 9.42 19.12 -32.08
C LEU B 460 8.13 18.27 -32.17
N GLY B 461 8.18 17.16 -32.87
CA GLY B 461 6.95 16.39 -33.09
C GLY B 461 6.00 16.98 -34.11
N HIS B 462 6.37 18.08 -34.75
CA HIS B 462 5.41 18.75 -35.66
C HIS B 462 5.42 18.04 -37.01
N PHE B 463 4.42 18.37 -37.80
CA PHE B 463 4.22 17.83 -39.13
C PHE B 463 4.05 18.99 -40.09
N ALA B 464 3.41 18.76 -41.23
CA ALA B 464 3.44 19.76 -42.25
C ALA B 464 2.83 21.02 -41.76
N ASP B 465 3.37 22.17 -42.23
CA ASP B 465 2.98 23.50 -41.82
C ASP B 465 3.37 23.83 -40.35
N GLY B 466 4.17 23.02 -39.70
CA GLY B 466 4.63 23.38 -38.39
C GLY B 466 6.04 23.99 -38.37
N VAL B 467 6.30 24.73 -37.30
CA VAL B 467 7.66 25.29 -36.99
C VAL B 467 8.61 24.21 -36.52
N VAL B 468 9.89 24.55 -36.46
CA VAL B 468 10.91 23.63 -36.13
C VAL B 468 11.74 24.34 -35.02
N GLY B 469 12.50 23.61 -34.24
CA GLY B 469 13.28 24.28 -33.19
C GLY B 469 14.49 23.44 -32.88
N VAL B 470 14.95 23.54 -31.64
CA VAL B 470 16.08 22.76 -31.16
C VAL B 470 15.79 22.16 -29.81
N TYR B 471 16.45 21.06 -29.57
CA TYR B 471 16.51 20.43 -28.25
C TYR B 471 17.86 19.80 -28.13
N GLU B 472 18.18 19.47 -26.88
CA GLU B 472 19.43 18.83 -26.59
C GLU B 472 19.54 17.58 -27.41
N CYS B 473 20.72 17.33 -27.96
CA CYS B 473 21.00 16.20 -28.82
C CYS B 473 20.92 14.83 -28.12
N HIS B 474 20.00 14.01 -28.58
CA HIS B 474 19.75 12.72 -27.99
C HIS B 474 20.54 11.58 -28.68
N ASN B 475 21.13 11.83 -29.85
CA ASN B 475 21.94 10.81 -30.57
C ASN B 475 21.16 9.55 -30.90
N ALA B 476 19.99 9.69 -31.50
CA ALA B 476 19.00 8.61 -31.57
C ALA B 476 17.95 8.84 -32.67
N GLY B 477 18.43 9.44 -33.76
CA GLY B 477 17.67 9.93 -34.89
C GLY B 477 16.22 9.56 -35.07
N GLY B 478 15.34 10.23 -34.34
CA GLY B 478 13.91 10.17 -34.72
C GLY B 478 13.72 11.60 -35.19
N ASN B 479 13.24 12.45 -34.28
CA ASN B 479 12.89 13.84 -34.54
C ASN B 479 14.10 14.74 -34.78
N GLN B 480 15.30 14.22 -34.55
CA GLN B 480 16.57 14.87 -34.85
C GLN B 480 17.32 14.31 -36.03
N GLU B 481 16.69 13.42 -36.79
CA GLU B 481 17.31 12.91 -38.02
C GLU B 481 16.95 13.71 -39.29
N TRP B 482 18.01 14.09 -40.05
CA TRP B 482 17.91 15.03 -41.18
C TRP B 482 18.88 14.56 -42.25
N ALA B 483 18.61 14.96 -43.47
CA ALA B 483 19.49 14.79 -44.60
C ALA B 483 19.50 16.08 -45.38
N LEU B 484 20.62 16.35 -46.02
CA LEU B 484 20.71 17.38 -47.04
C LEU B 484 20.81 16.62 -48.32
N THR B 485 19.85 16.76 -49.19
CA THR B 485 19.78 15.88 -50.34
C THR B 485 20.49 16.47 -51.50
N LYS B 486 20.73 15.66 -52.54
CA LYS B 486 21.29 16.17 -53.83
C LYS B 486 20.42 17.21 -54.42
N GLU B 487 19.13 17.17 -54.16
CA GLU B 487 18.25 18.24 -54.61
C GLU B 487 18.31 19.49 -53.64
N LYS B 488 19.27 19.57 -52.73
CA LYS B 488 19.44 20.75 -51.85
C LYS B 488 18.36 21.00 -50.79
N SER B 489 17.59 19.96 -50.51
CA SER B 489 16.58 20.03 -49.54
C SER B 489 17.13 19.52 -48.16
N VAL B 490 16.70 20.15 -47.09
CA VAL B 490 17.04 19.66 -45.77
C VAL B 490 15.81 19.00 -45.22
N LYS B 491 15.86 17.68 -45.17
CA LYS B 491 14.65 16.94 -44.89
C LYS B 491 14.66 15.92 -43.77
N HIS B 492 13.47 15.76 -43.21
CA HIS B 492 13.18 14.74 -42.29
C HIS B 492 12.01 13.92 -42.83
N MET B 493 12.23 12.63 -43.03
CA MET B 493 11.22 11.75 -43.65
C MET B 493 10.99 12.37 -45.04
N ASP B 494 9.74 12.78 -45.35
CA ASP B 494 9.42 13.45 -46.58
C ASP B 494 9.02 14.92 -46.33
N LEU B 495 9.40 15.47 -45.19
CA LEU B 495 9.17 16.93 -44.93
C LEU B 495 10.50 17.73 -44.95
N CYS B 496 10.40 18.95 -45.48
CA CYS B 496 11.57 19.80 -45.91
C CYS B 496 11.46 21.15 -45.19
N LEU B 497 12.58 21.68 -44.71
CA LEU B 497 12.68 23.07 -44.23
C LEU B 497 12.33 24.02 -45.34
N THR B 498 11.31 24.84 -45.14
CA THR B 498 10.84 25.73 -46.19
C THR B 498 10.82 27.17 -45.77
N VAL B 499 11.35 28.05 -46.63
CA VAL B 499 11.42 29.50 -46.39
C VAL B 499 10.15 30.10 -46.95
N VAL B 500 9.16 30.24 -46.07
CA VAL B 500 7.80 30.61 -46.39
C VAL B 500 7.78 32.11 -46.56
N ASP B 501 8.71 32.79 -45.92
CA ASP B 501 8.77 34.23 -46.06
C ASP B 501 10.17 34.60 -45.90
N ARG B 502 10.65 35.40 -46.83
CA ARG B 502 12.07 35.83 -46.88
C ARG B 502 12.45 37.01 -45.99
N ALA B 503 11.47 37.61 -45.36
CA ALA B 503 11.80 38.73 -44.48
C ALA B 503 12.60 38.25 -43.33
N PRO B 504 13.73 38.91 -43.10
CA PRO B 504 14.54 38.49 -41.98
C PRO B 504 13.70 38.46 -40.70
N GLY B 505 13.93 37.47 -39.89
CA GLY B 505 13.12 37.18 -38.72
C GLY B 505 11.95 36.22 -38.96
N SER B 506 11.54 36.00 -40.21
CA SER B 506 10.46 35.03 -40.49
C SER B 506 10.78 33.59 -40.08
N LEU B 507 9.80 32.95 -39.45
CA LEU B 507 9.89 31.59 -39.11
C LEU B 507 9.90 30.71 -40.35
N ILE B 508 10.72 29.69 -40.30
CA ILE B 508 10.54 28.69 -41.32
C ILE B 508 9.49 27.59 -40.93
N LYS B 509 9.08 26.83 -41.93
CA LYS B 509 8.11 25.79 -41.77
C LYS B 509 8.47 24.50 -42.44
N LEU B 510 8.03 23.42 -41.83
CA LEU B 510 8.09 22.06 -42.43
C LEU B 510 7.04 21.92 -43.51
N GLN B 511 7.38 21.48 -44.71
CA GLN B 511 6.33 21.27 -45.76
C GLN B 511 6.74 20.04 -46.58
N GLY B 512 5.78 19.32 -47.14
CA GLY B 512 6.08 18.24 -48.06
C GLY B 512 7.15 18.67 -49.05
N CYS B 513 8.17 17.85 -49.19
CA CYS B 513 9.26 18.13 -50.11
C CYS B 513 8.83 18.11 -51.58
N ARG B 514 9.14 19.17 -52.31
N ARG B 514 9.21 19.14 -52.33
CA ARG B 514 8.90 19.24 -53.74
CA ARG B 514 8.92 19.19 -53.75
C ARG B 514 10.22 19.77 -54.37
C ARG B 514 10.08 19.84 -54.50
N GLU B 515 10.72 19.09 -55.38
CA GLU B 515 12.05 19.50 -55.78
C GLU B 515 12.04 20.86 -56.42
N ASP B 516 10.87 21.18 -56.91
CA ASP B 516 10.63 22.31 -57.73
C ASP B 516 10.32 23.54 -56.87
N ASP B 517 10.33 23.38 -55.56
CA ASP B 517 10.02 24.46 -54.65
C ASP B 517 11.28 25.24 -54.25
N SER B 518 11.50 26.36 -54.90
CA SER B 518 12.67 27.17 -54.63
C SER B 518 12.86 27.52 -53.12
N ARG B 519 11.76 27.54 -52.38
CA ARG B 519 11.78 27.90 -50.96
C ARG B 519 12.39 26.84 -50.07
N GLN B 520 12.67 25.66 -50.63
CA GLN B 520 13.24 24.56 -49.91
C GLN B 520 14.73 24.25 -50.16
N LYS B 521 15.41 25.13 -50.85
CA LYS B 521 16.81 24.90 -51.25
C LYS B 521 17.80 25.57 -50.34
N TRP B 522 18.73 24.76 -49.82
CA TRP B 522 19.71 25.17 -48.89
C TRP B 522 21.08 24.71 -49.37
N GLU B 523 22.11 25.43 -48.94
CA GLU B 523 23.49 25.04 -49.25
C GLU B 523 24.38 25.27 -48.05
N GLN B 524 25.39 24.41 -47.89
CA GLN B 524 26.39 24.52 -46.83
C GLN B 524 27.38 25.62 -47.21
N ILE B 525 27.81 26.45 -46.25
CA ILE B 525 28.84 27.49 -46.50
C ILE B 525 29.83 27.54 -45.34
N GLU B 526 30.93 28.24 -45.59
CA GLU B 526 32.01 28.45 -44.62
C GLU B 526 32.47 27.20 -44.01
N GLY B 527 32.90 26.28 -44.84
CA GLY B 527 33.44 25.02 -44.35
C GLY B 527 32.40 24.13 -43.73
N ASN B 528 31.26 23.98 -44.41
CA ASN B 528 30.15 23.18 -43.86
C ASN B 528 29.83 23.54 -42.42
N SER B 529 29.79 24.84 -42.14
CA SER B 529 29.50 25.33 -40.80
C SER B 529 28.16 26.11 -40.65
N LYS B 530 27.58 26.57 -41.76
CA LYS B 530 26.29 27.27 -41.80
C LYS B 530 25.39 26.71 -42.91
N LEU B 531 24.08 27.10 -42.93
CA LEU B 531 23.13 26.76 -43.98
C LEU B 531 22.49 27.97 -44.52
N ARG B 532 22.76 28.24 -45.77
CA ARG B 532 22.20 29.37 -46.42
C ARG B 532 21.14 28.98 -47.36
N HIS B 533 20.11 29.81 -47.44
CA HIS B 533 19.05 29.61 -48.38
C HIS B 533 19.49 30.00 -49.75
N VAL B 534 19.46 29.06 -50.68
CA VAL B 534 19.97 29.28 -52.05
C VAL B 534 19.33 30.45 -52.75
N GLY B 535 20.15 31.31 -53.32
CA GLY B 535 19.65 32.50 -53.99
C GLY B 535 19.47 33.70 -53.07
N SER B 536 19.87 33.63 -51.79
CA SER B 536 19.57 34.71 -50.88
C SER B 536 20.81 34.95 -50.06
N ASN B 537 20.78 36.01 -49.21
CA ASN B 537 21.75 36.09 -48.13
C ASN B 537 21.13 35.81 -46.77
N LEU B 538 20.18 34.87 -46.74
CA LEU B 538 19.61 34.34 -45.50
C LEU B 538 20.17 33.01 -45.09
N CYS B 539 20.46 32.92 -43.80
CA CYS B 539 20.98 31.73 -43.15
C CYS B 539 20.01 31.21 -42.12
N LEU B 540 19.96 29.90 -41.92
CA LEU B 540 19.18 29.29 -40.86
C LEU B 540 19.68 29.78 -39.51
N ASP B 541 18.73 30.19 -38.64
CA ASP B 541 19.05 30.87 -37.37
C ASP B 541 18.18 30.42 -36.19
N SER B 542 18.83 30.14 -35.05
CA SER B 542 18.14 29.68 -33.88
C SER B 542 17.81 30.77 -32.90
N ARG B 543 18.06 32.05 -33.20
CA ARG B 543 17.91 33.10 -32.14
C ARG B 543 16.44 33.26 -31.70
N THR B 544 15.54 32.80 -32.55
CA THR B 544 14.12 32.89 -32.43
C THR B 544 13.58 31.57 -31.83
N ALA B 545 14.42 30.57 -31.57
CA ALA B 545 13.92 29.22 -31.30
C ALA B 545 12.94 29.19 -30.14
N LYS B 546 12.95 30.26 -29.37
CA LYS B 546 12.29 30.25 -28.11
C LYS B 546 11.11 31.13 -28.18
N SER B 547 11.16 32.06 -29.10
CA SER B 547 10.08 32.91 -29.32
C SER B 547 9.42 32.54 -30.65
N GLY B 548 9.24 31.26 -30.94
CA GLY B 548 8.46 30.84 -32.09
C GLY B 548 9.04 29.71 -32.98
N GLY B 549 10.37 29.59 -33.03
CA GLY B 549 11.04 28.58 -33.79
C GLY B 549 12.21 29.10 -34.59
N LEU B 550 12.79 28.26 -35.42
CA LEU B 550 13.89 28.71 -36.21
C LEU B 550 13.45 29.62 -37.28
N SER B 551 14.38 30.49 -37.70
CA SER B 551 14.02 31.50 -38.65
C SER B 551 15.06 31.60 -39.70
N VAL B 552 14.79 32.46 -40.68
CA VAL B 552 15.81 32.94 -41.56
C VAL B 552 16.25 34.33 -41.11
N GLU B 553 17.55 34.56 -41.08
CA GLU B 553 18.11 35.94 -40.77
C GLU B 553 19.25 36.23 -41.77
N VAL B 554 19.66 37.48 -41.88
CA VAL B 554 20.75 37.85 -42.80
C VAL B 554 21.97 37.05 -42.37
N CYS B 555 22.68 36.44 -43.30
CA CYS B 555 23.88 35.68 -42.89
C CYS B 555 24.93 36.54 -42.21
N GLY B 556 25.45 36.10 -41.08
CA GLY B 556 26.42 36.92 -40.41
C GLY B 556 27.12 36.08 -39.40
N PRO B 557 27.91 36.70 -38.52
CA PRO B 557 28.76 35.88 -37.61
C PRO B 557 28.12 35.35 -36.31
N ALA B 558 26.79 35.31 -36.26
CA ALA B 558 26.10 34.89 -35.04
C ALA B 558 26.29 33.43 -34.81
N LEU B 559 26.55 33.08 -33.56
CA LEU B 559 26.68 31.71 -33.13
C LEU B 559 25.41 30.86 -33.43
N SER B 560 24.28 31.52 -33.30
CA SER B 560 22.97 31.01 -33.67
C SER B 560 22.80 30.60 -35.11
N GLN B 561 23.77 30.91 -35.96
CA GLN B 561 23.77 30.45 -37.34
C GLN B 561 24.75 29.30 -37.59
N GLN B 562 25.41 28.78 -36.54
CA GLN B 562 26.32 27.64 -36.71
C GLN B 562 25.57 26.35 -36.71
N TRP B 563 25.76 25.55 -37.74
CA TRP B 563 25.07 24.26 -37.84
C TRP B 563 25.98 23.31 -38.55
N LYS B 564 26.16 22.12 -38.00
CA LYS B 564 27.02 21.14 -38.66
C LYS B 564 26.35 19.78 -38.72
N PHE B 565 26.33 19.15 -39.87
CA PHE B 565 25.76 17.80 -39.97
C PHE B 565 26.75 16.80 -39.34
N THR B 566 26.24 15.72 -38.77
CA THR B 566 27.13 14.76 -38.20
C THR B 566 27.91 13.98 -39.27
N LEU B 567 27.29 13.68 -40.40
CA LEU B 567 28.00 13.12 -41.56
C LEU B 567 28.02 14.12 -42.72
N ASN B 568 29.21 14.36 -43.24
CA ASN B 568 29.38 15.21 -44.39
C ASN B 568 30.05 14.41 -45.45
N LEU B 569 29.40 14.27 -46.59
CA LEU B 569 29.90 13.35 -47.59
C LEU B 569 30.99 14.02 -48.43
N LYS C 75 -19.19 27.17 48.73
CA LYS C 75 -18.63 25.82 48.94
C LYS C 75 -17.41 25.94 49.87
N VAL C 76 -17.07 24.85 50.53
CA VAL C 76 -16.12 24.87 51.64
C VAL C 76 -14.70 24.54 51.19
N ARG C 77 -13.73 25.38 51.57
N ARG C 77 -13.70 25.36 51.51
CA ARG C 77 -12.30 25.03 51.60
CA ARG C 77 -12.31 24.99 51.23
C ARG C 77 -12.07 23.61 52.12
C ARG C 77 -11.99 23.72 52.06
N TRP C 78 -11.25 22.77 51.48
CA TRP C 78 -11.03 21.48 52.13
C TRP C 78 -10.52 21.61 53.60
N PRO C 79 -9.58 22.53 53.84
CA PRO C 79 -9.16 22.65 55.26
C PRO C 79 -10.24 23.06 56.26
N ASP C 80 -11.35 23.61 55.79
CA ASP C 80 -12.41 24.06 56.62
C ASP C 80 -13.46 22.97 56.81
N PHE C 81 -13.33 21.87 56.10
CA PHE C 81 -14.27 20.79 56.19
C PHE C 81 -14.12 20.10 57.54
N ASN C 82 -15.23 19.78 58.17
CA ASN C 82 -15.16 19.17 59.46
C ASN C 82 -15.13 17.66 59.36
N GLN C 83 -13.95 17.10 59.41
CA GLN C 83 -13.84 15.69 59.25
C GLN C 83 -14.51 14.93 60.42
N GLU C 84 -14.39 15.46 61.65
CA GLU C 84 -14.94 14.79 62.82
C GLU C 84 -16.44 14.68 62.64
N ALA C 85 -17.10 15.68 62.07
CA ALA C 85 -18.55 15.52 61.88
C ALA C 85 -18.81 14.47 60.83
N TYR C 86 -18.07 14.51 59.74
CA TYR C 86 -18.33 13.59 58.65
C TYR C 86 -18.07 12.14 59.07
N VAL C 87 -16.87 11.89 59.56
CA VAL C 87 -16.44 10.56 59.86
C VAL C 87 -17.20 10.07 61.07
N GLY C 88 -17.26 10.91 62.09
CA GLY C 88 -17.75 10.55 63.40
C GLY C 88 -19.12 9.94 63.33
N GLY C 89 -19.93 10.38 62.36
CA GLY C 89 -21.24 9.74 62.09
C GLY C 89 -21.27 8.29 61.58
N THR C 90 -20.14 7.53 61.50
CA THR C 90 -20.11 6.07 61.04
C THR C 90 -19.04 5.14 61.67
N MET C 91 -18.54 5.50 62.85
CA MET C 91 -17.42 4.79 63.42
C MET C 91 -17.78 3.39 63.90
N VAL C 92 -16.76 2.57 64.05
CA VAL C 92 -16.96 1.25 64.62
C VAL C 92 -17.31 1.44 66.11
N ARG C 93 -18.20 0.61 66.62
CA ARG C 93 -18.57 0.71 68.02
C ARG C 93 -18.03 -0.49 68.80
N SER C 94 -17.96 -0.33 70.12
CA SER C 94 -17.73 -1.42 71.09
C SER C 94 -17.96 -2.85 70.57
N GLY C 95 -16.94 -3.73 70.66
CA GLY C 95 -17.10 -5.16 70.33
C GLY C 95 -17.14 -5.50 68.84
N GLN C 96 -17.73 -4.60 68.04
CA GLN C 96 -17.94 -4.81 66.60
C GLN C 96 -16.64 -4.93 65.81
N ASP C 97 -16.61 -5.90 64.90
CA ASP C 97 -15.47 -6.19 64.05
C ASP C 97 -15.13 -4.99 63.15
N PRO C 98 -13.90 -4.45 63.29
CA PRO C 98 -13.48 -3.27 62.52
C PRO C 98 -13.18 -3.53 61.05
N TYR C 99 -13.13 -4.80 60.67
CA TYR C 99 -12.90 -5.28 59.28
C TYR C 99 -14.20 -5.60 58.50
N ALA C 100 -15.31 -5.70 59.22
CA ALA C 100 -16.54 -6.27 58.71
C ALA C 100 -17.01 -5.49 57.49
N ARG C 101 -16.94 -4.16 57.59
CA ARG C 101 -17.61 -3.27 56.64
C ARG C 101 -16.83 -3.21 55.35
N ASN C 102 -15.49 -3.13 55.42
CA ASN C 102 -14.68 -2.90 54.24
C ASN C 102 -13.55 -3.88 53.99
N LYS C 103 -13.38 -4.90 54.82
CA LYS C 103 -12.21 -5.77 54.77
C LYS C 103 -10.91 -4.99 54.99
N PHE C 104 -10.98 -3.80 55.59
CA PHE C 104 -9.76 -3.25 56.20
C PHE C 104 -10.11 -2.71 57.60
N ASN C 105 -9.07 -2.37 58.36
CA ASN C 105 -9.28 -1.89 59.72
C ASN C 105 -9.82 -0.47 59.74
N GLN C 106 -11.14 -0.35 59.78
CA GLN C 106 -11.77 0.97 59.88
C GLN C 106 -11.34 1.79 61.12
N VAL C 107 -11.03 1.12 62.23
CA VAL C 107 -10.64 1.80 63.46
C VAL C 107 -9.36 2.53 63.22
N GLU C 108 -8.41 1.89 62.53
CA GLU C 108 -7.14 2.52 62.20
C GLU C 108 -7.36 3.63 61.14
N SER C 109 -8.18 3.36 60.13
CA SER C 109 -8.46 4.37 59.08
C SER C 109 -9.04 5.61 59.74
N ASP C 110 -10.07 5.42 60.57
CA ASP C 110 -10.75 6.57 61.22
C ASP C 110 -9.89 7.43 62.15
N LYS C 111 -8.80 6.90 62.71
CA LYS C 111 -7.88 7.70 63.54
C LYS C 111 -7.08 8.71 62.77
N LEU C 112 -6.94 8.50 61.47
CA LEU C 112 -6.03 9.32 60.69
C LEU C 112 -6.54 10.70 60.40
N ARG C 113 -5.65 11.69 60.35
CA ARG C 113 -6.08 13.02 59.91
C ARG C 113 -6.39 13.04 58.39
N MET C 114 -7.36 13.86 57.96
CA MET C 114 -7.76 13.84 56.52
C MET C 114 -6.64 14.14 55.55
N ASP C 115 -5.68 14.97 55.98
CA ASP C 115 -4.48 15.28 55.18
C ASP C 115 -3.23 14.79 55.92
N ARG C 116 -3.28 13.58 56.48
CA ARG C 116 -2.17 13.04 57.24
C ARG C 116 -0.91 13.00 56.38
N ALA C 117 0.21 13.21 57.05
CA ALA C 117 1.52 13.24 56.49
C ALA C 117 1.85 11.88 55.93
N ILE C 118 2.45 11.81 54.75
CA ILE C 118 2.93 10.51 54.25
C ILE C 118 4.33 10.64 53.72
N PRO C 119 5.12 9.55 53.77
CA PRO C 119 6.45 9.70 53.24
C PRO C 119 6.50 9.93 51.76
N ASP C 120 7.51 10.68 51.36
CA ASP C 120 7.80 10.90 49.99
C ASP C 120 8.59 9.72 49.46
N THR C 121 7.93 8.89 48.70
CA THR C 121 8.52 7.65 48.17
C THR C 121 9.14 7.77 46.83
N ARG C 122 9.16 8.97 46.25
CA ARG C 122 9.65 9.17 44.91
C ARG C 122 11.16 9.05 44.95
N HIS C 123 11.72 8.53 43.87
CA HIS C 123 13.16 8.53 43.64
C HIS C 123 13.68 9.98 43.74
N ASP C 124 14.92 10.13 44.24
CA ASP C 124 15.59 11.45 44.34
C ASP C 124 15.62 12.21 43.00
N GLN C 125 15.63 11.47 41.91
CA GLN C 125 15.78 12.07 40.62
C GLN C 125 14.46 12.68 40.12
N CYS C 126 13.37 12.43 40.88
CA CYS C 126 12.08 13.05 40.60
C CYS C 126 12.11 14.44 41.09
N GLN C 127 13.02 14.66 42.05
CA GLN C 127 12.90 15.84 42.87
CA GLN C 127 12.99 15.86 42.90
C GLN C 127 13.59 17.04 42.17
N ARG C 128 13.56 17.00 40.83
CA ARG C 128 13.62 18.21 40.05
C ARG C 128 12.17 18.72 39.94
N LYS C 129 11.43 18.65 38.80
CA LYS C 129 11.66 17.87 37.58
C LYS C 129 10.75 18.27 36.38
N GLN C 130 10.42 17.29 35.52
CA GLN C 130 10.38 17.50 34.05
C GLN C 130 8.99 17.58 33.35
N TRP C 131 8.41 18.76 33.32
CA TRP C 131 7.08 18.93 32.71
C TRP C 131 6.87 20.39 32.31
N ARG C 132 6.01 20.63 31.32
CA ARG C 132 5.79 21.98 30.76
C ARG C 132 5.00 22.79 31.75
N VAL C 133 4.84 24.08 31.43
CA VAL C 133 4.26 25.11 32.31
C VAL C 133 2.76 25.27 32.07
N ASP C 134 2.27 24.77 30.94
CA ASP C 134 0.86 24.93 30.57
C ASP C 134 0.25 23.54 30.36
N LEU C 135 0.26 22.74 31.41
CA LEU C 135 -0.28 21.40 31.38
C LEU C 135 -1.79 21.52 31.36
N PRO C 136 -2.47 20.54 30.77
CA PRO C 136 -3.93 20.56 30.72
C PRO C 136 -4.59 20.20 32.07
N ALA C 137 -5.66 20.89 32.44
CA ALA C 137 -6.46 20.51 33.60
C ALA C 137 -7.17 19.14 33.42
N THR C 138 -7.44 18.48 34.54
CA THR C 138 -8.11 17.17 34.57
C THR C 138 -9.35 17.18 35.42
N SER C 139 -10.26 16.28 35.03
CA SER C 139 -11.46 15.94 35.75
C SER C 139 -11.17 14.67 36.46
N VAL C 140 -11.19 14.68 37.79
CA VAL C 140 -10.89 13.46 38.53
C VAL C 140 -12.16 12.72 38.82
N VAL C 141 -12.22 11.44 38.46
CA VAL C 141 -13.42 10.62 38.66
C VAL C 141 -13.13 9.51 39.67
N ILE C 142 -13.92 9.48 40.73
CA ILE C 142 -13.76 8.52 41.80
C ILE C 142 -15.14 7.93 42.02
N THR C 143 -15.22 6.60 42.02
CA THR C 143 -16.44 5.83 41.99
C THR C 143 -16.38 5.00 43.24
N PHE C 144 -17.50 4.75 43.90
CA PHE C 144 -17.46 3.98 45.17
C PHE C 144 -18.82 3.35 45.51
N HIS C 145 -18.79 2.25 46.21
CA HIS C 145 -19.95 1.66 46.82
C HIS C 145 -19.63 1.34 48.28
N ASN C 146 -20.29 2.01 49.22
CA ASN C 146 -20.05 1.79 50.65
C ASN C 146 -18.58 1.84 51.02
N GLU C 147 -17.93 2.94 50.74
CA GLU C 147 -16.53 3.09 51.04
C GLU C 147 -16.56 3.62 52.45
N ALA C 148 -15.49 3.38 53.21
CA ALA C 148 -15.34 3.95 54.56
C ALA C 148 -15.18 5.41 54.40
N ARG C 149 -16.00 6.16 55.10
CA ARG C 149 -15.94 7.62 54.97
C ARG C 149 -14.53 8.21 55.16
N SER C 150 -13.78 7.75 56.15
CA SER C 150 -12.46 8.33 56.36
C SER C 150 -11.58 8.09 55.11
N ALA C 151 -11.67 6.90 54.49
CA ALA C 151 -10.84 6.61 53.33
C ALA C 151 -11.26 7.45 52.11
N LEU C 152 -12.55 7.62 51.95
CA LEU C 152 -13.11 8.38 50.84
C LEU C 152 -12.65 9.83 50.93
N LEU C 153 -12.81 10.39 52.13
CA LEU C 153 -12.39 11.73 52.39
C LEU C 153 -10.91 11.94 52.22
N ARG C 154 -10.06 11.07 52.78
CA ARG C 154 -8.63 11.20 52.49
C ARG C 154 -8.31 11.17 51.01
N THR C 155 -9.04 10.37 50.22
CA THR C 155 -8.73 10.31 48.77
C THR C 155 -8.97 11.68 48.16
N VAL C 156 -10.13 12.27 48.49
CA VAL C 156 -10.50 13.55 47.93
C VAL C 156 -9.53 14.63 48.42
N VAL C 157 -9.29 14.73 49.73
CA VAL C 157 -8.34 15.77 50.15
C VAL C 157 -6.95 15.57 49.64
N SER C 158 -6.48 14.35 49.50
CA SER C 158 -5.17 14.19 48.88
C SER C 158 -5.08 14.72 47.46
N VAL C 159 -6.11 14.51 46.65
CA VAL C 159 -6.19 15.17 45.31
C VAL C 159 -6.11 16.69 45.42
N LEU C 160 -6.92 17.25 46.32
CA LEU C 160 -6.95 18.69 46.48
C LEU C 160 -5.65 19.26 47.03
N LYS C 161 -5.07 18.57 48.02
CA LYS C 161 -3.91 19.10 48.70
C LYS C 161 -2.65 18.98 47.83
N LYS C 162 -2.49 17.88 47.12
CA LYS C 162 -1.24 17.57 46.46
C LYS C 162 -1.16 18.00 44.98
N SER C 163 -2.26 18.49 44.42
CA SER C 163 -2.34 18.82 43.01
C SER C 163 -2.40 20.35 42.90
N PRO C 164 -1.64 20.94 41.97
CA PRO C 164 -1.84 22.38 41.74
C PRO C 164 -3.30 22.63 41.46
N PRO C 165 -3.90 23.55 42.20
CA PRO C 165 -5.34 23.85 42.04
C PRO C 165 -5.77 24.12 40.57
N HIS C 166 -4.96 24.80 39.79
CA HIS C 166 -5.35 25.10 38.41
C HIS C 166 -5.37 23.83 37.52
N LEU C 167 -4.83 22.70 37.99
CA LEU C 167 -4.94 21.49 37.21
C LEU C 167 -6.11 20.64 37.63
N ILE C 168 -6.83 21.00 38.69
CA ILE C 168 -7.99 20.23 39.08
C ILE C 168 -9.21 21.00 38.65
N LYS C 169 -9.85 20.59 37.58
CA LYS C 169 -11.07 21.27 37.10
C LYS C 169 -12.17 20.92 38.02
N GLU C 170 -12.26 19.65 38.37
CA GLU C 170 -13.29 19.13 39.25
C GLU C 170 -12.96 17.72 39.72
N ILE C 171 -13.67 17.30 40.77
CA ILE C 171 -13.64 15.97 41.25
C ILE C 171 -15.03 15.47 41.13
N ILE C 172 -15.22 14.38 40.39
CA ILE C 172 -16.59 13.87 40.26
C ILE C 172 -16.67 12.60 41.03
N LEU C 173 -17.53 12.54 42.04
CA LEU C 173 -17.75 11.29 42.81
C LEU C 173 -18.93 10.58 42.22
N VAL C 174 -18.79 9.32 41.84
CA VAL C 174 -19.95 8.53 41.50
C VAL C 174 -20.24 7.53 42.62
N ASP C 175 -21.32 7.79 43.33
CA ASP C 175 -21.79 6.95 44.39
C ASP C 175 -22.61 5.87 43.75
N ASP C 176 -22.02 4.72 43.56
CA ASP C 176 -22.68 3.63 42.91
C ASP C 176 -23.63 2.98 43.91
N TYR C 177 -24.70 3.67 44.24
CA TYR C 177 -25.73 3.07 45.08
C TYR C 177 -25.26 2.64 46.46
N SER C 178 -24.53 3.51 47.13
CA SER C 178 -24.15 3.23 48.47
C SER C 178 -25.39 3.16 49.37
N ASN C 179 -25.37 2.33 50.40
CA ASN C 179 -26.49 2.26 51.32
C ASN C 179 -26.92 3.63 51.77
N ASP C 180 -25.97 4.48 52.13
CA ASP C 180 -26.29 5.80 52.65
C ASP C 180 -25.77 6.88 51.71
N PRO C 181 -26.67 7.64 51.09
CA PRO C 181 -26.30 8.66 50.13
C PRO C 181 -25.58 9.83 50.72
N GLU C 182 -25.61 9.99 52.05
CA GLU C 182 -24.86 11.07 52.71
C GLU C 182 -23.30 10.85 52.58
N ASP C 183 -22.84 9.62 52.47
CA ASP C 183 -21.35 9.41 52.28
C ASP C 183 -20.83 10.36 51.20
N GLY C 184 -21.52 10.35 50.07
CA GLY C 184 -21.17 11.24 48.97
C GLY C 184 -21.66 12.61 49.08
N ALA C 185 -22.96 12.75 49.42
CA ALA C 185 -23.57 14.07 49.33
C ALA C 185 -22.97 15.01 50.28
N LEU C 186 -22.50 14.57 51.46
CA LEU C 186 -21.84 15.56 52.36
C LEU C 186 -20.51 16.08 51.78
N LEU C 187 -19.83 15.24 51.00
CA LEU C 187 -18.58 15.70 50.38
C LEU C 187 -18.82 16.69 49.26
N GLY C 188 -20.05 16.73 48.75
CA GLY C 188 -20.42 17.74 47.73
C GLY C 188 -20.33 19.16 48.14
N LYS C 189 -20.22 19.45 49.46
CA LYS C 189 -19.96 20.82 49.92
C LYS C 189 -18.54 21.27 49.74
N ILE C 190 -17.65 20.34 49.52
CA ILE C 190 -16.26 20.72 49.32
C ILE C 190 -16.03 21.30 47.92
N GLU C 191 -15.18 22.30 47.87
CA GLU C 191 -14.72 22.97 46.66
C GLU C 191 -14.36 21.90 45.62
N LYS C 192 -14.81 22.14 44.39
CA LYS C 192 -14.58 21.31 43.21
C LYS C 192 -15.25 19.96 43.17
N VAL C 193 -15.91 19.54 44.27
CA VAL C 193 -16.46 18.20 44.29
C VAL C 193 -17.85 18.25 43.75
N ARG C 194 -18.19 17.36 42.83
CA ARG C 194 -19.62 17.19 42.57
C ARG C 194 -19.99 15.78 42.62
N VAL C 195 -21.24 15.49 43.01
CA VAL C 195 -21.63 14.13 43.18
C VAL C 195 -22.82 13.64 42.35
N LEU C 196 -22.65 12.45 41.80
CA LEU C 196 -23.64 11.80 41.02
C LEU C 196 -23.93 10.54 41.75
N ARG C 197 -25.20 10.25 42.03
CA ARG C 197 -25.58 8.98 42.65
C ARG C 197 -26.29 8.06 41.60
N ASN C 198 -25.80 6.85 41.49
CA ASN C 198 -26.43 5.79 40.75
C ASN C 198 -27.64 5.38 41.55
N ASP C 199 -28.74 5.86 41.01
CA ASP C 199 -29.92 5.12 40.68
C ASP C 199 -29.95 3.62 41.22
N ARG C 200 -29.10 2.75 40.67
CA ARG C 200 -29.01 1.36 41.09
C ARG C 200 -27.52 0.93 41.07
N ARG C 201 -27.19 -0.25 41.60
CA ARG C 201 -25.81 -0.69 41.64
C ARG C 201 -25.36 -1.00 40.22
N GLU C 202 -24.42 -0.22 39.65
CA GLU C 202 -24.01 -0.35 38.25
C GLU C 202 -22.67 -0.97 38.08
N GLY C 203 -21.89 -0.96 39.16
CA GLY C 203 -20.50 -1.34 39.10
C GLY C 203 -19.56 -0.25 38.63
N LEU C 204 -18.29 -0.51 38.87
CA LEU C 204 -17.18 0.43 38.65
C LEU C 204 -17.06 0.89 37.19
N MET C 205 -17.08 -0.03 36.24
CA MET C 205 -16.91 0.33 34.82
C MET C 205 -18.01 1.27 34.30
N ARG C 206 -19.25 0.92 34.58
CA ARG C 206 -20.39 1.71 34.14
C ARG C 206 -20.40 2.99 34.93
N SER C 207 -20.04 2.91 36.22
CA SER C 207 -19.96 4.16 37.01
C SER C 207 -18.88 5.09 36.44
N ARG C 208 -17.75 4.52 36.05
CA ARG C 208 -16.70 5.36 35.49
C ARG C 208 -17.13 6.07 34.17
N VAL C 209 -17.92 5.37 33.37
CA VAL C 209 -18.34 5.95 32.09
C VAL C 209 -19.28 7.11 32.37
N ARG C 210 -20.12 6.92 33.36
CA ARG C 210 -21.01 7.98 33.76
C ARG C 210 -20.25 9.21 34.22
N GLY C 211 -19.26 9.00 35.09
CA GLY C 211 -18.42 10.11 35.49
C GLY C 211 -17.71 10.80 34.34
N ALA C 212 -17.14 10.01 33.47
CA ALA C 212 -16.34 10.52 32.35
C ALA C 212 -17.17 11.30 31.37
N ASP C 213 -18.39 10.83 31.15
CA ASP C 213 -19.35 11.50 30.27
C ASP C 213 -19.70 12.87 30.85
N ALA C 214 -19.74 12.97 32.17
CA ALA C 214 -19.96 14.28 32.83
C ALA C 214 -18.72 15.20 32.87
N ALA C 215 -17.55 14.67 32.58
CA ALA C 215 -16.36 15.42 32.84
C ALA C 215 -16.22 16.60 31.89
N GLN C 216 -15.83 17.78 32.37
CA GLN C 216 -15.72 18.97 31.57
C GLN C 216 -14.31 19.19 31.01
N ALA C 217 -13.27 18.63 31.64
CA ALA C 217 -11.92 18.88 31.18
C ALA C 217 -11.53 17.89 30.13
N LYS C 218 -10.40 18.20 29.55
CA LYS C 218 -9.78 17.51 28.43
C LYS C 218 -9.13 16.15 28.76
N VAL C 219 -8.64 16.02 29.99
CA VAL C 219 -7.98 14.84 30.54
C VAL C 219 -8.75 14.24 31.73
N LEU C 220 -8.91 12.93 31.66
CA LEU C 220 -9.60 12.18 32.69
C LEU C 220 -8.57 11.64 33.61
N THR C 221 -8.82 11.77 34.91
CA THR C 221 -8.06 10.96 35.91
C THR C 221 -9.00 10.02 36.69
N PHE C 222 -8.72 8.73 36.65
CA PHE C 222 -9.47 7.81 37.47
C PHE C 222 -8.63 7.41 38.68
N LEU C 223 -9.25 7.48 39.85
CA LEU C 223 -8.73 6.91 41.10
C LEU C 223 -9.82 6.07 41.76
N ASP C 224 -9.39 5.07 42.54
CA ASP C 224 -10.22 4.34 43.50
C ASP C 224 -10.52 5.20 44.68
N SER C 225 -11.50 4.76 45.46
CA SER C 225 -11.93 5.60 46.60
C SER C 225 -11.14 5.39 47.86
N HIS C 226 -10.01 4.68 47.80
CA HIS C 226 -9.10 4.46 48.97
C HIS C 226 -7.63 4.61 48.54
N CYS C 227 -7.30 5.82 48.08
CA CYS C 227 -6.03 6.25 47.54
C CYS C 227 -5.55 7.45 48.30
N GLU C 228 -4.22 7.63 48.31
CA GLU C 228 -3.62 8.87 48.87
C GLU C 228 -2.52 9.30 47.96
N CYS C 229 -2.77 10.37 47.23
CA CYS C 229 -1.82 10.91 46.33
C CYS C 229 -0.59 11.49 47.07
N ASN C 230 0.58 11.35 46.45
CA ASN C 230 1.82 11.84 47.06
C ASN C 230 2.28 13.13 46.36
N GLU C 231 3.45 13.63 46.72
CA GLU C 231 3.92 14.93 46.26
C GLU C 231 4.08 14.96 44.77
N HIS C 232 3.53 15.99 44.14
CA HIS C 232 3.65 16.15 42.68
C HIS C 232 3.33 14.89 41.85
N TRP C 233 2.29 14.16 42.27
CA TRP C 233 1.84 12.95 41.68
C TRP C 233 1.23 13.24 40.34
N LEU C 234 0.64 14.43 40.17
CA LEU C 234 -0.20 14.62 38.96
C LEU C 234 0.56 15.08 37.73
N GLU C 235 1.46 16.06 37.89
CA GLU C 235 2.10 16.72 36.74
C GLU C 235 2.85 15.75 35.82
N PRO C 236 3.57 14.79 36.38
CA PRO C 236 4.20 13.82 35.46
C PRO C 236 3.23 12.97 34.66
N LEU C 237 2.01 12.76 35.18
CA LEU C 237 1.05 11.98 34.43
C LEU C 237 0.53 12.83 33.30
N LEU C 238 0.15 14.05 33.63
CA LEU C 238 -0.36 14.99 32.64
C LEU C 238 0.64 15.34 31.51
N GLU C 239 1.93 15.46 31.85
CA GLU C 239 2.94 15.68 30.85
C GLU C 239 2.98 14.59 29.74
N ARG C 240 2.79 13.30 30.12
CA ARG C 240 2.87 12.22 29.16
C ARG C 240 1.79 12.37 28.13
N VAL C 241 0.58 12.62 28.60
CA VAL C 241 -0.54 12.67 27.75
C VAL C 241 -0.65 13.98 27.00
N ALA C 242 -0.15 15.08 27.58
CA ALA C 242 -0.10 16.33 26.85
C ALA C 242 0.88 16.16 25.69
N GLU C 243 1.94 15.41 25.88
CA GLU C 243 2.88 15.21 24.77
C GLU C 243 2.37 14.20 23.71
N ASP C 244 1.67 13.13 24.12
CA ASP C 244 1.05 12.17 23.20
C ASP C 244 -0.21 11.56 23.80
N ARG C 245 -1.34 11.99 23.26
CA ARG C 245 -2.65 11.63 23.75
C ARG C 245 -3.08 10.20 23.67
N THR C 246 -2.32 9.37 22.95
CA THR C 246 -2.59 7.95 22.86
C THR C 246 -1.86 7.18 23.99
N ARG C 247 -1.16 7.89 24.89
CA ARG C 247 -0.57 7.25 26.10
C ARG C 247 -1.59 7.22 27.27
N VAL C 248 -1.75 6.03 27.85
CA VAL C 248 -2.59 5.83 29.01
C VAL C 248 -1.65 5.52 30.13
N VAL C 249 -1.67 6.37 31.17
CA VAL C 249 -0.57 6.40 32.10
C VAL C 249 -1.01 6.27 33.50
N SER C 250 -0.18 5.59 34.28
CA SER C 250 -0.48 5.24 35.64
C SER C 250 0.67 5.61 36.54
N PRO C 251 0.37 5.88 37.80
CA PRO C 251 1.42 6.08 38.75
C PRO C 251 1.96 4.77 39.24
N ILE C 252 3.18 4.77 39.84
CA ILE C 252 3.54 3.69 40.76
C ILE C 252 2.57 3.69 41.92
N ILE C 253 2.00 2.53 42.16
CA ILE C 253 0.98 2.39 43.19
C ILE C 253 1.60 1.95 44.51
N ASP C 254 1.65 2.86 45.49
CA ASP C 254 2.25 2.57 46.78
C ASP C 254 1.26 1.77 47.60
N VAL C 255 1.75 1.10 48.66
CA VAL C 255 0.88 0.24 49.45
C VAL C 255 0.45 0.93 50.75
N ILE C 256 -0.86 0.99 51.02
CA ILE C 256 -1.40 1.38 52.32
C ILE C 256 -1.93 0.09 52.98
N ASN C 257 -1.28 -0.33 54.09
CA ASN C 257 -1.57 -1.56 54.74
C ASN C 257 -2.96 -1.60 55.31
N MET C 258 -3.69 -2.67 55.02
CA MET C 258 -5.08 -2.78 55.40
C MET C 258 -5.27 -2.91 56.92
N ASP C 259 -4.19 -3.15 57.66
CA ASP C 259 -4.33 -3.37 59.10
C ASP C 259 -3.99 -2.17 59.89
N ASN C 260 -2.84 -1.62 59.61
CA ASN C 260 -2.34 -0.50 60.36
C ASN C 260 -2.35 0.79 59.56
N PHE C 261 -2.74 0.74 58.28
CA PHE C 261 -2.76 1.96 57.44
C PHE C 261 -1.48 2.71 57.26
N GLN C 262 -0.35 2.08 57.52
CA GLN C 262 0.90 2.69 57.19
C GLN C 262 1.09 2.72 55.68
N TYR C 263 1.77 3.76 55.25
CA TYR C 263 1.98 4.03 53.85
C TYR C 263 3.38 3.54 53.46
N VAL C 264 3.42 2.57 52.52
CA VAL C 264 4.59 1.81 52.18
C VAL C 264 5.03 2.01 50.73
N GLY C 265 6.27 2.45 50.53
CA GLY C 265 6.78 2.61 49.19
C GLY C 265 6.90 1.30 48.42
N ALA C 266 6.27 1.26 47.25
CA ALA C 266 6.33 0.13 46.32
C ALA C 266 7.65 0.08 45.52
N SER C 267 7.97 -1.11 45.01
CA SER C 267 9.09 -1.25 44.09
C SER C 267 8.83 -0.41 42.83
N ALA C 268 9.88 0.10 42.24
CA ALA C 268 9.78 0.79 40.96
C ALA C 268 10.24 -0.08 39.79
N ASP C 269 10.62 -1.32 40.07
CA ASP C 269 11.20 -2.24 39.08
C ASP C 269 10.19 -3.20 38.45
N LEU C 270 8.92 -2.91 38.64
CA LEU C 270 7.85 -3.78 38.20
C LEU C 270 7.20 -3.35 36.89
N LYS C 271 6.61 -4.33 36.22
CA LYS C 271 5.75 -4.19 35.07
C LYS C 271 4.52 -5.03 35.32
N GLY C 272 3.39 -4.60 34.77
CA GLY C 272 2.15 -5.30 34.92
C GLY C 272 2.06 -6.48 33.97
N GLY C 273 1.27 -7.48 34.31
CA GLY C 273 1.27 -8.70 33.52
C GLY C 273 0.20 -9.65 33.97
N PHE C 274 0.26 -10.89 33.50
CA PHE C 274 -0.76 -11.86 33.82
C PHE C 274 -0.28 -13.20 33.30
N ASP C 275 -0.86 -14.24 33.85
CA ASP C 275 -0.60 -15.62 33.42
C ASP C 275 -1.79 -16.00 32.61
N TRP C 276 -1.83 -17.25 32.16
CA TRP C 276 -2.93 -17.65 31.25
C TRP C 276 -4.30 -17.77 31.89
N ASN C 277 -4.37 -17.83 33.21
CA ASN C 277 -5.64 -17.73 33.89
C ASN C 277 -6.25 -16.30 33.92
N LEU C 278 -5.52 -15.36 33.33
CA LEU C 278 -5.90 -13.95 33.18
C LEU C 278 -5.99 -13.22 34.51
N VAL C 279 -5.28 -13.73 35.53
CA VAL C 279 -5.16 -13.00 36.75
C VAL C 279 -3.98 -12.02 36.70
N PHE C 280 -4.24 -10.76 37.01
CA PHE C 280 -3.21 -9.75 36.93
C PHE C 280 -2.08 -10.07 37.90
N LYS C 281 -0.84 -9.88 37.48
CA LYS C 281 0.27 -9.93 38.45
C LYS C 281 1.34 -8.92 38.08
N TRP C 282 2.12 -8.51 39.08
CA TRP C 282 3.34 -7.74 38.87
C TRP C 282 4.48 -8.73 38.63
N ASP C 283 5.60 -8.26 38.05
CA ASP C 283 6.83 -9.01 37.98
C ASP C 283 7.98 -8.05 37.66
N TYR C 284 9.21 -8.39 38.10
CA TYR C 284 10.33 -7.48 37.93
C TYR C 284 10.63 -7.38 36.45
N MET C 285 11.08 -6.23 36.01
CA MET C 285 11.64 -6.11 34.68
C MET C 285 12.72 -7.15 34.48
N THR C 286 13.02 -7.44 33.21
CA THR C 286 14.20 -8.26 32.88
C THR C 286 15.53 -7.51 33.15
N PRO C 287 16.63 -8.26 33.34
CA PRO C 287 17.93 -7.61 33.51
C PRO C 287 18.27 -6.71 32.37
N GLU C 288 17.98 -7.10 31.14
CA GLU C 288 18.35 -6.19 30.05
C GLU C 288 17.49 -4.90 30.10
N GLN C 289 16.23 -5.02 30.46
CA GLN C 289 15.36 -3.84 30.59
C GLN C 289 15.88 -2.92 31.64
N ARG C 290 16.20 -3.47 32.79
CA ARG C 290 16.87 -2.68 33.82
C ARG C 290 18.13 -2.04 33.28
N ARG C 291 18.99 -2.80 32.62
N ARG C 291 18.97 -2.85 32.63
CA ARG C 291 20.24 -2.26 32.12
CA ARG C 291 20.21 -2.39 32.02
C ARG C 291 19.99 -1.08 31.16
C ARG C 291 19.98 -1.13 31.18
N SER C 292 19.03 -1.22 30.26
CA SER C 292 18.76 -0.14 29.30
C SER C 292 18.19 1.14 30.00
N ARG C 293 17.88 1.07 31.31
CA ARG C 293 17.35 2.24 32.02
C ARG C 293 18.40 2.95 32.86
N GLN C 294 19.66 2.47 32.82
CA GLN C 294 20.78 3.10 33.57
C GLN C 294 20.84 4.60 33.29
N GLY C 295 20.59 4.98 32.04
CA GLY C 295 20.60 6.40 31.64
C GLY C 295 19.49 7.26 32.24
N ASN C 296 18.36 6.68 32.60
CA ASN C 296 17.32 7.44 33.24
C ASN C 296 16.42 6.48 34.00
N PRO C 297 16.75 6.21 35.25
CA PRO C 297 16.06 5.21 36.02
C PRO C 297 14.65 5.63 36.38
N VAL C 298 14.29 6.88 36.17
CA VAL C 298 12.89 7.29 36.37
C VAL C 298 12.15 7.57 35.05
N ALA C 299 12.66 7.03 33.94
CA ALA C 299 11.93 7.15 32.68
C ALA C 299 10.63 6.38 32.78
N PRO C 300 9.67 6.74 31.95
CA PRO C 300 8.50 5.94 31.81
C PRO C 300 8.75 4.43 31.60
N ILE C 301 7.85 3.63 32.14
CA ILE C 301 7.90 2.22 31.94
C ILE C 301 6.72 1.75 31.13
N LYS C 302 6.96 1.20 29.95
CA LYS C 302 5.90 0.64 29.15
C LYS C 302 5.40 -0.63 29.79
N THR C 303 4.11 -0.85 29.81
CA THR C 303 3.59 -1.99 30.57
C THR C 303 2.53 -2.68 29.77
N PRO C 304 2.59 -3.98 29.71
CA PRO C 304 1.60 -4.80 28.96
C PRO C 304 0.19 -4.68 29.53
N MET C 305 0.07 -4.32 30.78
CA MET C 305 -1.20 -4.24 31.46
C MET C 305 -1.08 -3.31 32.67
N ILE C 306 -2.12 -2.51 32.89
CA ILE C 306 -2.18 -1.68 34.08
C ILE C 306 -2.98 -2.31 35.19
N ALA C 307 -2.73 -1.84 36.41
CA ALA C 307 -3.48 -2.39 37.55
C ALA C 307 -4.94 -2.10 37.32
N GLY C 308 -5.21 -0.91 36.80
CA GLY C 308 -6.57 -0.54 36.34
C GLY C 308 -7.35 0.40 37.24
N GLY C 309 -7.06 0.40 38.53
CA GLY C 309 -7.67 1.38 39.45
C GLY C 309 -7.25 2.85 39.27
N LEU C 310 -6.01 3.08 38.79
CA LEU C 310 -5.47 4.39 38.74
C LEU C 310 -4.82 4.69 37.41
N PHE C 311 -5.33 5.67 36.69
CA PHE C 311 -4.75 5.98 35.43
C PHE C 311 -5.27 7.29 34.90
N VAL C 312 -4.53 7.86 33.97
CA VAL C 312 -4.88 9.13 33.38
C VAL C 312 -4.95 8.89 31.85
N MET C 313 -5.93 9.48 31.18
CA MET C 313 -6.19 9.21 29.78
C MET C 313 -6.88 10.43 29.19
N ASP C 314 -6.37 10.92 28.10
CA ASP C 314 -7.00 11.97 27.29
C ASP C 314 -8.49 11.65 27.14
N LYS C 315 -9.34 12.61 27.40
CA LYS C 315 -10.78 12.32 27.44
C LYS C 315 -11.36 11.89 26.06
N PHE C 316 -10.95 12.59 25.03
CA PHE C 316 -11.37 12.27 23.71
C PHE C 316 -10.82 10.91 23.26
N TYR C 317 -9.61 10.57 23.65
CA TYR C 317 -9.08 9.27 23.33
C TYR C 317 -9.86 8.16 24.02
N PHE C 318 -10.22 8.35 25.27
CA PHE C 318 -11.07 7.41 26.02
C PHE C 318 -12.38 7.15 25.28
N GLU C 319 -13.01 8.22 24.82
CA GLU C 319 -14.29 8.12 24.04
C GLU C 319 -14.17 7.41 22.67
N GLU C 320 -13.19 7.84 21.88
CA GLU C 320 -12.91 7.32 20.57
C GLU C 320 -12.56 5.83 20.64
N LEU C 321 -11.86 5.43 21.70
CA LEU C 321 -11.45 4.06 21.80
C LEU C 321 -12.52 3.11 22.30
N GLY C 322 -13.66 3.62 22.74
CA GLY C 322 -14.80 2.78 23.19
C GLY C 322 -15.06 2.78 24.70
N LYS C 323 -14.57 3.79 25.40
CA LYS C 323 -14.88 4.02 26.81
C LYS C 323 -14.53 2.77 27.65
N TYR C 324 -15.53 2.13 28.25
CA TYR C 324 -15.38 0.79 28.78
C TYR C 324 -16.49 -0.02 28.16
N ASP C 325 -16.34 -1.32 28.17
CA ASP C 325 -17.38 -2.22 27.66
C ASP C 325 -18.53 -2.11 28.62
N MET C 326 -19.64 -1.52 28.17
CA MET C 326 -20.77 -1.18 29.08
C MET C 326 -21.59 -2.36 29.59
N MET C 327 -21.36 -3.52 29.04
CA MET C 327 -21.97 -4.74 29.56
C MET C 327 -21.11 -5.50 30.60
N MET C 328 -20.02 -4.90 31.04
CA MET C 328 -19.22 -5.53 32.10
C MET C 328 -20.01 -5.37 33.41
N ASP C 329 -20.03 -6.38 34.27
CA ASP C 329 -20.76 -6.28 35.54
C ASP C 329 -19.88 -5.92 36.72
N VAL C 330 -20.48 -5.89 37.90
CA VAL C 330 -19.81 -5.57 39.14
C VAL C 330 -18.54 -6.32 39.40
N TRP C 331 -18.47 -7.59 39.02
CA TRP C 331 -17.49 -8.50 39.60
C TRP C 331 -16.03 -8.33 39.11
N GLY C 332 -15.85 -7.89 37.85
CA GLY C 332 -14.51 -7.55 37.29
C GLY C 332 -13.59 -6.78 38.23
N GLY C 333 -12.31 -6.66 37.90
CA GLY C 333 -11.73 -7.08 36.61
C GLY C 333 -11.35 -5.95 35.65
N GLU C 334 -11.28 -4.68 36.12
CA GLU C 334 -11.12 -3.45 35.23
C GLU C 334 -9.74 -3.19 34.45
N ASN C 335 -8.74 -4.02 34.70
CA ASN C 335 -7.49 -3.93 33.98
C ASN C 335 -7.51 -4.57 32.59
N LEU C 336 -8.24 -5.65 32.39
CA LEU C 336 -7.94 -6.54 31.26
C LEU C 336 -8.32 -5.97 29.90
N GLU C 337 -9.62 -5.73 29.75
CA GLU C 337 -10.16 -5.40 28.44
C GLU C 337 -9.55 -4.08 27.93
N ILE C 338 -9.45 -3.07 28.81
CA ILE C 338 -8.93 -1.79 28.39
C ILE C 338 -7.43 -1.90 28.03
N SER C 339 -6.68 -2.72 28.75
CA SER C 339 -5.25 -2.83 28.46
C SER C 339 -5.03 -3.47 27.09
N PHE C 340 -5.71 -4.58 26.82
CA PHE C 340 -5.66 -5.17 25.45
C PHE C 340 -6.14 -4.21 24.33
N ARG C 341 -7.23 -3.53 24.57
CA ARG C 341 -7.77 -2.63 23.53
C ARG C 341 -6.82 -1.44 23.25
N VAL C 342 -6.24 -0.85 24.29
CA VAL C 342 -5.34 0.28 24.06
C VAL C 342 -4.10 -0.15 23.23
N TRP C 343 -3.50 -1.26 23.60
CA TRP C 343 -2.27 -1.64 22.88
C TRP C 343 -2.59 -2.11 21.46
N GLN C 344 -3.67 -2.90 21.32
CA GLN C 344 -4.02 -3.50 20.05
C GLN C 344 -4.53 -2.41 19.09
N CYS C 345 -5.10 -1.34 19.62
CA CYS C 345 -5.67 -0.31 18.76
C CYS C 345 -4.75 0.89 18.61
N GLY C 346 -3.49 0.72 19.00
CA GLY C 346 -2.47 1.69 18.62
C GLY C 346 -2.03 2.70 19.66
N GLY C 347 -2.51 2.56 20.90
CA GLY C 347 -2.07 3.40 21.99
C GLY C 347 -0.99 2.66 22.76
N SER C 348 -0.77 3.11 23.98
CA SER C 348 0.20 2.55 24.84
C SER C 348 -0.12 2.77 26.32
N LEU C 349 0.54 1.98 27.14
CA LEU C 349 0.31 1.91 28.58
C LEU C 349 1.65 2.14 29.24
N GLU C 350 1.66 3.06 30.23
CA GLU C 350 2.87 3.41 30.94
C GLU C 350 2.67 3.49 32.45
N ILE C 351 3.73 3.12 33.17
CA ILE C 351 3.87 3.38 34.56
C ILE C 351 4.91 4.46 34.67
N ILE C 352 4.55 5.54 35.41
CA ILE C 352 5.35 6.74 35.55
C ILE C 352 5.99 6.82 36.94
N PRO C 353 7.31 6.51 37.04
CA PRO C 353 7.89 6.38 38.38
C PRO C 353 7.82 7.63 39.26
N CYS C 354 7.84 8.83 38.68
CA CYS C 354 7.79 10.03 39.54
C CYS C 354 6.36 10.34 40.09
N SER C 355 5.35 9.68 39.54
CA SER C 355 3.99 9.77 40.12
C SER C 355 3.81 8.60 41.11
N ARG C 356 3.59 8.94 42.38
CA ARG C 356 3.34 8.00 43.41
C ARG C 356 1.99 8.26 44.05
N VAL C 357 1.15 7.21 44.07
CA VAL C 357 -0.13 7.21 44.77
C VAL C 357 -0.29 5.94 45.58
N GLY C 358 -0.64 6.09 46.82
CA GLY C 358 -0.91 4.91 47.67
C GLY C 358 -2.30 4.35 47.47
N HIS C 359 -2.47 3.05 47.72
CA HIS C 359 -3.72 2.38 47.51
C HIS C 359 -3.90 1.34 48.66
N VAL C 360 -5.02 1.36 49.37
CA VAL C 360 -5.29 0.39 50.41
C VAL C 360 -5.52 -0.97 49.70
N PHE C 361 -4.63 -1.91 49.90
CA PHE C 361 -4.80 -3.23 49.32
C PHE C 361 -5.49 -4.17 50.31
N ARG C 362 -6.52 -4.89 49.87
CA ARG C 362 -7.09 -5.97 50.71
C ARG C 362 -7.23 -7.30 49.92
N LYS C 363 -8.12 -8.22 50.31
CA LYS C 363 -8.41 -9.48 49.54
C LYS C 363 -9.59 -9.30 48.61
N PHE C 377 -17.66 -15.08 38.72
CA PHE C 377 -16.84 -13.93 38.36
C PHE C 377 -16.35 -13.87 36.88
N ALA C 378 -16.50 -14.95 36.12
CA ALA C 378 -15.77 -15.10 34.82
C ALA C 378 -16.40 -14.36 33.64
N ARG C 379 -17.59 -13.83 33.85
CA ARG C 379 -18.32 -13.14 32.79
C ARG C 379 -17.48 -11.99 32.17
N ASN C 380 -17.03 -11.04 32.99
CA ASN C 380 -16.15 -9.98 32.48
C ASN C 380 -14.90 -10.45 31.76
N THR C 381 -14.21 -11.46 32.27
CA THR C 381 -13.02 -11.99 31.60
C THR C 381 -13.31 -12.65 30.28
N ARG C 382 -14.44 -13.35 30.18
CA ARG C 382 -14.83 -13.93 28.90
C ARG C 382 -15.12 -12.85 27.86
N ARG C 383 -15.83 -11.79 28.26
CA ARG C 383 -16.14 -10.70 27.32
C ARG C 383 -14.86 -10.07 26.79
N ALA C 384 -13.80 -10.05 27.62
CA ALA C 384 -12.51 -9.56 27.14
C ALA C 384 -11.82 -10.57 26.23
N ALA C 385 -11.77 -11.81 26.68
CA ALA C 385 -11.08 -12.84 25.90
C ALA C 385 -11.75 -13.05 24.53
N GLU C 386 -13.09 -13.07 24.53
CA GLU C 386 -13.82 -13.39 23.29
C GLU C 386 -13.64 -12.27 22.22
N VAL C 387 -13.36 -11.04 22.65
CA VAL C 387 -13.29 -9.94 21.71
C VAL C 387 -11.89 -9.70 21.25
N TRP C 388 -10.89 -9.88 22.13
CA TRP C 388 -9.50 -9.36 21.89
C TRP C 388 -8.46 -10.41 21.66
N MET C 389 -8.67 -11.62 22.21
CA MET C 389 -7.62 -12.61 22.27
C MET C 389 -7.43 -13.52 21.07
N ASP C 390 -8.33 -13.44 20.08
CA ASP C 390 -8.34 -14.37 18.96
C ASP C 390 -8.21 -15.84 19.46
N GLU C 391 -7.33 -16.66 18.90
CA GLU C 391 -7.25 -18.10 19.25
C GLU C 391 -6.66 -18.34 20.62
N TYR C 392 -6.01 -17.31 21.13
CA TYR C 392 -5.34 -17.43 22.42
C TYR C 392 -6.31 -17.54 23.60
N LYS C 393 -7.56 -17.18 23.36
CA LYS C 393 -8.55 -17.34 24.39
C LYS C 393 -8.57 -18.82 24.82
N ASN C 394 -8.19 -19.70 23.92
CA ASN C 394 -8.18 -21.13 24.28
C ASN C 394 -7.19 -21.51 25.38
N PHE C 395 -6.10 -20.77 25.52
CA PHE C 395 -5.23 -21.01 26.66
C PHE C 395 -5.89 -20.59 27.93
N TYR C 396 -6.69 -19.51 27.89
CA TYR C 396 -7.38 -19.10 29.09
C TYR C 396 -8.40 -20.17 29.51
N TYR C 397 -9.15 -20.69 28.55
CA TYR C 397 -10.18 -21.68 28.84
C TYR C 397 -9.55 -22.97 29.35
N ALA C 398 -8.41 -23.34 28.77
CA ALA C 398 -7.55 -24.36 29.31
C ALA C 398 -7.27 -24.17 30.78
N ALA C 399 -6.86 -22.97 31.16
CA ALA C 399 -6.46 -22.68 32.55
C ALA C 399 -7.66 -22.62 33.47
N VAL C 400 -8.79 -22.17 32.95
CA VAL C 400 -9.97 -21.99 33.73
C VAL C 400 -11.12 -22.70 33.02
N PRO C 401 -11.07 -24.06 33.00
CA PRO C 401 -12.04 -24.81 32.24
C PRO C 401 -13.46 -24.53 32.59
N SER C 402 -13.75 -24.20 33.85
CA SER C 402 -15.10 -23.79 34.21
C SER C 402 -15.63 -22.47 33.56
N ALA C 403 -14.72 -21.62 33.06
CA ALA C 403 -15.13 -20.40 32.40
C ALA C 403 -15.90 -20.73 31.10
N ARG C 404 -15.56 -21.86 30.49
CA ARG C 404 -16.23 -22.25 29.23
C ARG C 404 -17.75 -22.31 29.35
N ASN C 405 -18.30 -22.48 30.54
CA ASN C 405 -19.77 -22.61 30.66
C ASN C 405 -20.51 -21.30 30.78
N VAL C 406 -19.79 -20.27 31.20
CA VAL C 406 -20.39 -19.08 31.76
C VAL C 406 -21.01 -18.12 30.74
N PRO C 407 -22.31 -17.76 30.92
CA PRO C 407 -22.84 -16.78 30.00
C PRO C 407 -22.10 -15.45 30.12
N TYR C 408 -21.96 -14.78 28.99
CA TYR C 408 -21.29 -13.52 29.00
C TYR C 408 -21.98 -12.43 28.16
N GLY C 409 -23.09 -12.78 27.49
CA GLY C 409 -23.93 -11.73 26.89
C GLY C 409 -23.46 -11.46 25.48
N ASN C 410 -23.89 -10.33 24.95
CA ASN C 410 -23.71 -9.98 23.54
C ASN C 410 -22.48 -9.07 23.35
N ILE C 411 -21.56 -9.46 22.45
CA ILE C 411 -20.31 -8.70 22.21
C ILE C 411 -20.22 -8.04 20.81
N GLN C 412 -21.29 -8.08 20.00
CA GLN C 412 -21.26 -7.50 18.65
C GLN C 412 -20.73 -6.10 18.63
N SER C 413 -21.26 -5.25 19.49
CA SER C 413 -20.85 -3.86 19.54
C SER C 413 -19.32 -3.77 19.73
N ARG C 414 -18.80 -4.61 20.60
CA ARG C 414 -17.34 -4.59 20.81
C ARG C 414 -16.53 -5.07 19.59
N LEU C 415 -17.03 -6.09 18.90
CA LEU C 415 -16.31 -6.59 17.73
C LEU C 415 -16.37 -5.55 16.63
N GLU C 416 -17.49 -4.84 16.55
CA GLU C 416 -17.64 -3.78 15.56
C GLU C 416 -16.70 -2.66 15.90
N LEU C 417 -16.54 -2.36 17.18
CA LEU C 417 -15.54 -1.36 17.61
C LEU C 417 -14.14 -1.76 17.19
N ARG C 418 -13.80 -3.02 17.47
CA ARG C 418 -12.50 -3.55 17.09
C ARG C 418 -12.17 -3.41 15.58
N LYS C 419 -13.12 -3.77 14.73
CA LYS C 419 -12.91 -3.62 13.27
C LYS C 419 -12.77 -2.15 12.85
N LYS C 420 -13.69 -1.34 13.35
CA LYS C 420 -13.72 0.07 13.07
C LYS C 420 -12.39 0.78 13.38
N LEU C 421 -11.82 0.46 14.53
CA LEU C 421 -10.57 1.04 14.92
C LEU C 421 -9.39 0.33 14.22
N SER C 422 -9.62 -0.75 13.48
CA SER C 422 -8.52 -1.55 12.83
C SER C 422 -7.45 -2.11 13.81
N CYS C 423 -7.87 -2.73 14.88
CA CYS C 423 -6.92 -3.15 15.87
C CYS C 423 -6.08 -4.33 15.38
N LYS C 424 -4.91 -4.48 15.97
CA LYS C 424 -4.02 -5.56 15.65
C LYS C 424 -4.43 -6.85 16.35
N PRO C 425 -3.99 -7.99 15.79
CA PRO C 425 -4.36 -9.27 16.38
C PRO C 425 -3.63 -9.50 17.70
N PHE C 426 -4.12 -10.45 18.48
CA PHE C 426 -3.54 -10.69 19.81
C PHE C 426 -2.12 -11.22 19.69
N LYS C 427 -1.88 -11.99 18.64
CA LYS C 427 -0.54 -12.43 18.30
C LYS C 427 0.43 -11.26 18.20
N TRP C 428 0.00 -10.16 17.59
CA TRP C 428 0.84 -8.96 17.50
C TRP C 428 1.16 -8.40 18.91
N TYR C 429 0.19 -8.48 19.82
CA TYR C 429 0.32 -7.99 21.20
C TYR C 429 1.35 -8.85 21.94
N LEU C 430 1.18 -10.17 21.84
CA LEU C 430 2.08 -11.06 22.56
C LEU C 430 3.53 -10.86 22.08
N GLU C 431 3.71 -10.65 20.78
CA GLU C 431 5.05 -10.48 20.22
C GLU C 431 5.69 -9.12 20.50
N ASN C 432 4.92 -8.07 20.43
CA ASN C 432 5.47 -6.74 20.49
C ASN C 432 5.29 -6.06 21.81
N VAL C 433 4.19 -6.34 22.50
CA VAL C 433 3.89 -5.76 23.83
C VAL C 433 4.33 -6.65 25.01
N TYR C 434 3.99 -7.94 24.98
CA TYR C 434 4.26 -8.81 26.11
C TYR C 434 4.97 -10.14 25.74
N PRO C 435 6.18 -10.05 25.13
CA PRO C 435 6.93 -11.22 24.70
C PRO C 435 7.42 -12.03 25.86
N GLU C 436 7.38 -11.47 27.05
CA GLU C 436 7.84 -12.29 28.12
C GLU C 436 6.77 -13.25 28.69
N LEU C 437 5.50 -13.12 28.27
CA LEU C 437 4.50 -14.13 28.61
C LEU C 437 4.90 -15.36 27.80
N ARG C 438 5.16 -16.50 28.42
CA ARG C 438 5.51 -17.59 27.52
C ARG C 438 4.28 -18.39 27.11
N VAL C 439 4.24 -18.63 25.82
CA VAL C 439 3.03 -19.12 25.18
C VAL C 439 3.26 -20.54 24.73
N PRO C 440 2.33 -21.47 25.06
CA PRO C 440 2.51 -22.81 24.58
C PRO C 440 2.51 -22.87 23.08
N ASP C 441 3.19 -23.86 22.54
CA ASP C 441 3.14 -24.13 21.16
C ASP C 441 1.69 -24.56 20.87
N HIS C 442 1.21 -24.22 19.65
CA HIS C 442 -0.19 -24.54 19.24
C HIS C 442 -0.60 -26.02 19.47
N GLN C 443 0.34 -26.95 19.36
CA GLN C 443 0.05 -28.38 19.53
C GLN C 443 0.64 -28.99 20.80
N ASP C 444 1.03 -28.17 21.76
CA ASP C 444 1.47 -28.72 23.03
C ASP C 444 0.29 -29.38 23.76
N ILE C 445 0.58 -30.42 24.53
CA ILE C 445 -0.45 -31.19 25.16
C ILE C 445 -0.68 -30.68 26.57
N ALA C 446 0.39 -30.22 27.19
CA ALA C 446 0.35 -29.56 28.45
C ALA C 446 1.52 -28.58 28.58
N PHE C 447 1.46 -27.74 29.61
CA PHE C 447 2.42 -26.63 29.74
C PHE C 447 2.52 -26.17 31.19
N GLY C 448 3.66 -25.55 31.51
CA GLY C 448 3.76 -24.77 32.71
C GLY C 448 4.73 -25.39 33.69
N ALA C 449 4.28 -25.58 34.92
CA ALA C 449 5.08 -26.21 35.92
C ALA C 449 4.52 -27.64 36.02
N LEU C 450 5.36 -28.58 36.39
CA LEU C 450 4.89 -29.93 36.69
C LEU C 450 4.99 -30.11 38.20
N GLN C 451 3.84 -30.10 38.87
CA GLN C 451 3.81 -30.04 40.33
C GLN C 451 3.57 -31.33 41.00
N GLN C 452 4.33 -31.55 42.07
CA GLN C 452 4.07 -32.59 43.03
C GLN C 452 3.84 -31.90 44.37
N GLY C 453 2.55 -31.78 44.75
CA GLY C 453 2.18 -31.08 45.96
C GLY C 453 2.63 -29.66 45.77
N THR C 454 3.51 -29.20 46.65
CA THR C 454 4.06 -27.86 46.54
C THR C 454 5.51 -27.87 46.01
N ASN C 455 5.93 -28.96 45.40
CA ASN C 455 7.22 -28.98 44.75
C ASN C 455 7.00 -29.03 43.26
N CYS C 456 8.02 -28.61 42.53
CA CYS C 456 7.94 -28.52 41.09
C CYS C 456 9.18 -29.20 40.51
N LEU C 457 9.00 -29.89 39.39
CA LEU C 457 10.09 -30.38 38.55
C LEU C 457 11.03 -29.20 38.16
N ASP C 458 12.30 -29.35 38.49
CA ASP C 458 13.30 -28.34 38.35
C ASP C 458 14.49 -28.95 37.63
N THR C 459 15.05 -28.26 36.65
CA THR C 459 16.30 -28.77 35.99
C THR C 459 17.49 -28.70 36.92
N LEU C 460 17.36 -28.04 38.07
CA LEU C 460 18.50 -27.83 38.98
C LEU C 460 19.69 -27.05 38.38
N GLY C 461 19.44 -26.26 37.35
CA GLY C 461 20.52 -25.58 36.67
C GLY C 461 21.37 -26.51 35.81
N HIS C 462 20.94 -27.75 35.63
CA HIS C 462 21.68 -28.69 34.83
C HIS C 462 21.38 -28.62 33.34
N PHE C 463 22.29 -29.15 32.54
CA PHE C 463 22.12 -29.18 31.11
C PHE C 463 22.24 -30.61 30.66
N ALA C 464 22.64 -30.83 29.41
CA ALA C 464 22.62 -32.16 28.84
C ALA C 464 23.45 -33.15 29.66
N ASP C 465 22.97 -34.39 29.74
CA ASP C 465 23.49 -35.42 30.59
C ASP C 465 23.34 -35.13 32.08
N GLY C 466 22.58 -34.11 32.45
CA GLY C 466 22.40 -33.80 33.87
C GLY C 466 21.13 -34.43 34.39
N VAL C 467 21.12 -34.62 35.70
CA VAL C 467 19.96 -35.13 36.40
C VAL C 467 19.01 -33.96 36.66
N VAL C 468 17.81 -34.34 37.07
CA VAL C 468 16.69 -33.46 37.24
C VAL C 468 16.12 -33.77 38.64
N GLY C 469 15.36 -32.84 39.21
CA GLY C 469 14.98 -32.87 40.63
C GLY C 469 13.76 -32.01 40.94
N VAL C 470 13.60 -31.61 42.20
CA VAL C 470 12.48 -30.78 42.56
C VAL C 470 12.98 -29.72 43.51
N TYR C 471 12.31 -28.57 43.45
CA TYR C 471 12.38 -27.56 44.50
C TYR C 471 10.97 -27.09 44.75
N GLU C 472 10.83 -26.28 45.79
CA GLU C 472 9.56 -25.62 46.13
C GLU C 472 9.15 -24.75 44.92
N CYS C 473 7.89 -24.83 44.52
CA CYS C 473 7.39 -24.13 43.33
C CYS C 473 7.49 -22.65 43.60
N HIS C 474 8.13 -21.88 42.75
CA HIS C 474 8.33 -20.47 43.04
C HIS C 474 7.52 -19.53 42.09
N ASN C 475 6.83 -20.11 41.11
CA ASN C 475 6.02 -19.37 40.12
C ASN C 475 6.74 -18.33 39.25
N ALA C 476 8.04 -18.13 39.49
CA ALA C 476 8.92 -17.33 38.60
C ALA C 476 9.41 -18.05 37.34
N GLY C 477 8.93 -19.26 37.06
CA GLY C 477 9.18 -19.86 35.76
C GLY C 477 10.56 -20.48 35.72
N GLY C 478 11.41 -19.99 34.83
CA GLY C 478 12.82 -20.42 34.70
C GLY C 478 13.02 -21.91 34.68
N ASN C 479 13.68 -22.40 35.74
CA ASN C 479 14.09 -23.82 35.78
C ASN C 479 12.93 -24.75 36.07
N GLN C 480 11.79 -24.15 36.37
CA GLN C 480 10.52 -24.91 36.55
C GLN C 480 9.54 -24.83 35.38
N GLU C 481 10.00 -24.37 34.24
CA GLU C 481 9.16 -24.23 33.07
C GLU C 481 9.33 -25.45 32.19
N TRP C 482 8.20 -26.05 31.82
CA TRP C 482 8.20 -27.20 30.99
C TRP C 482 7.01 -27.19 30.06
N ALA C 483 7.06 -28.16 29.15
CA ALA C 483 5.99 -28.44 28.19
C ALA C 483 6.02 -29.95 27.87
N LEU C 484 4.82 -30.50 27.69
CA LEU C 484 4.58 -31.81 27.10
C LEU C 484 4.12 -31.54 25.65
N THR C 485 5.01 -31.79 24.70
CA THR C 485 4.85 -31.48 23.28
C THR C 485 3.97 -32.46 22.47
N LYS C 486 3.68 -32.10 21.21
CA LYS C 486 2.99 -33.00 20.28
C LYS C 486 3.76 -34.32 20.21
N GLU C 487 5.09 -34.26 20.22
CA GLU C 487 5.92 -35.45 20.11
C GLU C 487 6.08 -36.22 21.41
N LYS C 488 5.27 -35.89 22.41
CA LYS C 488 5.21 -36.60 23.69
C LYS C 488 6.47 -36.45 24.59
N SER C 489 7.26 -35.40 24.38
CA SER C 489 8.41 -35.14 25.23
C SER C 489 8.12 -34.13 26.35
N VAL C 490 8.81 -34.27 27.46
CA VAL C 490 8.75 -33.29 28.52
C VAL C 490 9.99 -32.44 28.41
N LYS C 491 9.77 -31.18 28.01
CA LYS C 491 10.84 -30.40 27.53
C LYS C 491 10.99 -29.03 28.21
N HIS C 492 12.26 -28.61 28.33
CA HIS C 492 12.67 -27.35 28.90
C HIS C 492 13.70 -26.78 27.94
N MET C 493 13.47 -25.59 27.39
CA MET C 493 14.31 -25.08 26.29
C MET C 493 14.38 -26.15 25.19
N ASP C 494 15.57 -26.67 24.82
CA ASP C 494 15.61 -27.73 23.86
C ASP C 494 16.15 -29.03 24.48
N LEU C 495 15.95 -29.20 25.78
CA LEU C 495 16.31 -30.44 26.45
C LEU C 495 15.07 -31.16 26.95
N CYS C 496 15.19 -32.48 27.05
CA CYS C 496 14.04 -33.35 27.16
C CYS C 496 14.27 -34.43 28.22
N LEU C 497 13.24 -34.80 28.99
CA LEU C 497 13.48 -35.82 30.00
C LEU C 497 13.71 -37.15 29.28
N THR C 498 14.84 -37.82 29.56
CA THR C 498 15.20 -39.02 28.78
C THR C 498 15.43 -40.22 29.70
N VAL C 499 14.85 -41.33 29.28
CA VAL C 499 14.93 -42.53 30.09
C VAL C 499 16.14 -43.24 29.55
N VAL C 500 17.26 -43.10 30.25
CA VAL C 500 18.58 -43.62 29.82
C VAL C 500 18.71 -45.12 30.15
N ASP C 501 17.86 -45.60 31.05
CA ASP C 501 17.98 -47.00 31.47
C ASP C 501 16.63 -47.37 32.01
N ARG C 502 16.07 -48.46 31.51
CA ARG C 502 14.70 -48.84 31.93
C ARG C 502 14.70 -49.59 33.27
N ALA C 503 15.87 -49.93 33.82
CA ALA C 503 15.91 -50.62 35.13
C ALA C 503 15.32 -49.68 36.20
N PRO C 504 14.39 -50.19 37.02
CA PRO C 504 13.87 -49.43 38.16
C PRO C 504 14.92 -48.79 39.09
N GLY C 505 14.64 -47.56 39.49
CA GLY C 505 15.63 -46.78 40.19
C GLY C 505 16.69 -46.19 39.27
N SER C 506 16.47 -46.21 37.96
CA SER C 506 17.43 -45.59 37.06
C SER C 506 17.08 -44.10 37.01
N LEU C 507 18.10 -43.29 36.92
CA LEU C 507 17.97 -41.88 36.99
C LEU C 507 17.59 -41.48 35.58
N ILE C 508 16.73 -40.48 35.50
CA ILE C 508 16.44 -39.89 34.20
C ILE C 508 17.45 -38.81 33.92
N LYS C 509 17.69 -38.57 32.63
CA LYS C 509 18.61 -37.50 32.24
C LYS C 509 18.05 -36.52 31.22
N LEU C 510 18.59 -35.33 31.26
CA LEU C 510 18.33 -34.28 30.28
C LEU C 510 19.19 -34.57 29.10
N GLN C 511 18.59 -34.67 27.91
CA GLN C 511 19.31 -34.75 26.64
C GLN C 511 18.63 -33.82 25.62
N GLY C 512 19.38 -33.44 24.58
CA GLY C 512 18.81 -32.69 23.44
C GLY C 512 17.58 -33.38 22.89
N CYS C 513 16.47 -32.67 22.75
CA CYS C 513 15.24 -33.29 22.24
C CYS C 513 15.44 -33.85 20.85
N ARG C 514 15.12 -35.10 20.62
CA ARG C 514 15.13 -35.69 19.23
C ARG C 514 13.84 -36.45 19.01
N GLU C 515 13.07 -36.03 17.99
CA GLU C 515 11.71 -36.54 17.77
C GLU C 515 11.69 -38.08 17.69
N ASP C 516 12.70 -38.65 17.04
CA ASP C 516 12.81 -40.08 16.79
C ASP C 516 13.23 -40.90 18.02
N ASP C 517 13.50 -40.28 19.18
CA ASP C 517 14.04 -40.98 20.37
C ASP C 517 12.95 -41.51 21.31
N SER C 518 12.72 -42.82 21.24
CA SER C 518 11.62 -43.44 21.95
C SER C 518 11.83 -43.28 23.45
N ARG C 519 13.06 -43.03 23.87
CA ARG C 519 13.39 -42.89 25.28
C ARG C 519 12.90 -41.57 25.87
N GLN C 520 12.49 -40.65 25.00
CA GLN C 520 12.01 -39.38 25.42
C GLN C 520 10.48 -39.22 25.46
N LYS C 521 9.74 -40.32 25.32
CA LYS C 521 8.29 -40.25 25.12
C LYS C 521 7.60 -40.50 26.45
N TRP C 522 6.72 -39.59 26.81
CA TRP C 522 6.01 -39.70 28.08
C TRP C 522 4.56 -39.41 27.84
N GLU C 523 3.73 -39.95 28.74
CA GLU C 523 2.27 -39.73 28.73
C GLU C 523 1.65 -39.62 30.13
N GLN C 524 0.70 -38.68 30.24
CA GLN C 524 -0.11 -38.50 31.43
C GLN C 524 -1.14 -39.63 31.49
N ILE C 525 -1.31 -40.19 32.67
CA ILE C 525 -2.35 -41.18 32.90
C ILE C 525 -3.24 -40.78 34.07
N GLU C 526 -4.06 -41.74 34.53
CA GLU C 526 -4.90 -41.64 35.72
C GLU C 526 -5.37 -40.22 35.97
N GLY C 527 -6.04 -39.66 34.95
CA GLY C 527 -6.54 -38.33 35.06
C GLY C 527 -5.45 -37.29 35.27
N ASN C 528 -4.33 -37.44 34.54
CA ASN C 528 -3.28 -36.43 34.58
C ASN C 528 -2.80 -36.24 36.01
N SER C 529 -2.65 -37.36 36.69
CA SER C 529 -2.12 -37.35 38.06
C SER C 529 -0.72 -37.94 38.08
N LYS C 530 -0.32 -38.64 37.00
CA LYS C 530 1.03 -39.22 36.85
C LYS C 530 1.60 -39.14 35.41
N LEU C 531 2.92 -39.41 35.30
CA LEU C 531 3.58 -39.49 34.01
C LEU C 531 4.29 -40.80 33.83
N ARG C 532 3.96 -41.48 32.76
CA ARG C 532 4.55 -42.76 32.54
C ARG C 532 5.30 -42.80 31.23
N HIS C 533 6.45 -43.47 31.26
CA HIS C 533 7.25 -43.65 30.04
C HIS C 533 6.47 -44.49 29.05
N VAL C 534 6.18 -43.91 27.89
CA VAL C 534 5.41 -44.58 26.83
C VAL C 534 6.03 -45.94 26.54
N GLY C 535 5.17 -46.96 26.44
CA GLY C 535 5.53 -48.36 26.23
C GLY C 535 6.33 -48.95 27.36
N SER C 536 6.11 -48.50 28.58
CA SER C 536 6.74 -49.16 29.71
C SER C 536 5.81 -49.19 30.96
N ASN C 537 6.32 -49.81 32.02
CA ASN C 537 5.67 -49.99 33.33
C ASN C 537 6.33 -49.03 34.34
N LEU C 538 6.87 -47.92 33.83
CA LEU C 538 7.75 -47.07 34.58
C LEU C 538 7.15 -45.69 34.59
N CYS C 539 7.28 -45.01 35.72
CA CYS C 539 6.66 -43.71 35.95
C CYS C 539 7.71 -42.82 36.58
N LEU C 540 7.56 -41.51 36.37
CA LEU C 540 8.47 -40.52 36.93
C LEU C 540 8.35 -40.54 38.43
N ASP C 541 9.48 -40.50 39.14
CA ASP C 541 9.49 -40.65 40.55
C ASP C 541 10.49 -39.73 41.28
N SER C 542 10.04 -39.17 42.40
CA SER C 542 10.87 -38.26 43.16
C SER C 542 11.60 -38.88 44.34
N ARG C 543 11.41 -40.17 44.64
CA ARG C 543 11.99 -40.72 45.88
C ARG C 543 13.47 -40.40 46.10
N THR C 544 14.31 -40.40 45.06
CA THR C 544 15.73 -40.01 45.29
C THR C 544 16.04 -38.59 44.83
N ALA C 545 15.03 -37.71 44.84
CA ALA C 545 15.19 -36.36 44.31
C ALA C 545 16.44 -35.72 44.90
N LYS C 546 16.53 -35.80 46.22
CA LYS C 546 17.56 -35.12 47.00
C LYS C 546 18.80 -35.94 47.23
N SER C 547 18.84 -37.18 46.73
CA SER C 547 20.05 -37.98 46.86
C SER C 547 20.48 -38.59 45.54
N GLY C 548 20.34 -37.85 44.44
CA GLY C 548 20.74 -38.36 43.12
C GLY C 548 19.92 -37.83 41.95
N GLY C 549 18.65 -37.62 42.18
CA GLY C 549 17.83 -37.14 41.11
C GLY C 549 16.54 -37.91 41.03
N LEU C 550 15.67 -37.41 40.15
CA LEU C 550 14.44 -38.07 39.81
C LEU C 550 14.75 -39.35 39.09
N SER C 551 13.85 -40.31 39.21
CA SER C 551 14.11 -41.59 38.58
C SER C 551 12.89 -42.14 37.88
N VAL C 552 13.13 -43.24 37.19
CA VAL C 552 12.08 -44.07 36.71
C VAL C 552 11.98 -45.24 37.76
N GLU C 553 10.76 -45.60 38.06
CA GLU C 553 10.45 -46.64 39.06
C GLU C 553 9.15 -47.25 38.58
N VAL C 554 9.03 -48.53 38.86
CA VAL C 554 7.83 -49.29 38.56
C VAL C 554 6.58 -48.53 39.01
N CYS C 555 5.53 -48.44 38.17
CA CYS C 555 4.40 -47.61 38.57
C CYS C 555 3.71 -48.20 39.75
N GLY C 556 3.29 -47.31 40.63
CA GLY C 556 2.79 -47.73 41.92
C GLY C 556 2.04 -46.60 42.56
N PRO C 557 1.37 -46.91 43.65
CA PRO C 557 0.53 -45.94 44.35
C PRO C 557 1.29 -44.76 44.99
N ALA C 558 2.61 -44.89 45.16
CA ALA C 558 3.46 -43.90 45.85
C ALA C 558 3.16 -42.44 45.48
N LEU C 559 3.32 -41.58 46.46
CA LEU C 559 2.94 -40.17 46.28
C LEU C 559 4.07 -39.47 45.53
N SER C 560 5.28 -40.00 45.68
CA SER C 560 6.48 -39.61 44.88
C SER C 560 6.34 -39.71 43.35
N GLN C 561 5.25 -40.37 42.91
CA GLN C 561 4.90 -40.53 41.49
C GLN C 561 3.71 -39.74 40.99
N GLN C 562 3.18 -38.86 41.84
CA GLN C 562 2.18 -37.87 41.46
C GLN C 562 2.83 -36.57 40.89
N TRP C 563 2.32 -36.14 39.73
CA TRP C 563 2.80 -35.02 38.96
C TRP C 563 1.63 -34.53 38.10
N LYS C 564 1.38 -33.22 38.19
CA LYS C 564 0.36 -32.57 37.39
C LYS C 564 0.93 -31.31 36.80
N PHE C 565 0.61 -31.09 35.53
CA PHE C 565 0.97 -29.90 34.83
C PHE C 565 0.05 -28.83 35.32
N THR C 566 0.55 -27.61 35.50
CA THR C 566 -0.31 -26.51 35.91
C THR C 566 -1.25 -26.14 34.76
N LEU C 567 -0.80 -26.27 33.51
CA LEU C 567 -1.67 -26.03 32.36
C LEU C 567 -1.92 -27.24 31.44
N ASN C 568 -3.18 -27.47 31.15
CA ASN C 568 -3.57 -28.70 30.53
C ASN C 568 -4.48 -28.39 29.32
N LEU C 569 -4.00 -28.66 28.10
CA LEU C 569 -4.80 -28.41 26.87
C LEU C 569 -5.89 -29.44 26.63
N LYS D 75 51.57 -46.32 5.30
CA LYS D 75 50.31 -45.53 5.56
C LYS D 75 49.08 -46.44 5.40
N VAL D 76 48.23 -46.55 6.41
CA VAL D 76 46.98 -47.35 6.29
C VAL D 76 45.75 -46.42 6.20
N ARG D 77 44.76 -46.72 5.34
CA ARG D 77 43.46 -46.05 5.39
C ARG D 77 42.80 -46.36 6.76
N TRP D 78 42.12 -45.41 7.32
CA TRP D 78 41.60 -45.63 8.67
C TRP D 78 40.80 -46.94 8.84
N PRO D 79 39.93 -47.32 7.88
CA PRO D 79 39.15 -48.54 8.14
C PRO D 79 40.00 -49.79 8.33
N ASP D 80 41.21 -49.80 7.80
CA ASP D 80 42.08 -51.00 7.86
C ASP D 80 43.08 -50.97 9.01
N PHE D 81 43.04 -49.92 9.80
CA PHE D 81 43.87 -49.87 10.99
C PHE D 81 43.48 -50.97 11.98
N ASN D 82 44.43 -51.61 12.63
CA ASN D 82 44.06 -52.73 13.51
C ASN D 82 43.80 -52.30 14.94
N GLN D 83 42.54 -52.04 15.19
CA GLN D 83 42.15 -51.52 16.46
C GLN D 83 42.35 -52.59 17.53
N GLU D 84 42.04 -53.85 17.19
CA GLU D 84 42.08 -54.90 18.21
C GLU D 84 43.53 -54.88 18.77
N ALA D 85 44.48 -54.92 17.87
CA ALA D 85 45.93 -54.85 18.19
C ALA D 85 46.38 -53.59 18.96
N TYR D 86 45.92 -52.43 18.52
CA TYR D 86 46.39 -51.18 19.09
C TYR D 86 45.93 -50.99 20.54
N VAL D 87 44.66 -51.29 20.78
CA VAL D 87 44.06 -51.18 22.13
C VAL D 87 44.37 -52.49 22.90
N GLY D 88 44.72 -53.54 22.13
CA GLY D 88 45.32 -54.78 22.64
C GLY D 88 45.79 -54.89 24.08
N GLY D 89 47.01 -54.47 24.35
CA GLY D 89 47.68 -54.73 25.64
C GLY D 89 47.50 -53.66 26.69
N THR D 90 46.88 -52.54 26.32
CA THR D 90 46.63 -51.48 27.26
C THR D 90 45.31 -51.61 28.02
N MET D 91 44.58 -52.71 27.87
CA MET D 91 43.27 -52.81 28.56
C MET D 91 43.33 -52.90 30.07
N VAL D 92 42.24 -52.52 30.73
CA VAL D 92 42.13 -52.56 32.19
C VAL D 92 42.22 -54.02 32.58
N ARG D 93 43.09 -54.31 33.53
CA ARG D 93 43.33 -55.70 33.96
C ARG D 93 42.41 -55.99 35.14
N SER D 94 41.95 -57.25 35.26
CA SER D 94 40.90 -57.60 36.22
C SER D 94 41.23 -57.06 37.59
N GLY D 95 40.20 -56.59 38.30
CA GLY D 95 40.40 -55.98 39.59
C GLY D 95 40.71 -54.50 39.46
N GLN D 96 41.63 -54.12 38.56
CA GLN D 96 42.13 -52.74 38.47
C GLN D 96 41.03 -51.71 38.24
N ASP D 97 41.30 -50.46 38.60
CA ASP D 97 40.26 -49.41 38.68
C ASP D 97 40.09 -48.70 37.31
N PRO D 98 38.92 -48.83 36.69
CA PRO D 98 38.87 -48.39 35.29
C PRO D 98 38.96 -46.87 35.11
N TYR D 99 38.77 -46.12 36.18
CA TYR D 99 38.88 -44.67 36.16
C TYR D 99 40.27 -44.17 36.47
N ALA D 100 41.17 -45.12 36.72
CA ALA D 100 42.44 -44.84 37.40
C ALA D 100 43.31 -43.95 36.55
N ARG D 101 43.61 -44.41 35.35
CA ARG D 101 44.49 -43.63 34.49
C ARG D 101 43.88 -42.28 34.07
N ASN D 102 42.55 -42.22 33.91
CA ASN D 102 41.94 -41.20 33.07
C ASN D 102 40.87 -40.30 33.66
N LYS D 103 40.26 -40.69 34.78
CA LYS D 103 39.06 -40.01 35.27
C LYS D 103 37.85 -40.28 34.34
N PHE D 104 37.95 -41.22 33.42
CA PHE D 104 36.75 -41.80 32.77
C PHE D 104 36.86 -43.32 32.72
N ASN D 105 35.73 -43.95 32.45
CA ASN D 105 35.66 -45.39 32.43
C ASN D 105 36.29 -46.03 31.20
N GLN D 106 37.55 -46.43 31.30
CA GLN D 106 38.24 -47.03 30.17
C GLN D 106 37.69 -48.39 29.66
N VAL D 107 37.09 -49.19 30.52
CA VAL D 107 36.51 -50.46 30.04
C VAL D 107 35.41 -50.15 29.05
N GLU D 108 34.63 -49.14 29.37
CA GLU D 108 33.58 -48.70 28.49
C GLU D 108 34.11 -48.06 27.19
N SER D 109 35.12 -47.21 27.32
CA SER D 109 35.76 -46.67 26.16
C SER D 109 36.29 -47.82 25.30
N ASP D 110 36.98 -48.77 25.91
CA ASP D 110 37.66 -49.81 25.11
C ASP D 110 36.67 -50.74 24.45
N LYS D 111 35.48 -50.90 25.02
CA LYS D 111 34.48 -51.67 24.33
C LYS D 111 34.04 -51.07 23.00
N LEU D 112 34.24 -49.79 22.79
CA LEU D 112 33.65 -49.13 21.59
C LEU D 112 34.49 -49.35 20.35
N ARG D 113 33.85 -49.56 19.21
CA ARG D 113 34.59 -49.47 17.95
C ARG D 113 35.08 -48.04 17.69
N MET D 114 36.18 -47.98 16.97
CA MET D 114 36.90 -46.74 16.65
C MET D 114 36.06 -45.82 15.76
N ASP D 115 35.15 -46.37 14.98
CA ASP D 115 34.17 -45.58 14.22
C ASP D 115 32.72 -45.81 14.69
N ARG D 116 32.52 -45.99 15.98
CA ARG D 116 31.18 -46.38 16.42
C ARG D 116 30.13 -45.37 15.96
N ALA D 117 28.91 -45.85 15.69
CA ALA D 117 27.82 -45.01 15.22
C ALA D 117 27.42 -44.06 16.39
N ILE D 118 27.18 -42.79 16.07
CA ILE D 118 26.65 -41.86 17.05
C ILE D 118 25.41 -41.15 16.49
N PRO D 119 24.50 -40.68 17.37
CA PRO D 119 23.30 -40.07 16.91
C PRO D 119 23.66 -38.69 16.31
N ASP D 120 22.91 -38.36 15.30
CA ASP D 120 23.00 -37.05 14.65
C ASP D 120 22.17 -36.08 15.44
N THR D 121 22.86 -35.24 16.15
CA THR D 121 22.28 -34.36 17.14
C THR D 121 21.99 -32.96 16.59
N ARG D 122 22.21 -32.75 15.30
CA ARG D 122 22.18 -31.42 14.69
C ARG D 122 20.72 -31.07 14.46
N HIS D 123 20.45 -29.78 14.45
CA HIS D 123 19.10 -29.32 14.17
C HIS D 123 18.64 -29.85 12.84
N ASP D 124 17.35 -30.14 12.71
CA ASP D 124 16.79 -30.56 11.39
C ASP D 124 17.22 -29.75 10.17
N GLN D 125 17.36 -28.45 10.32
CA GLN D 125 17.73 -27.56 9.23
C GLN D 125 19.15 -27.85 8.73
N CYS D 126 20.04 -28.32 9.61
CA CYS D 126 21.41 -28.58 9.18
C CYS D 126 21.43 -29.71 8.23
N GLN D 127 20.53 -30.63 8.45
CA GLN D 127 20.63 -31.90 7.74
C GLN D 127 20.24 -31.67 6.30
N ARG D 128 19.40 -30.67 6.02
CA ARG D 128 19.02 -30.35 4.64
C ARG D 128 19.95 -29.34 3.92
N LYS D 129 20.91 -28.79 4.63
CA LYS D 129 21.92 -27.93 4.05
C LYS D 129 22.85 -28.65 3.05
N GLN D 130 23.16 -27.96 1.98
CA GLN D 130 24.20 -28.38 1.04
C GLN D 130 25.44 -27.58 1.41
N TRP D 131 26.40 -28.24 2.06
CA TRP D 131 27.60 -27.57 2.51
C TRP D 131 28.52 -27.34 1.36
N ARG D 132 29.07 -26.13 1.29
CA ARG D 132 30.11 -25.85 0.37
C ARG D 132 31.29 -26.74 0.74
N VAL D 133 32.03 -27.20 -0.24
CA VAL D 133 33.34 -27.79 0.08
C VAL D 133 34.50 -27.09 -0.66
N ASP D 134 34.20 -25.98 -1.35
CA ASP D 134 35.25 -25.09 -1.97
C ASP D 134 35.78 -24.13 -0.92
N LEU D 135 36.46 -24.73 0.06
CA LEU D 135 36.81 -24.12 1.30
C LEU D 135 38.30 -24.40 1.52
N PRO D 136 38.98 -23.57 2.32
CA PRO D 136 40.36 -23.86 2.68
C PRO D 136 40.51 -25.14 3.52
N ALA D 137 41.53 -25.92 3.23
CA ALA D 137 41.84 -27.08 4.04
C ALA D 137 42.32 -26.64 5.41
N THR D 138 42.25 -27.59 6.35
CA THR D 138 42.73 -27.38 7.70
C THR D 138 43.76 -28.43 8.11
N SER D 139 44.63 -27.97 8.98
CA SER D 139 45.54 -28.76 9.83
C SER D 139 44.89 -28.94 11.18
N VAL D 140 44.53 -30.18 11.49
CA VAL D 140 43.90 -30.51 12.74
C VAL D 140 45.00 -30.82 13.78
N VAL D 141 44.98 -30.11 14.89
CA VAL D 141 46.02 -30.31 15.91
C VAL D 141 45.34 -30.91 17.15
N ILE D 142 45.82 -32.09 17.55
CA ILE D 142 45.36 -32.80 18.73
C ILE D 142 46.59 -33.11 19.62
N THR D 143 46.49 -32.71 20.86
CA THR D 143 47.55 -32.69 21.88
C THR D 143 47.08 -33.63 23.00
N PHE D 144 47.98 -34.40 23.64
CA PHE D 144 47.57 -35.42 24.61
C PHE D 144 48.69 -35.98 25.48
N HIS D 145 48.33 -36.36 26.70
CA HIS D 145 49.25 -36.94 27.69
C HIS D 145 48.59 -38.17 28.29
N ASN D 146 49.09 -39.35 27.96
CA ASN D 146 48.50 -40.59 28.50
C ASN D 146 46.99 -40.55 28.37
N GLU D 147 46.55 -40.45 27.12
CA GLU D 147 45.14 -40.50 26.77
C GLU D 147 44.89 -41.99 26.61
N ALA D 148 43.69 -42.43 27.00
CA ALA D 148 43.31 -43.80 26.68
C ALA D 148 43.45 -44.00 25.19
N ARG D 149 44.02 -45.13 24.84
CA ARG D 149 44.28 -45.43 23.46
C ARG D 149 42.98 -45.45 22.65
N SER D 150 41.93 -46.03 23.22
CA SER D 150 40.70 -46.22 22.46
C SER D 150 40.09 -44.86 22.11
N ALA D 151 40.21 -43.92 23.04
CA ALA D 151 39.63 -42.58 22.91
C ALA D 151 40.43 -41.74 21.96
N LEU D 152 41.75 -41.84 22.04
CA LEU D 152 42.61 -41.10 21.11
C LEU D 152 42.32 -41.52 19.65
N LEU D 153 42.34 -42.81 19.41
CA LEU D 153 42.12 -43.36 18.08
C LEU D 153 40.72 -42.95 17.62
N ARG D 154 39.76 -43.05 18.52
CA ARG D 154 38.38 -42.72 18.16
C ARG D 154 38.32 -41.22 17.72
N THR D 155 39.14 -40.34 18.34
CA THR D 155 39.11 -38.97 18.03
C THR D 155 39.61 -38.79 16.60
N VAL D 156 40.75 -39.42 16.33
CA VAL D 156 41.41 -39.34 15.02
C VAL D 156 40.52 -39.90 13.90
N VAL D 157 39.97 -41.09 14.12
CA VAL D 157 39.11 -41.65 13.13
C VAL D 157 37.81 -40.85 12.89
N SER D 158 37.24 -40.21 13.92
CA SER D 158 36.05 -39.41 13.66
C SER D 158 36.37 -38.24 12.71
N VAL D 159 37.53 -37.62 12.86
CA VAL D 159 37.96 -36.59 11.96
C VAL D 159 38.08 -37.14 10.55
N LEU D 160 38.74 -38.30 10.41
CA LEU D 160 38.95 -38.80 9.07
C LEU D 160 37.65 -39.32 8.45
N LYS D 161 36.79 -39.98 9.22
CA LYS D 161 35.56 -40.53 8.66
C LYS D 161 34.55 -39.40 8.32
N LYS D 162 34.42 -38.38 9.16
CA LYS D 162 33.34 -37.39 9.09
C LYS D 162 33.64 -36.11 8.31
N SER D 163 34.88 -35.93 7.92
CA SER D 163 35.34 -34.80 7.15
C SER D 163 35.64 -35.10 5.66
N PRO D 164 35.21 -34.19 4.75
CA PRO D 164 35.70 -34.25 3.32
C PRO D 164 37.26 -34.33 3.28
N PRO D 165 37.79 -35.39 2.62
CA PRO D 165 39.21 -35.68 2.72
C PRO D 165 40.04 -34.50 2.20
N HIS D 166 39.54 -33.78 1.17
CA HIS D 166 40.32 -32.67 0.62
C HIS D 166 40.35 -31.48 1.60
N LEU D 167 39.48 -31.46 2.62
CA LEU D 167 39.58 -30.40 3.63
C LEU D 167 40.50 -30.76 4.80
N ILE D 168 41.03 -31.97 4.87
CA ILE D 168 41.97 -32.34 5.93
C ILE D 168 43.34 -32.44 5.26
N LYS D 169 44.13 -31.42 5.50
CA LYS D 169 45.48 -31.36 5.01
C LYS D 169 46.29 -32.43 5.75
N GLU D 170 46.12 -32.47 7.06
CA GLU D 170 46.85 -33.35 7.92
C GLU D 170 46.23 -33.34 9.33
N ILE D 171 46.60 -34.36 10.12
CA ILE D 171 46.28 -34.42 11.49
C ILE D 171 47.59 -34.47 12.26
N ILE D 172 47.83 -33.45 13.04
CA ILE D 172 49.07 -33.37 13.77
C ILE D 172 48.79 -33.74 15.24
N LEU D 173 49.38 -34.83 15.68
CA LEU D 173 49.26 -35.27 17.04
C LEU D 173 50.49 -34.83 17.82
N VAL D 174 50.30 -34.05 18.86
CA VAL D 174 51.41 -33.66 19.73
C VAL D 174 51.37 -34.52 21.03
N ASP D 175 52.18 -35.56 21.01
CA ASP D 175 52.33 -36.50 22.14
C ASP D 175 53.16 -35.81 23.19
N ASP D 176 52.50 -35.33 24.22
CA ASP D 176 53.13 -34.51 25.19
C ASP D 176 53.66 -35.35 26.42
N TYR D 177 54.67 -36.15 26.15
CA TYR D 177 55.39 -36.91 27.19
C TYR D 177 54.62 -38.16 27.69
N SER D 178 53.70 -38.69 26.89
CA SER D 178 53.08 -39.95 27.27
C SER D 178 54.15 -41.06 27.64
N ASN D 179 53.73 -42.02 28.45
CA ASN D 179 54.60 -43.04 28.98
C ASN D 179 54.98 -44.06 27.99
N ASP D 180 54.08 -44.41 27.07
CA ASP D 180 54.48 -45.25 25.96
C ASP D 180 54.42 -44.41 24.66
N PRO D 181 55.56 -43.94 24.15
CA PRO D 181 55.50 -43.17 22.93
C PRO D 181 54.73 -43.89 21.85
N GLU D 182 54.64 -45.23 21.93
CA GLU D 182 53.86 -45.97 20.94
C GLU D 182 52.34 -45.55 20.89
N ASP D 183 51.78 -44.90 21.91
CA ASP D 183 50.35 -44.46 21.90
C ASP D 183 50.15 -43.58 20.66
N GLY D 184 51.05 -42.57 20.54
CA GLY D 184 51.20 -41.75 19.36
C GLY D 184 51.81 -42.34 18.10
N ALA D 185 52.96 -42.98 18.25
CA ALA D 185 53.70 -43.36 17.08
C ALA D 185 52.93 -44.40 16.31
N LEU D 186 52.22 -45.31 17.00
CA LEU D 186 51.41 -46.28 16.25
C LEU D 186 50.31 -45.61 15.41
N LEU D 187 49.82 -44.45 15.84
CA LEU D 187 48.78 -43.75 15.05
C LEU D 187 49.39 -43.08 13.80
N GLY D 188 50.72 -42.88 13.83
CA GLY D 188 51.51 -42.47 12.64
C GLY D 188 51.38 -43.31 11.40
N LYS D 189 51.00 -44.58 11.50
CA LYS D 189 50.72 -45.35 10.28
C LYS D 189 49.43 -44.94 9.57
N ILE D 190 48.55 -44.21 10.25
CA ILE D 190 47.28 -43.84 9.61
C ILE D 190 47.47 -42.70 8.60
N GLU D 191 46.82 -42.81 7.46
CA GLU D 191 46.77 -41.75 6.48
C GLU D 191 46.55 -40.38 7.19
N LYS D 192 47.39 -39.43 6.79
CA LYS D 192 47.35 -38.02 7.20
C LYS D 192 47.84 -37.72 8.57
N VAL D 193 48.14 -38.73 9.35
CA VAL D 193 48.48 -38.45 10.73
C VAL D 193 49.99 -38.24 10.79
N ARG D 194 50.45 -37.12 11.36
CA ARG D 194 51.84 -37.06 11.78
C ARG D 194 51.98 -36.73 13.23
N VAL D 195 52.99 -37.33 13.85
CA VAL D 195 53.15 -37.22 15.27
C VAL D 195 54.43 -36.52 15.70
N LEU D 196 54.27 -35.58 16.61
CA LEU D 196 55.31 -34.85 17.21
C LEU D 196 55.25 -35.22 18.69
N ARG D 197 56.43 -35.57 19.24
CA ARG D 197 56.61 -35.93 20.67
C ARG D 197 57.45 -34.87 21.45
N ASN D 198 56.94 -34.42 22.58
CA ASN D 198 57.63 -33.46 23.42
C ASN D 198 58.60 -34.21 24.27
N ASP D 199 59.64 -33.49 24.72
CA ASP D 199 60.73 -34.08 25.51
C ASP D 199 60.36 -34.16 26.96
N ARG D 200 60.04 -33.01 27.51
CA ARG D 200 59.34 -32.96 28.79
C ARG D 200 57.87 -32.67 28.52
N ARG D 201 57.09 -32.79 29.57
CA ARG D 201 55.68 -32.47 29.57
C ARG D 201 55.59 -30.96 29.55
N GLU D 202 55.06 -30.41 28.46
CA GLU D 202 54.94 -28.97 28.25
C GLU D 202 53.50 -28.46 28.49
N GLY D 203 52.56 -29.39 28.54
CA GLY D 203 51.17 -29.05 28.73
C GLY D 203 50.52 -28.66 27.42
N LEU D 204 49.22 -28.47 27.51
CA LEU D 204 48.34 -28.26 26.38
C LEU D 204 48.71 -27.01 25.55
N MET D 205 48.83 -25.82 26.16
CA MET D 205 49.02 -24.55 25.43
C MET D 205 50.30 -24.42 24.65
N ARG D 206 51.44 -24.86 25.21
CA ARG D 206 52.65 -24.82 24.41
C ARG D 206 52.69 -25.98 23.44
N SER D 207 52.07 -27.10 23.80
CA SER D 207 51.98 -28.22 22.89
C SER D 207 51.18 -27.86 21.61
N ARG D 208 50.08 -27.14 21.80
CA ARG D 208 49.32 -26.55 20.67
C ARG D 208 50.13 -25.56 19.84
N VAL D 209 50.94 -24.72 20.49
CA VAL D 209 51.70 -23.73 19.72
C VAL D 209 52.62 -24.48 18.78
N ARG D 210 53.28 -25.49 19.29
CA ARG D 210 54.19 -26.30 18.49
C ARG D 210 53.45 -26.97 17.36
N GLY D 211 52.28 -27.50 17.67
CA GLY D 211 51.51 -28.13 16.62
C GLY D 211 51.18 -27.12 15.53
N ALA D 212 50.73 -25.96 15.98
CA ALA D 212 50.36 -24.93 15.05
C ALA D 212 51.55 -24.50 14.17
N ASP D 213 52.73 -24.39 14.79
CA ASP D 213 53.93 -23.95 14.07
C ASP D 213 54.24 -24.85 12.92
N ALA D 214 53.98 -26.13 13.11
CA ALA D 214 54.25 -27.13 12.10
C ALA D 214 53.15 -27.30 11.02
N ALA D 215 51.98 -26.72 11.27
CA ALA D 215 50.83 -26.92 10.34
C ALA D 215 51.10 -26.31 8.98
N GLN D 216 50.74 -27.01 7.91
CA GLN D 216 50.90 -26.50 6.56
C GLN D 216 49.66 -25.81 6.01
N ALA D 217 48.48 -26.05 6.58
CA ALA D 217 47.28 -25.40 6.01
C ALA D 217 47.06 -23.99 6.48
N LYS D 218 46.15 -23.31 5.79
CA LYS D 218 45.81 -21.90 6.02
C LYS D 218 44.94 -21.71 7.29
N VAL D 219 44.25 -22.76 7.70
CA VAL D 219 43.33 -22.75 8.84
C VAL D 219 43.64 -23.87 9.84
N LEU D 220 43.68 -23.53 11.13
CA LEU D 220 43.91 -24.48 12.24
C LEU D 220 42.61 -24.97 12.89
N THR D 221 42.53 -26.27 13.21
CA THR D 221 41.44 -26.81 13.94
C THR D 221 42.08 -27.51 15.15
N PHE D 222 41.70 -27.12 16.34
CA PHE D 222 42.20 -27.74 17.57
C PHE D 222 41.08 -28.56 18.12
N LEU D 223 41.40 -29.84 18.43
CA LEU D 223 40.53 -30.73 19.21
C LEU D 223 41.33 -31.34 20.41
N ASP D 224 40.60 -31.76 21.46
CA ASP D 224 41.07 -32.58 22.63
C ASP D 224 41.19 -33.99 22.09
N SER D 225 41.77 -34.88 22.90
CA SER D 225 42.12 -36.22 22.45
C SER D 225 41.02 -37.23 22.75
N HIS D 226 39.88 -36.73 23.24
CA HIS D 226 38.72 -37.54 23.59
C HIS D 226 37.49 -36.83 23.09
N CYS D 227 37.42 -36.63 21.78
CA CYS D 227 36.25 -36.04 21.08
C CYS D 227 35.79 -36.96 19.99
N GLU D 228 34.55 -36.77 19.55
CA GLU D 228 33.98 -37.55 18.44
C GLU D 228 33.19 -36.59 17.57
N CYS D 229 33.72 -36.33 16.37
CA CYS D 229 33.10 -35.43 15.39
C CYS D 229 31.80 -35.99 14.83
N ASN D 230 30.78 -35.14 14.59
CA ASN D 230 29.53 -35.65 14.11
C ASN D 230 29.43 -35.33 12.60
N GLU D 231 28.27 -35.55 12.03
CA GLU D 231 28.09 -35.46 10.62
C GLU D 231 28.27 -34.03 10.15
N HIS D 232 29.02 -33.83 9.06
CA HIS D 232 29.26 -32.51 8.50
C HIS D 232 29.65 -31.46 9.51
N TRP D 233 30.49 -31.82 10.47
CA TRP D 233 30.90 -30.91 11.50
C TRP D 233 31.87 -29.84 11.03
N LEU D 234 32.61 -30.12 10.00
CA LEU D 234 33.76 -29.25 9.67
C LEU D 234 33.39 -28.09 8.71
N GLU D 235 32.62 -28.39 7.67
CA GLU D 235 32.24 -27.35 6.65
C GLU D 235 31.65 -26.07 7.28
N PRO D 236 30.73 -26.23 8.24
CA PRO D 236 30.10 -25.02 8.80
C PRO D 236 31.09 -24.15 9.53
N LEU D 237 32.08 -24.75 10.17
CA LEU D 237 33.15 -23.99 10.80
C LEU D 237 34.04 -23.31 9.78
N LEU D 238 34.48 -24.03 8.74
CA LEU D 238 35.41 -23.43 7.80
C LEU D 238 34.73 -22.33 6.96
N GLU D 239 33.47 -22.53 6.64
CA GLU D 239 32.70 -21.47 5.96
C GLU D 239 32.83 -20.14 6.63
N ARG D 240 32.77 -20.10 7.96
CA ARG D 240 32.85 -18.88 8.74
C ARG D 240 34.17 -18.22 8.62
N VAL D 241 35.24 -18.99 8.79
CA VAL D 241 36.56 -18.38 8.82
C VAL D 241 37.07 -18.06 7.44
N ALA D 242 36.68 -18.85 6.47
CA ALA D 242 36.85 -18.49 5.05
C ALA D 242 36.19 -17.18 4.63
N GLU D 243 35.09 -16.81 5.24
CA GLU D 243 34.40 -15.56 4.96
C GLU D 243 35.05 -14.37 5.63
N ASP D 244 35.50 -14.56 6.84
CA ASP D 244 36.05 -13.47 7.60
C ASP D 244 36.99 -14.11 8.58
N ARG D 245 38.26 -13.85 8.37
CA ARG D 245 39.33 -14.56 9.06
C ARG D 245 39.53 -14.14 10.49
N THR D 246 38.75 -13.16 10.95
CA THR D 246 38.85 -12.70 12.34
C THR D 246 37.91 -13.47 13.27
N ARG D 247 37.15 -14.42 12.71
CA ARG D 247 36.21 -15.20 13.50
C ARG D 247 36.89 -16.45 14.01
N VAL D 248 36.82 -16.67 15.31
CA VAL D 248 37.27 -17.87 15.97
C VAL D 248 35.99 -18.62 16.34
N VAL D 249 35.82 -19.85 15.80
CA VAL D 249 34.54 -20.50 15.83
C VAL D 249 34.65 -21.89 16.44
N SER D 250 33.54 -22.31 17.04
CA SER D 250 33.43 -23.54 17.80
C SER D 250 32.19 -24.29 17.42
N PRO D 251 32.22 -25.64 17.49
CA PRO D 251 30.99 -26.40 17.43
C PRO D 251 30.20 -26.33 18.74
N ILE D 252 28.92 -26.68 18.68
CA ILE D 252 28.22 -27.18 19.85
C ILE D 252 28.92 -28.48 20.30
N ILE D 253 29.24 -28.51 21.58
CA ILE D 253 30.01 -29.55 22.15
C ILE D 253 29.03 -30.48 22.81
N ASP D 254 28.77 -31.59 22.12
CA ASP D 254 27.96 -32.66 22.67
C ASP D 254 28.74 -33.32 23.82
N VAL D 255 28.03 -34.13 24.60
CA VAL D 255 28.60 -34.68 25.82
C VAL D 255 28.69 -36.17 25.66
N ILE D 256 29.87 -36.71 25.89
CA ILE D 256 30.05 -38.13 25.93
C ILE D 256 30.20 -38.41 27.42
N ASN D 257 29.35 -39.30 27.92
CA ASN D 257 29.29 -39.55 29.34
C ASN D 257 30.50 -40.35 29.83
N MET D 258 31.15 -39.88 30.90
CA MET D 258 32.45 -40.45 31.39
C MET D 258 32.33 -41.83 32.04
N ASP D 259 31.11 -42.23 32.37
CA ASP D 259 30.88 -43.53 33.01
C ASP D 259 30.41 -44.57 32.00
N ASN D 260 29.53 -44.19 31.08
CA ASN D 260 28.98 -45.22 30.16
C ASN D 260 29.29 -44.90 28.69
N PHE D 261 29.91 -43.75 28.43
CA PHE D 261 30.36 -43.36 27.10
C PHE D 261 29.25 -43.21 26.09
N GLN D 262 28.01 -43.03 26.54
CA GLN D 262 26.95 -42.63 25.66
C GLN D 262 27.21 -41.19 25.21
N TYR D 263 26.88 -40.96 23.96
CA TYR D 263 27.03 -39.70 23.27
C TYR D 263 25.73 -38.97 23.44
N VAL D 264 25.79 -37.79 24.00
CA VAL D 264 24.57 -37.08 24.34
C VAL D 264 24.52 -35.72 23.64
N GLY D 265 23.41 -35.47 22.97
CA GLY D 265 23.13 -34.15 22.35
C GLY D 265 23.00 -33.03 23.38
N ALA D 266 23.81 -32.01 23.19
CA ALA D 266 23.75 -30.83 24.03
C ALA D 266 22.67 -29.88 23.57
N SER D 267 22.44 -28.90 24.43
CA SER D 267 21.49 -27.84 24.13
C SER D 267 22.19 -26.86 23.21
N ALA D 268 21.45 -26.41 22.22
CA ALA D 268 21.88 -25.39 21.32
C ALA D 268 21.63 -23.94 21.81
N ASP D 269 21.13 -23.78 23.04
CA ASP D 269 20.62 -22.50 23.50
C ASP D 269 21.57 -21.89 24.47
N LEU D 270 22.81 -22.35 24.49
CA LEU D 270 23.80 -21.93 25.43
C LEU D 270 24.80 -20.94 24.85
N LYS D 271 25.40 -20.18 25.76
CA LYS D 271 26.51 -19.30 25.45
C LYS D 271 27.53 -19.50 26.56
N GLY D 272 28.80 -19.37 26.22
CA GLY D 272 29.88 -19.41 27.19
C GLY D 272 30.04 -18.10 27.99
N GLY D 273 30.43 -18.23 29.25
CA GLY D 273 30.61 -17.11 30.15
C GLY D 273 31.39 -17.57 31.36
N PHE D 274 31.25 -16.83 32.47
CA PHE D 274 32.07 -17.03 33.67
C PHE D 274 31.64 -16.09 34.80
N ASP D 275 31.95 -16.46 36.04
CA ASP D 275 31.74 -15.53 37.15
C ASP D 275 33.09 -14.94 37.50
N TRP D 276 33.16 -14.13 38.54
CA TRP D 276 34.38 -13.37 38.81
C TRP D 276 35.54 -14.20 39.38
N ASN D 277 35.25 -15.39 39.90
CA ASN D 277 36.30 -16.39 40.08
C ASN D 277 36.93 -16.88 38.79
N LEU D 278 36.32 -16.53 37.66
CA LEU D 278 36.77 -16.90 36.31
C LEU D 278 36.76 -18.36 35.91
N VAL D 279 35.89 -19.17 36.48
CA VAL D 279 35.74 -20.49 35.95
C VAL D 279 34.63 -20.49 34.87
N PHE D 280 34.91 -21.18 33.79
CA PHE D 280 34.07 -21.14 32.62
C PHE D 280 32.74 -21.75 32.98
N LYS D 281 31.65 -21.18 32.48
CA LYS D 281 30.36 -21.83 32.65
C LYS D 281 29.44 -21.52 31.47
N TRP D 282 28.44 -22.36 31.30
CA TRP D 282 27.46 -22.17 30.27
C TRP D 282 26.28 -21.51 30.87
N ASP D 283 25.54 -20.73 30.09
CA ASP D 283 24.16 -20.43 30.48
C ASP D 283 23.33 -20.24 29.24
N TYR D 284 22.03 -20.37 29.45
CA TYR D 284 21.10 -20.19 28.36
C TYR D 284 21.14 -18.73 27.91
N MET D 285 21.02 -18.54 26.62
CA MET D 285 20.60 -17.29 26.04
C MET D 285 19.35 -16.84 26.75
N THR D 286 19.11 -15.53 26.73
CA THR D 286 17.87 -15.02 27.29
C THR D 286 16.73 -15.33 26.36
N PRO D 287 15.51 -15.30 26.91
CA PRO D 287 14.33 -15.48 26.05
C PRO D 287 14.27 -14.45 24.90
N GLU D 288 14.80 -13.27 25.12
CA GLU D 288 14.83 -12.32 24.05
C GLU D 288 15.78 -12.76 22.95
N GLN D 289 16.98 -13.13 23.32
CA GLN D 289 17.95 -13.60 22.28
C GLN D 289 17.39 -14.80 21.48
N ARG D 290 16.76 -15.76 22.17
CA ARG D 290 16.19 -16.91 21.48
C ARG D 290 15.11 -16.47 20.51
N ARG D 291 14.24 -15.58 20.98
CA ARG D 291 13.13 -15.13 20.18
C ARG D 291 13.69 -14.46 18.90
N SER D 292 14.78 -13.72 19.05
CA SER D 292 15.41 -13.05 17.91
C SER D 292 16.00 -14.02 16.88
N ARG D 293 16.23 -15.27 17.28
CA ARG D 293 16.82 -16.32 16.42
C ARG D 293 15.76 -17.19 15.72
N GLN D 294 14.48 -16.97 16.08
CA GLN D 294 13.36 -17.81 15.62
C GLN D 294 13.39 -17.97 14.09
N GLY D 295 13.78 -16.92 13.38
CA GLY D 295 13.75 -16.97 11.93
C GLY D 295 14.86 -17.84 11.36
N ASN D 296 15.97 -17.98 12.08
CA ASN D 296 17.07 -18.82 11.56
C ASN D 296 17.77 -19.38 12.76
N PRO D 297 17.25 -20.48 13.26
CA PRO D 297 17.66 -20.86 14.55
C PRO D 297 19.03 -21.54 14.53
N VAL D 298 19.59 -21.84 13.36
CA VAL D 298 20.94 -22.37 13.26
C VAL D 298 21.97 -21.31 12.87
N ALA D 299 21.63 -20.03 13.05
CA ALA D 299 22.60 -18.97 12.79
C ALA D 299 23.76 -19.02 13.81
N PRO D 300 24.94 -18.52 13.45
CA PRO D 300 26.01 -18.43 14.42
C PRO D 300 25.56 -17.79 15.73
N ILE D 301 26.19 -18.17 16.84
CA ILE D 301 25.94 -17.57 18.12
C ILE D 301 27.22 -16.88 18.60
N LYS D 302 27.16 -15.57 18.85
CA LYS D 302 28.30 -14.88 19.37
C LYS D 302 28.43 -15.24 20.82
N THR D 303 29.64 -15.51 21.24
CA THR D 303 29.85 -15.97 22.61
C THR D 303 30.99 -15.21 23.31
N PRO D 304 30.75 -14.78 24.58
CA PRO D 304 31.77 -14.06 25.35
C PRO D 304 33.05 -14.87 25.55
N MET D 305 32.91 -16.19 25.53
CA MET D 305 33.98 -17.09 25.80
C MET D 305 33.75 -18.50 25.25
N ILE D 306 34.81 -19.09 24.76
CA ILE D 306 34.72 -20.45 24.26
C ILE D 306 35.12 -21.43 25.32
N ALA D 307 34.61 -22.65 25.24
CA ALA D 307 35.06 -23.69 26.18
C ALA D 307 36.56 -23.82 26.12
N GLY D 308 37.13 -23.69 24.93
CA GLY D 308 38.59 -23.67 24.73
C GLY D 308 39.18 -24.95 24.18
N GLY D 309 38.53 -26.09 24.39
CA GLY D 309 39.06 -27.36 23.87
C GLY D 309 38.93 -27.53 22.35
N LEU D 310 37.89 -26.96 21.77
CA LEU D 310 37.58 -27.20 20.38
C LEU D 310 37.32 -25.89 19.69
N PHE D 311 38.14 -25.50 18.73
CA PHE D 311 37.79 -24.36 17.87
C PHE D 311 38.61 -24.36 16.63
N VAL D 312 38.21 -23.52 15.70
CA VAL D 312 38.87 -23.38 14.43
C VAL D 312 39.23 -21.86 14.28
N MET D 313 40.46 -21.61 13.82
CA MET D 313 40.99 -20.26 13.68
C MET D 313 41.93 -20.22 12.47
N ASP D 314 41.77 -19.15 11.69
CA ASP D 314 42.65 -18.86 10.59
C ASP D 314 44.09 -18.88 11.10
N LYS D 315 44.97 -19.56 10.41
CA LYS D 315 46.35 -19.79 10.93
C LYS D 315 47.16 -18.49 11.10
N PHE D 316 47.13 -17.65 10.11
CA PHE D 316 47.85 -16.38 10.19
C PHE D 316 47.26 -15.45 11.20
N TYR D 317 45.95 -15.50 11.39
CA TYR D 317 45.32 -14.77 12.48
C TYR D 317 45.78 -15.27 13.84
N PHE D 318 45.85 -16.59 14.03
CA PHE D 318 46.35 -17.17 15.32
C PHE D 318 47.74 -16.62 15.69
N GLU D 319 48.59 -16.60 14.68
CA GLU D 319 49.94 -16.07 14.74
C GLU D 319 49.97 -14.57 15.08
N GLU D 320 49.39 -13.77 14.19
CA GLU D 320 49.33 -12.30 14.30
C GLU D 320 48.73 -11.82 15.65
N LEU D 321 47.73 -12.53 16.17
CA LEU D 321 47.23 -12.20 17.48
C LEU D 321 48.06 -12.78 18.64
N GLY D 322 49.07 -13.59 18.40
CA GLY D 322 49.96 -14.00 19.51
C GLY D 322 49.78 -15.41 19.99
N LYS D 323 49.29 -16.27 19.09
CA LYS D 323 49.25 -17.68 19.35
C LYS D 323 48.61 -17.93 20.73
N TYR D 324 49.29 -18.62 21.62
CA TYR D 324 48.97 -18.68 23.06
C TYR D 324 50.18 -18.12 23.86
N ASP D 325 49.91 -17.60 25.05
CA ASP D 325 50.91 -17.16 26.01
C ASP D 325 51.90 -18.25 26.30
N MET D 326 53.17 -18.07 25.97
CA MET D 326 54.08 -19.22 26.08
C MET D 326 54.52 -19.61 27.52
N MET D 327 54.17 -18.85 28.55
CA MET D 327 54.53 -19.17 29.93
C MET D 327 53.31 -19.67 30.77
N MET D 328 52.21 -20.00 30.10
CA MET D 328 51.15 -20.77 30.74
C MET D 328 51.65 -22.20 30.87
N ASP D 329 51.19 -22.91 31.89
CA ASP D 329 51.77 -24.20 32.26
C ASP D 329 50.87 -25.46 32.26
N VAL D 330 49.56 -25.33 32.36
CA VAL D 330 48.74 -26.39 33.01
C VAL D 330 49.12 -26.22 34.46
N TRP D 331 48.17 -25.97 35.34
CA TRP D 331 46.83 -26.54 35.29
C TRP D 331 45.87 -25.46 34.76
N GLY D 332 45.83 -25.38 33.44
CA GLY D 332 45.54 -24.13 32.78
C GLY D 332 44.15 -24.10 32.24
N GLY D 333 43.65 -22.89 32.07
CA GLY D 333 42.36 -22.66 31.45
C GLY D 333 42.63 -22.15 30.07
N GLU D 334 42.70 -23.08 29.11
CA GLU D 334 42.92 -22.75 27.69
C GLU D 334 41.84 -21.80 27.10
N ASN D 335 40.75 -21.59 27.83
CA ASN D 335 39.65 -20.71 27.41
C ASN D 335 39.83 -19.23 27.70
N LEU D 336 40.50 -18.93 28.78
CA LEU D 336 40.39 -17.61 29.37
C LEU D 336 41.08 -16.51 28.54
N GLU D 337 42.41 -16.57 28.48
CA GLU D 337 43.21 -15.52 27.87
C GLU D 337 42.91 -15.31 26.40
N ILE D 338 42.81 -16.42 25.65
CA ILE D 338 42.47 -16.27 24.26
C ILE D 338 41.07 -15.65 24.01
N SER D 339 40.10 -16.02 24.84
CA SER D 339 38.74 -15.47 24.65
C SER D 339 38.75 -13.95 24.84
N PHE D 340 39.41 -13.46 25.89
CA PHE D 340 39.57 -11.99 26.06
C PHE D 340 40.37 -11.34 24.94
N ARG D 341 41.47 -11.95 24.53
CA ARG D 341 42.31 -11.33 23.52
C ARG D 341 41.59 -11.16 22.19
N VAL D 342 40.90 -12.21 21.76
CA VAL D 342 40.25 -12.17 20.50
C VAL D 342 39.22 -11.03 20.43
N TRP D 343 38.38 -10.96 21.47
CA TRP D 343 37.35 -9.93 21.50
C TRP D 343 37.97 -8.52 21.63
N GLN D 344 38.90 -8.33 22.57
CA GLN D 344 39.47 -6.98 22.81
C GLN D 344 40.31 -6.47 21.64
N CYS D 345 40.96 -7.41 20.97
CA CYS D 345 41.90 -7.08 19.93
C CYS D 345 41.26 -7.20 18.57
N GLY D 346 39.93 -7.19 18.53
CA GLY D 346 39.19 -6.95 17.29
C GLY D 346 38.53 -8.13 16.57
N GLY D 347 38.70 -9.36 17.06
CA GLY D 347 38.01 -10.51 16.45
C GLY D 347 36.65 -10.79 17.08
N SER D 348 36.10 -11.96 16.77
CA SER D 348 34.86 -12.45 17.41
C SER D 348 34.99 -13.96 17.72
N LEU D 349 34.21 -14.42 18.69
CA LEU D 349 34.07 -15.81 19.08
C LEU D 349 32.65 -16.26 18.75
N GLU D 350 32.48 -17.37 18.06
CA GLU D 350 31.14 -17.87 17.74
C GLU D 350 31.00 -19.34 18.05
N ILE D 351 29.77 -19.73 18.35
CA ILE D 351 29.35 -21.11 18.40
C ILE D 351 28.51 -21.37 17.18
N ILE D 352 28.78 -22.46 16.47
CA ILE D 352 28.11 -22.72 15.20
C ILE D 352 27.19 -23.95 15.33
N PRO D 353 25.87 -23.72 15.42
CA PRO D 353 24.97 -24.79 15.76
C PRO D 353 25.00 -26.02 14.89
N CYS D 354 25.16 -25.83 13.59
CA CYS D 354 25.23 -27.00 12.69
C CYS D 354 26.51 -27.91 12.84
N SER D 355 27.51 -27.42 13.55
CA SER D 355 28.76 -28.15 13.85
C SER D 355 28.59 -28.81 15.22
N ARG D 356 28.61 -30.16 15.27
CA ARG D 356 28.48 -30.89 16.50
C ARG D 356 29.66 -31.81 16.67
N VAL D 357 30.33 -31.67 17.78
CA VAL D 357 31.39 -32.58 18.16
C VAL D 357 31.24 -32.98 19.64
N GLY D 358 31.25 -34.29 19.94
CA GLY D 358 31.17 -34.73 21.33
C GLY D 358 32.50 -34.64 22.07
N HIS D 359 32.41 -34.45 23.36
CA HIS D 359 33.58 -34.30 24.19
C HIS D 359 33.34 -35.05 25.51
N VAL D 360 34.28 -35.91 25.91
CA VAL D 360 34.17 -36.57 27.19
C VAL D 360 34.43 -35.52 28.29
N PHE D 361 33.38 -35.22 29.02
CA PHE D 361 33.48 -34.30 30.19
C PHE D 361 33.77 -34.99 31.50
N ARG D 362 34.69 -34.46 32.29
CA ARG D 362 34.89 -35.03 33.64
C ARG D 362 35.16 -33.92 34.69
N LYS D 363 36.02 -34.10 35.71
CA LYS D 363 36.27 -33.01 36.69
C LYS D 363 37.49 -33.23 37.58
N VAL D 376 47.64 -23.28 42.21
CA VAL D 376 48.15 -24.37 41.41
C VAL D 376 47.59 -24.18 40.00
N PHE D 377 46.25 -24.15 39.95
CA PHE D 377 45.47 -23.67 38.81
C PHE D 377 45.69 -22.16 38.65
N ALA D 378 45.92 -21.46 39.76
CA ALA D 378 45.80 -19.99 39.80
C ALA D 378 46.84 -19.23 38.98
N ARG D 379 47.95 -19.89 38.71
CA ARG D 379 49.05 -19.26 38.01
C ARG D 379 48.57 -18.71 36.65
N ASN D 380 48.01 -19.61 35.85
CA ASN D 380 47.52 -19.28 34.51
C ASN D 380 46.45 -18.20 34.51
N THR D 381 45.46 -18.36 35.37
CA THR D 381 44.43 -17.33 35.52
C THR D 381 45.04 -15.96 35.84
N ARG D 382 45.99 -15.94 36.77
CA ARG D 382 46.70 -14.71 37.08
C ARG D 382 47.30 -14.12 35.80
N ARG D 383 48.12 -14.91 35.11
CA ARG D 383 48.71 -14.46 33.84
C ARG D 383 47.70 -13.77 32.85
N ALA D 384 46.44 -14.23 32.82
CA ALA D 384 45.39 -13.64 31.96
C ALA D 384 44.85 -12.35 32.52
N ALA D 385 44.41 -12.42 33.78
CA ALA D 385 43.86 -11.28 34.49
C ALA D 385 44.75 -10.04 34.47
N GLU D 386 46.03 -10.27 34.75
CA GLU D 386 46.98 -9.16 34.88
C GLU D 386 47.15 -8.44 33.55
N VAL D 387 47.09 -9.20 32.45
CA VAL D 387 47.22 -8.62 31.12
C VAL D 387 45.94 -7.89 30.72
N TRP D 388 44.79 -8.57 30.85
CA TRP D 388 43.60 -8.22 30.04
C TRP D 388 42.50 -7.43 30.75
N MET D 389 42.40 -7.58 32.06
CA MET D 389 41.18 -7.09 32.72
C MET D 389 41.21 -5.66 33.26
N ASP D 390 42.38 -5.03 33.23
CA ASP D 390 42.57 -3.70 33.81
C ASP D 390 42.19 -3.77 35.29
N GLU D 391 41.35 -2.88 35.78
CA GLU D 391 41.07 -2.86 37.23
C GLU D 391 40.17 -4.00 37.65
N TYR D 392 39.35 -4.47 36.71
CA TYR D 392 38.33 -5.43 37.05
C TYR D 392 39.02 -6.72 37.50
N LYS D 393 40.31 -6.82 37.23
CA LYS D 393 41.09 -7.88 37.82
C LYS D 393 40.85 -7.92 39.33
N ASN D 394 40.62 -6.74 39.91
CA ASN D 394 40.35 -6.62 41.36
C ASN D 394 39.16 -7.47 41.81
N PHE D 395 38.07 -7.41 41.05
CA PHE D 395 36.90 -8.22 41.38
C PHE D 395 37.21 -9.70 41.34
N TYR D 396 38.18 -10.13 40.53
CA TYR D 396 38.60 -11.55 40.57
C TYR D 396 39.28 -11.91 41.88
N TYR D 397 40.25 -11.09 42.26
CA TYR D 397 40.94 -11.27 43.51
C TYR D 397 39.95 -11.10 44.69
N ALA D 398 38.98 -10.21 44.56
CA ALA D 398 37.87 -10.10 45.53
C ALA D 398 37.21 -11.46 45.70
N ALA D 399 36.79 -12.04 44.58
CA ALA D 399 36.15 -13.35 44.57
C ALA D 399 37.10 -14.48 44.97
N VAL D 400 38.37 -14.36 44.64
CA VAL D 400 39.34 -15.40 44.99
C VAL D 400 40.58 -14.72 45.59
N PRO D 401 40.49 -14.36 46.89
CA PRO D 401 41.65 -13.81 47.61
C PRO D 401 42.81 -14.80 47.63
N SER D 402 42.49 -16.08 47.72
CA SER D 402 43.45 -17.20 47.68
C SER D 402 44.48 -17.17 46.54
N ALA D 403 44.23 -16.35 45.52
CA ALA D 403 45.15 -16.22 44.38
C ALA D 403 46.11 -15.02 44.47
N ARG D 404 45.88 -14.15 45.45
CA ARG D 404 46.53 -12.84 45.52
C ARG D 404 48.05 -12.91 45.57
N ASN D 405 48.61 -14.03 46.02
CA ASN D 405 50.06 -14.19 46.02
C ASN D 405 50.62 -15.52 45.49
N VAL D 406 49.88 -16.17 44.61
CA VAL D 406 50.46 -17.24 43.82
C VAL D 406 51.41 -16.55 42.86
N PRO D 407 52.67 -16.97 42.82
CA PRO D 407 53.57 -16.28 41.89
C PRO D 407 53.19 -16.66 40.46
N TYR D 408 53.11 -15.67 39.57
CA TYR D 408 52.67 -15.91 38.18
C TYR D 408 53.71 -15.63 37.08
N GLY D 409 54.89 -15.10 37.45
CA GLY D 409 55.98 -14.92 36.48
C GLY D 409 55.91 -13.66 35.63
N ASN D 410 56.84 -13.58 34.67
CA ASN D 410 57.02 -12.45 33.75
C ASN D 410 55.96 -12.39 32.64
N ILE D 411 55.35 -11.22 32.45
CA ILE D 411 54.27 -11.09 31.48
C ILE D 411 54.46 -9.91 30.54
N GLN D 412 55.67 -9.37 30.51
CA GLN D 412 55.94 -8.15 29.78
C GLN D 412 55.70 -8.31 28.28
N SER D 413 56.13 -9.43 27.73
CA SER D 413 55.97 -9.66 26.30
C SER D 413 54.48 -9.78 25.92
N ARG D 414 53.65 -10.35 26.80
CA ARG D 414 52.19 -10.32 26.59
C ARG D 414 51.66 -8.87 26.64
N LEU D 415 52.24 -8.03 27.50
CA LEU D 415 51.74 -6.65 27.63
C LEU D 415 52.07 -5.83 26.40
N GLU D 416 53.33 -5.92 25.97
CA GLU D 416 53.78 -5.31 24.73
C GLU D 416 52.83 -5.66 23.57
N LEU D 417 52.49 -6.94 23.49
CA LEU D 417 51.56 -7.49 22.50
C LEU D 417 50.22 -6.74 22.45
N ARG D 418 49.61 -6.53 23.61
CA ARG D 418 48.34 -5.81 23.66
C ARG D 418 48.41 -4.40 23.10
N LYS D 419 49.46 -3.64 23.43
CA LYS D 419 49.54 -2.28 22.90
C LYS D 419 49.92 -2.30 21.44
N LYS D 420 50.81 -3.22 21.06
CA LYS D 420 51.17 -3.45 19.66
C LYS D 420 49.94 -3.66 18.80
N LEU D 421 48.94 -4.34 19.37
CA LEU D 421 47.67 -4.59 18.69
C LEU D 421 46.63 -3.47 18.86
N SER D 422 46.76 -2.59 19.86
CA SER D 422 45.76 -1.52 20.07
C SER D 422 44.37 -2.10 20.35
N CYS D 423 44.35 -3.00 21.34
CA CYS D 423 43.16 -3.71 21.79
C CYS D 423 42.38 -2.81 22.69
N LYS D 424 41.07 -2.95 22.68
CA LYS D 424 40.23 -2.09 23.49
C LYS D 424 40.36 -2.53 24.94
N PRO D 425 39.89 -1.69 25.89
CA PRO D 425 40.03 -2.03 27.31
C PRO D 425 38.94 -2.98 27.80
N PHE D 426 39.14 -3.52 28.98
CA PHE D 426 38.26 -4.56 29.45
C PHE D 426 36.85 -4.04 29.67
N LYS D 427 36.75 -2.76 30.05
CA LYS D 427 35.47 -2.11 30.15
C LYS D 427 34.69 -2.32 28.88
N TRP D 428 35.29 -2.03 27.74
CA TRP D 428 34.64 -2.24 26.44
C TRP D 428 34.10 -3.68 26.27
N TYR D 429 34.83 -4.68 26.74
CA TYR D 429 34.44 -6.10 26.59
C TYR D 429 33.22 -6.41 27.48
N LEU D 430 33.27 -6.00 28.72
CA LEU D 430 32.07 -6.09 29.55
C LEU D 430 30.87 -5.39 28.95
N GLU D 431 31.08 -4.20 28.42
CA GLU D 431 29.97 -3.42 27.92
C GLU D 431 29.44 -3.97 26.60
N ASN D 432 30.35 -4.38 25.73
CA ASN D 432 30.01 -4.76 24.38
C ASN D 432 29.87 -6.25 24.11
N VAL D 433 30.46 -7.08 24.96
CA VAL D 433 30.55 -8.50 24.70
C VAL D 433 29.81 -9.25 25.75
N TYR D 434 30.05 -8.93 27.02
CA TYR D 434 29.39 -9.65 28.12
C TYR D 434 28.59 -8.73 29.08
N PRO D 435 27.68 -7.91 28.51
CA PRO D 435 26.92 -6.93 29.32
C PRO D 435 26.11 -7.57 30.44
N GLU D 436 25.74 -8.84 30.27
CA GLU D 436 24.88 -9.52 31.22
C GLU D 436 25.67 -10.09 32.38
N LEU D 437 26.99 -9.95 32.36
CA LEU D 437 27.73 -10.25 33.57
C LEU D 437 27.46 -9.16 34.60
N ARG D 438 27.02 -9.57 35.79
CA ARG D 438 26.83 -8.66 36.93
C ARG D 438 28.18 -8.09 37.29
N VAL D 439 28.38 -6.78 37.20
CA VAL D 439 29.67 -6.22 37.65
C VAL D 439 29.49 -5.57 39.02
N PRO D 440 30.32 -5.93 40.02
CA PRO D 440 30.15 -5.19 41.27
C PRO D 440 30.49 -3.65 41.15
N ASP D 441 31.22 -3.06 42.09
CA ASP D 441 31.52 -1.61 42.03
C ASP D 441 32.75 -1.23 42.88
N GLN D 443 29.70 -0.75 45.64
CA GLN D 443 30.45 -0.98 46.86
C GLN D 443 29.63 -1.73 47.91
N ASP D 444 29.13 -2.89 47.51
CA ASP D 444 28.40 -3.75 48.44
C ASP D 444 29.35 -4.26 49.51
N ILE D 445 28.85 -4.40 50.72
CA ILE D 445 29.55 -5.15 51.75
C ILE D 445 29.49 -6.64 51.44
N ALA D 446 28.35 -7.15 50.96
CA ALA D 446 28.21 -8.59 50.69
C ALA D 446 27.15 -8.85 49.61
N PHE D 447 27.34 -9.93 48.83
CA PHE D 447 26.39 -10.32 47.77
C PHE D 447 25.71 -11.71 47.95
N GLY D 448 25.48 -12.48 46.88
CA GLY D 448 24.74 -13.75 46.88
C GLY D 448 23.61 -14.05 47.83
N ALA D 449 23.61 -15.27 48.35
CA ALA D 449 22.49 -15.77 49.14
C ALA D 449 22.78 -15.62 50.64
N LEU D 450 21.74 -15.40 51.42
CA LEU D 450 21.87 -15.42 52.87
C LEU D 450 21.39 -16.79 53.36
N GLN D 451 22.32 -17.64 53.83
CA GLN D 451 22.13 -19.09 53.78
C GLN D 451 21.30 -19.75 54.90
N GLN D 452 21.87 -19.76 56.10
CA GLN D 452 21.28 -20.39 57.27
C GLN D 452 20.73 -21.83 57.15
N GLY D 453 21.56 -22.88 57.19
CA GLY D 453 22.74 -23.04 56.33
C GLY D 453 22.30 -23.98 55.20
N THR D 454 21.26 -24.75 55.51
CA THR D 454 20.51 -25.52 54.53
C THR D 454 19.51 -24.64 53.72
N ASN D 455 18.96 -23.60 54.33
CA ASN D 455 17.81 -22.95 53.75
C ASN D 455 18.16 -21.87 52.73
N CYS D 456 17.99 -20.60 53.08
CA CYS D 456 18.22 -19.39 52.23
C CYS D 456 17.05 -18.37 52.29
N LEU D 457 17.42 -17.13 52.62
CA LEU D 457 16.48 -16.01 52.59
C LEU D 457 15.88 -15.90 51.18
N ASP D 458 14.57 -15.77 51.18
CA ASP D 458 13.78 -15.79 49.99
C ASP D 458 12.61 -14.84 50.11
N THR D 459 12.37 -14.05 49.06
CA THR D 459 11.21 -13.14 49.01
C THR D 459 9.86 -13.85 48.99
N LEU D 460 9.87 -15.14 48.67
CA LEU D 460 8.65 -15.85 48.51
C LEU D 460 7.87 -15.27 47.33
N GLY D 461 8.51 -14.51 46.43
CA GLY D 461 7.78 -13.83 45.38
C GLY D 461 6.94 -12.66 45.85
N HIS D 462 7.16 -12.20 47.08
CA HIS D 462 6.43 -11.06 47.64
C HIS D 462 7.06 -9.74 47.15
N PHE D 463 6.24 -8.70 47.13
CA PHE D 463 6.69 -7.33 46.81
C PHE D 463 6.48 -6.44 48.04
N ALA D 464 6.44 -5.11 47.86
CA ALA D 464 6.35 -4.16 48.97
C ALA D 464 5.21 -4.53 49.89
N ASP D 465 5.50 -4.46 51.20
CA ASP D 465 4.61 -4.85 52.27
C ASP D 465 4.35 -6.34 52.42
N GLY D 466 5.13 -7.17 51.73
CA GLY D 466 5.07 -8.62 51.92
C GLY D 466 6.07 -9.11 52.98
N VAL D 467 5.73 -10.26 53.56
CA VAL D 467 6.65 -10.94 54.45
C VAL D 467 7.69 -11.58 53.56
N VAL D 468 8.73 -12.02 54.23
CA VAL D 468 9.91 -12.58 53.63
C VAL D 468 10.17 -13.87 54.43
N GLY D 469 10.93 -14.80 53.84
CA GLY D 469 11.00 -16.17 54.34
C GLY D 469 12.23 -16.95 53.88
N VAL D 470 12.12 -18.28 53.94
CA VAL D 470 13.22 -19.14 53.51
C VAL D 470 12.70 -20.30 52.68
N TYR D 471 13.54 -20.71 51.74
CA TYR D 471 13.37 -21.99 51.03
C TYR D 471 14.76 -22.63 51.02
N GLU D 472 14.83 -23.90 50.69
CA GLU D 472 16.18 -24.48 50.45
C GLU D 472 16.94 -23.80 49.29
N CYS D 473 18.26 -23.79 49.39
CA CYS D 473 19.15 -22.84 48.66
C CYS D 473 19.29 -22.83 47.09
N HIS D 474 18.64 -23.72 46.35
CA HIS D 474 18.81 -23.82 44.85
C HIS D 474 19.99 -23.18 44.00
N ASN D 475 20.83 -22.31 44.54
CA ASN D 475 22.15 -21.88 43.89
C ASN D 475 22.28 -21.26 42.44
N ALA D 476 21.24 -20.81 41.75
CA ALA D 476 20.09 -20.18 42.27
C ALA D 476 19.82 -18.86 41.52
N GLY D 477 20.10 -17.74 42.20
CA GLY D 477 19.68 -16.41 41.85
C GLY D 477 18.25 -16.06 42.28
N GLY D 478 17.67 -15.17 41.49
CA GLY D 478 16.27 -14.81 41.63
C GLY D 478 15.99 -14.29 43.03
N ASN D 479 14.95 -14.85 43.62
CA ASN D 479 14.40 -14.37 44.89
C ASN D 479 15.30 -14.71 46.09
N GLN D 480 16.42 -15.41 45.84
CA GLN D 480 17.41 -15.75 46.91
C GLN D 480 18.70 -14.95 46.80
N GLU D 481 18.71 -14.04 45.83
CA GLU D 481 19.83 -13.16 45.66
C GLU D 481 19.59 -11.85 46.45
N TRP D 482 20.61 -11.43 47.20
CA TRP D 482 20.51 -10.27 48.05
C TRP D 482 21.79 -9.53 48.04
N ALA D 483 21.72 -8.26 48.45
CA ALA D 483 22.92 -7.43 48.65
C ALA D 483 22.86 -6.73 49.98
N LEU D 484 24.04 -6.49 50.56
CA LEU D 484 24.20 -5.66 51.72
C LEU D 484 24.94 -4.45 51.17
N THR D 485 24.34 -3.27 51.30
CA THR D 485 24.83 -2.10 50.56
C THR D 485 25.79 -1.30 51.39
N LYS D 486 26.61 -0.48 50.72
CA LYS D 486 27.43 0.49 51.42
C LYS D 486 26.56 1.11 52.54
N GLU D 487 25.34 1.53 52.17
CA GLU D 487 24.35 2.11 53.13
C GLU D 487 23.84 1.14 54.19
N LYS D 488 24.26 -0.12 54.13
CA LYS D 488 23.93 -1.13 55.13
C LYS D 488 22.53 -1.72 55.00
N SER D 489 21.94 -1.66 53.80
CA SER D 489 20.61 -2.27 53.63
C SER D 489 20.76 -3.67 53.08
N VAL D 490 19.79 -4.51 53.41
CA VAL D 490 19.65 -5.85 52.82
C VAL D 490 18.52 -5.86 51.79
N LYS D 491 18.92 -5.86 50.52
CA LYS D 491 17.99 -5.64 49.43
C LYS D 491 17.98 -6.69 48.36
N HIS D 492 16.78 -6.85 47.81
CA HIS D 492 16.60 -7.59 46.60
C HIS D 492 15.91 -6.64 45.59
N MET D 493 16.54 -6.45 44.44
CA MET D 493 16.13 -5.43 43.48
C MET D 493 16.12 -4.07 44.25
N ASP D 494 14.99 -3.36 44.32
CA ASP D 494 14.92 -2.14 45.13
C ASP D 494 14.00 -2.30 46.37
N LEU D 495 13.81 -3.52 46.84
CA LEU D 495 13.09 -3.78 48.04
C LEU D 495 14.07 -4.21 49.17
N CYS D 496 13.84 -3.67 50.39
CA CYS D 496 14.72 -3.82 51.55
C CYS D 496 14.00 -4.39 52.77
N LEU D 497 14.71 -5.25 53.51
CA LEU D 497 14.16 -5.85 54.73
C LEU D 497 14.03 -4.74 55.73
N THR D 498 12.84 -4.58 56.25
CA THR D 498 12.47 -3.38 57.00
C THR D 498 11.90 -3.80 58.31
N VAL D 499 12.52 -3.26 59.38
CA VAL D 499 12.03 -3.42 60.76
C VAL D 499 10.85 -2.48 60.96
N VAL D 500 9.66 -3.05 60.83
CA VAL D 500 8.41 -2.33 60.80
C VAL D 500 8.01 -1.93 62.23
N ASP D 501 8.37 -2.80 63.17
CA ASP D 501 7.92 -2.71 64.55
C ASP D 501 9.12 -3.26 65.34
N ARG D 502 9.60 -2.51 66.33
CA ARG D 502 10.83 -2.90 67.06
C ARG D 502 10.51 -4.03 68.05
N ALA D 503 9.22 -4.20 68.33
CA ALA D 503 8.73 -5.18 69.29
C ALA D 503 9.20 -6.53 68.85
N PRO D 504 10.05 -7.18 69.65
CA PRO D 504 10.49 -8.51 69.25
C PRO D 504 9.38 -9.51 69.52
N GLY D 505 9.21 -10.56 68.71
CA GLY D 505 9.71 -10.66 67.35
C GLY D 505 8.49 -10.70 66.46
N SER D 506 7.92 -9.53 66.18
CA SER D 506 6.97 -9.38 65.09
C SER D 506 7.67 -9.48 63.71
N LEU D 507 6.87 -9.44 62.64
CA LEU D 507 7.30 -9.72 61.25
C LEU D 507 8.07 -8.59 60.59
N ILE D 508 9.13 -8.94 59.86
CA ILE D 508 9.75 -7.96 59.00
C ILE D 508 9.05 -7.92 57.64
N LYS D 509 9.31 -6.84 56.90
CA LYS D 509 8.63 -6.60 55.65
C LYS D 509 9.54 -6.02 54.63
N LEU D 510 9.22 -6.39 53.39
CA LEU D 510 9.78 -5.71 52.25
C LEU D 510 9.19 -4.30 52.11
N GLN D 511 10.04 -3.31 51.84
CA GLN D 511 9.63 -2.00 51.49
C GLN D 511 10.66 -1.41 50.57
N GLY D 512 10.22 -0.43 49.79
CA GLY D 512 11.09 0.33 48.92
C GLY D 512 12.34 0.71 49.67
N CYS D 513 13.49 0.44 49.11
CA CYS D 513 14.75 0.83 49.71
C CYS D 513 14.85 2.35 49.86
N ARG D 514 15.28 2.82 51.04
CA ARG D 514 15.36 4.26 51.32
C ARG D 514 16.72 4.59 51.93
N GLU D 515 17.53 5.32 51.17
CA GLU D 515 18.93 5.60 51.56
C GLU D 515 19.09 6.09 53.01
N ASP D 516 18.17 6.90 53.51
CA ASP D 516 18.27 7.36 54.87
C ASP D 516 17.22 6.81 55.85
N ASP D 517 16.45 5.78 55.46
CA ASP D 517 15.50 5.10 56.40
C ASP D 517 16.32 4.22 57.34
N SER D 518 16.15 4.41 58.65
CA SER D 518 16.96 3.72 59.67
C SER D 518 16.37 2.36 60.10
N ARG D 519 15.08 2.19 59.89
CA ARG D 519 14.46 0.87 60.06
C ARG D 519 14.98 -0.20 59.07
N GLN D 520 15.91 0.19 58.19
CA GLN D 520 16.38 -0.68 57.08
C GLN D 520 17.90 -0.94 57.12
N LYS D 521 18.52 -0.66 58.25
CA LYS D 521 19.99 -0.71 58.37
C LYS D 521 20.36 -2.01 59.08
N TRP D 522 21.31 -2.74 58.52
CA TRP D 522 21.74 -4.01 59.10
C TRP D 522 23.24 -4.09 59.11
N GLU D 523 23.75 -4.91 60.02
CA GLU D 523 25.18 -5.06 60.26
C GLU D 523 25.40 -6.53 60.50
N GLN D 524 26.46 -7.08 59.92
CA GLN D 524 26.96 -8.38 60.36
C GLN D 524 27.70 -8.21 61.71
N ILE D 525 27.41 -9.09 62.67
CA ILE D 525 27.81 -8.95 64.09
C ILE D 525 28.54 -10.21 64.54
N LEU D 550 9.83 -14.62 58.44
CA LEU D 550 10.94 -14.07 59.20
C LEU D 550 10.34 -13.15 60.22
N SER D 551 11.20 -12.66 61.12
CA SER D 551 10.81 -11.89 62.30
C SER D 551 12.06 -11.47 63.02
N VAL D 552 11.91 -10.81 64.16
CA VAL D 552 13.04 -10.04 64.65
C VAL D 552 13.76 -10.59 65.94
N GLU D 553 13.18 -10.47 67.15
CA GLU D 553 13.85 -10.98 68.41
C GLU D 553 15.17 -10.31 68.88
N VAL D 554 15.60 -10.64 70.11
CA VAL D 554 16.94 -10.26 70.57
C VAL D 554 17.77 -11.53 70.65
N LYS E 75 -19.03 28.00 28.92
CA LYS E 75 -17.92 28.98 28.77
C LYS E 75 -16.59 28.40 29.25
N VAL E 76 -15.91 27.78 28.29
CA VAL E 76 -14.55 27.32 28.37
C VAL E 76 -13.50 28.44 28.06
N ARG E 77 -12.46 28.52 28.88
CA ARG E 77 -11.31 29.33 28.59
C ARG E 77 -10.54 28.71 27.47
N TRP E 78 -9.99 29.51 26.57
CA TRP E 78 -9.46 28.92 25.32
C TRP E 78 -8.42 27.84 25.54
N PRO E 79 -7.54 28.01 26.56
CA PRO E 79 -6.50 26.97 26.73
C PRO E 79 -7.09 25.61 27.04
N ASP E 80 -8.27 25.56 27.68
CA ASP E 80 -8.94 24.28 28.02
C ASP E 80 -9.81 23.72 26.91
N PHE E 81 -9.91 24.46 25.80
CA PHE E 81 -10.65 23.95 24.67
C PHE E 81 -9.98 22.75 24.10
N ASN E 82 -10.80 21.76 23.78
CA ASN E 82 -10.31 20.51 23.31
C ASN E 82 -10.20 20.48 21.83
N GLN E 83 -8.99 20.82 21.36
CA GLN E 83 -8.75 20.97 19.98
C GLN E 83 -8.87 19.69 19.20
N GLU E 84 -8.34 18.61 19.78
CA GLU E 84 -8.29 17.30 19.15
C GLU E 84 -9.69 16.77 18.80
N ALA E 85 -10.62 16.87 19.74
CA ALA E 85 -11.97 16.41 19.47
C ALA E 85 -12.71 17.33 18.46
N TYR E 86 -12.38 18.63 18.45
CA TYR E 86 -13.06 19.58 17.57
C TYR E 86 -12.64 19.24 16.19
N VAL E 87 -11.34 19.16 15.96
CA VAL E 87 -10.86 18.96 14.63
C VAL E 87 -11.04 17.51 14.21
N GLY E 88 -10.76 16.62 15.17
CA GLY E 88 -10.84 15.17 14.97
C GLY E 88 -12.21 14.86 14.42
N GLY E 89 -12.22 14.10 13.33
CA GLY E 89 -13.45 13.85 12.59
C GLY E 89 -13.49 14.54 11.23
N THR E 90 -12.94 15.74 11.16
CA THR E 90 -12.80 16.41 9.85
C THR E 90 -11.42 16.19 9.13
N MET E 91 -10.53 15.37 9.71
CA MET E 91 -9.14 15.28 9.18
C MET E 91 -9.14 14.70 7.76
N VAL E 92 -8.11 15.03 6.98
CA VAL E 92 -7.95 14.54 5.59
C VAL E 92 -7.83 13.01 5.68
N ARG E 93 -8.59 12.28 4.86
CA ARG E 93 -8.83 10.87 5.16
C ARG E 93 -7.59 10.01 4.98
N SER E 94 -7.35 9.45 3.81
CA SER E 94 -6.20 8.57 3.65
C SER E 94 -5.90 8.45 2.17
N GLY E 95 -4.63 8.66 1.79
CA GLY E 95 -4.28 8.69 0.37
C GLY E 95 -4.94 9.85 -0.37
N GLN E 96 -5.83 10.57 0.32
CA GLN E 96 -6.62 11.63 -0.28
C GLN E 96 -5.81 12.94 -0.51
N ASP E 97 -6.27 13.75 -1.45
CA ASP E 97 -5.68 15.02 -1.79
C ASP E 97 -5.94 16.01 -0.65
N PRO E 98 -4.87 16.42 0.06
CA PRO E 98 -5.10 17.30 1.20
C PRO E 98 -5.47 18.74 0.85
N TYR E 99 -5.40 19.10 -0.43
CA TYR E 99 -5.81 20.40 -0.97
C TYR E 99 -7.26 20.47 -1.49
N ALA E 100 -7.96 19.33 -1.51
CA ALA E 100 -9.26 19.21 -2.18
C ALA E 100 -10.27 20.20 -1.64
N ARG E 101 -10.37 20.26 -0.32
CA ARG E 101 -11.50 20.91 0.32
C ARG E 101 -11.35 22.40 0.45
N ASN E 102 -10.13 22.86 0.68
CA ASN E 102 -9.90 24.24 1.05
C ASN E 102 -8.96 24.95 0.08
N LYS E 103 -8.37 24.23 -0.87
CA LYS E 103 -7.29 24.79 -1.67
C LYS E 103 -6.14 25.30 -0.84
N PHE E 104 -5.90 24.64 0.27
CA PHE E 104 -4.66 24.79 0.99
C PHE E 104 -4.44 23.46 1.68
N ASN E 105 -3.23 23.26 2.16
CA ASN E 105 -2.87 21.96 2.69
C ASN E 105 -3.46 21.72 4.04
N GLN E 106 -4.54 20.97 4.07
CA GLN E 106 -5.19 20.71 5.32
C GLN E 106 -4.46 19.76 6.31
N VAL E 107 -3.65 18.84 5.83
CA VAL E 107 -2.87 17.98 6.74
C VAL E 107 -1.89 18.84 7.53
N GLU E 108 -1.21 19.72 6.81
CA GLU E 108 -0.30 20.70 7.38
C GLU E 108 -1.00 21.67 8.37
N SER E 109 -2.21 22.14 8.06
CA SER E 109 -2.96 22.96 9.02
C SER E 109 -3.31 22.18 10.25
N ASP E 110 -3.79 20.95 10.02
CA ASP E 110 -4.23 20.11 11.13
C ASP E 110 -3.10 19.68 12.13
N LYS E 111 -1.85 19.61 11.70
CA LYS E 111 -0.69 19.26 12.60
C LYS E 111 -0.41 20.35 13.68
N LEU E 112 -0.66 21.61 13.33
CA LEU E 112 -0.38 22.75 14.19
C LEU E 112 -1.20 22.78 15.43
N ARG E 113 -0.61 23.20 16.53
CA ARG E 113 -1.44 23.49 17.67
C ARG E 113 -2.24 24.82 17.48
N MET E 114 -3.39 24.89 18.12
CA MET E 114 -4.30 26.02 18.02
C MET E 114 -3.62 27.30 18.45
N ASP E 115 -2.61 27.17 19.30
CA ASP E 115 -1.86 28.30 19.81
C ASP E 115 -0.41 28.26 19.46
N ARG E 116 -0.11 27.74 18.29
CA ARG E 116 1.28 27.61 17.88
C ARG E 116 2.06 28.94 17.91
N ALA E 117 3.30 28.83 18.37
CA ALA E 117 4.28 29.90 18.35
C ALA E 117 4.49 30.34 16.92
N ILE E 118 4.56 31.63 16.67
CA ILE E 118 4.89 32.17 15.38
C ILE E 118 5.95 33.23 15.56
N PRO E 119 6.70 33.51 14.52
CA PRO E 119 7.72 34.53 14.71
C PRO E 119 7.16 35.95 14.79
N ASP E 120 7.82 36.76 15.61
CA ASP E 120 7.51 38.18 15.71
C ASP E 120 8.14 38.83 14.53
N THR E 121 7.29 39.31 13.62
CA THR E 121 7.69 39.92 12.36
C THR E 121 7.63 41.44 12.39
N ARG E 122 7.36 42.01 13.56
CA ARG E 122 7.23 43.45 13.68
C ARG E 122 8.57 44.15 13.64
N HIS E 123 8.60 45.35 13.13
CA HIS E 123 9.75 46.19 13.30
C HIS E 123 10.29 46.19 14.75
N ASP E 124 11.61 46.33 14.86
CA ASP E 124 12.32 46.51 16.13
C ASP E 124 11.64 47.50 17.13
N GLN E 125 11.25 48.68 16.65
CA GLN E 125 10.59 49.71 17.49
C GLN E 125 9.27 49.35 18.12
N CYS E 126 8.50 48.44 17.50
CA CYS E 126 7.18 48.12 18.06
C CYS E 126 7.26 47.52 19.43
N GLN E 127 8.31 46.73 19.60
CA GLN E 127 8.47 45.83 20.70
C GLN E 127 8.67 46.62 21.98
N ARG E 128 9.09 47.86 21.85
CA ARG E 128 9.28 48.76 23.00
C ARG E 128 8.15 49.77 23.26
N LYS E 129 7.23 49.92 22.32
CA LYS E 129 6.11 50.85 22.53
C LYS E 129 5.33 50.40 23.76
N GLN E 130 4.82 51.35 24.51
CA GLN E 130 3.96 51.03 25.63
C GLN E 130 2.56 51.43 25.20
N TRP E 131 1.74 50.47 24.84
CA TRP E 131 0.46 50.78 24.17
C TRP E 131 -0.54 51.39 25.14
N ARG E 132 -1.34 52.32 24.66
CA ARG E 132 -2.43 52.82 25.51
C ARG E 132 -3.27 51.61 26.01
N VAL E 133 -3.79 51.75 27.22
CA VAL E 133 -4.66 50.74 27.80
C VAL E 133 -6.14 51.21 27.80
N ASP E 134 -6.30 52.52 27.87
CA ASP E 134 -7.59 53.20 27.90
C ASP E 134 -8.17 53.38 26.48
N LEU E 135 -8.39 52.27 25.80
CA LEU E 135 -8.89 52.22 24.40
C LEU E 135 -10.23 51.61 24.40
N PRO E 136 -10.98 51.89 23.33
CA PRO E 136 -12.24 51.24 23.23
C PRO E 136 -12.07 49.74 22.95
N ALA E 137 -12.97 48.91 23.48
CA ALA E 137 -12.93 47.45 23.21
C ALA E 137 -13.55 47.22 21.84
N THR E 138 -13.24 46.06 21.26
CA THR E 138 -13.76 45.75 19.93
C THR E 138 -14.59 44.48 19.90
N SER E 139 -15.56 44.45 18.99
CA SER E 139 -16.19 43.22 18.58
C SER E 139 -15.52 42.69 17.33
N VAL E 140 -14.91 41.53 17.43
CA VAL E 140 -14.23 40.91 16.29
C VAL E 140 -15.25 40.07 15.50
N VAL E 141 -15.39 40.33 14.22
CA VAL E 141 -16.41 39.67 13.38
C VAL E 141 -15.66 38.78 12.39
N ILE E 142 -15.92 37.47 12.43
CA ILE E 142 -15.31 36.51 11.56
C ILE E 142 -16.42 35.71 10.90
N THR E 143 -16.37 35.68 9.60
CA THR E 143 -17.43 35.18 8.77
C THR E 143 -16.82 33.98 8.01
N PHE E 144 -17.54 32.90 7.79
CA PHE E 144 -16.88 31.76 7.08
C PHE E 144 -17.89 30.90 6.41
N HIS E 145 -17.47 30.23 5.35
CA HIS E 145 -18.25 29.18 4.82
C HIS E 145 -17.39 27.93 4.52
N ASN E 146 -17.67 26.84 5.20
CA ASN E 146 -16.85 25.62 5.09
C ASN E 146 -15.36 25.90 5.27
N GLU E 147 -14.99 26.51 6.37
CA GLU E 147 -13.55 26.76 6.65
C GLU E 147 -13.03 25.48 7.26
N ALA E 148 -11.72 25.25 7.18
CA ALA E 148 -11.15 24.12 7.94
C ALA E 148 -11.25 24.41 9.41
N ARG E 149 -11.66 23.42 10.16
CA ARG E 149 -11.82 23.58 11.58
C ARG E 149 -10.54 24.02 12.27
N SER E 150 -9.39 23.53 11.83
CA SER E 150 -8.17 23.85 12.53
C SER E 150 -7.77 25.30 12.28
N ALA E 151 -7.98 25.74 11.04
CA ALA E 151 -7.72 27.13 10.68
C ALA E 151 -8.67 28.11 11.39
N LEU E 152 -9.94 27.77 11.42
CA LEU E 152 -10.96 28.62 12.11
C LEU E 152 -10.62 28.72 13.62
N LEU E 153 -10.29 27.59 14.23
CA LEU E 153 -9.97 27.60 15.70
C LEU E 153 -8.72 28.41 16.00
N ARG E 154 -7.72 28.26 15.16
CA ARG E 154 -6.50 29.00 15.32
C ARG E 154 -6.74 30.48 15.16
N THR E 155 -7.64 30.84 14.25
CA THR E 155 -7.94 32.23 14.11
C THR E 155 -8.50 32.71 15.45
N VAL E 156 -9.52 32.04 15.98
CA VAL E 156 -10.17 32.50 17.20
C VAL E 156 -9.21 32.49 18.41
N VAL E 157 -8.43 31.42 18.54
CA VAL E 157 -7.44 31.46 19.62
C VAL E 157 -6.37 32.52 19.51
N SER E 158 -5.98 32.89 18.28
CA SER E 158 -4.97 33.89 18.15
C SER E 158 -5.47 35.24 18.67
N VAL E 159 -6.72 35.53 18.39
CA VAL E 159 -7.30 36.78 18.89
C VAL E 159 -7.33 36.76 20.42
N LEU E 160 -7.83 35.68 20.97
CA LEU E 160 -7.95 35.57 22.42
C LEU E 160 -6.58 35.61 23.14
N LYS E 161 -5.57 35.00 22.57
CA LYS E 161 -4.27 34.93 23.23
C LYS E 161 -3.46 36.16 23.04
N LYS E 162 -3.57 36.81 21.88
CA LYS E 162 -2.73 37.94 21.56
C LYS E 162 -3.34 39.32 21.87
N SER E 163 -4.60 39.33 22.32
CA SER E 163 -5.21 40.59 22.65
C SER E 163 -5.42 40.78 24.15
N PRO E 164 -5.21 42.00 24.67
CA PRO E 164 -5.63 42.24 26.06
C PRO E 164 -7.10 41.94 26.22
N PRO E 165 -7.46 41.09 27.17
CA PRO E 165 -8.81 40.65 27.21
C PRO E 165 -9.80 41.77 27.47
N HIS E 166 -9.43 42.80 28.23
CA HIS E 166 -10.34 43.98 28.36
C HIS E 166 -10.70 44.68 27.02
N LEU E 167 -9.92 44.44 25.98
CA LEU E 167 -10.13 45.08 24.67
C LEU E 167 -10.97 44.20 23.73
N ILE E 168 -11.31 42.99 24.15
CA ILE E 168 -12.11 42.08 23.38
C ILE E 168 -13.45 41.90 24.07
N LYS E 169 -14.45 42.56 23.51
CA LYS E 169 -15.77 42.55 24.01
C LYS E 169 -16.35 41.24 23.69
N GLU E 170 -16.22 40.83 22.43
CA GLU E 170 -16.75 39.54 21.96
C GLU E 170 -16.09 39.17 20.62
N ILE E 171 -16.17 37.90 20.27
CA ILE E 171 -15.85 37.41 18.95
C ILE E 171 -17.13 36.84 18.38
N ILE E 172 -17.61 37.46 17.32
CA ILE E 172 -18.80 36.97 16.66
C ILE E 172 -18.48 36.19 15.43
N LEU E 173 -18.93 34.95 15.41
CA LEU E 173 -18.67 34.08 14.28
C LEU E 173 -19.95 34.08 13.47
N VAL E 174 -19.87 34.44 12.18
CA VAL E 174 -21.03 34.33 11.30
C VAL E 174 -20.78 33.17 10.37
N ASP E 175 -21.49 32.10 10.64
CA ASP E 175 -21.41 30.90 9.88
C ASP E 175 -22.34 31.10 8.70
N ASP E 176 -21.73 31.29 7.54
CA ASP E 176 -22.49 31.58 6.34
C ASP E 176 -22.88 30.33 5.66
N TYR E 177 -23.83 29.66 6.31
CA TYR E 177 -24.45 28.46 5.78
C TYR E 177 -23.44 27.36 5.46
N SER E 178 -22.52 27.10 6.39
CA SER E 178 -21.61 25.94 6.28
C SER E 178 -22.36 24.65 6.30
N ASN E 179 -21.87 23.70 5.52
CA ASN E 179 -22.57 22.37 5.44
C ASN E 179 -22.80 21.73 6.76
N ASP E 180 -21.83 21.78 7.64
CA ASP E 180 -21.95 21.27 9.03
C ASP E 180 -22.00 22.43 10.02
N PRO E 181 -23.15 22.67 10.60
CA PRO E 181 -23.27 23.77 11.57
C PRO E 181 -22.46 23.61 12.83
N GLU E 182 -21.87 22.45 13.07
CA GLU E 182 -21.06 22.30 14.29
C GLU E 182 -19.73 22.97 14.18
N ASP E 183 -19.27 23.18 12.95
CA ASP E 183 -17.97 23.85 12.74
C ASP E 183 -17.99 25.13 13.58
N GLY E 184 -19.03 25.89 13.41
CA GLY E 184 -19.25 27.08 14.23
C GLY E 184 -19.81 26.83 15.62
N ALA E 185 -20.87 26.05 15.72
CA ALA E 185 -21.51 25.92 17.05
C ALA E 185 -20.53 25.34 18.16
N LEU E 186 -19.69 24.39 17.85
CA LEU E 186 -18.82 23.93 18.89
C LEU E 186 -17.84 24.96 19.38
N LEU E 187 -17.57 26.01 18.60
CA LEU E 187 -16.67 27.09 19.07
C LEU E 187 -17.37 28.02 20.00
N GLY E 188 -18.69 27.98 19.98
CA GLY E 188 -19.49 28.88 20.87
C GLY E 188 -19.37 28.52 22.35
N LYS E 189 -18.76 27.38 22.68
CA LYS E 189 -18.45 27.11 24.09
C LYS E 189 -17.29 27.94 24.65
N ILE E 190 -16.49 28.53 23.77
CA ILE E 190 -15.34 29.26 24.19
C ILE E 190 -15.77 30.61 24.66
N GLU E 191 -15.16 31.05 25.78
CA GLU E 191 -15.26 32.37 26.33
C GLU E 191 -15.26 33.43 25.20
N LYS E 192 -16.23 34.32 25.28
CA LYS E 192 -16.44 35.47 24.45
C LYS E 192 -16.91 35.14 23.05
N VAL E 193 -16.92 33.87 22.62
CA VAL E 193 -17.36 33.52 21.30
C VAL E 193 -18.90 33.41 21.21
N ARG E 194 -19.49 34.17 20.28
CA ARG E 194 -20.92 34.11 19.97
C ARG E 194 -21.03 33.64 18.53
N VAL E 195 -21.99 32.78 18.22
CA VAL E 195 -22.11 32.38 16.86
C VAL E 195 -23.48 32.68 16.28
N LEU E 196 -23.48 33.21 15.05
CA LEU E 196 -24.68 33.53 14.33
C LEU E 196 -24.68 32.63 13.10
N ARG E 197 -25.75 31.88 12.84
CA ARG E 197 -25.80 31.02 11.66
C ARG E 197 -26.74 31.63 10.62
N ASN E 198 -26.27 31.81 9.39
CA ASN E 198 -27.14 32.07 8.22
C ASN E 198 -27.73 30.77 7.75
N ASP E 199 -29.07 30.73 7.57
CA ASP E 199 -29.70 29.55 7.08
C ASP E 199 -29.85 29.48 5.61
N ARG E 200 -29.23 30.41 4.92
CA ARG E 200 -28.94 30.35 3.49
C ARG E 200 -27.63 31.05 3.20
N ARG E 201 -27.07 30.81 2.03
CA ARG E 201 -25.81 31.42 1.65
C ARG E 201 -25.94 32.91 1.41
N GLU E 202 -25.18 33.74 2.13
CA GLU E 202 -25.40 35.18 1.99
C GLU E 202 -24.15 35.85 1.45
N GLY E 203 -22.99 35.21 1.57
CA GLY E 203 -21.76 35.82 1.09
C GLY E 203 -21.18 36.69 2.16
N LEU E 204 -19.89 36.97 2.00
CA LEU E 204 -19.12 37.68 2.99
C LEU E 204 -19.66 39.04 3.39
N MET E 205 -19.96 39.90 2.40
CA MET E 205 -20.37 41.25 2.74
C MET E 205 -21.68 41.27 3.57
N ARG E 206 -22.69 40.57 3.14
CA ARG E 206 -23.90 40.51 3.93
C ARG E 206 -23.68 39.84 5.30
N SER E 207 -22.81 38.84 5.36
CA SER E 207 -22.52 38.20 6.65
C SER E 207 -21.81 39.15 7.59
N ARG E 208 -20.89 39.96 7.08
CA ARG E 208 -20.26 40.90 7.94
C ARG E 208 -21.23 41.97 8.44
N VAL E 209 -22.21 42.36 7.66
CA VAL E 209 -23.16 43.41 8.13
C VAL E 209 -24.02 42.79 9.21
N ARG E 210 -24.41 41.52 9.00
CA ARG E 210 -25.12 40.82 10.09
C ARG E 210 -24.29 40.82 11.41
N GLY E 211 -23.03 40.47 11.30
CA GLY E 211 -22.17 40.46 12.48
C GLY E 211 -22.03 41.86 13.08
N ALA E 212 -21.85 42.85 12.22
CA ALA E 212 -21.71 44.26 12.66
C ALA E 212 -22.99 44.74 13.36
N ASP E 213 -24.14 44.40 12.84
CA ASP E 213 -25.42 44.78 13.45
C ASP E 213 -25.58 44.19 14.84
N ALA E 214 -25.03 43.01 15.06
CA ALA E 214 -25.19 42.39 16.34
C ALA E 214 -24.13 42.83 17.31
N ALA E 215 -23.08 43.54 16.86
CA ALA E 215 -21.95 43.81 17.69
C ALA E 215 -22.31 44.81 18.76
N GLN E 216 -21.79 44.61 19.97
CA GLN E 216 -22.06 45.48 21.10
C GLN E 216 -20.96 46.49 21.33
N ALA E 217 -19.75 46.27 20.80
CA ALA E 217 -18.67 47.21 21.00
C ALA E 217 -18.77 48.47 20.12
N LYS E 218 -17.98 49.45 20.48
CA LYS E 218 -17.90 50.68 19.80
C LYS E 218 -17.04 50.56 18.56
N VAL E 219 -16.16 49.54 18.49
CA VAL E 219 -15.28 49.35 17.35
C VAL E 219 -15.38 47.92 16.81
N LEU E 220 -15.54 47.82 15.48
CA LEU E 220 -15.53 46.55 14.74
C LEU E 220 -14.18 46.21 14.29
N THR E 221 -13.86 44.91 14.38
CA THR E 221 -12.68 44.38 13.75
C THR E 221 -13.13 43.20 12.89
N PHE E 222 -12.84 43.23 11.60
CA PHE E 222 -13.10 42.16 10.71
C PHE E 222 -11.79 41.44 10.41
N LEU E 223 -11.83 40.14 10.58
CA LEU E 223 -10.77 39.28 10.12
C LEU E 223 -11.41 38.19 9.37
N ASP E 224 -10.65 37.49 8.53
CA ASP E 224 -11.09 36.26 7.82
C ASP E 224 -10.89 35.07 8.71
N SER E 225 -11.42 33.95 8.30
CA SER E 225 -11.43 32.73 9.12
C SER E 225 -10.14 31.86 9.03
N HIS E 226 -9.08 32.38 8.39
CA HIS E 226 -7.80 31.71 8.23
C HIS E 226 -6.71 32.74 8.50
N CYS E 227 -6.70 33.35 9.68
CA CYS E 227 -5.69 34.33 10.03
C CYS E 227 -5.02 33.94 11.32
N GLU E 228 -3.90 34.55 11.62
CA GLU E 228 -3.31 34.42 12.92
C GLU E 228 -2.68 35.74 13.36
N CYS E 229 -3.25 36.30 14.43
CA CYS E 229 -2.78 37.54 14.96
C CYS E 229 -1.40 37.39 15.61
N ASN E 230 -0.55 38.36 15.41
CA ASN E 230 0.79 38.39 16.07
C ASN E 230 0.75 39.23 17.34
N GLU E 231 1.92 39.37 17.98
CA GLU E 231 2.06 40.12 19.27
C GLU E 231 1.58 41.55 19.17
N HIS E 232 0.80 41.97 20.16
CA HIS E 232 0.28 43.33 20.26
C HIS E 232 -0.23 43.83 18.91
N TRP E 233 -1.00 42.98 18.25
CA TRP E 233 -1.58 43.33 16.93
C TRP E 233 -2.70 44.39 17.03
N LEU E 234 -3.41 44.36 18.13
CA LEU E 234 -4.67 45.08 18.28
C LEU E 234 -4.56 46.53 18.77
N GLU E 235 -3.78 46.76 19.81
CA GLU E 235 -3.63 48.10 20.38
C GLU E 235 -3.23 49.14 19.34
N PRO E 236 -2.31 48.82 18.42
CA PRO E 236 -1.97 49.91 17.53
C PRO E 236 -3.07 50.27 16.58
N LEU E 237 -3.94 49.32 16.29
CA LEU E 237 -5.08 49.61 15.42
C LEU E 237 -6.09 50.44 16.19
N LEU E 238 -6.38 50.04 17.41
CA LEU E 238 -7.40 50.71 18.19
C LEU E 238 -6.96 52.16 18.53
N GLU E 239 -5.66 52.38 18.72
CA GLU E 239 -5.12 53.74 18.95
C GLU E 239 -5.49 54.72 17.88
N ARG E 240 -5.26 54.32 16.65
CA ARG E 240 -5.67 55.10 15.47
C ARG E 240 -7.12 55.50 15.48
N VAL E 241 -8.00 54.52 15.67
CA VAL E 241 -9.42 54.83 15.59
C VAL E 241 -9.96 55.55 16.82
N ALA E 242 -9.33 55.35 17.97
CA ALA E 242 -9.72 56.16 19.13
C ALA E 242 -9.34 57.61 18.98
N GLU E 243 -8.20 57.92 18.33
CA GLU E 243 -7.85 59.31 18.12
C GLU E 243 -8.71 59.97 17.07
N ASP E 244 -9.02 59.24 16.00
CA ASP E 244 -9.85 59.77 14.90
C ASP E 244 -10.72 58.70 14.33
N ARG E 245 -11.98 58.76 14.67
CA ARG E 245 -12.91 57.74 14.28
C ARG E 245 -13.19 57.64 12.77
N THR E 246 -12.66 58.55 11.95
CA THR E 246 -12.83 58.47 10.53
C THR E 246 -11.71 57.70 9.84
N ARG E 247 -10.77 57.15 10.61
CA ARG E 247 -9.73 56.30 10.07
C ARG E 247 -10.16 54.84 10.07
N VAL E 248 -9.92 54.18 8.95
CA VAL E 248 -10.18 52.75 8.78
C VAL E 248 -8.83 52.12 8.56
N VAL E 249 -8.42 51.23 9.45
CA VAL E 249 -7.05 50.85 9.58
C VAL E 249 -6.85 49.33 9.48
N SER E 250 -5.74 48.94 8.84
CA SER E 250 -5.45 47.56 8.54
C SER E 250 -4.05 47.22 9.09
N PRO E 251 -3.86 45.97 9.55
CA PRO E 251 -2.48 45.55 9.87
C PRO E 251 -1.70 45.38 8.58
N ILE E 252 -0.38 45.26 8.70
CA ILE E 252 0.40 44.49 7.72
C ILE E 252 -0.03 43.01 7.76
N ILE E 253 -0.31 42.46 6.61
CA ILE E 253 -0.86 41.15 6.47
C ILE E 253 0.26 40.21 6.16
N ASP E 254 0.70 39.45 7.15
CA ASP E 254 1.79 38.48 6.93
C ASP E 254 1.24 37.29 6.11
N VAL E 255 2.14 36.47 5.60
CA VAL E 255 1.80 35.38 4.69
C VAL E 255 1.86 34.09 5.46
N ILE E 256 0.78 33.33 5.41
CA ILE E 256 0.81 31.99 5.93
C ILE E 256 0.81 31.09 4.71
N ASN E 257 1.91 30.37 4.54
CA ASN E 257 2.10 29.56 3.33
C ASN E 257 1.05 28.46 3.18
N MET E 258 0.38 28.44 2.05
CA MET E 258 -0.77 27.54 1.86
C MET E 258 -0.38 26.07 1.74
N ASP E 259 0.91 25.80 1.45
CA ASP E 259 1.43 24.40 1.30
C ASP E 259 1.98 23.86 2.60
N ASN E 260 2.80 24.67 3.28
CA ASN E 260 3.47 24.25 4.52
C ASN E 260 3.03 25.00 5.80
N PHE E 261 2.14 25.98 5.68
CA PHE E 261 1.68 26.74 6.85
C PHE E 261 2.75 27.49 7.62
N GLN E 262 3.91 27.72 6.99
CA GLN E 262 4.90 28.62 7.56
C GLN E 262 4.38 30.07 7.58
N TYR E 263 4.67 30.78 8.67
CA TYR E 263 4.25 32.15 8.87
C TYR E 263 5.42 32.98 8.42
N VAL E 264 5.21 33.76 7.37
CA VAL E 264 6.28 34.54 6.77
C VAL E 264 6.01 36.05 6.94
N GLY E 265 7.02 36.79 7.39
CA GLY E 265 6.91 38.24 7.43
C GLY E 265 6.73 38.90 6.08
N ALA E 266 5.68 39.71 5.94
CA ALA E 266 5.48 40.51 4.75
C ALA E 266 6.30 41.83 4.75
N SER E 267 6.30 42.48 3.62
CA SER E 267 6.96 43.77 3.53
C SER E 267 6.07 44.89 4.10
N ALA E 268 6.74 45.89 4.67
CA ALA E 268 6.12 47.05 5.28
C ALA E 268 6.17 48.19 4.34
N ASP E 269 6.78 48.01 3.17
CA ASP E 269 6.96 49.11 2.27
C ASP E 269 5.93 49.10 1.15
N LEU E 270 4.79 48.49 1.37
CA LEU E 270 3.75 48.37 0.36
C LEU E 270 2.50 49.10 0.67
N LYS E 271 1.75 49.36 -0.37
CA LYS E 271 0.44 49.91 -0.17
C LYS E 271 -0.48 49.43 -1.28
N GLY E 272 -1.77 49.48 -1.02
CA GLY E 272 -2.75 48.87 -1.89
C GLY E 272 -3.08 49.77 -3.04
N GLY E 273 -3.52 49.18 -4.13
CA GLY E 273 -3.73 49.93 -5.32
C GLY E 273 -4.47 49.06 -6.28
N PHE E 274 -4.59 49.53 -7.52
CA PHE E 274 -5.37 48.87 -8.53
C PHE E 274 -5.04 49.41 -9.89
N ASP E 275 -5.37 48.60 -10.89
CA ASP E 275 -5.31 49.07 -12.28
C ASP E 275 -6.70 49.41 -12.74
N TRP E 276 -6.85 49.91 -13.96
CA TRP E 276 -8.14 50.31 -14.46
C TRP E 276 -9.10 49.16 -14.61
N ASN E 277 -8.58 47.93 -14.60
CA ASN E 277 -9.48 46.79 -14.53
C ASN E 277 -10.05 46.53 -13.14
N LEU E 278 -9.67 47.36 -12.16
CA LEU E 278 -10.18 47.30 -10.79
C LEU E 278 -9.83 46.03 -10.09
N VAL E 279 -8.76 45.37 -10.52
CA VAL E 279 -8.16 44.34 -9.69
C VAL E 279 -7.06 44.92 -8.82
N PHE E 280 -7.13 44.51 -7.58
CA PHE E 280 -6.24 44.88 -6.53
C PHE E 280 -4.80 44.50 -6.81
N LYS E 281 -3.88 45.42 -6.54
CA LYS E 281 -2.47 45.12 -6.60
C LYS E 281 -1.72 45.85 -5.52
N TRP E 282 -0.52 45.35 -5.18
CA TRP E 282 0.35 46.08 -4.25
C TRP E 282 1.29 47.01 -5.00
N ASP E 283 1.40 48.23 -4.51
CA ASP E 283 2.23 49.25 -5.13
C ASP E 283 3.41 49.43 -4.18
N TYR E 284 4.50 49.99 -4.63
CA TYR E 284 5.40 50.31 -3.56
C TYR E 284 5.34 51.74 -3.32
N MET E 285 5.55 52.09 -2.09
CA MET E 285 5.79 53.45 -1.68
C MET E 285 6.85 53.93 -2.63
N THR E 286 6.67 55.14 -3.16
CA THR E 286 7.71 55.72 -3.99
C THR E 286 8.93 55.94 -3.09
N PRO E 287 10.13 55.81 -3.68
CA PRO E 287 11.39 56.21 -3.02
C PRO E 287 11.28 57.47 -2.15
N GLU E 288 10.53 58.49 -2.61
CA GLU E 288 10.19 59.70 -1.86
C GLU E 288 9.28 59.48 -0.62
N GLN E 289 8.25 58.62 -0.73
CA GLN E 289 7.42 58.31 0.43
C GLN E 289 8.23 57.57 1.54
N ARG E 290 9.17 56.73 1.11
CA ARG E 290 10.10 56.05 2.02
C ARG E 290 10.98 57.06 2.75
N ARG E 291 11.59 57.92 1.96
CA ARG E 291 12.37 59.01 2.52
C ARG E 291 11.54 59.76 3.53
N SER E 292 10.30 60.03 3.20
CA SER E 292 9.48 60.82 4.10
C SER E 292 9.16 60.10 5.44
N ARG E 293 9.41 58.80 5.50
CA ARG E 293 9.19 58.03 6.70
C ARG E 293 10.46 57.63 7.36
N GLN E 294 11.59 58.00 6.75
CA GLN E 294 12.96 57.66 7.21
C GLN E 294 13.07 57.82 8.70
N GLY E 295 12.42 58.86 9.23
CA GLY E 295 12.56 59.21 10.63
C GLY E 295 11.63 58.57 11.62
N ASN E 296 10.63 57.84 11.10
CA ASN E 296 9.76 57.01 11.96
C ASN E 296 9.38 55.84 11.10
N PRO E 297 10.17 54.77 11.20
CA PRO E 297 9.97 53.64 10.34
C PRO E 297 8.56 53.06 10.49
N VAL E 298 7.99 53.13 11.70
CA VAL E 298 6.68 52.54 11.92
C VAL E 298 5.50 53.50 11.88
N ALA E 299 5.63 54.58 11.12
CA ALA E 299 4.55 55.51 10.97
C ALA E 299 3.37 54.87 10.20
N PRO E 300 2.13 55.21 10.52
CA PRO E 300 0.99 54.93 9.70
C PRO E 300 1.26 55.30 8.26
N ILE E 301 0.81 54.44 7.36
CA ILE E 301 0.91 54.65 5.93
C ILE E 301 -0.52 54.89 5.39
N LYS E 302 -0.79 55.96 4.68
CA LYS E 302 -2.08 56.06 3.99
C LYS E 302 -2.08 55.20 2.77
N THR E 303 -3.23 54.60 2.49
CA THR E 303 -3.37 53.65 1.40
C THR E 303 -4.62 53.91 0.61
N PRO E 304 -4.51 53.94 -0.72
CA PRO E 304 -5.67 54.23 -1.57
C PRO E 304 -6.77 53.16 -1.53
N MET E 305 -6.46 51.98 -1.05
CA MET E 305 -7.28 50.80 -1.24
C MET E 305 -6.87 49.80 -0.16
N ILE E 306 -7.80 49.28 0.63
CA ILE E 306 -7.36 48.22 1.55
C ILE E 306 -7.39 46.84 0.85
N ALA E 307 -6.65 45.86 1.35
CA ALA E 307 -6.85 44.40 0.91
C ALA E 307 -8.33 43.97 1.06
N GLY E 308 -8.90 44.21 2.23
CA GLY E 308 -10.33 44.10 2.37
C GLY E 308 -10.65 43.11 3.44
N GLY E 309 -9.78 42.12 3.63
CA GLY E 309 -10.13 41.12 4.59
C GLY E 309 -10.10 41.73 5.98
N LEU E 310 -9.08 42.50 6.27
CA LEU E 310 -8.78 42.70 7.65
C LEU E 310 -8.70 44.17 7.90
N PHE E 311 -9.59 44.68 8.70
CA PHE E 311 -9.51 46.08 9.05
C PHE E 311 -10.36 46.36 10.27
N VAL E 312 -10.06 47.53 10.88
CA VAL E 312 -10.67 47.94 12.09
C VAL E 312 -11.38 49.23 11.76
N MET E 313 -12.60 49.39 12.25
CA MET E 313 -13.45 50.59 11.91
C MET E 313 -14.37 50.89 13.06
N ASP E 314 -14.44 52.14 13.46
CA ASP E 314 -15.45 52.60 14.41
C ASP E 314 -16.82 52.15 13.93
N LYS E 315 -17.59 51.54 14.82
CA LYS E 315 -18.85 50.91 14.37
C LYS E 315 -19.88 51.94 13.93
N PHE E 316 -19.95 53.03 14.67
CA PHE E 316 -20.88 54.12 14.35
C PHE E 316 -20.47 54.82 13.06
N TYR E 317 -19.17 54.93 12.80
CA TYR E 317 -18.74 55.39 11.48
C TYR E 317 -19.10 54.42 10.37
N PHE E 318 -18.86 53.13 10.56
CA PHE E 318 -19.31 52.09 9.60
C PHE E 318 -20.80 52.24 9.21
N GLU E 319 -21.62 52.45 10.23
CA GLU E 319 -23.07 52.65 10.04
C GLU E 319 -23.36 53.92 9.32
N GLU E 320 -22.81 54.95 9.57
CA GLU E 320 -23.01 56.29 9.06
C GLU E 320 -22.63 56.40 7.60
N LEU E 321 -21.49 55.71 7.41
CA LEU E 321 -21.10 55.79 6.02
C LEU E 321 -21.85 54.80 5.14
N GLY E 322 -22.73 53.95 5.67
CA GLY E 322 -23.51 53.01 4.85
C GLY E 322 -23.05 51.58 4.77
N LYS E 323 -22.35 51.15 5.80
CA LYS E 323 -22.08 49.76 6.09
C LYS E 323 -21.35 49.12 4.93
N TYR E 324 -21.90 48.05 4.34
CA TYR E 324 -21.50 47.59 2.99
C TYR E 324 -22.77 47.66 2.18
N ASP E 325 -22.63 47.69 0.88
CA ASP E 325 -23.77 47.63 -0.03
C ASP E 325 -24.46 46.24 0.07
N MET E 326 -25.74 46.20 0.43
CA MET E 326 -26.35 44.93 0.84
C MET E 326 -26.70 44.05 -0.38
N MET E 327 -26.65 44.69 -1.54
CA MET E 327 -26.83 43.99 -2.79
C MET E 327 -25.56 43.27 -3.32
N MET E 328 -24.44 43.36 -2.66
CA MET E 328 -23.30 42.66 -3.19
C MET E 328 -23.49 41.14 -2.94
N ASP E 329 -23.02 40.37 -3.91
CA ASP E 329 -23.24 38.92 -3.84
C ASP E 329 -21.99 38.20 -3.28
N VAL E 330 -21.99 36.88 -3.29
CA VAL E 330 -20.87 36.11 -2.76
C VAL E 330 -19.54 36.43 -3.47
N TRP E 331 -19.58 36.99 -4.69
CA TRP E 331 -18.34 37.11 -5.52
C TRP E 331 -17.51 38.46 -5.49
N GLY E 332 -17.38 39.24 -4.41
CA GLY E 332 -17.01 40.76 -4.53
C GLY E 332 -15.55 41.14 -4.46
N GLY E 333 -15.14 42.43 -4.66
CA GLY E 333 -15.93 43.70 -4.55
C GLY E 333 -15.85 44.35 -3.14
N GLU E 334 -15.09 43.62 -2.28
CA GLU E 334 -15.07 43.77 -0.79
C GLU E 334 -14.07 44.84 -0.30
N ASN E 335 -12.94 44.94 -0.98
CA ASN E 335 -12.06 46.08 -0.87
C ASN E 335 -12.60 47.34 -1.58
N LEU E 336 -13.30 47.17 -2.69
CA LEU E 336 -13.27 48.23 -3.69
C LEU E 336 -14.23 49.35 -3.33
N GLU E 337 -15.45 48.92 -3.10
CA GLU E 337 -16.53 49.89 -2.88
C GLU E 337 -16.27 50.66 -1.58
N ILE E 338 -15.83 49.95 -0.56
CA ILE E 338 -15.70 50.64 0.70
C ILE E 338 -14.46 51.59 0.68
N SER E 339 -13.45 51.27 -0.13
CA SER E 339 -12.25 52.08 -0.20
C SER E 339 -12.53 53.43 -0.84
N PHE E 340 -13.25 53.42 -1.94
CA PHE E 340 -13.58 54.64 -2.60
C PHE E 340 -14.48 55.44 -1.69
N ARG E 341 -15.49 54.77 -1.15
CA ARG E 341 -16.49 55.45 -0.29
C ARG E 341 -15.81 56.13 0.90
N VAL E 342 -14.90 55.43 1.57
CA VAL E 342 -14.27 56.02 2.77
C VAL E 342 -13.47 57.30 2.41
N TRP E 343 -12.66 57.21 1.37
CA TRP E 343 -11.86 58.32 0.95
C TRP E 343 -12.71 59.46 0.39
N GLN E 344 -13.62 59.15 -0.53
CA GLN E 344 -14.39 60.25 -1.12
C GLN E 344 -15.31 60.87 -0.10
N CYS E 345 -15.72 60.10 0.92
CA CYS E 345 -16.67 60.69 1.87
C CYS E 345 -16.04 61.26 3.12
N GLY E 346 -14.72 61.44 3.14
CA GLY E 346 -14.08 62.29 4.21
C GLY E 346 -13.24 61.54 5.25
N GLY E 347 -13.18 60.21 5.16
CA GLY E 347 -12.32 59.46 6.13
C GLY E 347 -11.01 59.08 5.44
N SER E 348 -10.32 58.08 5.99
CA SER E 348 -9.07 57.64 5.41
C SER E 348 -8.87 56.17 5.66
N LEU E 349 -7.95 55.61 4.89
CA LEU E 349 -7.56 54.24 5.03
C LEU E 349 -6.06 54.22 5.40
N GLU E 350 -5.67 53.37 6.34
CA GLU E 350 -4.25 53.28 6.77
C GLU E 350 -3.80 51.85 6.90
N ILE E 351 -2.50 51.65 6.73
CA ILE E 351 -1.83 50.42 7.07
C ILE E 351 -0.91 50.76 8.24
N ILE E 352 -0.95 49.91 9.26
CA ILE E 352 -0.33 50.23 10.53
C ILE E 352 0.78 49.20 10.83
N PRO E 353 2.05 49.59 10.59
CA PRO E 353 3.14 48.64 10.60
C PRO E 353 3.30 47.86 11.86
N CYS E 354 2.96 48.45 12.99
CA CYS E 354 3.18 47.72 14.26
C CYS E 354 2.18 46.55 14.46
N SER E 355 1.12 46.57 13.66
CA SER E 355 0.09 45.52 13.75
C SER E 355 0.34 44.50 12.68
N ARG E 356 0.52 43.23 13.06
CA ARG E 356 0.83 42.11 12.14
C ARG E 356 -0.16 41.04 12.31
N VAL E 357 -0.83 40.67 11.20
CA VAL E 357 -1.71 39.54 11.20
C VAL E 357 -1.38 38.66 10.01
N GLY E 358 -1.10 37.38 10.27
CA GLY E 358 -0.94 36.45 9.18
C GLY E 358 -2.25 36.01 8.51
N HIS E 359 -2.16 35.74 7.21
CA HIS E 359 -3.34 35.35 6.39
C HIS E 359 -2.98 34.21 5.46
N VAL E 360 -3.74 33.11 5.42
CA VAL E 360 -3.40 32.03 4.50
C VAL E 360 -3.65 32.53 3.10
N PHE E 361 -2.63 32.75 2.27
CA PHE E 361 -2.91 33.22 0.88
C PHE E 361 -3.05 32.01 -0.06
N ARG E 362 -4.03 32.01 -0.94
CA ARG E 362 -4.08 30.94 -1.95
C ARG E 362 -4.27 31.48 -3.38
N LYS E 363 -4.37 30.61 -4.40
CA LYS E 363 -4.32 31.06 -5.82
C LYS E 363 -5.28 32.18 -6.18
N VAL E 376 -19.42 37.31 -13.76
CA VAL E 376 -19.67 36.72 -12.41
C VAL E 376 -19.10 37.56 -11.26
N PHE E 377 -17.82 37.89 -11.35
CA PHE E 377 -17.16 38.85 -10.42
C PHE E 377 -17.52 40.30 -10.78
N ALA E 378 -18.03 40.46 -11.99
CA ALA E 378 -18.32 41.80 -12.56
C ALA E 378 -19.47 42.49 -11.91
N ARG E 379 -20.44 41.71 -11.42
CA ARG E 379 -21.56 42.36 -10.78
C ARG E 379 -21.11 43.32 -9.64
N ASN E 380 -20.47 42.76 -8.64
CA ASN E 380 -20.10 43.59 -7.46
C ASN E 380 -19.26 44.78 -7.92
N THR E 381 -18.34 44.53 -8.87
CA THR E 381 -17.44 45.56 -9.38
C THR E 381 -18.14 46.75 -10.08
N ARG E 382 -19.11 46.44 -10.92
CA ARG E 382 -19.91 47.52 -11.55
C ARG E 382 -20.72 48.29 -10.51
N ARG E 383 -21.21 47.59 -9.50
CA ARG E 383 -22.00 48.32 -8.42
C ARG E 383 -21.09 49.39 -7.79
N ALA E 384 -19.78 49.11 -7.67
CA ALA E 384 -18.78 50.11 -7.17
C ALA E 384 -18.55 51.17 -8.15
N ALA E 385 -18.23 50.80 -9.37
CA ALA E 385 -17.86 51.79 -10.39
C ALA E 385 -18.97 52.71 -10.81
N GLU E 386 -20.18 52.15 -10.93
CA GLU E 386 -21.28 52.99 -11.36
C GLU E 386 -21.62 54.10 -10.29
N VAL E 387 -21.39 53.77 -9.03
CA VAL E 387 -21.76 54.73 -7.94
C VAL E 387 -20.66 55.77 -7.71
N TRP E 388 -19.40 55.34 -7.76
CA TRP E 388 -18.29 56.17 -7.26
C TRP E 388 -17.40 56.74 -8.33
N MET E 389 -17.28 56.09 -9.48
CA MET E 389 -16.16 56.43 -10.37
C MET E 389 -16.43 57.56 -11.34
N ASP E 390 -17.64 58.10 -11.33
CA ASP E 390 -18.02 59.20 -12.26
C ASP E 390 -17.68 58.75 -13.71
N GLU E 391 -17.13 59.60 -14.56
CA GLU E 391 -16.79 59.22 -15.94
C GLU E 391 -15.77 58.10 -16.03
N TYR E 392 -15.01 57.92 -14.96
CA TYR E 392 -13.76 57.23 -15.03
C TYR E 392 -14.07 55.79 -15.03
N LYS E 393 -15.34 55.49 -14.79
CA LYS E 393 -15.84 54.14 -14.98
C LYS E 393 -15.61 53.68 -16.42
N ASN E 394 -15.52 54.62 -17.34
CA ASN E 394 -15.27 54.24 -18.73
C ASN E 394 -13.88 53.66 -18.95
N PHE E 395 -12.94 53.99 -18.09
CA PHE E 395 -11.68 53.34 -18.13
C PHE E 395 -11.75 51.92 -17.63
N TYR E 396 -12.59 51.66 -16.62
CA TYR E 396 -12.88 50.27 -16.26
C TYR E 396 -13.50 49.48 -17.41
N TYR E 397 -14.57 50.00 -18.03
CA TYR E 397 -15.18 49.34 -19.18
C TYR E 397 -14.16 49.27 -20.40
N ALA E 398 -13.35 50.30 -20.60
CA ALA E 398 -12.31 50.25 -21.64
C ALA E 398 -11.30 49.10 -21.41
N ALA E 399 -11.10 48.68 -20.16
CA ALA E 399 -10.28 47.52 -19.85
C ALA E 399 -11.05 46.18 -19.77
N VAL E 400 -12.33 46.22 -19.45
CA VAL E 400 -13.11 45.01 -19.24
C VAL E 400 -14.44 45.22 -19.96
N PRO E 401 -14.42 45.32 -21.31
CA PRO E 401 -15.64 45.61 -22.09
C PRO E 401 -16.75 44.61 -21.88
N SER E 402 -16.45 43.36 -21.60
CA SER E 402 -17.46 42.37 -21.30
C SER E 402 -18.22 42.60 -19.98
N ALA E 403 -17.72 43.48 -19.10
CA ALA E 403 -18.49 43.86 -17.92
C ALA E 403 -19.71 44.70 -18.29
N ARG E 404 -19.74 45.37 -19.45
CA ARG E 404 -20.93 46.18 -19.80
C ARG E 404 -22.22 45.33 -20.02
N ASN E 405 -22.06 44.03 -20.26
CA ASN E 405 -23.22 43.12 -20.45
C ASN E 405 -23.66 42.41 -19.16
N VAL E 406 -23.25 42.93 -18.00
CA VAL E 406 -23.52 42.22 -16.79
C VAL E 406 -24.47 43.08 -15.98
N PRO E 407 -25.70 42.60 -15.78
CA PRO E 407 -26.61 43.30 -14.91
C PRO E 407 -26.01 43.38 -13.54
N TYR E 408 -26.20 44.53 -12.91
CA TYR E 408 -25.71 44.73 -11.55
C TYR E 408 -26.77 45.05 -10.52
N GLY E 409 -28.04 45.03 -10.90
CA GLY E 409 -29.10 45.43 -9.96
C GLY E 409 -29.24 46.96 -9.79
N ASN E 410 -30.05 47.36 -8.81
CA ASN E 410 -30.45 48.77 -8.65
C ASN E 410 -29.47 49.51 -7.71
N ILE E 411 -29.06 50.73 -8.00
CA ILE E 411 -28.10 51.35 -7.11
C ILE E 411 -28.59 52.65 -6.49
N GLN E 412 -29.89 52.95 -6.63
CA GLN E 412 -30.43 54.21 -6.10
C GLN E 412 -30.12 54.55 -4.64
N SER E 413 -30.21 53.59 -3.75
CA SER E 413 -30.03 53.89 -2.33
C SER E 413 -28.55 54.26 -2.10
N ARG E 414 -27.66 53.57 -2.81
CA ARG E 414 -26.24 53.88 -2.78
C ARG E 414 -25.92 55.28 -3.34
N LEU E 415 -26.55 55.68 -4.42
CA LEU E 415 -26.35 57.07 -4.94
C LEU E 415 -26.92 58.17 -4.08
N GLU E 416 -28.05 57.90 -3.45
CA GLU E 416 -28.56 58.86 -2.44
C GLU E 416 -27.59 58.98 -1.22
N LEU E 417 -27.10 57.84 -0.76
CA LEU E 417 -26.06 57.83 0.29
C LEU E 417 -24.92 58.78 -0.09
N ARG E 418 -24.37 58.61 -1.28
CA ARG E 418 -23.29 59.48 -1.68
C ARG E 418 -23.64 60.95 -1.58
N LYS E 419 -24.86 61.26 -2.00
CA LYS E 419 -25.39 62.63 -1.96
C LYS E 419 -25.55 63.14 -0.52
N LYS E 420 -26.21 62.34 0.30
CA LYS E 420 -26.46 62.74 1.66
C LYS E 420 -25.14 63.01 2.38
N LEU E 421 -24.13 62.17 2.13
CA LEU E 421 -22.83 62.38 2.75
C LEU E 421 -21.97 63.52 2.13
N SER E 422 -22.40 64.15 1.06
CA SER E 422 -21.53 65.13 0.36
C SER E 422 -20.13 64.63 -0.04
N CYS E 423 -20.07 63.45 -0.60
CA CYS E 423 -18.79 62.90 -0.96
C CYS E 423 -18.23 63.62 -2.14
N LYS E 424 -16.94 63.47 -2.33
CA LYS E 424 -16.19 64.23 -3.31
C LYS E 424 -16.08 63.42 -4.60
N PRO E 425 -15.74 64.08 -5.75
CA PRO E 425 -15.74 63.38 -7.03
C PRO E 425 -14.57 62.45 -7.18
N PHE E 426 -14.68 61.50 -8.09
CA PHE E 426 -13.62 60.52 -8.28
C PHE E 426 -12.35 61.19 -8.74
N LYS E 427 -12.49 62.31 -9.42
CA LYS E 427 -11.33 63.12 -9.77
C LYS E 427 -10.53 63.59 -8.58
N TRP E 428 -11.23 64.06 -7.55
CA TRP E 428 -10.55 64.43 -6.31
C TRP E 428 -9.76 63.24 -5.73
N TYR E 429 -10.36 62.07 -5.79
CA TYR E 429 -9.72 60.82 -5.23
C TYR E 429 -8.44 60.54 -5.99
N LEU E 430 -8.51 60.62 -7.32
CA LEU E 430 -7.37 60.39 -8.17
C LEU E 430 -6.27 61.37 -7.88
N GLU E 431 -6.67 62.62 -7.70
CA GLU E 431 -5.67 63.66 -7.48
C GLU E 431 -5.02 63.65 -6.10
N ASN E 432 -5.79 63.36 -5.07
CA ASN E 432 -5.33 63.53 -3.71
C ASN E 432 -5.06 62.23 -3.02
N VAL E 433 -5.66 61.12 -3.47
CA VAL E 433 -5.43 59.85 -2.84
C VAL E 433 -4.54 58.91 -3.62
N TYR E 434 -4.77 58.83 -4.92
CA TYR E 434 -4.00 57.87 -5.73
C TYR E 434 -3.41 58.58 -6.93
N PRO E 435 -2.53 59.58 -6.70
CA PRO E 435 -2.02 60.35 -7.83
C PRO E 435 -1.13 59.53 -8.73
N GLU E 436 -0.70 58.35 -8.32
CA GLU E 436 0.23 57.61 -9.17
C GLU E 436 -0.48 56.77 -10.19
N LEU E 437 -1.79 56.57 -10.03
CA LEU E 437 -2.53 55.84 -11.01
C LEU E 437 -2.58 56.68 -12.26
N ARG E 438 -2.12 56.08 -13.36
CA ARG E 438 -1.88 56.80 -14.58
C ARG E 438 -3.20 56.90 -15.30
N VAL E 439 -3.67 58.08 -15.64
CA VAL E 439 -4.98 58.19 -16.25
C VAL E 439 -4.81 58.62 -17.71
N PRO E 440 -5.37 57.86 -18.67
CA PRO E 440 -5.34 58.18 -20.10
C PRO E 440 -5.88 59.57 -20.27
N ASP E 441 -5.35 60.32 -21.22
CA ASP E 441 -5.98 61.57 -21.68
C ASP E 441 -7.39 61.24 -22.13
N HIS E 442 -8.32 62.15 -21.84
CA HIS E 442 -9.75 62.00 -22.17
C HIS E 442 -10.01 61.69 -23.67
N GLN E 443 -9.09 62.11 -24.55
CA GLN E 443 -9.25 61.90 -25.97
C GLN E 443 -8.53 60.66 -26.55
N ASP E 444 -7.68 60.04 -25.74
CA ASP E 444 -6.97 58.82 -26.12
C ASP E 444 -7.97 57.76 -26.59
N ILE E 445 -7.73 57.27 -27.79
CA ILE E 445 -8.50 56.16 -28.36
C ILE E 445 -8.13 54.86 -27.61
N ALA E 446 -6.88 54.70 -27.21
CA ALA E 446 -6.49 53.47 -26.57
C ALA E 446 -5.32 53.78 -25.69
N PHE E 447 -5.03 52.89 -24.71
CA PHE E 447 -4.02 53.18 -23.70
C PHE E 447 -3.57 51.94 -23.00
N GLY E 448 -2.37 52.02 -22.45
CA GLY E 448 -1.87 50.95 -21.60
C GLY E 448 -0.67 50.29 -22.16
N ALA E 449 -0.68 48.96 -22.16
CA ALA E 449 0.37 48.15 -22.74
C ALA E 449 -0.09 47.81 -24.13
N LEU E 450 0.84 47.69 -25.05
CA LEU E 450 0.49 47.20 -26.38
C LEU E 450 0.99 45.75 -26.43
N GLN E 451 0.05 44.81 -26.46
CA GLN E 451 0.35 43.39 -26.18
C GLN E 451 0.40 42.56 -27.41
N GLN E 452 1.36 41.61 -27.41
CA GLN E 452 1.48 40.55 -28.41
C GLN E 452 1.87 39.24 -27.67
N GLY E 453 0.97 38.28 -27.59
CA GLY E 453 1.29 37.06 -26.80
C GLY E 453 1.44 37.50 -25.39
N THR E 454 2.53 37.12 -24.77
CA THR E 454 2.85 37.58 -23.41
C THR E 454 3.89 38.67 -23.40
N ASN E 455 4.25 39.17 -24.58
CA ASN E 455 5.07 40.38 -24.70
C ASN E 455 4.31 41.70 -24.91
N CYS E 456 5.03 42.79 -24.62
CA CYS E 456 4.55 44.14 -24.65
C CYS E 456 5.57 45.03 -25.37
N LEU E 457 5.05 46.03 -26.08
CA LEU E 457 5.85 47.01 -26.78
C LEU E 457 6.63 47.67 -25.69
N ASP E 458 7.92 47.79 -25.88
CA ASP E 458 8.78 48.32 -24.87
C ASP E 458 9.80 49.28 -25.48
N THR E 459 10.04 50.41 -24.85
CA THR E 459 11.07 51.35 -25.33
C THR E 459 12.50 50.86 -25.15
N LEU E 460 12.69 49.76 -24.41
CA LEU E 460 14.07 49.28 -24.13
C LEU E 460 14.90 50.38 -23.49
N GLY E 461 14.25 51.33 -22.83
CA GLY E 461 14.96 52.47 -22.23
C GLY E 461 15.52 53.49 -23.20
N HIS E 462 15.21 53.36 -24.50
CA HIS E 462 15.71 54.35 -25.46
C HIS E 462 14.92 55.61 -25.38
N PHE E 463 15.47 56.63 -26.00
CA PHE E 463 14.86 57.98 -26.11
C PHE E 463 14.77 58.40 -27.56
N ALA E 464 14.78 59.70 -27.86
CA ALA E 464 14.62 60.15 -29.19
C ALA E 464 15.71 59.57 -30.07
N ASP E 465 15.28 59.24 -31.26
CA ASP E 465 16.03 58.56 -32.28
C ASP E 465 16.40 57.13 -31.89
N GLY E 466 15.76 56.50 -30.93
CA GLY E 466 16.11 55.12 -30.62
C GLY E 466 15.11 54.10 -31.18
N VAL E 467 15.55 52.85 -31.27
CA VAL E 467 14.69 51.79 -31.72
C VAL E 467 13.83 51.36 -30.59
N VAL E 468 12.85 50.54 -30.90
CA VAL E 468 11.91 50.03 -29.94
C VAL E 468 11.80 48.48 -30.06
N GLY E 469 11.32 47.81 -29.03
CA GLY E 469 11.38 46.36 -28.96
C GLY E 469 10.23 45.76 -28.18
N VAL E 470 10.37 44.49 -27.80
CA VAL E 470 9.38 43.89 -26.87
C VAL E 470 10.10 43.21 -25.70
N TYR E 471 9.42 43.16 -24.55
CA TYR E 471 9.82 42.31 -23.40
C TYR E 471 8.56 41.73 -22.81
N GLU E 472 8.71 40.75 -21.93
CA GLU E 472 7.54 40.15 -21.30
C GLU E 472 6.75 41.25 -20.63
N CYS E 473 5.47 41.25 -20.84
CA CYS E 473 4.62 42.19 -20.19
C CYS E 473 4.88 42.19 -18.68
N HIS E 474 5.17 43.35 -18.09
CA HIS E 474 5.43 43.42 -16.64
C HIS E 474 4.33 44.19 -15.87
N ASN E 475 3.21 44.48 -16.53
CA ASN E 475 2.11 45.31 -15.96
C ASN E 475 2.51 46.39 -14.95
N ALA E 476 3.53 47.17 -15.24
CA ALA E 476 4.03 48.13 -14.30
C ALA E 476 4.22 49.41 -15.08
N GLY E 477 3.50 49.53 -16.20
CA GLY E 477 3.97 50.24 -17.39
C GLY E 477 4.67 51.58 -17.25
N GLY E 478 5.99 51.58 -17.32
CA GLY E 478 6.81 52.82 -17.47
C GLY E 478 7.21 52.73 -18.95
N ASN E 479 8.29 52.02 -19.24
CA ASN E 479 8.71 51.67 -20.60
C ASN E 479 7.74 50.82 -21.42
N GLN E 480 6.67 50.32 -20.80
CA GLN E 480 5.63 49.61 -21.45
C GLN E 480 4.28 50.35 -21.49
N GLU E 481 4.29 51.65 -21.29
CA GLU E 481 3.05 52.39 -21.35
C GLU E 481 2.99 53.25 -22.59
N TRP E 482 1.87 53.12 -23.32
CA TRP E 482 1.63 53.70 -24.63
C TRP E 482 0.20 54.18 -24.73
N ALA E 483 -0.06 55.08 -25.67
CA ALA E 483 -1.45 55.43 -26.05
C ALA E 483 -1.56 55.61 -27.53
N LEU E 484 -2.75 55.36 -28.02
CA LEU E 484 -3.11 55.69 -29.39
C LEU E 484 -3.86 56.96 -29.26
N THR E 485 -3.31 58.03 -29.82
CA THR E 485 -4.02 59.33 -29.67
C THR E 485 -5.11 59.63 -30.67
N LYS E 486 -5.92 60.65 -30.39
CA LYS E 486 -6.96 61.11 -31.33
C LYS E 486 -6.29 61.50 -32.64
N GLU E 487 -5.10 62.06 -32.54
CA GLU E 487 -4.29 62.41 -33.72
C GLU E 487 -3.59 61.21 -34.43
N LYS E 488 -3.90 59.97 -34.06
CA LYS E 488 -3.37 58.75 -34.71
C LYS E 488 -1.87 58.46 -34.48
N SER E 489 -1.32 58.93 -33.37
CA SER E 489 0.05 58.56 -33.02
C SER E 489 0.01 57.51 -31.99
N VAL E 490 1.07 56.71 -31.98
CA VAL E 490 1.29 55.75 -30.91
C VAL E 490 2.44 56.24 -30.11
N LYS E 491 2.15 56.68 -28.88
CA LYS E 491 3.12 57.41 -28.14
C LYS E 491 3.38 56.96 -26.73
N HIS E 492 4.60 57.29 -26.33
CA HIS E 492 5.08 57.05 -24.99
C HIS E 492 5.63 58.37 -24.52
N MET E 493 5.03 58.95 -23.47
CA MET E 493 5.40 60.24 -22.93
C MET E 493 5.04 61.18 -24.06
N ASP E 494 6.00 61.92 -24.57
CA ASP E 494 5.80 62.72 -25.76
C ASP E 494 6.65 62.26 -26.93
N LEU E 495 7.04 60.98 -26.96
CA LEU E 495 7.79 60.41 -28.09
C LEU E 495 6.80 59.46 -28.83
N CYS E 496 6.94 59.37 -30.15
CA CYS E 496 5.98 58.73 -30.99
C CYS E 496 6.71 57.73 -31.83
N LEU E 497 6.07 56.62 -32.13
CA LEU E 497 6.62 55.65 -33.10
C LEU E 497 6.59 56.26 -34.51
N THR E 498 7.76 56.29 -35.18
CA THR E 498 7.97 56.99 -36.40
C THR E 498 8.48 56.11 -37.46
N VAL E 499 7.78 56.08 -38.60
CA VAL E 499 8.23 55.42 -39.79
C VAL E 499 9.24 56.33 -40.53
N VAL E 500 10.48 56.05 -40.24
CA VAL E 500 11.58 56.80 -40.74
C VAL E 500 11.94 56.32 -42.19
N ASP E 501 11.62 55.07 -42.50
CA ASP E 501 11.93 54.50 -43.78
C ASP E 501 10.87 53.50 -44.07
N ARG E 502 10.26 53.60 -45.24
CA ARG E 502 9.10 52.80 -45.56
C ARG E 502 9.44 51.49 -46.21
N ALA E 503 10.69 51.23 -46.43
CA ALA E 503 10.97 49.99 -47.09
C ALA E 503 10.72 48.87 -46.03
N PRO E 504 10.05 47.78 -46.44
CA PRO E 504 9.83 46.60 -45.67
C PRO E 504 11.06 46.13 -44.91
N GLY E 505 10.89 45.85 -43.62
CA GLY E 505 12.06 45.41 -42.86
C GLY E 505 12.74 46.56 -42.18
N SER E 506 12.33 47.79 -42.42
CA SER E 506 13.00 48.94 -41.80
C SER E 506 12.63 49.13 -40.34
N LEU E 507 13.59 49.51 -39.51
CA LEU E 507 13.32 49.70 -38.10
C LEU E 507 12.55 51.00 -37.95
N ILE E 508 11.65 51.02 -37.02
CA ILE E 508 11.04 52.27 -36.65
C ILE E 508 11.79 52.98 -35.52
N LYS E 509 11.50 54.27 -35.35
CA LYS E 509 12.17 55.06 -34.37
C LYS E 509 11.20 55.81 -33.54
N LEU E 510 11.65 56.04 -32.33
CA LEU E 510 10.98 56.90 -31.40
C LEU E 510 11.45 58.35 -31.72
N GLN E 511 10.50 59.24 -31.97
CA GLN E 511 10.82 60.65 -32.20
C GLN E 511 9.77 61.53 -31.51
N GLY E 512 10.21 62.72 -31.08
CA GLY E 512 9.36 63.76 -30.58
C GLY E 512 8.08 63.83 -31.40
N CYS E 513 6.91 63.68 -30.76
CA CYS E 513 5.65 63.69 -31.50
C CYS E 513 5.47 65.06 -32.18
N ARG E 514 5.03 64.99 -33.25
CA ARG E 514 4.74 66.28 -33.89
C ARG E 514 3.50 66.12 -34.74
N GLU E 515 2.43 66.78 -34.66
CA GLU E 515 1.10 66.63 -35.34
C GLU E 515 1.16 66.64 -36.85
N ASP E 516 2.11 67.37 -37.43
CA ASP E 516 2.24 67.45 -38.88
C ASP E 516 3.15 66.38 -39.51
N ASP E 517 3.67 65.42 -38.73
CA ASP E 517 4.56 64.39 -39.30
C ASP E 517 3.73 63.18 -39.64
N SER E 518 3.65 62.91 -40.93
CA SER E 518 2.78 61.89 -41.42
C SER E 518 3.42 60.50 -41.15
N ARG E 519 4.70 60.51 -40.78
CA ARG E 519 5.42 59.28 -40.56
C ARG E 519 5.02 58.70 -39.21
N GLN E 520 4.32 59.46 -38.37
CA GLN E 520 3.88 59.03 -37.06
C GLN E 520 2.43 58.56 -36.94
N LYS E 521 1.78 58.33 -38.07
CA LYS E 521 0.33 58.10 -38.03
C LYS E 521 0.05 56.66 -38.22
N TRP E 522 -0.79 56.11 -37.36
CA TRP E 522 -1.15 54.72 -37.39
C TRP E 522 -2.62 54.56 -37.22
N GLU E 523 -3.10 53.37 -37.60
CA GLU E 523 -4.52 53.05 -37.47
C GLU E 523 -4.68 51.60 -37.12
N GLN E 524 -5.56 51.29 -36.20
CA GLN E 524 -5.91 49.92 -35.95
C GLN E 524 -6.72 49.29 -37.12
N ILE E 525 -6.45 48.02 -37.46
CA ILE E 525 -7.24 47.31 -38.49
C ILE E 525 -7.64 45.90 -37.98
N GLU E 526 -8.45 45.21 -38.77
CA GLU E 526 -8.81 43.82 -38.48
C GLU E 526 -9.36 43.64 -37.10
N GLY E 527 -10.42 44.39 -36.83
CA GLY E 527 -11.07 44.37 -35.52
C GLY E 527 -10.11 44.74 -34.42
N ASN E 528 -9.35 45.83 -34.61
CA ASN E 528 -8.33 46.29 -33.61
C ASN E 528 -7.33 45.24 -33.16
N SER E 529 -6.79 44.50 -34.12
CA SER E 529 -5.83 43.45 -33.79
C SER E 529 -4.45 43.72 -34.38
N LYS E 530 -4.30 44.76 -35.22
CA LYS E 530 -3.05 45.04 -35.92
C LYS E 530 -2.96 46.56 -36.04
N LEU E 531 -1.74 47.06 -36.32
CA LEU E 531 -1.49 48.50 -36.50
C LEU E 531 -0.85 48.77 -37.81
N ARG E 532 -1.58 49.46 -38.66
CA ARG E 532 -1.06 49.83 -39.96
C ARG E 532 -0.63 51.29 -39.98
N HIS E 533 0.44 51.56 -40.70
CA HIS E 533 0.89 52.91 -40.87
C HIS E 533 0.00 53.60 -41.94
N VAL E 534 -0.63 54.73 -41.58
CA VAL E 534 -1.68 55.33 -42.44
C VAL E 534 -1.09 55.70 -43.76
N GLY E 535 -1.81 55.36 -44.85
CA GLY E 535 -1.38 55.69 -46.19
C GLY E 535 -0.33 54.74 -46.73
N SER E 536 -0.23 53.57 -46.12
CA SER E 536 0.74 52.56 -46.57
C SER E 536 0.06 51.22 -46.50
N ASN E 537 0.72 50.20 -47.02
CA ASN E 537 0.40 48.82 -46.71
C ASN E 537 1.42 48.18 -45.75
N LEU E 538 1.93 49.02 -44.84
CA LEU E 538 2.83 48.57 -43.78
C LEU E 538 2.18 48.36 -42.41
N CYS E 539 2.58 47.29 -41.74
CA CYS E 539 2.15 46.99 -40.42
C CYS E 539 3.32 46.91 -39.44
N LEU E 540 3.07 47.27 -38.19
CA LEU E 540 4.05 47.09 -37.13
C LEU E 540 4.34 45.61 -36.90
N ASP E 541 5.62 45.26 -36.86
CA ASP E 541 6.06 43.84 -36.89
C ASP E 541 7.19 43.54 -35.93
N SER E 542 7.05 42.49 -35.14
CA SER E 542 8.09 42.10 -34.17
C SER E 542 9.08 41.09 -34.63
N ARG E 543 9.04 40.68 -35.89
CA ARG E 543 9.88 39.53 -36.28
C ARG E 543 11.35 40.02 -36.32
N THR E 544 11.58 41.35 -36.36
CA THR E 544 12.91 41.88 -36.34
C THR E 544 13.41 42.24 -34.91
N ALA E 545 12.67 41.93 -33.88
CA ALA E 545 12.99 42.30 -32.52
C ALA E 545 14.36 41.75 -32.19
N LYS E 546 14.70 40.60 -32.74
CA LYS E 546 15.97 40.00 -32.42
C LYS E 546 17.05 40.41 -33.37
N SER E 547 16.75 41.33 -34.28
CA SER E 547 17.75 41.76 -35.24
C SER E 547 17.71 43.27 -35.37
N GLY E 548 17.40 43.95 -34.27
CA GLY E 548 17.60 45.40 -34.21
C GLY E 548 16.45 46.19 -33.64
N GLY E 549 15.23 45.63 -33.66
CA GLY E 549 14.06 46.35 -33.14
C GLY E 549 12.81 46.08 -33.95
N LEU E 550 11.69 46.70 -33.55
CA LEU E 550 10.42 46.52 -34.26
C LEU E 550 10.52 47.23 -35.60
N SER E 551 9.86 46.63 -36.58
CA SER E 551 9.93 47.12 -37.95
C SER E 551 8.58 47.38 -38.49
N VAL E 552 8.59 47.95 -39.68
CA VAL E 552 7.40 48.07 -40.55
C VAL E 552 7.58 46.92 -41.55
N GLU E 553 6.51 46.21 -41.85
N GLU E 553 6.51 46.17 -41.77
CA GLU E 553 6.59 44.99 -42.72
CA GLU E 553 6.55 45.10 -42.81
C GLU E 553 5.26 44.93 -43.49
C GLU E 553 5.27 45.22 -43.63
N VAL E 554 5.28 44.63 -44.79
CA VAL E 554 4.02 44.59 -45.56
C VAL E 554 2.94 43.82 -44.76
N CYS E 555 1.76 44.36 -44.66
CA CYS E 555 0.74 43.75 -43.88
C CYS E 555 0.36 42.41 -44.52
N GLY E 556 0.33 41.39 -43.69
CA GLY E 556 0.02 40.08 -44.07
C GLY E 556 -0.32 39.30 -42.81
N PRO E 557 -0.90 38.11 -43.02
CA PRO E 557 -1.47 37.39 -41.89
C PRO E 557 -0.36 36.76 -41.08
N ALA E 558 0.09 37.38 -39.98
CA ALA E 558 1.25 36.86 -39.25
C ALA E 558 1.17 37.15 -37.77
N LEU E 559 1.66 36.23 -36.93
CA LEU E 559 1.62 36.47 -35.47
C LEU E 559 2.40 37.68 -34.99
N SER E 560 3.50 37.98 -35.67
CA SER E 560 4.37 39.04 -35.28
C SER E 560 3.75 40.43 -35.61
N GLN E 561 2.63 40.48 -36.34
CA GLN E 561 1.92 41.71 -36.56
C GLN E 561 0.66 41.87 -35.68
N GLN E 562 0.48 41.01 -34.66
CA GLN E 562 -0.68 41.11 -33.76
C GLN E 562 -0.44 42.02 -32.55
N TRP E 563 -1.28 43.03 -32.40
CA TRP E 563 -1.09 43.94 -31.25
C TRP E 563 -2.43 44.45 -30.75
N LYS E 564 -2.62 44.45 -29.44
CA LYS E 564 -3.82 45.06 -28.81
C LYS E 564 -3.46 45.83 -27.59
N PHE E 565 -4.11 46.98 -27.44
CA PHE E 565 -3.93 47.79 -26.26
C PHE E 565 -4.73 47.22 -25.09
N THR E 566 -4.33 47.40 -23.87
CA THR E 566 -5.14 46.81 -22.83
C THR E 566 -6.37 47.64 -22.56
N LEU E 567 -6.32 48.95 -22.76
CA LEU E 567 -7.56 49.69 -22.75
C LEU E 567 -7.93 50.22 -24.12
N ASN E 568 -9.19 50.02 -24.46
CA ASN E 568 -9.71 50.50 -25.71
C ASN E 568 -11.00 51.21 -25.45
N LEU E 569 -11.04 52.51 -25.69
CA LEU E 569 -12.18 53.31 -25.32
C LEU E 569 -13.35 53.09 -26.29
N LYS F 75 -38.77 4.85 -18.21
CA LYS F 75 -39.45 3.58 -17.77
C LYS F 75 -40.45 3.13 -18.83
N VAL F 76 -40.59 1.83 -19.04
CA VAL F 76 -41.57 1.39 -19.99
C VAL F 76 -42.77 0.78 -19.25
N ARG F 77 -43.96 1.04 -19.78
CA ARG F 77 -45.18 0.55 -19.18
C ARG F 77 -45.11 -0.93 -19.47
N TRP F 78 -45.67 -1.75 -18.61
CA TRP F 78 -45.53 -3.24 -18.80
C TRP F 78 -46.03 -3.74 -20.14
N PRO F 79 -47.15 -3.18 -20.66
CA PRO F 79 -47.58 -3.69 -21.95
C PRO F 79 -46.67 -3.29 -23.07
N ASP F 80 -45.79 -2.31 -22.88
CA ASP F 80 -44.81 -1.96 -23.94
C ASP F 80 -43.52 -2.78 -23.90
N PHE F 81 -43.42 -3.70 -22.93
CA PHE F 81 -42.23 -4.47 -22.77
C PHE F 81 -42.21 -5.56 -23.82
N ASN F 82 -41.04 -5.75 -24.42
CA ASN F 82 -40.90 -6.76 -25.46
C ASN F 82 -40.46 -8.06 -24.80
N GLN F 83 -41.44 -8.90 -24.59
CA GLN F 83 -41.22 -10.19 -24.00
C GLN F 83 -40.24 -11.03 -24.82
N GLU F 84 -40.45 -11.15 -26.12
CA GLU F 84 -39.62 -12.09 -26.98
C GLU F 84 -38.12 -11.78 -27.00
N ALA F 85 -37.76 -10.49 -26.93
CA ALA F 85 -36.40 -10.03 -26.87
C ALA F 85 -35.79 -10.44 -25.51
N TYR F 86 -36.52 -10.28 -24.41
CA TYR F 86 -36.03 -10.62 -23.13
C TYR F 86 -35.84 -12.13 -23.02
N VAL F 87 -36.88 -12.88 -23.29
CA VAL F 87 -36.90 -14.32 -23.16
C VAL F 87 -36.19 -15.05 -24.29
N GLY F 88 -36.29 -14.58 -25.53
CA GLY F 88 -35.57 -15.17 -26.69
C GLY F 88 -34.09 -14.93 -26.44
N GLY F 89 -33.26 -15.94 -26.68
CA GLY F 89 -31.88 -15.86 -26.19
C GLY F 89 -31.74 -16.26 -24.72
N THR F 90 -32.68 -17.08 -24.23
CA THR F 90 -32.44 -18.05 -23.17
C THR F 90 -33.28 -19.28 -23.50
N MET F 91 -33.78 -19.38 -24.72
CA MET F 91 -34.74 -20.42 -25.01
C MET F 91 -34.09 -21.81 -25.14
N VAL F 92 -34.92 -22.83 -25.10
CA VAL F 92 -34.47 -24.21 -25.19
C VAL F 92 -34.30 -24.62 -26.67
N ARG F 93 -33.07 -24.92 -27.04
CA ARG F 93 -32.74 -25.18 -28.43
C ARG F 93 -33.18 -26.57 -28.83
N SER F 94 -33.15 -26.79 -30.14
CA SER F 94 -33.58 -28.04 -30.76
C SER F 94 -32.94 -29.27 -30.09
N GLY F 95 -33.77 -30.19 -29.59
CA GLY F 95 -33.31 -31.39 -28.88
C GLY F 95 -32.60 -31.24 -27.52
N GLN F 96 -32.44 -30.02 -26.99
CA GLN F 96 -31.96 -29.81 -25.61
C GLN F 96 -33.03 -30.04 -24.61
N ASP F 97 -32.63 -30.38 -23.39
CA ASP F 97 -33.60 -30.84 -22.45
C ASP F 97 -34.35 -29.63 -21.87
N PRO F 98 -35.69 -29.70 -21.85
CA PRO F 98 -36.46 -28.53 -21.35
C PRO F 98 -36.59 -28.40 -19.82
N TYR F 99 -36.16 -29.42 -19.10
CA TYR F 99 -36.33 -29.48 -17.67
C TYR F 99 -35.05 -29.16 -16.85
N ALA F 100 -33.89 -29.38 -17.44
CA ALA F 100 -32.61 -29.33 -16.64
C ALA F 100 -32.33 -28.01 -15.96
N ARG F 101 -32.55 -26.90 -16.64
CA ARG F 101 -32.19 -25.65 -16.05
C ARG F 101 -33.04 -25.30 -14.83
N ASN F 102 -34.32 -25.62 -14.84
CA ASN F 102 -35.19 -25.11 -13.80
C ASN F 102 -35.91 -26.16 -13.05
N LYS F 103 -35.86 -27.38 -13.52
CA LYS F 103 -36.67 -28.43 -13.00
C LYS F 103 -38.18 -28.16 -13.20
N PHE F 104 -38.52 -27.44 -14.26
CA PHE F 104 -39.92 -27.39 -14.74
C PHE F 104 -39.77 -27.24 -16.23
N ASN F 105 -40.81 -27.57 -16.98
CA ASN F 105 -40.70 -27.54 -18.41
C ASN F 105 -40.58 -26.07 -18.84
N GLN F 106 -39.37 -25.64 -19.17
CA GLN F 106 -39.18 -24.35 -19.77
C GLN F 106 -39.80 -24.13 -21.17
N VAL F 107 -39.93 -25.16 -21.98
CA VAL F 107 -40.49 -24.94 -23.28
C VAL F 107 -41.90 -24.39 -23.09
N GLU F 108 -42.63 -25.00 -22.19
CA GLU F 108 -44.03 -24.69 -21.99
C GLU F 108 -44.17 -23.34 -21.26
N SER F 109 -43.19 -22.97 -20.42
CA SER F 109 -43.10 -21.66 -19.85
C SER F 109 -42.88 -20.60 -20.90
N ASP F 110 -42.00 -20.85 -21.83
CA ASP F 110 -41.59 -19.78 -22.71
C ASP F 110 -42.69 -19.57 -23.81
N LYS F 111 -43.58 -20.53 -24.06
CA LYS F 111 -44.67 -20.36 -25.05
C LYS F 111 -45.74 -19.35 -24.54
N LEU F 112 -45.75 -19.10 -23.24
CA LEU F 112 -46.81 -18.36 -22.62
C LEU F 112 -46.69 -16.84 -22.89
N ARG F 113 -47.83 -16.23 -23.18
CA ARG F 113 -47.89 -14.75 -23.16
C ARG F 113 -47.51 -14.24 -21.77
N MET F 114 -46.76 -13.15 -21.71
CA MET F 114 -46.34 -12.57 -20.46
C MET F 114 -47.51 -12.16 -19.52
N ASP F 115 -48.73 -11.97 -20.08
CA ASP F 115 -49.91 -11.69 -19.25
C ASP F 115 -50.98 -12.67 -19.62
N ARG F 116 -50.58 -13.91 -19.84
CA ARG F 116 -51.50 -14.91 -20.27
C ARG F 116 -52.76 -14.98 -19.41
N ALA F 117 -53.86 -15.36 -20.03
CA ALA F 117 -55.10 -15.43 -19.26
C ALA F 117 -55.06 -16.63 -18.32
N ILE F 118 -55.54 -16.46 -17.12
CA ILE F 118 -55.66 -17.57 -16.20
C ILE F 118 -57.09 -17.63 -15.69
N PRO F 119 -57.56 -18.83 -15.34
CA PRO F 119 -58.88 -19.01 -14.75
C PRO F 119 -59.05 -18.27 -13.46
N ASP F 120 -60.29 -17.83 -13.26
CA ASP F 120 -60.67 -17.20 -12.04
C ASP F 120 -61.10 -18.30 -11.09
N THR F 121 -60.26 -18.58 -10.10
CA THR F 121 -60.46 -19.70 -9.17
C THR F 121 -61.09 -19.22 -7.85
N ARG F 122 -61.48 -17.94 -7.74
CA ARG F 122 -62.08 -17.45 -6.52
C ARG F 122 -63.52 -17.88 -6.36
N HIS F 123 -63.92 -18.00 -5.11
CA HIS F 123 -65.34 -18.17 -4.77
C HIS F 123 -66.22 -17.10 -5.46
N ASP F 124 -67.40 -17.50 -5.87
CA ASP F 124 -68.30 -16.63 -6.60
C ASP F 124 -68.67 -15.34 -5.82
N GLN F 125 -68.58 -15.38 -4.50
CA GLN F 125 -68.86 -14.22 -3.65
C GLN F 125 -67.71 -13.23 -3.79
N CYS F 126 -66.52 -13.70 -4.19
CA CYS F 126 -65.38 -12.77 -4.31
C CYS F 126 -65.60 -11.99 -5.59
N GLN F 127 -66.23 -12.62 -6.56
CA GLN F 127 -66.35 -12.05 -7.88
C GLN F 127 -67.45 -11.04 -7.97
N ARG F 128 -68.36 -11.06 -6.98
CA ARG F 128 -69.55 -10.19 -6.90
C ARG F 128 -69.17 -8.89 -6.21
N LYS F 129 -68.56 -9.04 -5.04
CA LYS F 129 -67.89 -7.99 -4.26
C LYS F 129 -67.05 -7.05 -5.12
N GLN F 130 -67.10 -5.80 -4.71
CA GLN F 130 -66.33 -4.71 -5.28
C GLN F 130 -65.48 -4.29 -4.08
N TRP F 131 -64.18 -4.01 -4.26
CA TRP F 131 -63.28 -3.94 -3.10
C TRP F 131 -63.07 -2.57 -2.61
N ARG F 132 -62.77 -2.48 -1.33
CA ARG F 132 -62.22 -1.27 -0.78
C ARG F 132 -61.12 -0.82 -1.74
N VAL F 133 -60.93 0.48 -1.80
CA VAL F 133 -59.90 1.09 -2.61
C VAL F 133 -59.05 2.03 -1.75
N ASP F 134 -59.60 2.44 -0.59
CA ASP F 134 -58.92 3.26 0.39
C ASP F 134 -58.05 2.41 1.34
N LEU F 135 -56.99 1.82 0.79
CA LEU F 135 -56.05 0.92 1.51
C LEU F 135 -54.62 1.48 1.34
N PRO F 136 -53.68 1.09 2.22
CA PRO F 136 -52.30 1.47 2.01
C PRO F 136 -51.66 0.72 0.85
N ALA F 137 -50.78 1.43 0.17
CA ALA F 137 -49.97 0.89 -0.86
C ALA F 137 -48.95 -0.12 -0.34
N THR F 138 -48.45 -0.97 -1.23
CA THR F 138 -47.50 -2.02 -0.81
C THR F 138 -46.24 -1.94 -1.67
N SER F 139 -45.10 -2.31 -1.07
CA SER F 139 -43.88 -2.59 -1.82
C SER F 139 -43.81 -4.10 -1.97
N VAL F 140 -43.65 -4.57 -3.18
CA VAL F 140 -43.65 -6.00 -3.46
C VAL F 140 -42.21 -6.51 -3.63
N VAL F 141 -41.78 -7.43 -2.76
CA VAL F 141 -40.39 -7.88 -2.79
C VAL F 141 -40.28 -9.32 -3.37
N ILE F 142 -39.48 -9.46 -4.40
CA ILE F 142 -39.36 -10.69 -5.11
C ILE F 142 -37.90 -10.97 -5.31
N THR F 143 -37.51 -12.14 -4.84
CA THR F 143 -36.13 -12.54 -4.74
C THR F 143 -35.92 -13.75 -5.65
N PHE F 144 -34.79 -13.85 -6.32
CA PHE F 144 -34.58 -14.99 -7.20
C PHE F 144 -33.09 -15.29 -7.41
N HIS F 145 -32.78 -16.50 -7.85
CA HIS F 145 -31.41 -16.90 -8.22
C HIS F 145 -31.59 -17.77 -9.42
N ASN F 146 -31.15 -17.32 -10.59
CA ASN F 146 -31.36 -18.10 -11.84
C ASN F 146 -32.79 -18.63 -12.22
N GLU F 147 -33.76 -17.74 -12.12
CA GLU F 147 -35.11 -18.08 -12.45
C GLU F 147 -35.14 -18.06 -13.95
N ALA F 148 -35.97 -18.90 -14.58
CA ALA F 148 -36.34 -18.76 -16.00
C ALA F 148 -36.94 -17.38 -16.29
N ARG F 149 -36.44 -16.77 -17.34
CA ARG F 149 -36.80 -15.38 -17.66
C ARG F 149 -38.35 -15.30 -17.87
N SER F 150 -38.90 -16.25 -18.53
CA SER F 150 -40.33 -16.27 -18.84
C SER F 150 -41.17 -16.25 -17.51
N ALA F 151 -40.71 -17.00 -16.48
CA ALA F 151 -41.44 -17.12 -15.24
C ALA F 151 -41.39 -15.88 -14.44
N LEU F 152 -40.18 -15.28 -14.44
CA LEU F 152 -39.93 -14.13 -13.65
C LEU F 152 -40.72 -12.93 -14.22
N LEU F 153 -40.64 -12.79 -15.52
CA LEU F 153 -41.43 -11.73 -16.23
C LEU F 153 -42.94 -11.88 -15.94
N ARG F 154 -43.51 -13.09 -16.05
CA ARG F 154 -44.90 -13.27 -15.73
C ARG F 154 -45.19 -12.91 -14.35
N THR F 155 -44.29 -13.18 -13.38
CA THR F 155 -44.57 -12.84 -12.04
C THR F 155 -44.75 -11.32 -11.91
N VAL F 156 -43.75 -10.62 -12.36
CA VAL F 156 -43.75 -9.18 -12.34
C VAL F 156 -44.99 -8.61 -13.13
N VAL F 157 -45.24 -9.08 -14.33
CA VAL F 157 -46.40 -8.54 -15.05
C VAL F 157 -47.72 -8.83 -14.32
N SER F 158 -47.82 -9.98 -13.68
CA SER F 158 -49.05 -10.25 -13.06
C SER F 158 -49.27 -9.28 -11.90
N VAL F 159 -48.23 -8.88 -11.17
CA VAL F 159 -48.36 -7.93 -10.13
C VAL F 159 -48.90 -6.59 -10.69
N LEU F 160 -48.26 -6.14 -11.74
CA LEU F 160 -48.60 -4.86 -12.37
C LEU F 160 -49.98 -4.86 -13.03
N LYS F 161 -50.31 -5.94 -13.70
CA LYS F 161 -51.57 -6.00 -14.35
C LYS F 161 -52.76 -6.15 -13.37
N LYS F 162 -52.61 -6.94 -12.29
CA LYS F 162 -53.75 -7.35 -11.49
C LYS F 162 -53.97 -6.52 -10.24
N SER F 163 -53.04 -5.64 -9.92
CA SER F 163 -53.16 -4.79 -8.82
C SER F 163 -53.52 -3.31 -9.24
N PRO F 164 -54.46 -2.71 -8.53
CA PRO F 164 -54.72 -1.27 -8.78
C PRO F 164 -53.40 -0.49 -8.63
N PRO F 165 -53.02 0.31 -9.61
CA PRO F 165 -51.74 1.03 -9.63
C PRO F 165 -51.48 1.87 -8.41
N HIS F 166 -52.50 2.51 -7.85
CA HIS F 166 -52.21 3.27 -6.66
C HIS F 166 -51.81 2.36 -5.46
N LEU F 167 -52.17 1.06 -5.47
CA LEU F 167 -51.75 0.21 -4.34
C LEU F 167 -50.39 -0.44 -4.51
N ILE F 168 -49.80 -0.37 -5.69
CA ILE F 168 -48.39 -0.77 -5.89
C ILE F 168 -47.46 0.47 -5.86
N LYS F 169 -46.74 0.62 -4.76
CA LYS F 169 -45.66 1.65 -4.60
C LYS F 169 -44.49 1.31 -5.51
N GLU F 170 -44.06 0.04 -5.47
CA GLU F 170 -42.83 -0.36 -6.19
C GLU F 170 -42.70 -1.87 -6.13
N ILE F 171 -41.88 -2.41 -7.01
CA ILE F 171 -41.59 -3.82 -7.04
C ILE F 171 -40.08 -3.88 -6.98
N ILE F 172 -39.54 -4.47 -5.91
CA ILE F 172 -38.10 -4.63 -5.73
C ILE F 172 -37.69 -6.07 -5.99
N LEU F 173 -36.86 -6.24 -7.02
CA LEU F 173 -36.35 -7.52 -7.40
C LEU F 173 -35.01 -7.60 -6.75
N VAL F 174 -34.79 -8.62 -5.90
CA VAL F 174 -33.45 -8.91 -5.34
C VAL F 174 -32.85 -10.09 -6.07
N ASP F 175 -31.92 -9.76 -6.95
CA ASP F 175 -31.19 -10.73 -7.74
C ASP F 175 -30.11 -11.31 -6.84
N ASP F 176 -30.37 -12.53 -6.36
CA ASP F 176 -29.50 -13.19 -5.36
C ASP F 176 -28.37 -13.89 -6.07
N TYR F 177 -27.44 -13.09 -6.59
CA TYR F 177 -26.28 -13.59 -7.29
C TYR F 177 -26.63 -14.61 -8.35
N SER F 178 -27.59 -14.27 -9.21
CA SER F 178 -27.84 -15.05 -10.38
C SER F 178 -26.62 -15.00 -11.27
N ASN F 179 -26.41 -16.02 -12.11
CA ASN F 179 -25.25 -16.03 -13.02
C ASN F 179 -25.27 -14.88 -13.98
N ASP F 180 -26.40 -14.71 -14.68
CA ASP F 180 -26.51 -13.60 -15.62
C ASP F 180 -27.17 -12.44 -14.91
N PRO F 181 -26.42 -11.35 -14.69
CA PRO F 181 -27.04 -10.19 -14.01
C PRO F 181 -28.14 -9.50 -14.84
N GLU F 182 -28.19 -9.78 -16.12
CA GLU F 182 -29.14 -9.21 -17.06
C GLU F 182 -30.59 -9.73 -16.90
N ASP F 183 -30.76 -10.96 -16.40
CA ASP F 183 -32.07 -11.46 -16.02
C ASP F 183 -32.85 -10.41 -15.23
N GLY F 184 -32.18 -9.87 -14.19
CA GLY F 184 -32.71 -8.84 -13.32
C GLY F 184 -32.69 -7.46 -13.94
N ALA F 185 -31.52 -7.04 -14.45
CA ALA F 185 -31.33 -5.65 -14.86
C ALA F 185 -32.19 -5.27 -16.09
N LEU F 186 -32.43 -6.17 -17.02
CA LEU F 186 -33.38 -5.88 -18.10
C LEU F 186 -34.80 -5.56 -17.60
N LEU F 187 -35.26 -6.20 -16.51
CA LEU F 187 -36.59 -5.89 -16.00
C LEU F 187 -36.65 -4.55 -15.33
N GLY F 188 -35.50 -4.00 -14.96
CA GLY F 188 -35.43 -2.70 -14.34
C GLY F 188 -35.93 -1.55 -15.20
N LYS F 189 -36.08 -1.81 -16.48
CA LYS F 189 -36.65 -0.82 -17.37
C LYS F 189 -38.18 -0.68 -17.23
N ILE F 190 -38.85 -1.68 -16.61
CA ILE F 190 -40.31 -1.65 -16.43
C ILE F 190 -40.71 -0.69 -15.33
N GLU F 191 -41.77 0.05 -15.57
CA GLU F 191 -42.39 0.96 -14.56
C GLU F 191 -42.47 0.27 -13.20
N LYS F 192 -42.12 1.03 -12.17
CA LYS F 192 -42.14 0.65 -10.78
C LYS F 192 -41.16 -0.43 -10.34
N VAL F 193 -40.39 -1.06 -11.25
CA VAL F 193 -39.46 -2.15 -10.87
C VAL F 193 -38.08 -1.59 -10.51
N ARG F 194 -37.61 -1.89 -9.29
N ARG F 194 -37.54 -1.94 -9.36
CA ARG F 194 -36.24 -1.52 -8.80
CA ARG F 194 -36.15 -1.55 -9.09
C ARG F 194 -35.46 -2.84 -8.73
C ARG F 194 -35.40 -2.74 -8.61
N VAL F 195 -34.20 -2.90 -9.13
CA VAL F 195 -33.41 -4.09 -8.90
C VAL F 195 -32.16 -3.83 -8.03
N LEU F 196 -31.98 -4.73 -7.09
CA LEU F 196 -30.84 -4.79 -6.15
C LEU F 196 -30.12 -6.12 -6.47
N ARG F 197 -28.81 -6.09 -6.66
CA ARG F 197 -28.04 -7.33 -6.91
C ARG F 197 -27.18 -7.76 -5.72
N ASN F 198 -27.23 -9.03 -5.35
CA ASN F 198 -26.36 -9.56 -4.29
C ASN F 198 -25.04 -9.95 -4.95
N ASP F 199 -23.92 -9.44 -4.39
CA ASP F 199 -22.53 -9.74 -4.80
C ASP F 199 -22.16 -11.25 -4.65
N ARG F 200 -22.77 -11.90 -3.69
CA ARG F 200 -22.66 -13.33 -3.56
C ARG F 200 -24.01 -13.89 -3.19
N ARG F 201 -24.12 -15.18 -3.25
CA ARG F 201 -25.34 -15.86 -2.97
C ARG F 201 -25.70 -15.76 -1.51
N GLU F 202 -26.77 -15.05 -1.15
CA GLU F 202 -27.18 -14.90 0.26
C GLU F 202 -28.29 -15.83 0.73
N GLY F 203 -29.14 -16.23 -0.21
CA GLY F 203 -30.31 -17.00 0.12
C GLY F 203 -31.52 -16.11 0.25
N LEU F 204 -32.64 -16.78 0.10
CA LEU F 204 -33.95 -16.19 0.19
C LEU F 204 -34.10 -15.24 1.36
N MET F 205 -33.82 -15.72 2.57
CA MET F 205 -34.10 -14.95 3.78
C MET F 205 -33.30 -13.70 3.95
N ARG F 206 -32.02 -13.72 3.63
CA ARG F 206 -31.24 -12.47 3.72
C ARG F 206 -31.61 -11.59 2.54
N SER F 207 -32.04 -12.20 1.42
CA SER F 207 -32.36 -11.40 0.27
C SER F 207 -33.63 -10.62 0.57
N ARG F 208 -34.60 -11.26 1.21
CA ARG F 208 -35.84 -10.57 1.56
C ARG F 208 -35.62 -9.40 2.51
N VAL F 209 -34.78 -9.59 3.53
CA VAL F 209 -34.47 -8.50 4.41
C VAL F 209 -33.85 -7.32 3.69
N ARG F 210 -32.90 -7.59 2.82
CA ARG F 210 -32.31 -6.49 2.05
C ARG F 210 -33.42 -5.75 1.25
N GLY F 211 -34.31 -6.51 0.65
CA GLY F 211 -35.36 -5.87 -0.09
C GLY F 211 -36.33 -5.11 0.79
N ALA F 212 -36.68 -5.71 1.93
CA ALA F 212 -37.59 -5.09 2.88
C ALA F 212 -36.98 -3.80 3.46
N ASP F 213 -35.66 -3.78 3.64
CA ASP F 213 -35.00 -2.60 4.20
C ASP F 213 -35.01 -1.44 3.23
N ALA F 214 -35.15 -1.75 1.96
CA ALA F 214 -35.17 -0.75 0.90
C ALA F 214 -36.59 -0.25 0.61
N ALA F 215 -37.59 -0.98 1.09
CA ALA F 215 -38.96 -0.71 0.76
C ALA F 215 -39.36 0.66 1.23
N GLN F 216 -40.16 1.37 0.46
CA GLN F 216 -40.62 2.70 0.90
C GLN F 216 -42.06 2.63 1.44
N ALA F 217 -42.81 1.58 1.11
CA ALA F 217 -44.25 1.55 1.47
C ALA F 217 -44.43 1.11 2.91
N LYS F 218 -45.66 1.26 3.39
CA LYS F 218 -45.95 0.91 4.77
C LYS F 218 -46.21 -0.56 4.94
N VAL F 219 -46.50 -1.26 3.86
CA VAL F 219 -46.85 -2.67 3.87
C VAL F 219 -46.00 -3.43 2.89
N LEU F 220 -45.49 -4.58 3.33
CA LEU F 220 -44.69 -5.50 2.48
C LEU F 220 -45.50 -6.61 1.95
N THR F 221 -45.19 -6.98 0.72
CA THR F 221 -45.71 -8.16 0.14
C THR F 221 -44.54 -8.95 -0.34
N PHE F 222 -44.43 -10.23 0.02
CA PHE F 222 -43.37 -11.07 -0.53
C PHE F 222 -43.95 -12.12 -1.46
N LEU F 223 -43.42 -12.29 -2.67
CA LEU F 223 -43.77 -13.39 -3.56
C LEU F 223 -42.46 -14.03 -4.03
N ASP F 224 -42.55 -15.28 -4.53
CA ASP F 224 -41.49 -16.06 -5.23
C ASP F 224 -41.49 -15.54 -6.63
N SER F 225 -40.44 -15.93 -7.34
CA SER F 225 -40.20 -15.52 -8.72
C SER F 225 -40.86 -16.37 -9.82
N HIS F 226 -41.74 -17.29 -9.42
CA HIS F 226 -42.46 -18.13 -10.35
C HIS F 226 -43.90 -18.14 -9.92
N CYS F 227 -44.50 -16.94 -9.74
CA CYS F 227 -45.89 -16.87 -9.37
C CYS F 227 -46.76 -16.08 -10.44
N GLU F 228 -48.07 -16.20 -10.31
CA GLU F 228 -49.04 -15.58 -11.21
C GLU F 228 -50.24 -15.12 -10.37
N CYS F 229 -50.31 -13.84 -10.12
CA CYS F 229 -51.40 -13.17 -9.32
C CYS F 229 -52.72 -13.23 -10.09
N ASN F 230 -53.83 -13.59 -9.42
CA ASN F 230 -55.11 -13.75 -10.11
C ASN F 230 -55.92 -12.39 -9.84
N GLU F 231 -57.15 -12.30 -10.36
CA GLU F 231 -58.03 -11.11 -10.16
C GLU F 231 -58.19 -10.70 -8.72
N HIS F 232 -57.95 -9.40 -8.46
CA HIS F 232 -58.22 -8.78 -7.17
C HIS F 232 -57.57 -9.53 -5.97
N TRP F 233 -56.33 -9.93 -6.22
CA TRP F 233 -55.55 -10.73 -5.28
C TRP F 233 -55.13 -9.88 -4.16
N LEU F 234 -54.90 -8.60 -4.46
CA LEU F 234 -54.20 -7.83 -3.44
C LEU F 234 -55.13 -7.16 -2.39
N GLU F 235 -56.21 -6.58 -2.89
CA GLU F 235 -57.13 -5.89 -1.90
C GLU F 235 -57.48 -6.75 -0.68
N PRO F 236 -57.85 -8.05 -0.88
CA PRO F 236 -58.35 -8.78 0.30
C PRO F 236 -57.30 -8.97 1.39
N LEU F 237 -56.05 -8.94 0.95
CA LEU F 237 -54.91 -9.05 1.84
C LEU F 237 -54.72 -7.77 2.54
N LEU F 238 -54.62 -6.70 1.78
CA LEU F 238 -54.37 -5.37 2.38
C LEU F 238 -55.44 -4.92 3.39
N GLU F 239 -56.69 -5.28 3.10
CA GLU F 239 -57.84 -5.09 4.01
C GLU F 239 -57.54 -5.69 5.39
N ARG F 240 -56.98 -6.88 5.39
CA ARG F 240 -56.67 -7.54 6.69
C ARG F 240 -55.64 -6.74 7.45
N VAL F 241 -54.53 -6.39 6.81
CA VAL F 241 -53.47 -5.70 7.55
C VAL F 241 -53.87 -4.29 7.95
N ALA F 242 -54.75 -3.65 7.18
CA ALA F 242 -55.24 -2.29 7.56
C ALA F 242 -56.17 -2.26 8.78
N GLU F 243 -56.96 -3.32 8.96
CA GLU F 243 -57.79 -3.50 10.15
C GLU F 243 -56.94 -3.83 11.35
N ASP F 244 -55.87 -4.60 11.17
CA ASP F 244 -55.04 -4.96 12.32
C ASP F 244 -53.65 -5.33 11.84
N ARG F 245 -52.70 -4.46 12.16
CA ARG F 245 -51.33 -4.59 11.64
C ARG F 245 -50.51 -5.79 12.16
N THR F 246 -51.04 -6.54 13.10
CA THR F 246 -50.29 -7.65 13.63
C THR F 246 -50.70 -8.92 12.92
N ARG F 247 -51.62 -8.82 11.96
CA ARG F 247 -51.93 -9.90 11.06
C ARG F 247 -50.91 -10.08 9.91
N VAL F 248 -50.44 -11.31 9.70
CA VAL F 248 -49.59 -11.65 8.58
C VAL F 248 -50.40 -12.59 7.74
N VAL F 249 -50.56 -12.23 6.48
CA VAL F 249 -51.62 -12.79 5.70
C VAL F 249 -51.18 -13.33 4.36
N SER F 250 -51.78 -14.47 3.97
CA SER F 250 -51.39 -15.16 2.77
C SER F 250 -52.53 -15.44 1.87
N PRO F 251 -52.29 -15.42 0.55
CA PRO F 251 -53.29 -15.89 -0.36
C PRO F 251 -53.38 -17.42 -0.33
N ILE F 252 -54.47 -17.93 -0.89
CA ILE F 252 -54.54 -19.33 -1.30
C ILE F 252 -53.60 -19.48 -2.45
N ILE F 253 -52.73 -20.48 -2.36
CA ILE F 253 -51.72 -20.67 -3.37
C ILE F 253 -52.24 -21.66 -4.35
N ASP F 254 -52.53 -21.20 -5.56
CA ASP F 254 -53.01 -22.06 -6.57
C ASP F 254 -51.77 -22.76 -7.21
N VAL F 255 -52.05 -23.83 -7.91
CA VAL F 255 -51.02 -24.65 -8.54
C VAL F 255 -50.78 -24.37 -9.98
N ILE F 256 -49.54 -24.05 -10.34
CA ILE F 256 -49.18 -24.06 -11.72
C ILE F 256 -48.36 -25.33 -12.00
N ASN F 257 -48.83 -26.12 -12.91
CA ASN F 257 -48.22 -27.43 -13.21
C ASN F 257 -46.86 -27.34 -13.88
N MET F 258 -45.88 -28.00 -13.26
CA MET F 258 -44.50 -27.89 -13.71
C MET F 258 -44.23 -28.42 -15.10
N ASP F 259 -45.06 -29.34 -15.58
CA ASP F 259 -44.90 -29.95 -16.89
C ASP F 259 -45.66 -29.20 -17.97
N ASN F 260 -46.92 -28.81 -17.67
CA ASN F 260 -47.80 -28.25 -18.72
C ASN F 260 -48.21 -26.76 -18.44
N PHE F 261 -47.77 -26.22 -17.33
CA PHE F 261 -48.00 -24.78 -16.99
C PHE F 261 -49.47 -24.40 -16.87
N GLN F 262 -50.35 -25.37 -16.90
CA GLN F 262 -51.74 -25.12 -16.49
C GLN F 262 -51.90 -24.62 -15.09
N TYR F 263 -52.80 -23.64 -14.96
CA TYR F 263 -53.11 -22.99 -13.72
C TYR F 263 -54.27 -23.70 -13.09
N VAL F 264 -54.13 -24.12 -11.88
CA VAL F 264 -55.15 -24.99 -11.28
C VAL F 264 -55.53 -24.50 -9.91
N GLY F 265 -56.82 -24.33 -9.65
CA GLY F 265 -57.31 -23.83 -8.37
C GLY F 265 -57.04 -24.79 -7.21
N ALA F 266 -56.57 -24.29 -6.06
CA ALA F 266 -56.34 -25.11 -4.90
C ALA F 266 -57.54 -25.03 -3.97
N SER F 267 -57.43 -25.73 -2.85
CA SER F 267 -58.51 -25.73 -1.88
C SER F 267 -58.45 -24.53 -0.95
N ALA F 268 -59.60 -23.99 -0.63
CA ALA F 268 -59.66 -22.94 0.35
C ALA F 268 -60.03 -23.52 1.70
N ASP F 269 -60.05 -24.86 1.82
CA ASP F 269 -60.58 -25.49 3.01
C ASP F 269 -59.49 -26.18 3.78
N LEU F 270 -58.23 -25.84 3.54
CA LEU F 270 -57.15 -26.42 4.32
C LEU F 270 -56.25 -25.31 4.90
N LYS F 271 -55.54 -25.64 5.97
CA LYS F 271 -54.57 -24.78 6.60
C LYS F 271 -53.24 -25.49 6.85
N GLY F 272 -52.22 -24.73 7.19
CA GLY F 272 -50.87 -25.22 7.22
C GLY F 272 -50.56 -25.87 8.53
N GLY F 273 -49.77 -26.93 8.51
CA GLY F 273 -49.56 -27.74 9.70
C GLY F 273 -48.21 -28.40 9.64
N PHE F 274 -48.00 -29.35 10.52
CA PHE F 274 -46.77 -30.12 10.51
C PHE F 274 -46.78 -31.27 11.55
N ASP F 275 -45.89 -32.21 11.35
CA ASP F 275 -45.66 -33.30 12.30
C ASP F 275 -44.31 -33.01 12.94
N TRP F 276 -43.92 -33.85 13.87
CA TRP F 276 -42.83 -33.49 14.74
C TRP F 276 -41.52 -33.48 13.99
N ASN F 277 -41.52 -34.06 12.79
CA ASN F 277 -40.41 -33.86 11.85
C ASN F 277 -40.26 -32.43 11.31
N LEU F 278 -41.19 -31.57 11.63
CA LEU F 278 -41.16 -30.20 11.13
C LEU F 278 -41.15 -30.26 9.61
N VAL F 279 -41.97 -31.16 9.08
CA VAL F 279 -42.34 -31.18 7.68
C VAL F 279 -43.80 -30.79 7.65
N PHE F 280 -44.07 -29.78 6.83
CA PHE F 280 -45.43 -29.34 6.50
C PHE F 280 -46.46 -30.45 6.19
N LYS F 281 -47.73 -30.16 6.45
CA LYS F 281 -48.84 -30.98 6.01
C LYS F 281 -50.07 -30.10 6.08
N TRP F 282 -51.05 -30.38 5.22
CA TRP F 282 -52.33 -29.68 5.22
C TRP F 282 -53.31 -30.34 6.19
N ASP F 283 -54.06 -29.55 6.92
CA ASP F 283 -55.02 -30.03 7.91
C ASP F 283 -56.38 -29.54 7.48
N TYR F 284 -57.41 -30.19 7.98
CA TYR F 284 -58.77 -29.80 7.69
C TYR F 284 -59.13 -28.74 8.68
N MET F 285 -60.24 -28.12 8.44
CA MET F 285 -60.77 -27.26 9.45
C MET F 285 -61.52 -28.20 10.38
N THR F 286 -62.78 -28.52 10.06
CA THR F 286 -63.88 -28.71 11.05
C THR F 286 -63.67 -28.26 12.53
N PRO F 287 -63.09 -27.06 12.75
CA PRO F 287 -63.66 -26.38 13.88
C PRO F 287 -65.24 -26.37 13.72
N GLU F 288 -66.05 -25.29 13.79
CA GLU F 288 -65.82 -23.85 14.22
C GLU F 288 -65.57 -22.91 12.98
N GLN F 289 -64.34 -22.89 12.48
CA GLN F 289 -64.06 -22.68 11.06
C GLN F 289 -65.24 -23.16 10.20
N ARG F 290 -65.56 -24.46 10.29
CA ARG F 290 -66.77 -24.98 9.66
C ARG F 290 -68.01 -24.07 9.85
N ARG F 291 -68.33 -23.80 11.10
CA ARG F 291 -69.45 -22.91 11.41
C ARG F 291 -69.26 -21.52 10.80
N SER F 292 -68.03 -20.99 10.85
CA SER F 292 -67.72 -19.68 10.25
C SER F 292 -68.04 -19.64 8.78
N ARG F 293 -67.61 -20.69 8.09
CA ARG F 293 -67.88 -20.80 6.67
C ARG F 293 -69.36 -20.97 6.41
N GLN F 294 -70.02 -21.73 7.28
CA GLN F 294 -71.44 -21.93 7.15
C GLN F 294 -72.08 -20.54 6.99
N GLY F 295 -71.65 -19.58 7.79
CA GLY F 295 -72.17 -18.20 7.70
C GLY F 295 -71.47 -17.28 6.71
N ASN F 296 -70.16 -17.44 6.58
CA ASN F 296 -69.39 -16.66 5.61
C ASN F 296 -68.40 -17.53 4.79
N PRO F 297 -68.84 -17.94 3.61
CA PRO F 297 -68.07 -18.96 2.89
C PRO F 297 -66.62 -18.56 2.47
N VAL F 298 -66.24 -17.30 2.56
CA VAL F 298 -64.88 -16.87 2.23
C VAL F 298 -64.17 -16.26 3.42
N ALA F 299 -64.58 -16.65 4.61
CA ALA F 299 -64.00 -16.09 5.80
C ALA F 299 -62.50 -16.41 5.85
N PRO F 300 -61.64 -15.43 6.18
CA PRO F 300 -60.28 -15.73 6.54
C PRO F 300 -60.18 -16.80 7.61
N ILE F 301 -59.06 -17.51 7.69
CA ILE F 301 -58.85 -18.42 8.79
C ILE F 301 -57.43 -18.32 9.28
N LYS F 302 -57.27 -18.56 10.58
CA LYS F 302 -55.94 -18.57 11.18
C LYS F 302 -55.24 -19.84 10.77
N THR F 303 -53.94 -19.76 10.57
CA THR F 303 -53.11 -20.91 10.29
C THR F 303 -51.92 -20.96 11.23
N PRO F 304 -51.67 -22.16 11.83
CA PRO F 304 -50.49 -22.42 12.68
C PRO F 304 -49.22 -22.16 11.98
N MET F 305 -49.23 -22.30 10.66
CA MET F 305 -48.02 -22.07 9.89
C MET F 305 -48.33 -21.67 8.46
N ILE F 306 -47.60 -20.70 7.89
CA ILE F 306 -47.75 -20.42 6.46
C ILE F 306 -46.92 -21.42 5.61
N ALA F 307 -47.34 -21.65 4.36
CA ALA F 307 -46.40 -22.19 3.33
C ALA F 307 -45.03 -21.47 3.35
N GLY F 308 -45.07 -20.13 3.38
CA GLY F 308 -43.89 -19.31 3.19
C GLY F 308 -43.77 -19.16 1.69
N GLY F 309 -42.91 -18.26 1.27
CA GLY F 309 -43.00 -17.81 -0.07
C GLY F 309 -43.91 -16.59 0.06
N LEU F 310 -45.21 -16.77 0.28
CA LEU F 310 -46.17 -15.75 -0.18
C LEU F 310 -46.93 -15.14 0.96
N PHE F 311 -46.57 -13.93 1.32
CA PHE F 311 -47.36 -13.28 2.35
C PHE F 311 -47.27 -11.75 2.35
N VAL F 312 -48.17 -11.15 3.13
CA VAL F 312 -48.24 -9.71 3.26
C VAL F 312 -48.12 -9.35 4.71
N MET F 313 -47.23 -8.41 5.03
CA MET F 313 -46.97 -8.01 6.41
C MET F 313 -46.76 -6.51 6.54
N ASP F 314 -47.38 -5.87 7.52
CA ASP F 314 -47.04 -4.51 7.86
C ASP F 314 -45.55 -4.39 8.04
N LYS F 315 -44.96 -3.40 7.38
CA LYS F 315 -43.52 -3.27 7.38
C LYS F 315 -42.98 -2.97 8.73
N PHE F 316 -43.57 -2.01 9.43
CA PHE F 316 -43.06 -1.65 10.70
C PHE F 316 -43.16 -2.86 11.58
N TYR F 317 -44.24 -3.62 11.43
CA TYR F 317 -44.46 -4.85 12.23
C TYR F 317 -43.40 -5.93 11.93
N PHE F 318 -43.06 -6.07 10.67
CA PHE F 318 -41.96 -6.99 10.21
C PHE F 318 -40.70 -6.63 10.94
N GLU F 319 -40.40 -5.33 10.96
CA GLU F 319 -39.22 -4.77 11.62
C GLU F 319 -39.17 -5.01 13.12
N GLU F 320 -40.28 -4.71 13.76
CA GLU F 320 -40.33 -4.73 15.20
C GLU F 320 -40.14 -6.16 15.68
N LEU F 321 -40.77 -7.10 14.99
CA LEU F 321 -40.68 -8.52 15.34
C LEU F 321 -39.35 -9.18 14.93
N GLY F 322 -38.41 -8.44 14.35
CA GLY F 322 -37.08 -9.01 14.09
C GLY F 322 -36.89 -9.61 12.72
N LYS F 323 -37.71 -9.14 11.77
CA LYS F 323 -37.54 -9.38 10.36
C LYS F 323 -37.45 -10.85 10.03
N TYR F 324 -36.35 -11.33 9.41
CA TYR F 324 -35.93 -12.75 9.46
C TYR F 324 -34.65 -12.89 10.30
N ASP F 325 -34.32 -14.13 10.61
CA ASP F 325 -33.05 -14.52 11.21
C ASP F 325 -31.96 -14.35 10.15
N MET F 326 -31.08 -13.38 10.36
CA MET F 326 -30.08 -13.09 9.36
C MET F 326 -29.04 -14.20 9.24
N MET F 327 -29.04 -15.18 10.15
CA MET F 327 -28.02 -16.25 10.11
C MET F 327 -28.52 -17.52 9.48
N MET F 328 -29.72 -17.50 8.94
CA MET F 328 -30.21 -18.63 8.20
C MET F 328 -29.57 -18.66 6.81
N ASP F 329 -29.29 -19.84 6.30
CA ASP F 329 -28.60 -19.96 5.00
C ASP F 329 -29.60 -20.29 3.88
N VAL F 330 -29.08 -20.54 2.68
CA VAL F 330 -29.88 -20.85 1.48
C VAL F 330 -30.86 -22.00 1.58
N TRP F 331 -30.63 -22.97 2.47
CA TRP F 331 -31.44 -24.22 2.47
C TRP F 331 -32.80 -24.01 3.20
N GLY F 332 -33.09 -24.73 4.28
CA GLY F 332 -34.25 -24.37 5.15
C GLY F 332 -35.65 -24.54 4.56
N GLY F 333 -36.69 -23.89 5.10
CA GLY F 333 -36.65 -23.16 6.36
C GLY F 333 -37.67 -22.04 6.48
N GLU F 334 -37.85 -21.25 5.41
CA GLU F 334 -38.44 -19.88 5.53
C GLU F 334 -39.81 -19.71 6.23
N ASN F 335 -40.65 -20.72 6.13
CA ASN F 335 -41.93 -20.83 6.84
C ASN F 335 -41.82 -20.98 8.38
N LEU F 336 -40.74 -21.59 8.83
CA LEU F 336 -40.75 -22.18 10.19
C LEU F 336 -40.60 -21.15 11.35
N GLU F 337 -39.46 -20.47 11.35
CA GLU F 337 -39.07 -19.63 12.42
C GLU F 337 -40.03 -18.44 12.44
N ILE F 338 -40.40 -17.93 11.27
CA ILE F 338 -41.26 -16.75 11.26
C ILE F 338 -42.67 -17.11 11.77
N SER F 339 -43.15 -18.31 11.51
CA SER F 339 -44.52 -18.69 11.95
C SER F 339 -44.64 -18.82 13.48
N PHE F 340 -43.65 -19.44 14.10
CA PHE F 340 -43.62 -19.57 15.54
C PHE F 340 -43.46 -18.21 16.20
N ARG F 341 -42.51 -17.44 15.70
CA ARG F 341 -42.22 -16.11 16.21
C ARG F 341 -43.46 -15.23 16.15
N VAL F 342 -44.17 -15.22 15.02
CA VAL F 342 -45.32 -14.31 14.94
C VAL F 342 -46.38 -14.71 15.95
N TRP F 343 -46.63 -15.99 16.04
CA TRP F 343 -47.69 -16.43 16.90
C TRP F 343 -47.28 -16.22 18.35
N GLN F 344 -46.06 -16.64 18.68
CA GLN F 344 -45.63 -16.62 20.09
C GLN F 344 -45.36 -15.21 20.59
N CYS F 345 -45.10 -14.28 19.65
CA CYS F 345 -44.88 -12.90 20.04
C CYS F 345 -46.03 -11.95 19.77
N GLY F 346 -47.24 -12.45 19.57
CA GLY F 346 -48.43 -11.62 19.69
C GLY F 346 -49.18 -11.40 18.40
N GLY F 347 -48.64 -11.88 17.28
CA GLY F 347 -49.33 -11.66 16.03
C GLY F 347 -50.25 -12.80 15.65
N SER F 348 -50.62 -12.85 14.36
CA SER F 348 -51.41 -13.97 13.90
C SER F 348 -51.11 -14.21 12.44
N LEU F 349 -51.39 -15.42 11.98
CA LEU F 349 -51.10 -15.86 10.64
C LEU F 349 -52.41 -16.21 10.01
N GLU F 350 -52.71 -15.69 8.82
CA GLU F 350 -54.01 -15.98 8.19
C GLU F 350 -53.86 -16.48 6.75
N ILE F 351 -54.88 -17.20 6.30
CA ILE F 351 -55.06 -17.49 4.91
C ILE F 351 -56.37 -16.87 4.45
N ILE F 352 -56.29 -16.12 3.34
CA ILE F 352 -57.42 -15.29 2.81
C ILE F 352 -57.97 -15.83 1.49
N PRO F 353 -59.14 -16.48 1.51
CA PRO F 353 -59.65 -17.14 0.32
C PRO F 353 -59.91 -16.28 -0.93
N CYS F 354 -60.19 -15.00 -0.75
CA CYS F 354 -60.54 -14.20 -1.93
C CYS F 354 -59.27 -13.80 -2.64
N SER F 355 -58.13 -13.94 -1.96
CA SER F 355 -56.80 -13.75 -2.60
C SER F 355 -56.19 -15.06 -3.16
N ARG F 356 -55.99 -15.10 -4.47
CA ARG F 356 -55.43 -16.22 -5.22
C ARG F 356 -54.17 -15.85 -5.94
N VAL F 357 -53.10 -16.60 -5.72
CA VAL F 357 -51.85 -16.42 -6.44
C VAL F 357 -51.32 -17.84 -6.86
N GLY F 358 -51.18 -18.06 -8.15
CA GLY F 358 -50.60 -19.28 -8.69
C GLY F 358 -49.11 -19.42 -8.43
N HIS F 359 -48.63 -20.66 -8.29
CA HIS F 359 -47.21 -20.90 -7.97
C HIS F 359 -46.75 -22.24 -8.60
N VAL F 360 -45.68 -22.20 -9.37
CA VAL F 360 -45.14 -23.39 -9.97
C VAL F 360 -44.64 -24.31 -8.87
N PHE F 361 -45.23 -25.47 -8.85
CA PHE F 361 -44.97 -26.46 -7.83
C PHE F 361 -44.09 -27.50 -8.46
N ARG F 362 -42.85 -27.57 -8.05
CA ARG F 362 -41.99 -28.65 -8.54
C ARG F 362 -41.66 -29.68 -7.48
N LYS F 363 -40.98 -30.76 -7.85
CA LYS F 363 -40.36 -31.66 -6.86
C LYS F 363 -38.95 -31.18 -6.52
N ALA F 378 -31.60 -28.30 7.17
CA ALA F 378 -31.39 -29.04 8.41
C ALA F 378 -30.83 -28.11 9.51
N ARG F 379 -29.79 -27.37 9.15
CA ARG F 379 -29.24 -26.28 9.93
C ARG F 379 -30.27 -25.21 10.26
N ASN F 380 -31.13 -24.88 9.28
CA ASN F 380 -32.07 -23.78 9.44
C ASN F 380 -33.14 -24.23 10.42
N THR F 381 -33.51 -25.49 10.31
CA THR F 381 -34.57 -26.04 11.14
C THR F 381 -34.24 -26.02 12.62
N ARG F 382 -32.98 -26.27 12.95
CA ARG F 382 -32.57 -26.23 14.34
C ARG F 382 -32.62 -24.79 14.87
N ARG F 383 -32.06 -23.83 14.11
CA ARG F 383 -32.08 -22.42 14.51
C ARG F 383 -33.48 -21.99 14.99
N ALA F 384 -34.52 -22.51 14.36
CA ALA F 384 -35.90 -22.32 14.80
C ALA F 384 -36.26 -23.15 16.04
N ALA F 385 -35.81 -24.41 16.05
CA ALA F 385 -36.06 -25.36 17.11
C ALA F 385 -35.50 -24.92 18.44
N GLU F 386 -34.23 -24.53 18.42
CA GLU F 386 -33.50 -24.16 19.64
C GLU F 386 -33.87 -22.75 20.13
N VAL F 387 -34.56 -21.97 19.34
CA VAL F 387 -34.99 -20.66 19.79
C VAL F 387 -36.46 -20.64 20.36
N TRP F 388 -37.35 -21.38 19.71
CA TRP F 388 -38.80 -21.19 19.87
C TRP F 388 -39.46 -22.37 20.52
N MET F 389 -38.85 -23.55 20.37
CA MET F 389 -39.51 -24.79 20.78
C MET F 389 -39.35 -25.23 22.25
N ASP F 390 -38.45 -24.62 23.00
CA ASP F 390 -38.24 -25.04 24.38
C ASP F 390 -38.04 -26.55 24.37
N GLU F 391 -38.69 -27.29 25.27
CA GLU F 391 -38.35 -28.71 25.49
C GLU F 391 -38.81 -29.59 24.35
N TYR F 392 -39.75 -29.09 23.55
CA TYR F 392 -40.37 -29.89 22.48
C TYR F 392 -39.43 -30.09 21.30
N LYS F 393 -38.38 -29.28 21.25
CA LYS F 393 -37.29 -29.50 20.31
C LYS F 393 -36.84 -30.97 20.40
N ASN F 394 -36.95 -31.56 21.58
CA ASN F 394 -36.64 -32.98 21.71
C ASN F 394 -37.54 -33.92 20.92
N PHE F 395 -38.84 -33.61 20.83
CA PHE F 395 -39.73 -34.41 19.99
C PHE F 395 -39.27 -34.34 18.54
N TYR F 396 -38.83 -33.18 18.10
CA TYR F 396 -38.27 -33.05 16.78
C TYR F 396 -37.12 -34.03 16.70
N TYR F 397 -36.16 -33.88 17.60
CA TYR F 397 -34.93 -34.69 17.57
C TYR F 397 -35.22 -36.18 17.58
N ALA F 398 -36.32 -36.59 18.21
CA ALA F 398 -36.76 -37.98 18.12
C ALA F 398 -36.96 -38.34 16.65
N ALA F 399 -38.01 -37.75 16.03
CA ALA F 399 -38.37 -38.03 14.63
C ALA F 399 -37.11 -38.07 13.80
N VAL F 400 -36.31 -37.04 13.98
CA VAL F 400 -35.06 -36.87 13.27
C VAL F 400 -33.86 -36.91 14.23
N PRO F 401 -33.20 -38.10 14.38
CA PRO F 401 -31.92 -38.21 15.14
C PRO F 401 -30.75 -37.56 14.42
N SER F 402 -30.72 -37.75 13.11
CA SER F 402 -29.80 -37.07 12.21
C SER F 402 -29.56 -35.61 12.61
N ALA F 403 -30.57 -34.99 13.21
CA ALA F 403 -30.49 -33.54 13.50
C ALA F 403 -29.34 -33.15 14.45
N ARG F 404 -29.20 -33.89 15.54
CA ARG F 404 -28.27 -33.56 16.64
C ARG F 404 -26.86 -33.35 16.12
N ASN F 405 -26.51 -34.06 15.06
CA ASN F 405 -25.16 -33.98 14.48
C ASN F 405 -24.84 -32.71 13.70
N VAL F 406 -25.84 -31.86 13.46
CA VAL F 406 -25.66 -30.71 12.60
C VAL F 406 -25.43 -29.43 13.41
N PRO F 407 -24.34 -28.74 13.14
CA PRO F 407 -24.16 -27.54 13.94
C PRO F 407 -25.06 -26.44 13.38
N TYR F 408 -25.30 -25.41 14.16
CA TYR F 408 -26.26 -24.41 13.74
C TYR F 408 -25.88 -22.97 14.07
N GLY F 409 -24.68 -22.77 14.63
CA GLY F 409 -24.13 -21.43 14.80
C GLY F 409 -24.68 -20.65 15.98
N ASN F 410 -24.19 -19.43 16.10
CA ASN F 410 -24.54 -18.59 17.21
C ASN F 410 -26.00 -18.15 17.09
N ILE F 411 -26.76 -18.22 18.20
CA ILE F 411 -28.17 -17.81 18.26
C ILE F 411 -28.50 -16.81 19.40
N GLN F 412 -27.46 -16.14 19.91
CA GLN F 412 -27.59 -15.17 21.00
C GLN F 412 -28.71 -14.11 20.75
N SER F 413 -28.57 -13.39 19.65
CA SER F 413 -29.41 -12.21 19.44
C SER F 413 -30.83 -12.63 19.09
N ARG F 414 -31.05 -13.87 18.66
CA ARG F 414 -32.41 -14.41 18.45
C ARG F 414 -33.05 -14.72 19.81
N LEU F 415 -32.29 -15.36 20.68
CA LEU F 415 -32.74 -15.55 22.04
C LEU F 415 -33.11 -14.23 22.72
N GLU F 416 -32.27 -13.23 22.52
CA GLU F 416 -32.53 -11.93 23.16
C GLU F 416 -33.78 -11.25 22.60
N LEU F 417 -34.05 -11.47 21.31
CA LEU F 417 -35.24 -10.90 20.66
C LEU F 417 -36.48 -11.46 21.30
N ARG F 418 -36.41 -12.76 21.57
CA ARG F 418 -37.54 -13.48 22.09
C ARG F 418 -37.79 -12.96 23.47
N LYS F 419 -36.71 -12.80 24.23
CA LYS F 419 -36.82 -12.20 25.55
C LYS F 419 -37.34 -10.78 25.42
N LYS F 420 -36.78 -10.02 24.52
CA LYS F 420 -37.17 -8.61 24.38
C LYS F 420 -38.66 -8.43 24.06
N LEU F 421 -39.20 -9.22 23.13
CA LEU F 421 -40.63 -9.16 22.77
C LEU F 421 -41.59 -9.79 23.80
N SER F 422 -41.07 -10.42 24.85
CA SER F 422 -41.94 -11.13 25.78
C SER F 422 -42.81 -12.17 25.07
N CYS F 423 -42.18 -13.03 24.30
CA CYS F 423 -42.93 -14.03 23.56
C CYS F 423 -43.30 -15.18 24.49
N LYS F 424 -44.45 -15.80 24.23
CA LYS F 424 -44.97 -16.88 25.03
C LYS F 424 -44.22 -18.18 24.78
N PRO F 425 -44.36 -19.17 25.72
CA PRO F 425 -43.62 -20.40 25.48
C PRO F 425 -44.28 -21.27 24.41
N PHE F 426 -43.53 -22.27 23.95
CA PHE F 426 -44.01 -23.13 22.90
C PHE F 426 -45.21 -23.92 23.36
N LYS F 427 -45.26 -24.27 24.66
CA LYS F 427 -46.42 -24.95 25.18
C LYS F 427 -47.64 -24.07 24.92
N TRP F 428 -47.49 -22.78 25.06
CA TRP F 428 -48.61 -21.87 24.73
C TRP F 428 -49.07 -22.01 23.28
N TYR F 429 -48.12 -22.04 22.36
CA TYR F 429 -48.41 -22.19 20.93
C TYR F 429 -49.16 -23.51 20.67
N LEU F 430 -48.69 -24.60 21.27
CA LEU F 430 -49.39 -25.85 21.07
C LEU F 430 -50.81 -25.76 21.57
N GLU F 431 -51.02 -25.07 22.67
CA GLU F 431 -52.32 -25.15 23.31
C GLU F 431 -53.27 -24.23 22.63
N ASN F 432 -52.75 -23.09 22.23
CA ASN F 432 -53.57 -22.03 21.69
C ASN F 432 -53.57 -21.87 20.18
N VAL F 433 -52.57 -22.38 19.49
CA VAL F 433 -52.45 -22.13 18.05
C VAL F 433 -52.62 -23.42 17.28
N TYR F 434 -51.85 -24.45 17.67
CA TYR F 434 -51.95 -25.75 17.04
C TYR F 434 -52.35 -26.92 17.98
N PRO F 435 -53.52 -26.81 18.61
CA PRO F 435 -53.98 -27.76 19.59
C PRO F 435 -54.18 -29.18 19.07
N GLU F 436 -54.33 -29.34 17.78
CA GLU F 436 -54.80 -30.62 17.27
C GLU F 436 -53.65 -31.53 16.94
N LEU F 437 -52.45 -30.93 16.92
CA LEU F 437 -51.23 -31.66 16.80
C LEU F 437 -51.03 -32.48 18.07
N ARG F 438 -50.89 -33.79 17.87
CA ARG F 438 -50.75 -34.73 18.98
C ARG F 438 -49.37 -34.71 19.61
N VAL F 439 -49.39 -34.45 20.92
CA VAL F 439 -48.19 -34.28 21.71
C VAL F 439 -48.02 -35.56 22.56
N PRO F 440 -46.87 -36.21 22.40
CA PRO F 440 -46.65 -37.40 23.27
C PRO F 440 -46.61 -36.96 24.73
N ASP F 441 -47.14 -37.77 25.64
CA ASP F 441 -46.95 -37.55 27.07
C ASP F 441 -45.46 -37.56 27.38
N HIS F 442 -45.06 -36.66 28.28
CA HIS F 442 -43.68 -36.46 28.67
C HIS F 442 -42.90 -37.76 29.00
N GLN F 443 -43.58 -38.80 29.51
CA GLN F 443 -42.88 -40.07 29.76
C GLN F 443 -43.17 -41.22 28.82
N ASP F 444 -43.88 -40.96 27.74
CA ASP F 444 -43.97 -41.96 26.70
C ASP F 444 -42.56 -42.36 26.31
N ILE F 445 -42.39 -43.66 26.14
CA ILE F 445 -41.20 -44.26 25.59
C ILE F 445 -41.14 -44.15 24.06
N ALA F 446 -42.29 -44.35 23.41
CA ALA F 446 -42.35 -44.21 21.97
C ALA F 446 -43.76 -43.75 21.58
N PHE F 447 -43.92 -43.39 20.31
CA PHE F 447 -45.11 -42.62 19.89
C PHE F 447 -45.24 -42.63 18.39
N GLY F 448 -46.47 -42.50 17.91
CA GLY F 448 -46.68 -42.29 16.50
C GLY F 448 -47.48 -43.36 15.85
N ALA F 449 -46.94 -43.86 14.75
CA ALA F 449 -47.47 -45.01 14.09
C ALA F 449 -46.60 -46.14 14.46
N LEU F 450 -47.13 -47.34 14.34
CA LEU F 450 -46.36 -48.51 14.57
C LEU F 450 -46.26 -49.20 13.23
N GLN F 451 -45.11 -49.13 12.57
CA GLN F 451 -45.02 -49.57 11.18
C GLN F 451 -44.39 -50.89 10.96
N GLN F 452 -44.92 -51.59 9.97
CA GLN F 452 -44.35 -52.79 9.46
C GLN F 452 -44.40 -52.69 7.93
N GLY F 453 -43.21 -52.55 7.32
CA GLY F 453 -43.11 -52.29 5.90
C GLY F 453 -43.79 -50.97 5.65
N THR F 454 -44.78 -50.98 4.78
CA THR F 454 -45.57 -49.81 4.49
C THR F 454 -46.91 -49.92 5.13
N ASN F 455 -47.06 -50.89 6.03
CA ASN F 455 -48.29 -51.06 6.77
C ASN F 455 -48.13 -50.52 8.18
N CYS F 456 -49.28 -50.23 8.77
CA CYS F 456 -49.39 -49.54 10.05
C CYS F 456 -50.43 -50.23 11.00
N LEU F 457 -50.11 -50.31 12.28
CA LEU F 457 -51.02 -50.86 13.29
C LEU F 457 -52.31 -50.08 13.26
N ASP F 458 -53.42 -50.78 13.16
CA ASP F 458 -54.72 -50.07 13.02
C ASP F 458 -55.84 -50.64 13.89
N THR F 459 -56.60 -49.82 14.57
CA THR F 459 -57.75 -50.31 15.31
C THR F 459 -58.87 -50.88 14.48
N LEU F 460 -58.80 -50.64 13.17
CA LEU F 460 -59.84 -51.12 12.25
C LEU F 460 -61.16 -50.48 12.65
N GLY F 461 -61.12 -49.37 13.38
CA GLY F 461 -62.32 -48.70 13.87
C GLY F 461 -62.94 -49.41 15.03
N HIS F 462 -62.30 -50.47 15.51
CA HIS F 462 -62.79 -51.19 16.65
C HIS F 462 -62.60 -50.42 17.96
N PHE F 463 -63.42 -50.79 18.92
CA PHE F 463 -63.24 -50.32 20.27
C PHE F 463 -62.94 -51.51 21.19
N ALA F 464 -63.40 -51.39 22.44
CA ALA F 464 -63.01 -52.29 23.46
C ALA F 464 -63.54 -53.66 23.16
N ASP F 465 -62.70 -54.63 23.47
CA ASP F 465 -62.87 -56.02 23.16
C ASP F 465 -62.86 -56.34 21.68
N GLY F 466 -62.43 -55.41 20.84
CA GLY F 466 -62.24 -55.73 19.44
C GLY F 466 -60.83 -56.16 19.12
N VAL F 467 -60.71 -56.84 18.00
CA VAL F 467 -59.41 -57.18 17.48
C VAL F 467 -58.76 -55.95 16.84
N VAL F 468 -57.54 -56.11 16.42
CA VAL F 468 -56.81 -55.04 15.90
C VAL F 468 -56.12 -55.57 14.59
N GLY F 469 -55.74 -54.69 13.66
CA GLY F 469 -55.06 -55.14 12.43
C GLY F 469 -53.97 -54.23 11.85
N VAL F 470 -53.77 -54.32 10.53
CA VAL F 470 -52.87 -53.42 9.81
C VAL F 470 -53.52 -52.80 8.57
N TYR F 471 -53.08 -51.61 8.23
CA TYR F 471 -53.51 -50.93 7.01
C TYR F 471 -52.38 -50.11 6.46
N GLU F 472 -52.52 -49.79 5.18
CA GLU F 472 -51.62 -48.88 4.50
C GLU F 472 -51.35 -47.68 5.39
N CYS F 473 -50.08 -47.43 5.65
CA CYS F 473 -49.74 -46.30 6.48
C CYS F 473 -50.38 -45.05 5.87
N HIS F 474 -51.47 -44.57 6.45
CA HIS F 474 -52.12 -43.34 5.98
C HIS F 474 -51.54 -42.00 6.53
N ASN F 475 -50.37 -42.02 7.16
CA ASN F 475 -49.66 -40.78 7.60
C ASN F 475 -50.48 -39.72 8.36
N ALA F 476 -51.69 -40.07 8.79
CA ALA F 476 -52.66 -39.09 9.23
C ALA F 476 -53.27 -39.57 10.52
N GLY F 477 -52.56 -40.48 11.19
CA GLY F 477 -53.08 -41.34 12.27
C GLY F 477 -54.21 -40.84 13.15
N GLY F 478 -55.41 -41.37 12.95
CA GLY F 478 -56.41 -41.47 14.01
C GLY F 478 -56.27 -42.90 14.48
N ASN F 479 -56.82 -43.83 13.71
CA ASN F 479 -56.74 -45.26 14.02
C ASN F 479 -55.35 -45.88 13.93
N GLN F 480 -54.41 -45.16 13.35
CA GLN F 480 -53.03 -45.53 13.31
C GLN F 480 -52.17 -44.79 14.35
N GLU F 481 -52.78 -44.06 15.29
CA GLU F 481 -51.98 -43.36 16.29
C GLU F 481 -51.84 -44.17 17.61
N TRP F 482 -50.60 -44.32 18.08
CA TRP F 482 -50.30 -45.19 19.24
C TRP F 482 -49.18 -44.60 20.08
N ALA F 483 -49.12 -45.04 21.33
CA ALA F 483 -48.08 -44.69 22.24
C ALA F 483 -47.56 -45.97 22.96
N LEU F 484 -46.25 -46.05 23.22
CA LEU F 484 -45.68 -47.00 24.23
C LEU F 484 -45.44 -46.20 25.48
N THR F 485 -46.14 -46.52 26.55
CA THR F 485 -46.15 -45.65 27.68
C THR F 485 -45.13 -46.10 28.73
N LYS F 486 -44.86 -45.21 29.68
CA LYS F 486 -44.07 -45.51 30.89
C LYS F 486 -44.50 -46.79 31.55
N GLU F 487 -45.80 -47.04 31.58
CA GLU F 487 -46.31 -48.24 32.18
C GLU F 487 -46.15 -49.44 31.25
N LYS F 488 -45.41 -49.28 30.16
CA LYS F 488 -45.15 -50.35 29.19
C LYS F 488 -46.39 -50.85 28.42
N SER F 489 -47.39 -50.00 28.24
CA SER F 489 -48.57 -50.42 27.46
C SER F 489 -48.52 -49.81 26.05
N VAL F 490 -49.09 -50.53 25.10
CA VAL F 490 -49.20 -50.01 23.73
C VAL F 490 -50.63 -49.51 23.53
N LYS F 491 -50.78 -48.21 23.57
CA LYS F 491 -52.11 -47.67 23.65
C LYS F 491 -52.55 -46.70 22.59
N HIS F 492 -53.87 -46.71 22.39
CA HIS F 492 -54.59 -45.82 21.49
C HIS F 492 -55.75 -45.22 22.29
N MET F 493 -55.87 -43.90 22.35
CA MET F 493 -56.83 -43.26 23.27
C MET F 493 -56.51 -43.88 24.59
N ASP F 494 -57.50 -44.44 25.29
CA ASP F 494 -57.28 -45.18 26.53
C ASP F 494 -57.46 -46.68 26.35
N LEU F 495 -57.30 -47.19 25.14
CA LEU F 495 -57.31 -48.66 25.02
C LEU F 495 -55.89 -49.11 24.78
N CYS F 496 -55.62 -50.31 25.28
CA CYS F 496 -54.31 -50.98 25.22
C CYS F 496 -54.38 -52.34 24.58
N LEU F 497 -53.29 -52.76 23.95
CA LEU F 497 -53.21 -54.07 23.38
C LEU F 497 -53.05 -55.07 24.50
N THR F 498 -53.88 -56.11 24.46
CA THR F 498 -54.08 -57.03 25.54
C THR F 498 -53.89 -58.45 25.07
N VAL F 499 -52.97 -59.19 25.71
CA VAL F 499 -52.74 -60.57 25.43
C VAL F 499 -53.74 -61.35 26.23
N VAL F 500 -54.88 -61.64 25.60
CA VAL F 500 -55.99 -62.24 26.27
C VAL F 500 -55.77 -63.70 26.46
N ASP F 501 -54.78 -64.27 25.77
CA ASP F 501 -54.57 -65.68 25.75
C ASP F 501 -53.18 -65.87 25.13
N ARG F 502 -52.32 -66.56 25.86
CA ARG F 502 -50.94 -66.73 25.44
C ARG F 502 -50.67 -67.93 24.54
N ALA F 503 -51.67 -68.74 24.23
CA ALA F 503 -51.40 -69.84 23.27
C ALA F 503 -51.03 -69.22 21.94
N PRO F 504 -49.91 -69.68 21.36
CA PRO F 504 -49.46 -69.07 20.12
C PRO F 504 -50.57 -69.07 19.03
N GLY F 505 -50.65 -67.99 18.25
CA GLY F 505 -51.75 -67.83 17.30
C GLY F 505 -52.96 -67.09 17.83
N SER F 506 -53.01 -66.81 19.12
CA SER F 506 -54.25 -66.21 19.73
C SER F 506 -54.33 -64.79 19.36
N LEU F 507 -55.55 -64.31 19.16
CA LEU F 507 -55.77 -62.95 18.78
C LEU F 507 -55.61 -62.05 19.98
N ILE F 508 -55.03 -60.89 19.79
CA ILE F 508 -54.98 -59.96 20.85
C ILE F 508 -56.21 -59.05 20.75
N LYS F 509 -56.45 -58.29 21.80
CA LYS F 509 -57.70 -57.51 21.89
C LYS F 509 -57.37 -56.22 22.44
N LEU F 510 -58.19 -55.27 22.07
CA LEU F 510 -58.16 -53.96 22.60
C LEU F 510 -59.00 -53.98 23.89
N GLN F 511 -58.45 -53.44 24.97
CA GLN F 511 -59.19 -53.35 26.24
C GLN F 511 -58.74 -52.10 26.96
N GLY F 512 -59.64 -51.49 27.72
CA GLY F 512 -59.30 -50.29 28.46
C GLY F 512 -58.01 -50.45 29.28
N CYS F 513 -57.13 -49.47 29.24
CA CYS F 513 -55.81 -49.63 29.87
C CYS F 513 -55.89 -49.69 31.41
N ARG F 514 -55.36 -50.75 32.03
CA ARG F 514 -55.08 -50.81 33.48
C ARG F 514 -53.57 -50.96 33.67
N GLU F 515 -52.93 -50.10 34.51
CA GLU F 515 -51.52 -50.33 34.91
C GLU F 515 -51.40 -51.64 35.70
N ASP F 516 -52.47 -52.02 36.39
CA ASP F 516 -52.51 -53.25 37.17
C ASP F 516 -52.57 -54.56 36.31
N ASP F 517 -52.62 -54.42 34.98
CA ASP F 517 -52.85 -55.56 34.06
C ASP F 517 -51.55 -56.01 33.42
N SER F 518 -51.06 -57.16 33.84
CA SER F 518 -49.83 -57.73 33.29
C SER F 518 -50.00 -58.06 31.83
N ARG F 519 -51.21 -58.42 31.46
CA ARG F 519 -51.50 -58.84 30.10
C ARG F 519 -51.27 -57.71 29.10
N GLN F 520 -51.11 -56.45 29.56
CA GLN F 520 -50.98 -55.29 28.67
C GLN F 520 -49.57 -54.76 28.52
N LYS F 521 -48.59 -55.52 29.00
CA LYS F 521 -47.22 -55.00 29.12
C LYS F 521 -46.43 -55.48 27.92
N TRP F 522 -45.71 -54.59 27.27
CA TRP F 522 -44.94 -54.91 26.08
C TRP F 522 -43.57 -54.20 26.13
N GLU F 523 -42.60 -54.72 25.37
CA GLU F 523 -41.25 -54.12 25.32
C GLU F 523 -40.67 -54.14 23.95
N GLN F 524 -40.00 -53.09 23.59
CA GLN F 524 -39.29 -53.12 22.36
C GLN F 524 -38.05 -53.99 22.51
N ILE F 525 -37.72 -54.74 21.47
CA ILE F 525 -36.50 -55.56 21.44
C ILE F 525 -35.85 -55.50 20.06
N GLU F 526 -34.64 -56.09 19.97
CA GLU F 526 -33.87 -56.20 18.75
C GLU F 526 -33.74 -54.90 18.01
N GLY F 527 -33.02 -53.96 18.62
CA GLY F 527 -32.78 -52.68 17.98
C GLY F 527 -34.06 -51.91 17.81
N ASN F 528 -35.01 -52.12 18.74
CA ASN F 528 -36.32 -51.49 18.67
C ASN F 528 -37.03 -51.80 17.34
N SER F 529 -36.98 -53.06 16.91
CA SER F 529 -37.58 -53.50 15.66
C SER F 529 -38.74 -54.49 15.89
N LYS F 530 -38.97 -54.87 17.15
CA LYS F 530 -39.95 -55.90 17.50
C LYS F 530 -40.63 -55.55 18.79
N LEU F 531 -41.79 -56.17 18.98
CA LEU F 531 -42.54 -55.98 20.20
C LEU F 531 -42.81 -57.32 20.81
N ARG F 532 -42.32 -57.46 22.04
CA ARG F 532 -42.51 -58.68 22.81
C ARG F 532 -43.34 -58.43 24.04
N HIS F 533 -44.14 -59.41 24.35
CA HIS F 533 -44.99 -59.34 25.50
C HIS F 533 -44.14 -59.58 26.76
N VAL F 534 -44.02 -58.53 27.54
CA VAL F 534 -43.23 -58.58 28.77
C VAL F 534 -43.61 -59.81 29.56
N GLY F 535 -42.61 -60.64 29.83
CA GLY F 535 -42.77 -61.81 30.68
C GLY F 535 -43.09 -63.08 29.93
N SER F 536 -42.67 -63.17 28.66
CA SER F 536 -43.06 -64.28 27.79
C SER F 536 -42.08 -64.27 26.65
N ASN F 537 -42.16 -65.26 25.78
CA ASN F 537 -41.47 -65.19 24.51
C ASN F 537 -42.51 -65.16 23.39
N LEU F 538 -43.48 -64.26 23.55
CA LEU F 538 -44.44 -64.00 22.51
C LEU F 538 -44.15 -62.64 21.88
N CYS F 539 -44.21 -62.59 20.57
CA CYS F 539 -44.11 -61.32 19.86
C CYS F 539 -45.38 -60.96 19.07
N LEU F 540 -45.65 -59.66 18.98
CA LEU F 540 -46.74 -59.17 18.15
C LEU F 540 -46.54 -59.69 16.75
N ASP F 541 -47.59 -60.30 16.16
CA ASP F 541 -47.46 -60.92 14.86
C ASP F 541 -48.68 -60.67 13.98
N SER F 542 -48.41 -60.28 12.74
CA SER F 542 -49.42 -59.93 11.74
C SER F 542 -49.75 -61.07 10.77
N ARG F 543 -49.19 -62.25 10.96
CA ARG F 543 -49.41 -63.34 9.99
C ARG F 543 -50.85 -63.78 9.98
N THR F 544 -51.58 -63.39 11.02
CA THR F 544 -52.97 -63.79 11.19
C THR F 544 -53.93 -62.69 10.84
N ALA F 545 -53.43 -61.53 10.40
CA ALA F 545 -54.34 -60.39 10.16
C ALA F 545 -55.45 -60.72 9.12
N LYS F 546 -55.14 -61.62 8.21
CA LYS F 546 -56.13 -62.12 7.24
C LYS F 546 -57.10 -63.11 7.85
N SER F 547 -56.63 -63.91 8.80
CA SER F 547 -57.47 -64.90 9.46
C SER F 547 -57.98 -64.46 10.83
N GLY F 548 -58.11 -63.15 11.10
CA GLY F 548 -58.88 -62.64 12.26
C GLY F 548 -58.27 -61.43 13.01
N GLY F 549 -57.00 -61.18 12.81
CA GLY F 549 -56.37 -59.98 13.38
C GLY F 549 -54.99 -60.26 13.91
N LEU F 550 -54.33 -59.26 14.46
CA LEU F 550 -53.00 -59.46 15.02
C LEU F 550 -53.03 -60.46 16.15
N SER F 551 -51.91 -61.14 16.30
CA SER F 551 -51.77 -62.24 17.22
C SER F 551 -50.46 -62.20 17.98
N VAL F 552 -50.36 -63.15 18.88
CA VAL F 552 -49.17 -63.40 19.63
C VAL F 552 -48.65 -64.74 19.05
N GLU F 553 -47.36 -64.78 18.66
CA GLU F 553 -46.66 -65.96 18.15
C GLU F 553 -45.30 -66.04 18.84
N VAL F 554 -44.76 -67.23 19.03
CA VAL F 554 -43.43 -67.31 19.67
C VAL F 554 -42.45 -66.41 18.89
N CYS F 555 -41.61 -65.66 19.59
CA CYS F 555 -40.68 -64.76 18.91
C CYS F 555 -39.76 -65.59 18.03
N GLY F 556 -39.70 -65.22 16.77
CA GLY F 556 -38.96 -65.98 15.77
C GLY F 556 -38.45 -64.95 14.82
N PRO F 557 -37.84 -65.37 13.69
CA PRO F 557 -37.17 -64.43 12.82
C PRO F 557 -38.09 -63.85 11.73
N ALA F 558 -39.37 -64.16 11.77
CA ALA F 558 -40.24 -63.80 10.64
C ALA F 558 -40.55 -62.30 10.49
N LEU F 559 -40.89 -61.92 9.27
CA LEU F 559 -41.15 -60.53 8.86
C LEU F 559 -42.36 -59.88 9.56
N SER F 560 -43.34 -60.72 9.84
CA SER F 560 -44.58 -60.31 10.42
C SER F 560 -44.47 -59.88 11.90
N GLN F 561 -43.30 -60.02 12.54
CA GLN F 561 -43.09 -59.54 13.92
C GLN F 561 -42.24 -58.26 14.04
N GLN F 562 -42.01 -57.61 12.88
CA GLN F 562 -41.25 -56.35 12.78
C GLN F 562 -42.17 -55.16 12.89
N TRP F 563 -41.88 -54.28 13.83
CA TRP F 563 -42.76 -53.15 14.07
C TRP F 563 -41.84 -52.07 14.51
N LYS F 564 -42.07 -50.86 14.01
CA LYS F 564 -41.30 -49.71 14.41
C LYS F 564 -42.19 -48.48 14.68
N PHE F 565 -42.04 -47.85 15.84
CA PHE F 565 -42.65 -46.56 16.11
C PHE F 565 -41.90 -45.46 15.36
N THR F 566 -42.63 -44.47 14.95
CA THR F 566 -42.05 -43.40 14.19
C THR F 566 -41.28 -42.44 15.13
N LEU F 567 -41.74 -42.23 16.36
CA LEU F 567 -40.90 -41.58 17.38
C LEU F 567 -40.46 -42.50 18.51
N ASN F 568 -39.18 -42.45 18.86
CA ASN F 568 -38.69 -42.98 20.14
C ASN F 568 -38.07 -41.89 20.99
N LEU F 569 -38.03 -42.07 22.31
CA LEU F 569 -37.76 -40.98 23.25
C LEU F 569 -36.59 -41.24 24.21
N1 UDP G . -21.10 21.17 -39.09
C2 UDP G . -22.48 20.86 -38.81
N3 UDP G . -23.08 20.08 -39.71
C4 UDP G . -22.42 19.60 -40.81
C5 UDP G . -21.10 19.91 -41.11
C6 UDP G . -20.45 20.69 -40.19
O2 UDP G . -23.15 21.30 -37.79
O4 UDP G . -23.08 18.86 -41.53
C1' UDP G . -20.38 22.10 -38.23
C2' UDP G . -19.53 21.48 -37.15
O2' UDP G . -20.31 21.18 -36.03
C3' UDP G . -18.59 22.63 -36.89
C4' UDP G . -18.31 23.16 -38.30
O4' UDP G . -19.52 22.90 -39.07
O3' UDP G . -19.25 23.63 -36.08
C5' UDP G . -17.09 22.49 -38.96
O5' UDP G . -17.21 21.11 -38.98
PA UDP G . -16.41 20.16 -40.00
O1A UDP G . -16.27 18.80 -39.59
O2A UDP G . -17.07 20.60 -41.34
O3A UDP G . -14.91 20.76 -39.90
PB UDP G . -13.56 20.29 -39.15
O1B UDP G . -13.07 21.69 -39.06
O2B UDP G . -12.74 19.52 -40.16
O3B UDP G . -13.67 19.48 -37.88
MN MN H . -12.93 20.06 -42.06
C1 EDO I . 8.58 5.25 8.31
O1 EDO I . 7.39 5.19 7.52
C2 EDO I . 9.74 5.72 7.43
O2 EDO I . 10.63 6.58 8.16
C1 EDO J . -31.66 29.92 -39.40
O1 EDO J . -31.90 29.45 -40.75
C2 EDO J . -31.00 28.79 -38.61
O2 EDO J . -29.57 28.67 -38.78
C1 EDO K . 18.19 -4.25 2.49
O1 EDO K . 19.23 -3.26 2.45
C2 EDO K . 18.86 -5.57 2.81
O2 EDO K . 20.11 -5.33 3.47
C1 GOL L . -7.75 33.66 -34.78
O1 GOL L . -6.38 33.67 -35.26
C2 GOL L . -8.36 32.26 -34.88
O2 GOL L . -9.65 32.21 -35.51
C3 GOL L . -8.62 31.68 -33.51
O3 GOL L . -9.10 30.39 -33.83
C1 GOL M . -35.34 18.97 -61.61
O1 GOL M . -34.56 17.85 -61.17
C2 GOL M . -36.84 18.64 -61.56
O2 GOL M . -37.20 18.29 -60.23
C3 GOL M . -37.22 17.55 -62.56
O3 GOL M . -37.99 16.51 -61.94
C1 Y6W N . 36.88 -1.74 -22.14
C2 Y6W N . 36.21 -2.57 -23.22
O2 Y6W N . 35.13 -3.33 -22.65
C3 Y6W N . 37.21 -3.52 -23.84
O3 Y6W N . 36.61 -4.22 -24.94
C4 Y6W N . 38.40 -2.73 -24.36
O4 Y6W N . 37.98 -1.84 -25.41
C5 Y6W N . 38.99 -1.90 -23.21
O5 Y6W N . 37.99 -1.01 -22.70
C6 Y6W N . 40.19 -1.10 -23.72
O6 Y6W N . 39.71 0.07 -24.40
C1' Y6W N . 45.08 -2.98 -22.03
C2' Y6W N . 44.50 -2.16 -23.17
O2' Y6W N . 45.54 -1.36 -23.76
C3' Y6W N . 43.48 -1.25 -22.50
O3' Y6W N . 43.88 0.12 -22.66
C4' Y6W N . 43.57 -1.63 -21.02
O4' Y6W N . 44.03 -2.98 -21.04
C5' Y6W N . 42.18 -1.57 -20.40
O5' Y6W N . 41.24 -2.23 -21.26
CAK Y6W N . 37.34 -2.66 -21.01
CAL Y6W N . 38.46 -1.97 -20.22
CAM Y6W N . 39.36 -3.02 -19.57
PAN Y6W N . 40.55 -3.62 -20.80
OAO Y6W N . 39.82 -4.18 -21.95
NAZ Y6W N . 45.36 -4.36 -22.46
CBA Y6W N . 46.53 -4.67 -23.03
CBB Y6W N . 44.39 -5.36 -22.28
CBC Y6W N . 44.67 -6.65 -22.70
CBD Y6W N . 45.90 -6.91 -23.28
OBE Y6W N . 47.47 -3.70 -23.20
NBF Y6W N . 46.80 -5.92 -23.43
OBG Y6W N . 46.21 -8.17 -23.69
OBH Y6W N . 41.57 -4.43 -20.11
MN MN O . 36.81 -4.67 -19.60
N1 UDP P . 45.18 -3.98 -22.05
C2 UDP P . 46.29 -4.38 -22.83
N3 UDP P . 46.43 -5.66 -23.21
C4 UDP P . 45.52 -6.57 -22.86
C5 UDP P . 44.42 -6.23 -22.10
C6 UDP P . 44.26 -4.90 -21.69
O2 UDP P . 47.18 -3.57 -23.16
O4 UDP P . 45.70 -7.72 -23.26
C1' UDP P . 45.06 -2.58 -21.58
C2' UDP P . 44.37 -1.58 -22.52
O2' UDP P . 45.33 -0.88 -23.32
C3' UDP P . 43.68 -0.65 -21.54
C4' UDP P . 43.30 -1.54 -20.34
O4' UDP P . 44.34 -2.55 -20.32
O3' UDP P . 44.60 0.34 -21.07
C5' UDP P . 41.88 -2.14 -20.39
O5' UDP P . 41.46 -2.65 -21.67
PA UDP P . 40.50 -3.96 -21.83
O1A UDP P . 40.13 -4.05 -23.29
O2A UDP P . 41.22 -5.13 -21.21
O3A UDP P . 39.19 -3.66 -20.93
PB UDP P . 38.07 -2.51 -21.20
O1B UDP P . 38.44 -1.49 -20.20
O2B UDP P . 36.78 -3.23 -20.99
O3B UDP P . 38.31 -2.19 -22.65
C1 EDO Q . 48.34 1.81 -46.01
O1 EDO Q . 48.00 2.88 -45.10
C2 EDO Q . 47.26 1.62 -47.06
O2 EDO Q . 46.72 0.30 -46.92
C1 EDO R . 15.84 11.77 -42.65
O1 EDO R . 14.52 11.19 -42.56
C2 EDO R . 16.08 12.24 -44.06
O2 EDO R . 16.43 11.13 -44.87
N1 UDP S . -17.47 -1.07 43.84
C2 UDP S . -18.71 -0.96 43.15
N3 UDP S . -18.92 0.12 42.37
C4 UDP S . -18.00 1.07 42.24
C5 UDP S . -16.78 0.99 42.91
C6 UDP S . -16.53 -0.10 43.72
O2 UDP S . -19.63 -1.83 43.23
O4 UDP S . -18.26 2.00 41.47
C1' UDP S . -17.26 -2.14 44.77
C2' UDP S . -16.74 -3.37 44.06
O2' UDP S . -17.91 -4.02 43.56
C3' UDP S . -16.03 -4.05 45.21
C4' UDP S . -15.53 -2.97 46.17
O4' UDP S . -16.32 -1.81 45.85
O3' UDP S . -16.99 -4.80 45.94
C5' UDP S . -14.03 -2.75 45.97
O5' UDP S . -13.84 -2.27 44.64
PA UDP S . -12.78 -1.13 44.19
O1A UDP S . -12.49 -1.32 42.76
O2A UDP S . -13.37 0.22 44.70
O3A UDP S . -11.44 -1.54 45.04
PB UDP S . -10.34 -2.72 44.92
O1B UDP S . -10.15 -3.15 46.34
O2B UDP S . -9.02 -2.02 44.56
O3B UDP S . -10.83 -3.69 43.89
MN MN T . -8.83 -0.18 45.23
C1 EDO U . 5.79 -3.15 25.77
O1 EDO U . 6.87 -2.30 25.36
C2 EDO U . 5.68 -3.41 27.28
O2 EDO U . 6.88 -4.02 27.80
C1 EDO V . 15.72 -45.95 20.39
O1 EDO V . 15.07 -44.75 19.91
C2 EDO V . 16.57 -45.62 21.60
O2 EDO V . 17.16 -44.31 21.43
C1 GOL W . -22.33 -16.48 23.50
O1 GOL W . -22.44 -15.04 23.43
C2 GOL W . -22.94 -16.94 24.83
O2 GOL W . -23.10 -15.79 25.70
C3 GOL W . -22.07 -18.05 25.47
O3 GOL W . -22.85 -18.85 26.38
N1 UDP X . 47.24 -32.92 28.89
C2 UDP X . 48.63 -32.60 28.88
N3 UDP X . 49.17 -32.11 27.77
C4 UDP X . 48.42 -31.92 26.67
C5 UDP X . 47.04 -32.24 26.64
C6 UDP X . 46.47 -32.74 27.80
O2 UDP X . 49.36 -32.75 29.89
O4 UDP X . 48.98 -31.48 25.66
C1' UDP X . 46.67 -33.47 30.12
C2' UDP X . 46.18 -32.33 30.99
O2' UDP X . 47.30 -31.79 31.66
C3' UDP X . 45.12 -33.05 31.82
C4' UDP X . 44.50 -34.04 30.83
O4' UDP X . 45.55 -34.37 29.91
O3' UDP X . 45.72 -33.82 32.88
C5' UDP X . 43.30 -33.49 30.05
O5' UDP X . 43.48 -32.13 29.61
PA UDP X . 42.66 -31.62 28.31
O1A UDP X . 42.51 -30.11 28.38
O2A UDP X . 43.30 -32.44 27.16
O3A UDP X . 41.20 -32.26 28.53
PB UDP X . 40.05 -31.61 29.45
O1B UDP X . 39.77 -32.70 30.41
O2B UDP X . 38.85 -31.49 28.52
O3B UDP X . 40.69 -30.26 29.79
MN MN Y . 38.67 -32.59 27.07
N1 UDP Z . -17.13 32.69 2.19
C2 UDP Z . -18.54 32.85 2.17
N3 UDP Z . -19.11 33.65 3.07
C4 UDP Z . -18.36 34.29 3.96
C5 UDP Z . -16.96 34.14 4.02
C6 UDP Z . -16.37 33.33 3.09
O2 UDP Z . -19.27 32.28 1.31
O4 UDP Z . -18.94 35.08 4.76
C1' UDP Z . -16.47 31.77 1.25
C2' UDP Z . -16.20 32.35 -0.12
O2' UDP Z . -17.32 32.12 -1.00
C3' UDP Z . -14.98 31.55 -0.52
C4' UDP Z . -14.20 31.34 0.78
O4' UDP Z . -15.20 31.38 1.81
O3' UDP Z . -15.48 30.30 -1.03
C5' UDP Z . -13.04 32.33 1.06
O5' UDP Z . -13.31 33.77 1.04
PA UDP Z . -12.61 34.73 2.13
O1A UDP Z . -12.91 36.19 1.91
O2A UDP Z . -12.97 34.13 3.50
O3A UDP Z . -11.04 34.31 1.84
PB UDP Z . -9.91 34.82 0.76
O1B UDP Z . -9.26 33.52 0.46
O2B UDP Z . -9.11 35.73 1.63
O3B UDP Z . -10.56 35.50 -0.40
MN MN AA . -8.73 35.14 3.45
C1 Y6W BA . -9.23 36.47 -0.66
C2 Y6W BA . -9.44 37.83 -0.05
O2 Y6W BA . -8.58 38.01 1.11
C3 Y6W BA . -10.90 38.07 0.39
O3 Y6W BA . -11.16 39.42 0.07
C4 Y6W BA . -11.99 37.14 -0.25
O4 Y6W BA . -12.66 37.78 -1.30
C5 Y6W BA . -11.42 35.89 -0.87
O5 Y6W BA . -10.27 36.23 -1.64
C6 Y6W BA . -12.44 35.32 -1.80
O6 Y6W BA . -11.75 35.44 -3.04
C1' Y6W BA . -16.28 32.48 0.77
C2' Y6W BA . -15.95 33.61 -0.16
O2' Y6W BA . -17.13 33.96 -0.85
C3' Y6W BA . -14.89 32.98 -1.08
O3' Y6W BA . -15.54 32.15 -2.05
C4' Y6W BA . -14.10 32.09 -0.12
O4' Y6W BA . -14.94 31.95 1.11
C5' Y6W BA . -12.71 32.71 0.15
O5' Y6W BA . -12.89 34.11 0.20
CAK Y6W BA . -9.20 35.44 0.47
CAL Y6W BA . -10.22 34.33 0.23
CAM Y6W BA . -10.86 34.05 1.57
PAN Y6W BA . -12.51 34.72 1.65
OAO Y6W BA . -12.51 36.20 1.64
NAZ Y6W BA . -17.06 32.97 1.93
CBA Y6W BA . -18.42 32.98 1.94
CBB Y6W BA . -16.35 33.43 3.04
CBC Y6W BA . -17.05 33.87 4.15
CBD Y6W BA . -18.43 33.86 4.09
OBE Y6W BA . -19.18 32.57 0.89
NBF Y6W BA . -19.08 33.43 3.01
OBG Y6W BA . -19.20 34.31 5.13
OBH Y6W BA . -13.19 34.00 2.77
C1 EDO CA . -29.64 34.82 7.01
O1 EDO CA . -29.35 33.81 6.00
C2 EDO CA . -30.54 34.42 8.20
O2 EDO CA . -30.52 33.01 8.56
C1 EDO DA . -6.35 64.41 1.73
O1 EDO DA . -5.64 64.91 0.57
C2 EDO DA . -6.19 62.90 1.87
O2 EDO DA . -4.80 62.50 1.72
C1 EDO EA . -24.76 24.48 3.70
O1 EDO EA . -24.40 24.61 2.31
C2 EDO EA . -25.89 23.53 4.17
O2 EDO EA . -26.51 22.89 3.04
C1 EDO FA . 0.97 58.28 -23.03
O1 EDO FA . 1.74 58.92 -24.04
C2 EDO FA . 1.69 57.03 -22.63
O2 EDO FA . 2.94 57.43 -22.06
N1 UDP GA . -33.11 -18.96 -4.57
C2 UDP GA . -31.98 -18.36 -3.93
N3 UDP GA . -32.06 -17.13 -3.46
C4 UDP GA . -33.18 -16.45 -3.53
C5 UDP GA . -34.30 -16.98 -4.14
C6 UDP GA . -34.25 -18.27 -4.65
O2 UDP GA . -30.89 -18.91 -3.80
O4 UDP GA . -33.13 -15.31 -3.05
C1' UDP GA . -33.07 -20.34 -5.11
C2' UDP GA . -33.39 -21.35 -4.02
O2' UDP GA . -32.26 -21.66 -3.21
C3' UDP GA . -33.87 -22.55 -4.79
C4' UDP GA . -34.61 -21.91 -5.98
O4' UDP GA . -34.03 -20.59 -6.16
O3' UDP GA . -32.72 -23.31 -5.11
C5' UDP GA . -36.12 -21.74 -5.71
O5' UDP GA . -36.38 -21.34 -4.37
PA UDP GA . -37.70 -20.54 -3.93
O1A UDP GA . -37.79 -20.46 -2.44
O2A UDP GA . -37.49 -19.29 -4.75
O3A UDP GA . -38.96 -21.38 -4.56
PB UDP GA . -39.49 -22.92 -4.31
O1B UDP GA . -39.55 -23.61 -5.60
O2B UDP GA . -40.84 -22.70 -3.72
O3B UDP GA . -38.41 -23.39 -3.41
MN MN HA . -41.68 -21.11 -5.28
C1 Y6W IA . -40.41 -24.31 -2.27
C2 Y6W IA . -41.06 -23.29 -1.35
O2 Y6W IA . -42.36 -22.94 -1.81
C3 Y6W IA . -40.24 -22.01 -1.37
O3 Y6W IA . -40.82 -21.15 -0.42
C4 Y6W IA . -38.74 -22.28 -1.09
O4 Y6W IA . -38.52 -22.71 0.24
C5 Y6W IA . -38.32 -23.40 -1.95
O5 Y6W IA . -39.13 -24.50 -1.67
C6 Y6W IA . -36.95 -23.84 -1.57
O6 Y6W IA . -37.00 -25.23 -1.93
C1' Y6W IA . -33.42 -20.92 -4.62
C2' Y6W IA . -33.60 -21.76 -3.36
O2' Y6W IA . -32.41 -21.81 -2.58
C3' Y6W IA . -33.86 -23.12 -3.97
O3' Y6W IA . -32.63 -23.70 -4.43
C4' Y6W IA . -34.77 -22.77 -5.16
O4' Y6W IA . -34.59 -21.33 -5.41
C5' Y6W IA . -36.24 -23.13 -4.82
O5' Y6W IA . -36.58 -22.33 -3.70
CAK Y6W IA . -40.42 -23.79 -3.75
CAL Y6W IA . -39.02 -23.60 -4.30
CAM Y6W IA . -38.89 -22.16 -4.81
PAN Y6W IA . -37.70 -21.18 -3.85
OAO Y6W IA . -38.25 -20.84 -2.53
NAZ Y6W IA . -33.32 -19.45 -4.33
CBA Y6W IA . -32.22 -18.97 -3.73
CBB Y6W IA . -34.36 -18.58 -4.66
CBC Y6W IA . -34.22 -17.22 -4.38
CBD Y6W IA . -33.05 -16.79 -3.76
OBE Y6W IA . -31.20 -19.78 -3.39
NBF Y6W IA . -32.09 -17.66 -3.46
OBG Y6W IA . -32.87 -15.50 -3.47
OBH Y6W IA . -37.15 -20.10 -4.71
C1 EDO JA . -44.97 -68.43 26.50
O1 EDO JA . -44.85 -67.50 27.57
C2 EDO JA . -43.61 -68.81 25.93
O2 EDO JA . -43.07 -67.73 25.17
C1 EDO KA . -22.94 -24.40 17.42
O1 EDO KA . -23.39 -25.56 16.69
C2 EDO KA . -24.10 -23.79 18.23
O2 EDO KA . -24.18 -24.29 19.59
C1 EDO LA . -54.81 -59.53 35.86
O1 EDO LA . -53.52 -59.50 35.26
C2 EDO LA . -55.88 -59.24 34.82
O2 EDO LA . -56.11 -60.41 34.00
C1 GOL MA . -24.47 -8.06 0.09
O1 GOL MA . -24.14 -8.53 -1.23
C2 GOL MA . -25.47 -6.93 -0.05
O2 GOL MA . -24.92 -5.91 -0.91
C3 GOL MA . -25.82 -6.44 1.36
O3 GOL MA . -26.48 -5.15 1.36
C1 GOL NA . -59.63 -26.21 -20.07
O1 GOL NA . -58.66 -25.78 -19.12
C2 GOL NA . -60.97 -25.63 -19.64
O2 GOL NA . -60.87 -25.33 -18.21
C3 GOL NA . -62.10 -26.57 -20.05
O3 GOL NA . -63.37 -25.90 -20.03
#